data_7ND8
#
_entry.id   7ND8
#
_cell.length_a   1.00
_cell.length_b   1.00
_cell.length_c   1.00
_cell.angle_alpha   90.00
_cell.angle_beta   90.00
_cell.angle_gamma   90.00
#
_symmetry.space_group_name_H-M   'P 1'
#
loop_
_entity.id
_entity.type
_entity.pdbx_description
1 polymer 'Spike glycoprotein'
2 polymer 'COVOX-384 Fab heavy chain'
3 polymer 'COVOX-384 Fab light chain'
4 branched 2-acetamido-2-deoxy-beta-D-glucopyranose-(1-4)-2-acetamido-2-deoxy-beta-D-glucopyranose
5 non-polymer 2-acetamido-2-deoxy-beta-D-glucopyranose
#
loop_
_entity_poly.entity_id
_entity_poly.type
_entity_poly.pdbx_seq_one_letter_code
_entity_poly.pdbx_strand_id
1 'polypeptide(L)'
;MFVFLVLLPLVSSQCVNLTTRTQLPPAYTNSFTRGVYYPDKVFRSSVLHSTQDLFLPFFSNVTWFHAIHVSGTNGTKRFD
NPVLPFNDGVYFASTEKSNIIRGWIFGTTLDSKTQSLLIVNNATNVVIKVCEFQFCNDPFLGVYYHKNNKSWMESEFRVY
SSANNCTFEYVSQPFLMDLEGKQGNFKNLREFVFKNIDGYFKIYSKHTPINLVRDLPQGFSALEPLVDLPIGINITRFQT
LLALHRSYLTPGDSSSGWTAGAAAYYVGYLQPRTFLLKYNENGTITDAVDCALDPLSETKCTLKSFTVEKGIYQTSNFRV
QPTESIVRFPNITNLCPFGEVFNATRFASVYAWNRKRISNCVADYSVLYNSASFSTFKCYGVSPTKLNDLCFTNVYADSF
VIRGDEVRQIAPGQTGKIADYNYKLPDDFTGCVIAWNSNNLDSKVGGNYNYLYRLFRKSNLKPFERDISTEIYQAGSTPC
NGVEGFNCYFPLQSYGFQPTNGVGYQPYRVVVLSFELLHAPATVCGPKKSTNLVKNKCVNFNFNGLTGTGVLTESNKKFL
PFQQFGRDIADTTDAVRDPQTLEILDITPCSFGGVSVITPGTNTSNQVAVLYQDVNCTEVPVAIHADQLTPTWRVYSTGS
NVFQTRAGCLIGAEHVNNSYECDIPIGAGICASYQTQTNSPGSASSVASQSIIAYTMSLGAENSVAYSNNSIAIPTNFTI
SVTTEILPVSMTKTSVDCTMYICGDSTECSNLLLQYGSFCTQLNRALTGIAVEQDKNTQEVFAQVKQIYKTPPIKDFGGF
NFSQILPDPSKPSKRSFIEDLLFNKVTLADAGFIKQYGDCLGDIAARDLICAQKFNGLTVLPPLLTDEMIAQYTSALLAG
TITSGWTFGAGAALQIPFAMQMAYRFNGIGVTQNVLYENQKLIANQFNSAIGKIQDSLSSTASALGKLQDVVNQNAQALN
TLVKQLSSNFGAISSVLNDILSRLDPPEAEVQIDRLITGRLQSLQTYVTQQLIRAAEIRASANLAATKMSECVLGQSKRV
DFCGKGYHLMSFPQSAPHGVVFLHVTYVPAQEKNFTTAPAICHDGKAHFPREGVFVSNGTHWFVTQRNFYEPQIITTDNT
FVSGNCDVVIGIVNNTVYDPLQPELDSFKEELDKYFKNHTSPDVDLGDISGINASVVNIQKEIDRLNEVAKNLNESLIDL
QELGKYEQGSGYIPEAPRDGQAYVRKDGEWVLLSTFLGRSLEVLFQGPGHHHHHHHHGSAWSHPQFEKGGGSGGGSGGSA
WSHPQFEK
;
A,B,C
2 'polypeptide(L)'
;ILFLVATATGVHSEVQLVESGGGLVKPGESLRLSCAASGFTFSDYYMTWIRQAPGKGLEWVSYIRSSGHTIYYADSVKGR
FTISRDNAKNSLYLQMNSLRVEDTAVYYCARGGVLRFLEWPLNAFDIWGQGTMVTVSSASTKGPSVFPLAPSSKSTSGGT
AALGCLVKDYFPEPVTVSWNSGALTSGVHTFPAVLQSSGLYSLSSVVTVPSSSLGTQTYICNVNHKPSNTKVDKKVEPKS
CDK
;
H
3 'polypeptide(L)'
;ILFLVATATGVHSDIQLTQSPSSLSASVGDRVTITCRASQGISNYLAWYQQKPGKVPKLLIYAASTLQSGVPSRFSGSGS
GTDFTLTISSLQPEDVATYYCQKYNNALGTFGQGTKVEIKRTVAAPSVFIFPPSDEQLKSGTASVVCLLNNFYPREAKVQ
WKVDNALQSGNSQESVTEQDSKDSTYSLSSTLTLSKADYEKHKVYACEVTHQGLSSPVTKSFNRGEC
;
L
#
# COMPACT_ATOMS: atom_id res chain seq x y z
N ALA A 27 7.67 1.54 56.50
CA ALA A 27 6.62 0.54 56.32
C ALA A 27 6.27 0.39 54.84
N TYR A 28 5.91 -0.83 54.44
CA TYR A 28 5.52 -1.13 53.07
C TYR A 28 4.27 -1.99 53.10
N THR A 29 3.46 -1.86 52.04
CA THR A 29 2.32 -2.74 51.85
C THR A 29 2.27 -3.22 50.40
N ASN A 30 1.28 -4.09 50.15
CA ASN A 30 1.06 -4.72 48.86
C ASN A 30 0.16 -3.87 47.98
N SER A 31 0.68 -3.45 46.82
CA SER A 31 -0.02 -2.62 45.86
C SER A 31 -1.15 -3.37 45.14
N PHE A 32 -1.22 -4.70 45.30
CA PHE A 32 -2.16 -5.57 44.60
C PHE A 32 -2.48 -5.11 43.18
N THR A 33 -3.71 -4.65 42.94
CA THR A 33 -4.13 -4.26 41.59
C THR A 33 -4.42 -2.77 41.47
N ARG A 34 -3.92 -1.95 42.40
CA ARG A 34 -4.16 -0.52 42.33
C ARG A 34 -3.19 0.13 41.34
N GLY A 35 -3.55 1.33 40.89
CA GLY A 35 -2.69 2.09 40.01
C GLY A 35 -2.99 2.02 38.53
N VAL A 36 -4.21 1.68 38.14
CA VAL A 36 -4.62 1.66 36.74
C VAL A 36 -5.53 2.85 36.45
N TYR A 37 -5.20 3.60 35.40
CA TYR A 37 -5.93 4.79 35.01
C TYR A 37 -6.23 4.74 33.52
N TYR A 38 -7.20 5.55 33.09
CA TYR A 38 -7.55 5.61 31.67
C TYR A 38 -6.42 6.27 30.89
N PRO A 39 -5.76 5.56 29.97
CA PRO A 39 -4.58 6.13 29.31
C PRO A 39 -4.88 7.33 28.42
N ASP A 40 -6.10 7.48 27.93
CA ASP A 40 -6.45 8.60 27.06
C ASP A 40 -7.91 8.97 27.27
N LYS A 41 -8.44 9.79 26.37
CA LYS A 41 -9.79 10.32 26.46
C LYS A 41 -10.72 9.75 25.38
N VAL A 42 -10.43 8.55 24.91
CA VAL A 42 -11.23 7.89 23.88
C VAL A 42 -12.15 6.89 24.57
N PHE A 43 -13.44 6.94 24.22
CA PHE A 43 -14.42 6.01 24.75
C PHE A 43 -14.32 4.65 24.09
N ARG A 44 -14.24 3.60 24.90
CA ARG A 44 -14.22 2.23 24.42
C ARG A 44 -15.16 1.41 25.30
N SER A 45 -15.74 0.36 24.73
CA SER A 45 -16.61 -0.51 25.51
C SER A 45 -16.57 -1.93 24.97
N SER A 46 -16.82 -2.89 25.86
CA SER A 46 -16.91 -4.31 25.53
C SER A 46 -15.71 -4.76 24.69
N VAL A 47 -14.51 -4.40 25.15
CA VAL A 47 -13.30 -4.69 24.39
C VAL A 47 -12.13 -4.80 25.37
N LEU A 48 -11.17 -5.67 25.04
CA LEU A 48 -9.92 -5.78 25.78
C LEU A 48 -8.86 -5.05 24.97
N HIS A 49 -8.34 -3.95 25.51
CA HIS A 49 -7.40 -3.11 24.79
C HIS A 49 -6.03 -3.19 25.45
N SER A 50 -5.01 -3.46 24.66
CA SER A 50 -3.64 -3.56 25.14
C SER A 50 -2.94 -2.23 24.93
N THR A 51 -2.42 -1.66 26.01
CA THR A 51 -1.76 -0.36 25.94
C THR A 51 -0.54 -0.39 26.84
N GLN A 52 0.50 0.35 26.46
CA GLN A 52 1.70 0.48 27.28
C GLN A 52 1.81 1.90 27.82
N ASP A 53 1.90 2.01 29.14
CA ASP A 53 1.97 3.31 29.80
C ASP A 53 2.60 3.11 31.18
N LEU A 54 2.73 4.22 31.91
CA LEU A 54 3.33 4.20 33.24
C LEU A 54 2.25 3.87 34.27
N PHE A 55 2.23 2.61 34.68
CA PHE A 55 1.25 2.06 35.61
C PHE A 55 1.97 1.57 36.85
N LEU A 56 1.21 1.45 37.94
CA LEU A 56 1.77 0.87 39.15
C LEU A 56 1.85 -0.64 38.99
N PRO A 57 3.03 -1.25 39.06
CA PRO A 57 3.13 -2.70 38.89
C PRO A 57 2.29 -3.44 39.91
N PHE A 58 1.65 -4.52 39.46
CA PHE A 58 0.77 -5.27 40.34
C PHE A 58 1.56 -5.98 41.43
N PHE A 59 0.99 -5.99 42.63
CA PHE A 59 1.56 -6.63 43.82
C PHE A 59 2.93 -6.08 44.19
N SER A 60 3.27 -4.88 43.71
CA SER A 60 4.52 -4.25 44.09
C SER A 60 4.44 -3.70 45.51
N ASN A 61 5.60 -3.35 46.06
CA ASN A 61 5.69 -2.76 47.39
C ASN A 61 5.49 -1.25 47.28
N VAL A 62 4.58 -0.71 48.08
CA VAL A 62 4.39 0.73 48.16
C VAL A 62 4.65 1.17 49.59
N THR A 63 5.35 2.29 49.74
CA THR A 63 5.75 2.74 51.07
C THR A 63 4.54 3.28 51.84
N TRP A 64 4.40 2.83 53.08
CA TRP A 64 3.27 3.17 53.94
C TRP A 64 3.68 4.20 54.99
N PHE A 65 3.07 5.39 54.93
CA PHE A 65 3.35 6.47 55.84
C PHE A 65 2.16 6.64 56.78
N HIS A 66 2.42 7.16 57.98
CA HIS A 66 1.42 7.31 59.01
C HIS A 66 1.29 8.76 59.43
N ALA A 67 0.10 9.11 59.93
CA ALA A 67 -0.19 10.45 60.43
C ALA A 67 -0.88 10.34 61.80
N ILE A 68 -0.21 9.65 62.73
CA ILE A 68 -0.73 9.44 64.07
C ILE A 68 0.34 9.84 65.08
N HIS A 69 -0.11 10.11 66.30
CA HIS A 69 0.76 10.43 67.43
C HIS A 69 1.80 11.50 67.09
N ASP A 80 4.96 12.84 60.03
CA ASP A 80 5.65 12.01 59.04
C ASP A 80 5.32 12.46 57.62
N ASN A 81 5.94 13.55 57.20
CA ASN A 81 5.74 14.14 55.87
C ASN A 81 7.06 14.39 55.16
N PRO A 82 7.88 13.36 54.95
CA PRO A 82 9.18 13.56 54.30
C PRO A 82 9.01 13.87 52.82
N VAL A 83 10.11 14.31 52.23
CA VAL A 83 10.18 14.54 50.79
C VAL A 83 10.62 13.26 50.10
N LEU A 84 9.84 12.82 49.11
CA LEU A 84 10.12 11.59 48.39
C LEU A 84 10.56 11.88 46.96
N PRO A 85 11.37 11.00 46.36
CA PRO A 85 11.65 11.11 44.92
C PRO A 85 10.40 10.99 44.07
N PHE A 86 10.43 11.66 42.93
CA PHE A 86 9.36 11.60 41.93
C PHE A 86 9.66 10.62 40.81
N ASN A 87 10.94 10.37 40.52
CA ASN A 87 11.39 9.53 39.41
C ASN A 87 10.60 9.76 38.12
N ASP A 88 9.92 8.74 37.63
CA ASP A 88 9.20 8.82 36.36
C ASP A 88 7.69 8.95 36.54
N GLY A 89 7.22 9.19 37.75
CA GLY A 89 5.79 9.29 38.03
C GLY A 89 5.53 8.65 39.38
N VAL A 90 4.54 9.17 40.08
CA VAL A 90 4.24 8.71 41.43
C VAL A 90 2.77 8.32 41.55
N TYR A 91 2.52 7.17 42.14
CA TYR A 91 1.18 6.75 42.54
C TYR A 91 1.02 7.15 44.00
N PHE A 92 -0.08 7.80 44.32
CA PHE A 92 -0.34 8.24 45.67
C PHE A 92 -1.72 7.77 46.08
N ALA A 93 -1.87 7.35 47.32
CA ALA A 93 -3.20 6.99 47.78
C ALA A 93 -3.31 7.38 49.24
N SER A 94 -4.52 7.70 49.67
CA SER A 94 -4.71 8.00 51.08
C SER A 94 -6.06 7.53 51.55
N THR A 95 -6.14 7.28 52.86
CA THR A 95 -7.37 6.89 53.52
C THR A 95 -7.70 7.98 54.53
N GLU A 96 -8.95 8.43 54.51
CA GLU A 96 -9.35 9.56 55.34
C GLU A 96 -10.61 9.28 56.13
N LYS A 97 -10.71 10.02 57.24
CA LYS A 97 -11.89 10.09 58.09
C LYS A 97 -12.17 11.51 58.55
N SER A 98 -11.19 12.43 58.44
CA SER A 98 -11.33 13.81 58.89
C SER A 98 -10.61 14.78 57.98
N ASN A 99 -10.28 14.36 56.75
CA ASN A 99 -9.62 15.22 55.76
C ASN A 99 -8.32 15.82 56.29
N ILE A 100 -7.46 14.98 56.84
CA ILE A 100 -6.18 15.46 57.37
C ILE A 100 -5.23 15.85 56.24
N ILE A 101 -5.16 15.03 55.19
CA ILE A 101 -4.24 15.31 54.08
C ILE A 101 -4.93 16.32 53.17
N ARG A 102 -4.32 17.50 53.00
CA ARG A 102 -4.97 18.55 52.23
C ARG A 102 -4.17 19.08 51.05
N GLY A 103 -2.95 18.60 50.81
CA GLY A 103 -2.26 19.15 49.66
C GLY A 103 -0.97 18.45 49.34
N TRP A 104 -0.34 18.92 48.26
CA TRP A 104 0.90 18.36 47.76
C TRP A 104 1.81 19.48 47.28
N ILE A 105 3.12 19.22 47.38
CA ILE A 105 4.17 20.09 46.87
C ILE A 105 5.07 19.28 45.94
N PHE A 106 5.31 19.78 44.73
CA PHE A 106 6.17 19.12 43.76
C PHE A 106 7.26 20.05 43.27
N GLY A 107 8.48 19.55 43.21
CA GLY A 107 9.59 20.35 42.71
C GLY A 107 10.92 19.62 42.88
N THR A 108 12.00 20.38 42.93
CA THR A 108 13.34 19.84 43.14
C THR A 108 13.97 20.23 44.46
N THR A 109 13.85 21.50 44.86
CA THR A 109 14.44 21.98 46.10
C THR A 109 13.43 22.48 47.12
N LEU A 110 12.22 22.85 46.69
CA LEU A 110 11.14 23.26 47.59
C LEU A 110 11.61 24.35 48.57
N ASP A 111 12.39 25.32 48.07
CA ASP A 111 12.96 26.30 48.97
C ASP A 111 12.95 27.71 48.38
N SER A 112 11.99 28.02 47.49
CA SER A 112 11.82 29.29 46.81
C SER A 112 12.85 29.56 45.71
N LYS A 113 13.74 28.62 45.40
CA LYS A 113 14.73 28.85 44.36
C LYS A 113 14.25 28.45 42.97
N THR A 114 13.24 27.59 42.88
CA THR A 114 12.69 27.17 41.61
C THR A 114 11.17 27.14 41.72
N GLN A 115 10.50 26.92 40.60
CA GLN A 115 9.05 26.84 40.62
C GLN A 115 8.62 25.48 41.16
N SER A 116 7.61 25.48 42.02
CA SER A 116 7.15 24.26 42.65
C SER A 116 5.63 24.25 42.69
N LEU A 117 5.04 23.20 42.15
CA LEU A 117 3.59 23.08 42.12
C LEU A 117 3.06 22.87 43.53
N LEU A 118 2.07 23.68 43.91
CA LEU A 118 1.45 23.61 45.22
C LEU A 118 -0.06 23.42 45.02
N ILE A 119 -0.59 22.35 45.58
CA ILE A 119 -2.02 22.05 45.53
C ILE A 119 -2.54 22.00 46.95
N VAL A 120 -3.54 22.83 47.24
CA VAL A 120 -4.16 22.90 48.57
C VAL A 120 -5.67 22.83 48.39
N ASN A 121 -6.33 21.98 49.17
CA ASN A 121 -7.78 21.88 49.14
C ASN A 121 -8.29 22.27 50.53
N ASN A 122 -8.76 23.51 50.65
CA ASN A 122 -9.18 24.02 51.96
C ASN A 122 -10.70 24.18 51.99
N ALA A 123 -11.34 23.28 52.74
CA ALA A 123 -12.79 23.14 52.85
C ALA A 123 -13.41 22.78 51.51
N THR A 124 -13.86 23.80 50.78
CA THR A 124 -14.50 23.64 49.49
C THR A 124 -13.72 24.29 48.35
N ASN A 125 -12.49 24.77 48.59
CA ASN A 125 -11.75 25.48 47.55
C ASN A 125 -10.44 24.80 47.19
N VAL A 126 -10.40 24.25 45.98
CA VAL A 126 -9.17 23.67 45.43
C VAL A 126 -8.32 24.80 44.86
N VAL A 127 -7.07 24.90 45.30
CA VAL A 127 -6.14 25.95 44.90
C VAL A 127 -4.92 25.28 44.28
N ILE A 128 -4.58 25.69 43.07
CA ILE A 128 -3.41 25.19 42.36
C ILE A 128 -2.55 26.39 41.98
N LYS A 129 -1.27 26.35 42.37
CA LYS A 129 -0.34 27.42 42.06
C LYS A 129 0.99 26.82 41.66
N VAL A 130 1.74 27.54 40.83
CA VAL A 130 3.08 27.08 40.45
C VAL A 130 4.11 28.15 40.77
N CYS A 131 3.87 28.89 41.84
CA CYS A 131 4.76 29.99 42.20
C CYS A 131 6.05 29.44 42.80
N GLU A 132 7.05 30.32 42.90
CA GLU A 132 8.30 29.97 43.59
C GLU A 132 8.13 30.21 45.10
N PHE A 133 7.34 29.33 45.71
CA PHE A 133 6.94 29.52 47.09
C PHE A 133 8.11 29.32 48.04
N GLN A 134 8.17 30.14 49.09
CA GLN A 134 9.12 29.94 50.18
C GLN A 134 8.42 29.09 51.24
N PHE A 135 8.81 27.82 51.32
CA PHE A 135 8.18 26.90 52.25
C PHE A 135 8.92 26.84 53.57
N CYS A 136 8.19 26.47 54.62
CA CYS A 136 8.74 26.33 55.96
C CYS A 136 9.69 25.14 56.02
N ASN A 137 10.47 25.09 57.10
CA ASN A 137 11.37 23.95 57.32
C ASN A 137 10.60 22.64 57.40
N ASP A 138 9.37 22.68 57.93
CA ASP A 138 8.50 21.51 58.00
C ASP A 138 7.10 21.97 57.63
N PRO A 139 6.77 21.97 56.34
CA PRO A 139 5.47 22.51 55.91
C PRO A 139 4.30 21.73 56.49
N PHE A 140 3.30 22.47 56.97
CA PHE A 140 2.06 21.87 57.45
C PHE A 140 1.01 22.97 57.49
N LEU A 141 -0.25 22.54 57.61
CA LEU A 141 -1.38 23.44 57.77
C LEU A 141 -2.03 23.22 59.13
N GLY A 142 -2.29 24.31 59.85
CA GLY A 142 -2.96 24.21 61.14
C GLY A 142 -4.47 24.21 61.01
N VAL A 143 -5.12 23.68 62.04
CA VAL A 143 -6.57 23.71 62.12
C VAL A 143 -7.04 24.94 62.86
N ASN A 165 7.08 35.25 40.87
CA ASN A 165 7.38 34.54 39.63
C ASN A 165 6.36 33.44 39.39
N CYS A 166 5.08 33.80 39.46
CA CYS A 166 4.01 32.85 39.23
C CYS A 166 3.66 32.79 37.76
N THR A 167 3.43 31.59 37.24
CA THR A 167 3.05 31.39 35.85
C THR A 167 1.66 30.80 35.69
N PHE A 168 0.98 30.46 36.78
CA PHE A 168 -0.34 29.85 36.72
C PHE A 168 -0.99 29.94 38.09
N GLU A 169 -2.30 30.21 38.12
CA GLU A 169 -3.07 30.15 39.34
C GLU A 169 -4.48 29.70 38.99
N TYR A 170 -5.03 28.81 39.82
CA TYR A 170 -6.41 28.35 39.69
C TYR A 170 -7.01 28.17 41.08
N VAL A 171 -8.26 28.62 41.24
CA VAL A 171 -9.02 28.41 42.47
C VAL A 171 -10.39 27.88 42.10
N SER A 172 -10.81 26.80 42.75
CA SER A 172 -12.14 26.25 42.55
C SER A 172 -13.19 27.04 43.34
N PHE A 186 -10.92 3.86 58.33
CA PHE A 186 -11.12 5.06 57.52
C PHE A 186 -12.37 4.91 56.65
N LYS A 187 -12.91 6.05 56.19
CA LYS A 187 -14.15 6.05 55.44
C LYS A 187 -14.01 6.41 53.97
N ASN A 188 -12.94 7.10 53.57
CA ASN A 188 -12.82 7.56 52.18
C ASN A 188 -11.42 7.26 51.65
N LEU A 189 -11.34 6.55 50.53
CA LEU A 189 -10.07 6.26 49.88
C LEU A 189 -9.96 7.18 48.67
N ARG A 190 -8.88 7.96 48.62
CA ARG A 190 -8.63 8.91 47.55
C ARG A 190 -7.30 8.59 46.89
N GLU A 191 -7.37 8.04 45.69
CA GLU A 191 -6.20 7.60 44.95
C GLU A 191 -5.87 8.65 43.89
N PHE A 192 -4.59 8.89 43.67
CA PHE A 192 -4.10 9.88 42.72
C PHE A 192 -2.93 9.30 41.94
N VAL A 193 -2.75 9.79 40.72
CA VAL A 193 -1.59 9.54 39.90
C VAL A 193 -1.03 10.89 39.45
N PHE A 194 0.28 11.10 39.65
CA PHE A 194 0.95 12.33 39.26
C PHE A 194 2.09 11.94 38.33
N LYS A 195 2.03 12.40 37.08
CA LYS A 195 3.11 12.10 36.15
C LYS A 195 3.46 13.31 35.31
N ASN A 196 4.72 13.38 34.87
CA ASN A 196 5.22 14.48 34.06
C ASN A 196 5.70 13.93 32.72
N ILE A 197 5.00 14.27 31.64
CA ILE A 197 5.35 13.83 30.30
C ILE A 197 5.65 15.07 29.48
N ASP A 198 6.92 15.20 29.05
CA ASP A 198 7.37 16.33 28.24
C ASP A 198 6.97 17.67 28.83
N GLY A 199 7.04 17.78 30.16
CA GLY A 199 6.73 19.02 30.83
C GLY A 199 5.28 19.17 31.24
N TYR A 200 4.42 18.21 30.92
CA TYR A 200 3.00 18.30 31.24
C TYR A 200 2.74 17.46 32.48
N PHE A 201 2.21 18.10 33.53
CA PHE A 201 1.93 17.43 34.79
C PHE A 201 0.49 16.94 34.79
N LYS A 202 0.30 15.63 34.65
CA LYS A 202 -1.00 15.01 34.49
C LYS A 202 -1.42 14.43 35.83
N ILE A 203 -2.63 14.81 36.26
CA ILE A 203 -3.19 14.42 37.55
C ILE A 203 -4.43 13.58 37.28
N TYR A 204 -4.43 12.37 37.84
CA TYR A 204 -5.54 11.43 37.80
C TYR A 204 -5.99 11.16 39.23
N SER A 205 -7.27 10.87 39.44
CA SER A 205 -7.70 10.53 40.78
C SER A 205 -9.02 9.80 40.77
N LYS A 206 -9.30 9.13 41.87
CA LYS A 206 -10.58 8.45 42.11
C LYS A 206 -10.87 8.45 43.60
N HIS A 207 -12.08 8.86 43.97
CA HIS A 207 -12.55 8.84 45.35
C HIS A 207 -13.59 7.74 45.51
N THR A 208 -13.46 6.93 46.56
CA THR A 208 -14.44 5.88 46.79
C THR A 208 -14.66 5.67 48.29
N PRO A 209 -15.89 5.36 48.70
CA PRO A 209 -16.10 5.00 50.11
C PRO A 209 -15.46 3.65 50.44
N ILE A 210 -14.86 3.58 51.63
CA ILE A 210 -14.26 2.35 52.13
C ILE A 210 -14.65 2.18 53.60
N ASN A 211 -14.45 0.95 54.11
CA ASN A 211 -14.62 0.66 55.52
C ASN A 211 -13.43 -0.19 55.99
N LEU A 212 -12.28 0.45 56.14
CA LEU A 212 -11.05 -0.27 56.48
C LEU A 212 -10.02 0.76 56.95
N VAL A 213 -9.46 0.52 58.14
CA VAL A 213 -8.49 1.43 58.73
C VAL A 213 -7.07 0.90 58.61
N ARG A 214 -6.88 -0.42 58.69
CA ARG A 214 -5.53 -0.98 58.80
C ARG A 214 -4.69 -0.72 57.57
N ASP A 215 -5.26 -0.89 56.38
CA ASP A 215 -4.44 -0.87 55.17
C ASP A 215 -5.32 -0.53 53.97
N LEU A 216 -4.70 -0.52 52.80
CA LEU A 216 -5.43 -0.31 51.55
C LEU A 216 -6.43 -1.44 51.32
N PRO A 217 -7.69 -1.12 50.99
CA PRO A 217 -8.62 -2.17 50.60
C PRO A 217 -8.15 -2.86 49.33
N GLN A 218 -8.41 -4.17 49.25
CA GLN A 218 -8.09 -4.94 48.06
C GLN A 218 -9.25 -4.88 47.08
N GLY A 219 -8.92 -4.72 45.81
CA GLY A 219 -9.91 -4.63 44.76
C GLY A 219 -9.34 -3.87 43.59
N PHE A 220 -10.20 -3.61 42.61
CA PHE A 220 -9.80 -2.92 41.39
C PHE A 220 -10.73 -1.74 41.15
N SER A 221 -10.14 -0.59 40.85
CA SER A 221 -10.89 0.62 40.51
C SER A 221 -10.01 1.49 39.63
N ALA A 222 -10.55 1.91 38.48
CA ALA A 222 -9.80 2.73 37.54
C ALA A 222 -9.93 4.20 37.87
N LEU A 223 -8.86 4.94 37.63
CA LEU A 223 -8.79 6.37 37.90
C LEU A 223 -8.98 7.14 36.60
N GLU A 224 -9.96 8.03 36.57
CA GLU A 224 -10.14 8.87 35.40
C GLU A 224 -9.18 10.05 35.44
N PRO A 225 -8.78 10.57 34.28
CA PRO A 225 -8.00 11.80 34.27
C PRO A 225 -8.84 12.99 34.67
N LEU A 226 -8.21 13.92 35.38
CA LEU A 226 -8.87 15.18 35.71
C LEU A 226 -8.10 16.41 35.29
N VAL A 227 -6.77 16.45 35.45
CA VAL A 227 -6.04 17.70 35.23
C VAL A 227 -4.80 17.44 34.38
N ASP A 228 -4.47 18.39 33.51
CA ASP A 228 -3.24 18.34 32.72
C ASP A 228 -2.67 19.76 32.67
N LEU A 229 -1.61 20.01 33.43
CA LEU A 229 -1.04 21.35 33.54
C LEU A 229 0.23 21.44 32.70
N PRO A 230 0.27 22.29 31.68
CA PRO A 230 1.49 22.41 30.85
C PRO A 230 2.54 23.29 31.51
N ILE A 231 3.04 22.85 32.66
CA ILE A 231 3.93 23.69 33.45
C ILE A 231 5.35 23.68 32.93
N GLY A 232 5.82 22.56 32.37
CA GLY A 232 7.17 22.53 31.84
C GLY A 232 8.23 22.54 32.92
N ILE A 233 7.89 22.07 34.12
CA ILE A 233 8.78 22.07 35.27
C ILE A 233 9.41 20.69 35.42
N ASN A 234 10.73 20.66 35.64
CA ASN A 234 11.45 19.42 35.89
C ASN A 234 11.22 19.06 37.35
N ILE A 235 10.37 18.07 37.58
CA ILE A 235 9.96 17.66 38.93
C ILE A 235 10.64 16.35 39.28
N THR A 236 11.38 16.36 40.40
CA THR A 236 12.13 15.20 40.86
C THR A 236 11.78 14.78 42.28
N ARG A 237 11.18 15.65 43.08
CA ARG A 237 10.86 15.35 44.47
C ARG A 237 9.48 15.91 44.78
N PHE A 238 8.83 15.34 45.78
CA PHE A 238 7.54 15.88 46.22
C PHE A 238 7.37 15.67 47.72
N GLN A 239 6.41 16.41 48.28
CA GLN A 239 6.07 16.38 49.68
C GLN A 239 4.56 16.53 49.82
N THR A 240 4.01 15.98 50.91
CA THR A 240 2.59 16.10 51.19
C THR A 240 2.32 17.20 52.22
N LEU A 241 1.04 17.52 52.39
CA LEU A 241 0.59 18.53 53.33
C LEU A 241 -0.47 17.95 54.25
N LEU A 242 -0.19 17.96 55.55
CA LEU A 242 -1.08 17.38 56.55
C LEU A 242 -1.74 18.50 57.36
N ALA A 243 -3.00 18.27 57.75
CA ALA A 243 -3.72 19.19 58.60
C ALA A 243 -3.52 18.79 60.06
N LEU A 244 -2.88 19.66 60.83
CA LEU A 244 -2.52 19.37 62.21
C LEU A 244 -3.37 20.23 63.15
N HIS A 245 -3.89 19.60 64.21
CA HIS A 245 -4.70 20.30 65.19
C HIS A 245 -3.82 21.03 66.20
N ALA A 263 -4.47 9.41 59.54
CA ALA A 263 -4.61 9.44 58.09
C ALA A 263 -3.35 8.90 57.42
N ALA A 264 -3.27 7.58 57.30
CA ALA A 264 -2.14 6.95 56.63
C ALA A 264 -2.24 7.18 55.12
N TYR A 265 -1.08 7.15 54.46
CA TYR A 265 -1.06 7.26 53.00
C TYR A 265 0.04 6.38 52.43
N TYR A 266 -0.06 6.10 51.14
CA TYR A 266 0.84 5.17 50.47
C TYR A 266 1.43 5.84 49.24
N VAL A 267 2.71 5.56 49.00
CA VAL A 267 3.43 6.07 47.84
C VAL A 267 4.03 4.92 47.02
N GLY A 268 3.63 4.83 45.75
CA GLY A 268 4.13 3.84 44.84
C GLY A 268 4.77 4.54 43.64
N TYR A 269 5.39 3.74 42.76
CA TYR A 269 6.04 4.30 41.58
C TYR A 269 5.60 3.58 40.31
N LEU A 270 5.49 4.35 39.24
CA LEU A 270 5.00 3.89 37.94
C LEU A 270 6.13 3.35 37.07
N GLN A 271 5.78 2.39 36.22
CA GLN A 271 6.69 1.78 35.27
C GLN A 271 6.03 1.68 33.90
N PRO A 272 6.83 1.67 32.82
CA PRO A 272 6.26 1.56 31.47
C PRO A 272 5.75 0.17 31.13
N ARG A 273 4.77 -0.30 31.88
CA ARG A 273 4.22 -1.63 31.65
C ARG A 273 3.10 -1.60 30.61
N THR A 274 2.90 -2.74 29.95
CA THR A 274 1.79 -2.93 29.02
C THR A 274 0.67 -3.64 29.78
N PHE A 275 -0.45 -2.95 29.96
CA PHE A 275 -1.64 -3.50 30.57
C PHE A 275 -2.74 -3.78 29.55
N LEU A 276 -3.47 -4.86 29.78
CA LEU A 276 -4.69 -5.19 29.04
C LEU A 276 -5.88 -4.74 29.89
N LEU A 277 -6.64 -3.78 29.38
CA LEU A 277 -7.72 -3.15 30.13
C LEU A 277 -9.06 -3.69 29.66
N LYS A 278 -9.90 -4.11 30.60
CA LYS A 278 -11.23 -4.67 30.31
C LYS A 278 -12.28 -3.59 30.49
N TYR A 279 -12.91 -3.20 29.39
CA TYR A 279 -13.97 -2.20 29.36
C TYR A 279 -15.33 -2.91 29.35
N ASN A 280 -16.21 -2.52 30.26
CA ASN A 280 -17.53 -3.14 30.33
C ASN A 280 -18.47 -2.49 29.32
N GLU A 281 -19.76 -2.86 29.39
CA GLU A 281 -20.75 -2.35 28.45
C GLU A 281 -20.97 -0.85 28.58
N ASN A 282 -20.61 -0.27 29.72
CA ASN A 282 -20.77 1.16 29.98
C ASN A 282 -19.48 1.94 29.75
N GLY A 283 -18.44 1.26 29.26
CA GLY A 283 -17.15 1.89 29.05
C GLY A 283 -16.35 2.11 30.29
N THR A 284 -16.64 1.37 31.36
CA THR A 284 -15.93 1.48 32.62
C THR A 284 -14.89 0.36 32.68
N ILE A 285 -13.67 0.69 33.07
CA ILE A 285 -12.66 -0.35 33.21
C ILE A 285 -12.94 -1.14 34.48
N THR A 286 -13.16 -2.45 34.33
CA THR A 286 -13.50 -3.29 35.45
C THR A 286 -12.39 -4.26 35.85
N ASP A 287 -11.45 -4.53 34.96
CA ASP A 287 -10.32 -5.38 35.29
C ASP A 287 -9.13 -4.99 34.42
N ALA A 288 -8.00 -5.63 34.67
CA ALA A 288 -6.79 -5.40 33.91
C ALA A 288 -5.83 -6.55 34.14
N VAL A 289 -4.99 -6.80 33.14
CA VAL A 289 -3.93 -7.78 33.21
C VAL A 289 -2.59 -7.07 33.03
N ASP A 290 -1.70 -7.25 34.00
CA ASP A 290 -0.34 -6.74 33.92
C ASP A 290 0.48 -7.78 33.17
N CYS A 291 0.85 -7.48 31.92
CA CYS A 291 1.43 -8.50 31.06
C CYS A 291 2.77 -9.02 31.55
N ALA A 292 3.39 -8.38 32.54
CA ALA A 292 4.67 -8.84 33.07
C ALA A 292 4.56 -9.26 34.52
N LEU A 293 3.33 -9.46 35.03
CA LEU A 293 3.15 -9.86 36.42
C LEU A 293 3.61 -11.29 36.66
N ASP A 294 3.40 -12.18 35.68
CA ASP A 294 3.69 -13.61 35.82
C ASP A 294 3.37 -14.34 34.53
N PRO A 295 3.85 -15.58 34.34
CA PRO A 295 3.53 -16.33 33.12
C PRO A 295 2.04 -16.45 32.83
N LEU A 296 1.19 -16.52 33.85
CA LEU A 296 -0.25 -16.62 33.58
C LEU A 296 -0.76 -15.32 32.99
N SER A 297 -0.28 -14.18 33.51
CA SER A 297 -0.68 -12.90 32.95
C SER A 297 -0.13 -12.77 31.53
N GLU A 298 1.08 -13.28 31.30
CA GLU A 298 1.66 -13.25 29.97
C GLU A 298 0.78 -14.03 29.00
N THR A 299 0.27 -15.18 29.44
CA THR A 299 -0.61 -15.99 28.60
C THR A 299 -1.90 -15.23 28.32
N LYS A 300 -2.49 -14.63 29.35
CA LYS A 300 -3.72 -13.88 29.17
C LYS A 300 -3.54 -12.75 28.16
N CYS A 301 -2.42 -12.03 28.25
CA CYS A 301 -2.13 -10.98 27.29
C CYS A 301 -1.93 -11.55 25.89
N THR A 302 -1.21 -12.67 25.79
CA THR A 302 -0.96 -13.27 24.49
C THR A 302 -2.26 -13.67 23.80
N LEU A 303 -3.20 -14.23 24.54
CA LEU A 303 -4.46 -14.67 23.94
C LEU A 303 -5.52 -13.57 23.93
N LYS A 304 -5.20 -12.39 24.47
CA LYS A 304 -6.15 -11.28 24.56
C LYS A 304 -7.47 -11.73 25.20
N SER A 305 -7.34 -12.44 26.32
CA SER A 305 -8.50 -12.91 27.06
C SER A 305 -8.15 -13.06 28.52
N PHE A 306 -9.17 -12.96 29.37
CA PHE A 306 -9.00 -13.14 30.81
C PHE A 306 -9.23 -14.59 31.23
N THR A 307 -9.56 -15.46 30.27
CA THR A 307 -9.74 -16.88 30.51
C THR A 307 -8.78 -17.64 29.59
N VAL A 308 -8.06 -18.60 30.15
CA VAL A 308 -7.12 -19.42 29.39
C VAL A 308 -7.57 -20.87 29.45
N GLU A 309 -7.81 -21.47 28.29
CA GLU A 309 -8.23 -22.85 28.22
C GLU A 309 -7.07 -23.78 28.57
N LYS A 310 -7.42 -24.99 29.01
CA LYS A 310 -6.42 -25.99 29.36
C LYS A 310 -5.55 -26.31 28.15
N GLY A 311 -4.24 -26.31 28.36
CA GLY A 311 -3.30 -26.61 27.31
C GLY A 311 -1.97 -25.92 27.56
N ILE A 312 -1.12 -25.99 26.54
CA ILE A 312 0.21 -25.37 26.57
C ILE A 312 0.27 -24.26 25.52
N TYR A 313 0.69 -23.08 25.94
CA TYR A 313 0.75 -21.92 25.07
C TYR A 313 2.17 -21.36 25.08
N GLN A 314 2.62 -20.88 23.92
CA GLN A 314 3.89 -20.18 23.80
C GLN A 314 3.63 -18.68 23.88
N THR A 315 4.16 -18.03 24.92
CA THR A 315 3.79 -16.65 25.16
C THR A 315 4.91 -15.63 25.00
N SER A 316 6.17 -16.03 25.18
CA SER A 316 7.25 -15.04 25.13
C SER A 316 8.56 -15.75 24.80
N ASN A 317 9.66 -15.02 24.97
CA ASN A 317 10.98 -15.56 24.69
C ASN A 317 11.96 -15.09 25.76
N PHE A 318 12.68 -16.05 26.35
CA PHE A 318 13.68 -15.74 27.35
C PHE A 318 14.96 -15.33 26.64
N ARG A 319 15.66 -14.34 27.22
CA ARG A 319 16.93 -13.85 26.72
C ARG A 319 17.73 -13.34 27.90
N VAL A 320 18.96 -13.84 28.06
CA VAL A 320 19.83 -13.35 29.11
C VAL A 320 20.31 -11.95 28.73
N GLN A 321 19.99 -10.97 29.57
CA GLN A 321 20.40 -9.60 29.33
C GLN A 321 21.90 -9.46 29.58
N PRO A 322 22.56 -8.52 28.91
CA PRO A 322 23.97 -8.26 29.20
C PRO A 322 24.16 -7.65 30.58
N THR A 323 25.34 -7.91 31.15
CA THR A 323 25.66 -7.42 32.49
C THR A 323 26.52 -6.17 32.45
N GLU A 324 27.42 -6.03 31.47
CA GLU A 324 28.31 -4.90 31.41
C GLU A 324 28.66 -4.61 29.96
N SER A 325 29.11 -3.39 29.72
CA SER A 325 29.54 -3.00 28.39
C SER A 325 31.05 -3.18 28.24
N ILE A 326 31.46 -3.46 27.01
CA ILE A 326 32.85 -3.60 26.62
C ILE A 326 33.11 -2.58 25.54
N VAL A 327 34.03 -1.65 25.79
CA VAL A 327 34.34 -0.59 24.84
C VAL A 327 35.79 -0.79 24.42
N ARG A 328 36.02 -0.99 23.12
CA ARG A 328 37.36 -1.22 22.62
C ARG A 328 37.71 -0.24 21.51
N PHE A 329 38.83 0.44 21.66
CA PHE A 329 39.40 1.32 20.66
C PHE A 329 40.92 1.17 20.70
N PRO A 330 41.60 1.44 19.58
CA PRO A 330 43.06 1.44 19.61
C PRO A 330 43.57 2.40 20.67
N ASN A 331 44.56 1.97 21.43
CA ASN A 331 45.08 2.76 22.55
C ASN A 331 46.13 3.76 22.06
N ILE A 332 45.64 4.69 21.25
CA ILE A 332 46.43 5.76 20.65
C ILE A 332 46.07 7.06 21.36
N THR A 333 47.08 7.77 21.86
CA THR A 333 46.89 9.12 22.37
C THR A 333 47.18 10.24 21.38
N ASN A 334 47.55 9.92 20.13
CA ASN A 334 47.81 10.98 19.17
C ASN A 334 46.53 11.71 18.79
N LEU A 335 46.60 13.04 18.74
CA LEU A 335 45.50 13.85 18.20
C LEU A 335 45.64 14.07 16.71
N CYS A 336 44.54 13.92 15.99
CA CYS A 336 44.53 14.15 14.55
C CYS A 336 44.83 15.61 14.22
N PRO A 337 45.74 15.88 13.28
CA PRO A 337 46.12 17.28 13.01
C PRO A 337 45.05 18.01 12.23
N PHE A 338 43.84 18.13 12.80
CA PHE A 338 42.80 18.94 12.17
C PHE A 338 43.10 20.43 12.23
N GLY A 339 44.00 20.86 13.12
CA GLY A 339 44.29 22.28 13.22
C GLY A 339 44.94 22.82 11.96
N GLU A 340 45.96 22.14 11.46
CA GLU A 340 46.72 22.61 10.31
C GLU A 340 46.02 22.33 8.98
N VAL A 341 44.86 21.69 8.98
CA VAL A 341 44.05 21.58 7.77
C VAL A 341 43.08 22.72 7.63
N PHE A 342 42.33 23.04 8.69
CA PHE A 342 41.37 24.13 8.63
C PHE A 342 42.08 25.49 8.77
N ASN A 343 42.97 25.62 9.74
CA ASN A 343 43.61 26.88 10.06
C ASN A 343 44.89 27.12 9.26
N ALA A 344 45.00 26.54 8.07
CA ALA A 344 46.15 26.79 7.22
C ALA A 344 46.07 28.18 6.61
N THR A 345 47.25 28.81 6.46
CA THR A 345 47.30 30.18 5.95
C THR A 345 46.77 30.27 4.53
N ARG A 346 47.17 29.34 3.66
CA ARG A 346 46.88 29.44 2.24
C ARG A 346 46.26 28.16 1.73
N PHE A 347 45.26 28.30 0.88
CA PHE A 347 44.54 27.17 0.30
C PHE A 347 44.84 27.06 -1.19
N ALA A 348 44.55 25.88 -1.73
CA ALA A 348 44.82 25.58 -3.13
C ALA A 348 43.59 25.88 -3.99
N SER A 349 43.84 26.10 -5.27
CA SER A 349 42.76 26.32 -6.22
C SER A 349 41.94 25.04 -6.40
N VAL A 350 40.67 25.22 -6.75
CA VAL A 350 39.72 24.10 -6.75
C VAL A 350 40.11 23.06 -7.79
N TYR A 351 40.71 23.47 -8.90
CA TYR A 351 41.13 22.50 -9.90
C TYR A 351 42.29 21.65 -9.40
N ALA A 352 43.16 22.24 -8.58
CA ALA A 352 44.25 21.51 -7.95
C ALA A 352 44.01 21.38 -6.44
N TRP A 353 42.84 20.87 -6.07
CA TRP A 353 42.49 20.79 -4.66
C TRP A 353 43.46 19.89 -3.90
N ASN A 354 43.87 20.34 -2.72
CA ASN A 354 44.86 19.62 -1.93
C ASN A 354 44.20 18.55 -1.08
N ARG A 355 44.73 17.34 -1.11
CA ARG A 355 44.23 16.24 -0.30
C ARG A 355 45.22 15.91 0.80
N LYS A 356 44.71 15.77 2.02
CA LYS A 356 45.50 15.39 3.18
C LYS A 356 44.99 14.08 3.73
N ARG A 357 45.90 13.22 4.17
CA ARG A 357 45.57 11.90 4.66
C ARG A 357 45.69 11.89 6.17
N ILE A 358 44.60 11.54 6.86
CA ILE A 358 44.57 11.47 8.31
C ILE A 358 44.50 9.99 8.67
N SER A 359 45.50 9.54 9.41
CA SER A 359 45.66 8.14 9.79
C SER A 359 46.35 8.06 11.14
N ASN A 360 45.93 7.11 11.96
CA ASN A 360 46.60 6.76 13.20
C ASN A 360 46.65 7.97 14.15
N CYS A 361 45.46 8.40 14.57
CA CYS A 361 45.30 9.52 15.47
C CYS A 361 43.87 9.52 15.99
N VAL A 362 43.69 10.09 17.19
CA VAL A 362 42.34 10.25 17.74
C VAL A 362 41.72 11.50 17.14
N ALA A 363 40.56 11.34 16.51
CA ALA A 363 39.88 12.42 15.81
C ALA A 363 38.87 13.06 16.74
N ASP A 364 39.10 14.32 17.09
CA ASP A 364 38.17 15.06 17.95
C ASP A 364 37.29 15.92 17.04
N TYR A 365 36.14 15.37 16.66
CA TYR A 365 35.22 16.10 15.81
C TYR A 365 34.36 17.09 16.59
N SER A 366 34.52 17.16 17.91
CA SER A 366 33.66 18.04 18.70
C SER A 366 33.88 19.50 18.30
N VAL A 367 35.15 19.90 18.20
CA VAL A 367 35.50 21.28 17.86
C VAL A 367 34.77 21.72 16.61
N LEU A 368 34.70 20.84 15.61
CA LEU A 368 34.16 21.21 14.30
C LEU A 368 32.70 21.62 14.42
N TYR A 369 31.83 20.67 14.78
CA TYR A 369 30.41 21.02 14.85
C TYR A 369 30.09 21.96 16.00
N ASN A 370 30.99 22.12 16.97
CA ASN A 370 30.76 23.07 18.05
C ASN A 370 31.21 24.48 17.70
N SER A 371 32.17 24.62 16.80
CA SER A 371 32.56 25.93 16.33
C SER A 371 31.48 26.48 15.40
N ALA A 372 31.29 27.80 15.46
CA ALA A 372 30.23 28.44 14.69
C ALA A 372 30.80 29.33 13.58
N SER A 373 32.08 29.15 13.25
CA SER A 373 32.65 29.91 12.14
C SER A 373 32.10 29.44 10.81
N PHE A 374 31.74 28.16 10.71
CA PHE A 374 31.41 27.56 9.42
C PHE A 374 30.06 28.07 8.94
N SER A 375 29.99 28.45 7.67
CA SER A 375 28.71 28.86 7.09
C SER A 375 27.92 27.66 6.60
N THR A 376 28.60 26.66 6.04
CA THR A 376 27.95 25.45 5.53
C THR A 376 28.52 24.23 6.24
N PHE A 377 27.64 23.39 6.77
CA PHE A 377 28.05 22.14 7.40
C PHE A 377 26.97 21.10 7.11
N LYS A 378 27.23 20.22 6.13
CA LYS A 378 26.25 19.20 5.78
C LYS A 378 26.94 17.86 5.66
N CYS A 379 26.35 16.84 6.29
CA CYS A 379 26.90 15.50 6.28
C CYS A 379 25.96 14.54 5.56
N TYR A 380 26.55 13.53 4.90
CA TYR A 380 25.84 12.54 4.11
C TYR A 380 26.38 11.18 4.52
N GLY A 381 25.49 10.23 4.75
CA GLY A 381 25.89 8.89 5.13
C GLY A 381 26.12 8.70 6.61
N VAL A 382 26.23 9.78 7.38
CA VAL A 382 26.52 9.69 8.81
C VAL A 382 26.10 11.00 9.45
N SER A 383 25.85 10.97 10.75
CA SER A 383 25.42 12.15 11.46
C SER A 383 26.56 12.72 12.30
N PRO A 384 26.64 14.04 12.43
CA PRO A 384 27.73 14.63 13.24
C PRO A 384 27.71 14.18 14.69
N THR A 385 26.54 14.09 15.31
CA THR A 385 26.48 13.75 16.73
C THR A 385 26.99 12.35 16.98
N LYS A 386 26.70 11.42 16.07
CA LYS A 386 27.11 10.03 16.20
C LYS A 386 28.46 9.77 15.55
N LEU A 387 29.22 10.82 15.27
CA LEU A 387 30.53 10.70 14.63
C LEU A 387 31.66 10.51 15.63
N ASN A 388 31.60 11.18 16.77
CA ASN A 388 32.68 11.08 17.76
C ASN A 388 32.88 9.66 18.26
N ASP A 389 31.84 8.85 18.25
CA ASP A 389 31.95 7.45 18.67
C ASP A 389 32.00 6.52 17.47
N LEU A 390 32.92 6.76 16.55
CA LEU A 390 33.02 5.95 15.35
C LEU A 390 34.43 6.00 14.80
N CYS A 391 34.95 4.83 14.44
CA CYS A 391 36.29 4.63 13.91
C CYS A 391 36.27 4.61 12.38
N PHE A 392 37.45 4.88 11.80
CA PHE A 392 37.56 4.85 10.35
C PHE A 392 38.92 4.28 10.00
N THR A 393 38.99 3.63 8.84
CA THR A 393 40.27 3.12 8.36
C THR A 393 41.23 4.25 7.99
N ASN A 394 40.72 5.24 7.26
CA ASN A 394 41.45 6.43 6.87
C ASN A 394 40.45 7.57 6.75
N VAL A 395 40.94 8.79 6.90
CA VAL A 395 40.12 9.97 6.67
C VAL A 395 40.83 10.85 5.65
N TYR A 396 40.10 11.32 4.65
CA TYR A 396 40.70 12.16 3.63
C TYR A 396 40.09 13.55 3.71
N ALA A 397 40.95 14.57 3.74
CA ALA A 397 40.54 15.95 3.83
C ALA A 397 40.92 16.66 2.54
N ASP A 398 39.93 16.94 1.71
CA ASP A 398 40.16 17.64 0.45
C ASP A 398 39.82 19.11 0.68
N SER A 399 40.70 20.00 0.29
CA SER A 399 40.54 21.41 0.59
C SER A 399 40.78 22.25 -0.65
N PHE A 400 39.93 23.26 -0.81
CA PHE A 400 40.03 24.17 -1.95
C PHE A 400 39.25 25.44 -1.63
N VAL A 401 39.18 26.33 -2.62
CA VAL A 401 38.50 27.61 -2.48
C VAL A 401 37.61 27.79 -3.69
N ILE A 402 36.36 28.21 -3.45
CA ILE A 402 35.44 28.54 -4.53
C ILE A 402 34.65 29.77 -4.11
N ARG A 403 33.64 30.13 -4.88
CA ARG A 403 32.79 31.25 -4.52
C ARG A 403 31.45 30.71 -4.01
N GLY A 404 30.67 31.59 -3.40
CA GLY A 404 29.46 31.15 -2.71
C GLY A 404 28.45 30.50 -3.64
N ASP A 405 28.31 31.03 -4.85
CA ASP A 405 27.39 30.46 -5.84
C ASP A 405 27.67 28.99 -6.08
N GLU A 406 28.90 28.55 -5.89
CA GLU A 406 29.33 27.22 -6.25
C GLU A 406 29.40 26.29 -5.04
N VAL A 407 29.09 26.80 -3.84
CA VAL A 407 29.12 25.93 -2.67
C VAL A 407 28.09 24.82 -2.80
N ARG A 408 26.92 25.14 -3.35
CA ARG A 408 25.88 24.14 -3.54
C ARG A 408 26.31 23.03 -4.49
N GLN A 409 27.38 23.23 -5.27
CA GLN A 409 27.82 22.17 -6.17
C GLN A 409 28.70 21.13 -5.49
N ILE A 410 29.18 21.39 -4.27
CA ILE A 410 29.99 20.40 -3.56
C ILE A 410 29.06 19.44 -2.84
N ALA A 411 28.43 18.54 -3.60
CA ALA A 411 27.49 17.58 -3.06
C ALA A 411 27.27 16.50 -4.11
N PRO A 412 26.90 15.28 -3.71
CA PRO A 412 26.66 14.24 -4.71
C PRO A 412 25.49 14.62 -5.61
N GLY A 413 25.59 14.25 -6.89
CA GLY A 413 24.51 14.50 -7.82
C GLY A 413 24.35 15.95 -8.21
N GLN A 414 25.43 16.73 -8.14
CA GLN A 414 25.40 18.14 -8.49
C GLN A 414 26.10 18.37 -9.82
N THR A 415 25.69 19.43 -10.52
CA THR A 415 26.26 19.78 -11.80
C THR A 415 26.70 21.24 -11.80
N GLY A 416 27.63 21.56 -12.69
CA GLY A 416 28.18 22.89 -12.79
C GLY A 416 29.65 22.86 -13.16
N LYS A 417 30.28 24.03 -13.26
CA LYS A 417 31.70 24.07 -13.63
C LYS A 417 32.55 23.35 -12.60
N ILE A 418 32.26 23.55 -11.31
CA ILE A 418 33.08 22.95 -10.27
C ILE A 418 32.81 21.45 -10.18
N ALA A 419 31.54 21.05 -10.22
CA ALA A 419 31.21 19.64 -10.07
C ALA A 419 31.69 18.83 -11.27
N ASP A 420 31.59 19.39 -12.47
CA ASP A 420 31.93 18.63 -13.67
C ASP A 420 33.41 18.73 -14.05
N TYR A 421 34.05 19.88 -13.84
CA TYR A 421 35.40 20.10 -14.32
C TYR A 421 36.43 20.27 -13.23
N ASN A 422 36.03 20.36 -11.96
CA ASN A 422 36.99 20.70 -10.92
C ASN A 422 36.99 19.72 -9.77
N TYR A 423 35.83 19.44 -9.18
CA TYR A 423 35.76 18.56 -8.02
C TYR A 423 34.42 17.86 -8.02
N LYS A 424 34.41 16.55 -8.21
CA LYS A 424 33.20 15.75 -8.30
C LYS A 424 33.16 14.77 -7.15
N LEU A 425 32.02 14.69 -6.47
CA LEU A 425 31.73 13.73 -5.41
C LEU A 425 30.91 12.57 -5.95
N PRO A 426 31.23 11.34 -5.54
CA PRO A 426 30.49 10.18 -6.05
C PRO A 426 29.07 10.18 -5.54
N ASP A 427 28.22 9.41 -6.23
CA ASP A 427 26.81 9.35 -5.84
C ASP A 427 26.63 8.69 -4.48
N ASP A 428 27.54 7.79 -4.09
CA ASP A 428 27.51 7.14 -2.80
C ASP A 428 28.47 7.77 -1.79
N PHE A 429 28.66 9.08 -1.86
CA PHE A 429 29.62 9.73 -0.98
C PHE A 429 29.19 9.63 0.48
N THR A 430 30.12 9.27 1.35
CA THR A 430 29.88 9.14 2.78
C THR A 430 30.87 10.05 3.51
N GLY A 431 30.42 11.26 3.86
CA GLY A 431 31.31 12.19 4.51
C GLY A 431 30.61 13.49 4.81
N CYS A 432 31.39 14.52 5.09
CA CYS A 432 30.84 15.83 5.43
C CYS A 432 31.48 16.91 4.59
N VAL A 433 30.71 17.97 4.32
CA VAL A 433 31.15 19.13 3.59
C VAL A 433 31.05 20.33 4.52
N ILE A 434 32.16 21.04 4.68
CA ILE A 434 32.28 22.19 5.56
C ILE A 434 32.81 23.36 4.73
N ALA A 435 32.19 24.52 4.87
CA ALA A 435 32.61 25.67 4.10
C ALA A 435 32.40 26.94 4.90
N TRP A 436 33.29 27.91 4.69
CA TRP A 436 33.13 29.19 5.39
C TRP A 436 33.68 30.32 4.54
N ASN A 437 33.11 31.51 4.73
CA ASN A 437 33.50 32.67 3.93
C ASN A 437 34.87 33.16 4.36
N SER A 438 35.81 33.20 3.42
CA SER A 438 37.16 33.70 3.65
C SER A 438 37.40 35.00 2.89
N ASN A 439 36.43 35.91 2.92
CA ASN A 439 36.59 37.17 2.20
C ASN A 439 37.64 38.05 2.85
N ASN A 440 37.81 37.96 4.17
CA ASN A 440 38.80 38.78 4.84
C ASN A 440 40.22 38.30 4.57
N LEU A 441 40.39 37.07 4.10
CA LEU A 441 41.70 36.48 3.86
C LEU A 441 42.02 36.31 2.38
N ASP A 442 41.05 35.93 1.57
CA ASP A 442 41.30 35.59 0.17
C ASP A 442 40.83 36.68 -0.79
N SER A 443 40.93 37.95 -0.38
CA SER A 443 40.54 39.06 -1.23
C SER A 443 41.60 40.15 -1.14
N LYS A 444 41.90 40.77 -2.28
CA LYS A 444 42.84 41.87 -2.36
C LYS A 444 42.14 43.10 -2.91
N VAL A 445 42.66 44.28 -2.55
CA VAL A 445 42.05 45.53 -3.02
C VAL A 445 42.05 45.60 -4.53
N GLY A 446 43.06 45.03 -5.17
CA GLY A 446 43.12 44.92 -6.62
C GLY A 446 42.59 43.61 -7.17
N GLY A 447 41.92 42.80 -6.36
CA GLY A 447 41.43 41.52 -6.81
C GLY A 447 42.45 40.41 -6.65
N ASN A 448 42.10 39.39 -5.87
CA ASN A 448 42.98 38.25 -5.67
C ASN A 448 42.80 37.29 -6.84
N TYR A 449 43.84 37.18 -7.68
CA TYR A 449 43.79 36.35 -8.88
C TYR A 449 44.64 35.09 -8.75
N ASN A 450 44.93 34.66 -7.52
CA ASN A 450 45.70 33.45 -7.31
C ASN A 450 44.88 32.18 -7.33
N TYR A 451 43.58 32.28 -7.06
CA TYR A 451 42.69 31.12 -7.06
C TYR A 451 42.10 30.94 -8.45
N LEU A 452 42.30 29.75 -9.03
CA LEU A 452 41.86 29.45 -10.38
C LEU A 452 40.83 28.34 -10.37
N TYR A 453 40.16 28.17 -11.51
CA TYR A 453 39.24 27.06 -11.69
C TYR A 453 39.22 26.66 -13.16
N ARG A 454 38.98 25.37 -13.41
CA ARG A 454 38.99 24.87 -14.78
C ARG A 454 37.67 25.22 -15.45
N LEU A 455 37.76 25.84 -16.63
CA LEU A 455 36.58 26.32 -17.35
C LEU A 455 36.16 25.41 -18.50
N PHE A 456 37.11 24.75 -19.16
CA PHE A 456 36.80 23.87 -20.27
C PHE A 456 37.46 22.51 -20.08
N ARG A 457 36.74 21.46 -20.47
CA ARG A 457 37.27 20.10 -20.43
C ARG A 457 36.43 19.25 -21.37
N LYS A 458 37.08 18.32 -22.07
CA LYS A 458 36.39 17.50 -23.06
C LYS A 458 35.41 16.52 -22.43
N SER A 459 35.55 16.22 -21.14
CA SER A 459 34.64 15.31 -20.47
C SER A 459 34.56 15.68 -19.00
N ASN A 460 33.53 15.17 -18.33
CA ASN A 460 33.34 15.45 -16.92
C ASN A 460 34.27 14.57 -16.08
N LEU A 461 34.71 15.13 -14.96
CA LEU A 461 35.61 14.41 -14.07
C LEU A 461 34.90 13.24 -13.41
N LYS A 462 35.59 12.11 -13.29
CA LYS A 462 35.12 11.05 -12.43
C LYS A 462 35.22 11.50 -10.97
N PRO A 463 34.48 10.85 -10.06
CA PRO A 463 34.55 11.26 -8.65
C PRO A 463 35.98 11.19 -8.12
N PHE A 464 36.36 12.23 -7.37
CA PHE A 464 37.69 12.33 -6.76
C PHE A 464 38.80 12.25 -7.80
N GLU A 465 38.59 12.90 -8.94
CA GLU A 465 39.60 12.97 -9.99
C GLU A 465 40.23 14.36 -9.95
N ARG A 466 41.54 14.42 -10.18
CA ARG A 466 42.28 15.68 -10.10
C ARG A 466 42.97 15.95 -11.43
N ASP A 467 42.50 16.97 -12.14
CA ASP A 467 43.08 17.39 -13.41
C ASP A 467 43.74 18.75 -13.23
N ILE A 468 45.06 18.80 -13.38
CA ILE A 468 45.81 20.05 -13.29
C ILE A 468 46.51 20.37 -14.60
N SER A 469 46.18 19.66 -15.68
CA SER A 469 46.79 19.94 -16.98
C SER A 469 46.33 21.29 -17.51
N THR A 470 47.25 21.99 -18.17
CA THR A 470 46.97 23.28 -18.78
C THR A 470 47.03 23.22 -20.30
N GLU A 471 46.62 22.08 -20.87
CA GLU A 471 46.59 21.95 -22.32
C GLU A 471 45.56 22.89 -22.92
N ILE A 472 45.91 23.49 -24.05
CA ILE A 472 45.02 24.44 -24.71
C ILE A 472 43.78 23.70 -25.21
N TYR A 473 42.60 24.15 -24.76
CA TYR A 473 41.36 23.50 -25.12
C TYR A 473 40.98 23.82 -26.57
N GLN A 474 40.76 22.78 -27.36
CA GLN A 474 40.34 22.94 -28.75
C GLN A 474 38.82 22.95 -28.79
N ALA A 475 38.24 24.13 -29.03
CA ALA A 475 36.79 24.30 -29.05
C ALA A 475 36.23 24.41 -30.47
N GLY A 476 37.09 24.36 -31.49
CA GLY A 476 36.64 24.38 -32.86
C GLY A 476 37.24 23.23 -33.66
N SER A 477 36.92 23.22 -34.95
CA SER A 477 37.39 22.15 -35.82
C SER A 477 38.88 22.26 -36.10
N THR A 478 39.40 23.49 -36.13
CA THR A 478 40.82 23.67 -36.38
C THR A 478 41.62 23.20 -35.18
N PRO A 479 42.61 22.32 -35.36
CA PRO A 479 43.39 21.85 -34.21
C PRO A 479 44.28 22.96 -33.66
N CYS A 480 44.40 22.99 -32.34
CA CYS A 480 45.35 23.87 -31.68
C CYS A 480 46.67 23.14 -31.45
N ASN A 481 47.78 23.84 -31.73
CA ASN A 481 49.12 23.27 -31.57
C ASN A 481 49.76 23.75 -30.28
N GLY A 482 48.99 23.84 -29.20
CA GLY A 482 49.49 24.31 -27.93
C GLY A 482 49.53 25.82 -27.77
N VAL A 483 48.97 26.57 -28.71
CA VAL A 483 49.07 28.01 -28.73
C VAL A 483 47.68 28.61 -28.59
N GLU A 484 47.55 29.60 -27.70
CA GLU A 484 46.26 30.23 -27.46
C GLU A 484 45.81 31.01 -28.69
N GLY A 485 44.50 31.13 -28.85
CA GLY A 485 43.98 31.91 -29.97
C GLY A 485 42.50 31.72 -30.25
N PHE A 486 42.15 31.69 -31.54
CA PHE A 486 40.77 31.56 -31.97
C PHE A 486 40.32 30.11 -31.80
N ASN A 487 39.23 29.90 -31.06
CA ASN A 487 38.72 28.58 -30.73
C ASN A 487 39.78 27.72 -30.05
N CYS A 488 40.73 28.36 -29.37
CA CYS A 488 41.78 27.65 -28.65
C CYS A 488 41.94 28.33 -27.30
N TYR A 489 41.46 27.66 -26.25
CA TYR A 489 41.28 28.27 -24.94
C TYR A 489 42.35 27.78 -23.97
N PHE A 490 42.79 28.68 -23.10
CA PHE A 490 43.47 28.25 -21.88
C PHE A 490 42.43 27.74 -20.89
N PRO A 491 42.57 26.52 -20.37
CA PRO A 491 41.46 25.88 -19.67
C PRO A 491 41.18 26.46 -18.29
N LEU A 492 42.09 27.26 -17.74
CA LEU A 492 41.92 27.78 -16.39
C LEU A 492 41.53 29.25 -16.44
N GLN A 493 40.57 29.62 -15.61
CA GLN A 493 40.14 30.99 -15.44
C GLN A 493 40.41 31.43 -14.00
N SER A 494 40.65 32.72 -13.82
CA SER A 494 41.01 33.25 -12.52
C SER A 494 39.79 33.87 -11.85
N TYR A 495 39.66 33.64 -10.55
CA TYR A 495 38.60 34.26 -9.77
C TYR A 495 38.90 35.73 -9.52
N GLY A 496 37.84 36.52 -9.39
CA GLY A 496 37.99 37.93 -9.09
C GLY A 496 38.45 38.17 -7.67
N PHE A 497 37.56 37.94 -6.71
CA PHE A 497 37.86 38.07 -5.29
C PHE A 497 38.31 39.47 -4.92
N GLN A 498 37.36 40.36 -4.70
CA GLN A 498 37.56 41.73 -4.27
C GLN A 498 36.68 42.02 -3.07
N PRO A 499 37.14 42.84 -2.13
CA PRO A 499 36.35 43.07 -0.91
C PRO A 499 34.94 43.56 -1.17
N THR A 500 34.71 44.25 -2.29
CA THR A 500 33.39 44.80 -2.59
C THR A 500 32.51 43.85 -3.39
N ASN A 501 32.97 42.61 -3.59
CA ASN A 501 32.18 41.65 -4.35
C ASN A 501 30.91 41.27 -3.59
N GLY A 502 29.87 40.93 -4.35
CA GLY A 502 28.69 40.33 -3.77
C GLY A 502 28.98 39.00 -3.11
N VAL A 503 28.11 38.63 -2.17
CA VAL A 503 28.35 37.45 -1.34
C VAL A 503 28.49 36.21 -2.21
N GLY A 504 27.71 36.14 -3.29
CA GLY A 504 27.83 35.01 -4.20
C GLY A 504 29.17 34.91 -4.88
N TYR A 505 29.93 36.01 -4.92
CA TYR A 505 31.22 36.06 -5.58
C TYR A 505 32.36 36.29 -4.60
N GLN A 506 32.08 36.30 -3.30
CA GLN A 506 33.15 36.36 -2.31
C GLN A 506 33.79 34.99 -2.17
N PRO A 507 35.04 34.92 -1.73
CA PRO A 507 35.69 33.61 -1.60
C PRO A 507 35.16 32.84 -0.40
N TYR A 508 35.14 31.53 -0.55
CA TYR A 508 34.77 30.58 0.49
C TYR A 508 35.79 29.46 0.48
N ARG A 509 36.33 29.14 1.65
CA ARG A 509 37.22 28.01 1.80
C ARG A 509 36.40 26.78 2.17
N VAL A 510 36.59 25.70 1.41
CA VAL A 510 35.81 24.48 1.56
C VAL A 510 36.75 23.34 1.95
N VAL A 511 36.30 22.53 2.89
CA VAL A 511 36.94 21.29 3.29
C VAL A 511 35.91 20.17 3.18
N VAL A 512 36.29 19.10 2.51
CA VAL A 512 35.44 17.95 2.28
C VAL A 512 36.10 16.77 2.98
N LEU A 513 35.52 16.34 4.09
CA LEU A 513 36.02 15.20 4.84
C LEU A 513 35.33 13.95 4.32
N SER A 514 36.11 12.98 3.87
CA SER A 514 35.59 11.72 3.38
C SER A 514 36.05 10.59 4.26
N PHE A 515 35.10 9.71 4.58
CA PHE A 515 35.25 8.57 5.45
C PHE A 515 35.09 7.31 4.61
N GLU A 516 36.02 6.39 4.76
CA GLU A 516 35.97 5.10 4.07
C GLU A 516 35.82 4.02 5.14
N LEU A 517 34.56 3.74 5.46
CA LEU A 517 33.92 2.86 6.43
C LEU A 517 34.08 1.42 6.11
N LEU A 518 34.95 1.05 5.17
CA LEU A 518 35.13 -0.36 4.85
C LEU A 518 35.60 -1.10 6.08
N HIS A 519 35.07 -2.30 6.29
CA HIS A 519 35.40 -3.10 7.46
C HIS A 519 36.84 -3.57 7.35
N ALA A 520 37.71 -2.89 8.09
CA ALA A 520 39.16 -3.11 8.03
C ALA A 520 39.75 -2.54 9.30
N PRO A 521 41.03 -2.79 9.56
CA PRO A 521 41.66 -2.20 10.76
C PRO A 521 41.46 -0.69 10.78
N ALA A 522 41.03 -0.19 11.93
CA ALA A 522 40.78 1.24 12.06
C ALA A 522 42.02 1.96 12.59
N THR A 523 42.20 3.20 12.11
CA THR A 523 43.27 4.06 12.58
C THR A 523 42.80 5.41 13.07
N VAL A 524 41.60 5.85 12.70
CA VAL A 524 41.07 7.14 13.12
C VAL A 524 39.80 6.90 13.92
N CYS A 525 39.91 6.96 15.25
CA CYS A 525 38.81 6.71 16.15
C CYS A 525 38.59 7.95 17.01
N GLY A 526 37.35 8.11 17.49
CA GLY A 526 36.97 9.28 18.22
C GLY A 526 37.55 9.29 19.63
N PRO A 527 37.33 10.40 20.33
CA PRO A 527 37.89 10.59 21.68
C PRO A 527 37.08 9.86 22.74
N LYS A 528 37.04 8.54 22.65
CA LYS A 528 36.27 7.71 23.57
C LYS A 528 37.18 6.68 24.21
N LYS A 529 37.14 6.62 25.53
CA LYS A 529 38.03 5.74 26.28
C LYS A 529 37.58 4.30 26.19
N SER A 530 38.55 3.39 26.13
CA SER A 530 38.24 1.97 26.12
C SER A 530 38.05 1.45 27.54
N THR A 531 37.51 0.25 27.64
CA THR A 531 37.31 -0.45 28.91
C THR A 531 38.02 -1.80 28.85
N ASN A 532 38.02 -2.49 29.98
CA ASN A 532 38.60 -3.82 29.99
C ASN A 532 37.64 -4.80 29.30
N LEU A 533 38.20 -5.90 28.82
CA LEU A 533 37.43 -6.91 28.13
C LEU A 533 37.16 -8.10 29.04
N VAL A 534 35.91 -8.56 29.07
CA VAL A 534 35.47 -9.66 29.91
C VAL A 534 35.08 -10.82 29.00
N LYS A 535 35.72 -11.98 29.20
CA LYS A 535 35.49 -13.16 28.37
C LYS A 535 34.48 -14.10 29.03
N ASN A 536 33.82 -14.89 28.18
CA ASN A 536 32.89 -15.94 28.58
C ASN A 536 31.70 -15.40 29.36
N LYS A 537 31.29 -14.17 29.10
CA LYS A 537 30.11 -13.60 29.73
C LYS A 537 29.31 -12.82 28.69
N CYS A 538 27.99 -12.77 28.90
CA CYS A 538 27.14 -11.99 28.00
C CYS A 538 27.38 -10.51 28.28
N VAL A 539 27.90 -9.79 27.28
CA VAL A 539 28.22 -8.38 27.42
C VAL A 539 27.71 -7.62 26.21
N ASN A 540 27.55 -6.31 26.40
CA ASN A 540 27.19 -5.40 25.32
C ASN A 540 28.49 -4.77 24.81
N PHE A 541 28.95 -5.23 23.65
CA PHE A 541 30.28 -4.86 23.16
C PHE A 541 30.18 -3.78 22.08
N ASN A 542 31.30 -3.04 21.95
CA ASN A 542 31.51 -2.02 20.92
C ASN A 542 32.97 -2.11 20.48
N PHE A 543 33.20 -2.68 19.30
CA PHE A 543 34.54 -2.82 18.73
C PHE A 543 34.67 -1.89 17.53
N ASN A 544 35.46 -0.83 17.69
CA ASN A 544 35.69 0.16 16.63
C ASN A 544 34.39 0.70 16.04
N GLY A 545 33.38 0.90 16.89
CA GLY A 545 32.12 1.42 16.44
C GLY A 545 31.09 0.37 16.07
N LEU A 546 31.48 -0.90 16.01
CA LEU A 546 30.55 -1.98 15.70
C LEU A 546 29.99 -2.49 17.03
N THR A 547 28.69 -2.40 17.20
CA THR A 547 28.10 -2.73 18.49
C THR A 547 27.23 -3.97 18.39
N GLY A 548 26.97 -4.55 19.55
CA GLY A 548 26.09 -5.70 19.63
C GLY A 548 26.13 -6.29 21.01
N THR A 549 25.34 -7.35 21.18
CA THR A 549 25.27 -8.05 22.46
C THR A 549 25.63 -9.51 22.23
N GLY A 550 26.48 -10.05 23.08
CA GLY A 550 26.86 -11.45 22.92
C GLY A 550 27.97 -11.83 23.88
N VAL A 551 28.32 -13.10 23.83
CA VAL A 551 29.39 -13.64 24.66
C VAL A 551 30.66 -13.65 23.83
N LEU A 552 31.72 -13.04 24.36
CA LEU A 552 33.01 -12.93 23.69
C LEU A 552 33.90 -14.06 24.19
N THR A 553 34.35 -14.92 23.28
CA THR A 553 35.17 -16.05 23.69
C THR A 553 36.44 -16.11 22.84
N GLU A 554 37.39 -16.91 23.30
CA GLU A 554 38.60 -17.16 22.54
C GLU A 554 38.28 -18.00 21.31
N SER A 555 39.08 -17.84 20.26
CA SER A 555 38.83 -18.54 19.00
C SER A 555 40.12 -19.05 18.41
N ASN A 556 39.97 -19.96 17.45
CA ASN A 556 41.07 -20.51 16.67
C ASN A 556 40.96 -20.12 15.20
N LYS A 557 40.31 -18.99 14.92
CA LYS A 557 40.13 -18.52 13.56
C LYS A 557 41.31 -17.66 13.15
N LYS A 558 42.09 -18.13 12.19
CA LYS A 558 43.34 -17.49 11.78
C LYS A 558 43.00 -16.38 10.79
N PHE A 559 42.75 -15.19 11.31
CA PHE A 559 42.48 -14.04 10.46
C PHE A 559 43.74 -13.60 9.74
N LEU A 560 43.58 -13.15 8.50
CA LEU A 560 44.71 -12.62 7.77
C LEU A 560 44.99 -11.21 8.26
N PRO A 561 46.24 -10.74 8.14
CA PRO A 561 46.60 -9.42 8.68
C PRO A 561 45.68 -8.28 8.24
N PHE A 562 45.03 -8.39 7.09
CA PHE A 562 44.16 -7.30 6.65
C PHE A 562 42.71 -7.47 7.07
N GLN A 563 42.34 -8.63 7.62
CA GLN A 563 40.95 -8.90 7.95
C GLN A 563 40.69 -8.52 9.40
N GLN A 564 39.59 -7.79 9.63
CA GLN A 564 39.24 -7.31 10.95
C GLN A 564 37.98 -7.95 11.53
N PHE A 565 37.00 -8.29 10.68
CA PHE A 565 35.74 -8.84 11.14
C PHE A 565 35.41 -10.12 10.39
N GLY A 566 34.71 -11.03 11.07
CA GLY A 566 34.18 -12.20 10.40
C GLY A 566 32.67 -12.12 10.34
N ARG A 567 32.05 -12.83 9.40
CA ARG A 567 30.60 -12.80 9.29
C ARG A 567 30.02 -14.19 9.09
N ASP A 568 28.77 -14.34 9.52
CA ASP A 568 27.99 -15.55 9.38
C ASP A 568 27.14 -15.47 8.11
N ILE A 569 26.35 -16.52 7.87
CA ILE A 569 25.52 -16.57 6.67
C ILE A 569 24.54 -15.40 6.62
N ALA A 570 24.04 -14.99 7.79
CA ALA A 570 23.07 -13.90 7.88
C ALA A 570 23.72 -12.53 7.78
N ASP A 571 25.02 -12.45 7.56
CA ASP A 571 25.83 -11.24 7.45
C ASP A 571 26.04 -10.57 8.80
N THR A 572 25.69 -11.22 9.90
CA THR A 572 25.97 -10.66 11.20
C THR A 572 27.42 -10.94 11.59
N THR A 573 27.92 -10.20 12.57
CA THR A 573 29.30 -10.38 12.98
C THR A 573 29.44 -11.69 13.74
N ASP A 574 30.47 -12.47 13.40
CA ASP A 574 30.76 -13.69 14.13
C ASP A 574 32.07 -13.66 14.89
N ALA A 575 32.97 -12.74 14.58
CA ALA A 575 34.22 -12.62 15.31
C ALA A 575 34.85 -11.28 15.01
N VAL A 576 35.62 -10.76 15.97
CA VAL A 576 36.34 -9.51 15.79
C VAL A 576 37.77 -9.66 16.26
N ARG A 577 38.65 -8.82 15.72
CA ARG A 577 40.02 -8.70 16.21
C ARG A 577 40.11 -7.54 17.17
N ASP A 578 40.56 -7.81 18.39
CA ASP A 578 40.67 -6.78 19.42
C ASP A 578 41.66 -5.70 18.99
N PRO A 579 41.27 -4.43 18.97
CA PRO A 579 42.16 -3.39 18.44
C PRO A 579 43.42 -3.17 19.26
N GLN A 580 43.46 -3.63 20.50
CA GLN A 580 44.64 -3.47 21.35
C GLN A 580 45.54 -4.69 21.38
N THR A 581 44.96 -5.90 21.43
CA THR A 581 45.73 -7.14 21.41
C THR A 581 45.23 -7.97 20.24
N LEU A 582 46.13 -8.27 19.30
CA LEU A 582 45.71 -8.83 18.02
C LEU A 582 45.39 -10.32 18.16
N GLU A 583 44.25 -10.56 18.81
CA GLU A 583 43.70 -11.90 18.96
C GLU A 583 42.30 -11.89 18.38
N ILE A 584 41.81 -13.06 17.97
CA ILE A 584 40.49 -13.17 17.36
C ILE A 584 39.52 -13.67 18.40
N LEU A 585 38.42 -12.95 18.57
CA LEU A 585 37.39 -13.28 19.54
C LEU A 585 36.10 -13.66 18.83
N ASP A 586 35.54 -14.81 19.20
CA ASP A 586 34.26 -15.23 18.68
C ASP A 586 33.14 -14.53 19.43
N ILE A 587 32.07 -14.20 18.70
CA ILE A 587 30.88 -13.59 19.27
C ILE A 587 29.75 -14.58 19.13
N THR A 588 29.27 -15.10 20.27
CA THR A 588 28.16 -16.04 20.29
C THR A 588 26.95 -15.35 20.89
N PRO A 589 25.85 -15.16 20.16
CA PRO A 589 24.68 -14.48 20.74
C PRO A 589 24.28 -15.12 22.06
N CYS A 590 23.85 -14.27 22.99
CA CYS A 590 23.54 -14.74 24.34
C CYS A 590 22.37 -15.72 24.32
N SER A 591 22.43 -16.70 25.21
CA SER A 591 21.46 -17.78 25.24
C SER A 591 20.04 -17.25 25.28
N PHE A 592 19.17 -17.88 24.49
CA PHE A 592 17.80 -17.43 24.34
C PHE A 592 16.95 -18.63 23.94
N GLY A 593 15.65 -18.51 24.16
CA GLY A 593 14.76 -19.57 23.72
C GLY A 593 13.31 -19.24 23.99
N GLY A 594 12.42 -20.01 23.39
CA GLY A 594 11.01 -19.79 23.59
C GLY A 594 10.57 -20.16 25.00
N VAL A 595 9.51 -19.52 25.47
CA VAL A 595 8.94 -19.80 26.77
C VAL A 595 7.50 -20.24 26.59
N SER A 596 7.18 -21.44 27.07
CA SER A 596 5.84 -21.99 26.96
C SER A 596 5.25 -22.11 28.36
N VAL A 597 3.95 -21.88 28.48
CA VAL A 597 3.27 -21.98 29.76
C VAL A 597 2.32 -23.16 29.73
N ILE A 598 2.51 -24.09 30.66
CA ILE A 598 1.71 -25.31 30.76
C ILE A 598 0.69 -25.07 31.86
N THR A 599 -0.59 -25.03 31.50
CA THR A 599 -1.58 -24.69 32.49
C THR A 599 -2.89 -25.44 32.31
N PRO A 600 -3.51 -25.85 33.41
CA PRO A 600 -4.90 -26.28 33.35
C PRO A 600 -5.79 -25.06 33.12
N GLY A 601 -7.00 -25.31 32.64
CA GLY A 601 -7.88 -24.20 32.34
C GLY A 601 -8.17 -23.37 33.58
N THR A 602 -8.44 -22.08 33.37
CA THR A 602 -8.71 -21.20 34.50
C THR A 602 -9.99 -21.57 35.23
N ASN A 603 -10.80 -22.48 34.68
CA ASN A 603 -11.95 -22.99 35.38
C ASN A 603 -11.58 -24.06 36.42
N THR A 604 -10.31 -24.46 36.48
CA THR A 604 -9.86 -25.45 37.44
C THR A 604 -8.84 -24.90 38.42
N SER A 605 -7.76 -24.28 37.94
CA SER A 605 -6.70 -23.80 38.81
C SER A 605 -5.90 -22.71 38.09
N ASN A 606 -5.32 -21.81 38.88
CA ASN A 606 -4.46 -20.76 38.36
C ASN A 606 -2.98 -21.09 38.53
N GLN A 607 -2.65 -22.34 38.83
CA GLN A 607 -1.25 -22.76 38.93
C GLN A 607 -0.73 -23.09 37.54
N VAL A 608 0.50 -22.66 37.25
CA VAL A 608 1.11 -22.94 35.95
C VAL A 608 2.53 -23.47 36.14
N ALA A 609 3.02 -24.14 35.09
CA ALA A 609 4.40 -24.58 34.98
C ALA A 609 5.01 -23.89 33.77
N VAL A 610 6.32 -23.61 33.83
CA VAL A 610 6.96 -22.89 32.73
C VAL A 610 8.02 -23.78 32.10
N LEU A 611 7.94 -23.93 30.78
CA LEU A 611 8.91 -24.68 30.01
C LEU A 611 9.80 -23.71 29.23
N TYR A 612 11.11 -23.76 29.48
CA TYR A 612 12.07 -22.97 28.73
C TYR A 612 12.62 -23.89 27.64
N GLN A 613 12.24 -23.62 26.39
CA GLN A 613 12.50 -24.54 25.30
C GLN A 613 13.98 -24.60 24.90
N ASP A 614 14.48 -25.83 24.75
CA ASP A 614 15.83 -26.11 24.23
C ASP A 614 16.92 -25.37 24.99
N VAL A 615 16.79 -25.30 26.32
CA VAL A 615 17.83 -24.72 27.15
C VAL A 615 18.15 -25.66 28.30
N ASN A 616 19.30 -25.43 28.92
CA ASN A 616 19.68 -26.13 30.13
C ASN A 616 19.16 -25.37 31.35
N CYS A 617 18.99 -26.11 32.44
CA CYS A 617 18.53 -25.53 33.71
C CYS A 617 19.68 -24.83 34.43
N THR A 618 20.25 -23.83 33.75
CA THR A 618 21.40 -23.10 34.25
C THR A 618 21.17 -21.59 34.22
N GLU A 619 21.15 -21.02 33.01
CA GLU A 619 20.96 -19.58 32.85
C GLU A 619 19.63 -19.11 33.42
N VAL A 620 18.62 -19.97 33.46
CA VAL A 620 17.32 -19.58 33.98
C VAL A 620 17.40 -19.26 35.47
N ASN A 641 12.22 -28.20 42.40
CA ASN A 641 11.21 -28.73 41.51
C ASN A 641 11.51 -28.36 40.06
N VAL A 642 12.71 -28.69 39.61
CA VAL A 642 13.18 -28.38 38.26
C VAL A 642 13.53 -29.68 37.58
N PHE A 643 12.92 -29.94 36.42
CA PHE A 643 13.13 -31.17 35.67
C PHE A 643 13.68 -30.85 34.29
N GLN A 644 14.89 -31.32 34.01
CA GLN A 644 15.53 -31.12 32.71
C GLN A 644 15.08 -32.22 31.76
N THR A 645 14.51 -31.84 30.62
CA THR A 645 14.07 -32.79 29.61
C THR A 645 14.69 -32.40 28.28
N ARG A 646 14.52 -33.27 27.28
CA ARG A 646 15.06 -32.91 25.98
C ARG A 646 14.21 -31.87 25.30
N ALA A 647 13.08 -31.52 25.89
CA ALA A 647 12.23 -30.48 25.36
C ALA A 647 12.63 -29.13 25.93
N GLY A 648 13.49 -29.11 26.96
CA GLY A 648 13.81 -27.89 27.65
C GLY A 648 13.81 -28.07 29.15
N CYS A 649 13.92 -26.94 29.85
CA CYS A 649 13.95 -26.94 31.30
C CYS A 649 12.54 -26.67 31.81
N LEU A 650 11.96 -27.64 32.52
CA LEU A 650 10.59 -27.56 33.01
C LEU A 650 10.60 -27.19 34.49
N ILE A 651 10.04 -26.03 34.82
CA ILE A 651 10.05 -25.54 36.20
C ILE A 651 8.62 -25.42 36.70
N GLY A 652 8.38 -26.02 37.87
CA GLY A 652 7.09 -25.98 38.54
C GLY A 652 6.29 -27.27 38.49
N ALA A 653 6.64 -28.20 37.61
CA ALA A 653 5.97 -29.49 37.52
C ALA A 653 6.75 -30.55 38.28
N GLU A 654 6.04 -31.35 39.07
CA GLU A 654 6.67 -32.43 39.81
C GLU A 654 6.89 -33.64 38.89
N HIS A 655 8.07 -34.22 38.94
CA HIS A 655 8.39 -35.39 38.12
C HIS A 655 7.86 -36.64 38.81
N VAL A 656 6.98 -37.37 38.13
CA VAL A 656 6.33 -38.56 38.68
C VAL A 656 6.79 -39.78 37.90
N ASN A 657 7.20 -40.83 38.61
CA ASN A 657 7.66 -42.05 37.94
C ASN A 657 6.52 -42.79 37.24
N ASN A 658 5.30 -42.68 37.76
CA ASN A 658 4.19 -43.40 37.16
C ASN A 658 3.79 -42.77 35.84
N SER A 659 3.61 -43.60 34.82
CA SER A 659 3.16 -43.12 33.52
C SER A 659 1.63 -43.07 33.48
N TYR A 660 1.13 -42.20 32.60
CA TYR A 660 -0.30 -42.05 32.39
C TYR A 660 -0.53 -41.69 30.94
N GLU A 661 -1.80 -41.59 30.55
CA GLU A 661 -2.12 -41.12 29.21
C GLU A 661 -1.77 -39.64 29.10
N CYS A 662 -1.30 -39.26 27.91
CA CYS A 662 -0.92 -37.87 27.70
C CYS A 662 -2.14 -36.95 27.81
N ASP A 663 -1.95 -35.83 28.50
CA ASP A 663 -3.02 -34.88 28.74
C ASP A 663 -2.66 -33.56 28.06
N ILE A 664 -1.74 -32.81 28.66
CA ILE A 664 -1.20 -31.60 28.06
C ILE A 664 0.20 -31.93 27.54
N PRO A 665 0.40 -32.05 26.23
CA PRO A 665 1.69 -32.52 25.73
C PRO A 665 2.77 -31.46 25.90
N ILE A 666 3.97 -31.92 26.25
CA ILE A 666 5.14 -31.06 26.34
C ILE A 666 6.10 -31.31 25.18
N GLY A 667 6.41 -32.57 24.91
CA GLY A 667 7.30 -32.91 23.82
C GLY A 667 8.35 -33.92 24.22
N ALA A 668 8.94 -34.59 23.23
CA ALA A 668 10.00 -35.58 23.47
C ALA A 668 9.53 -36.66 24.42
N GLY A 669 8.26 -37.05 24.30
CA GLY A 669 7.72 -38.12 25.09
C GLY A 669 7.20 -37.69 26.44
N ILE A 670 7.37 -36.42 26.81
CA ILE A 670 6.95 -35.92 28.10
C ILE A 670 5.64 -35.17 27.95
N CYS A 671 4.68 -35.47 28.83
CA CYS A 671 3.40 -34.79 28.90
C CYS A 671 3.19 -34.31 30.33
N ALA A 672 2.30 -33.33 30.49
CA ALA A 672 1.98 -32.80 31.80
C ALA A 672 0.47 -32.82 32.02
N SER A 673 0.09 -32.86 33.29
CA SER A 673 -1.31 -32.90 33.66
C SER A 673 -1.48 -32.33 35.05
N TYR A 674 -2.72 -32.07 35.44
CA TYR A 674 -3.05 -31.54 36.76
C TYR A 674 -3.66 -32.69 37.56
N GLN A 675 -2.92 -33.18 38.55
CA GLN A 675 -3.34 -34.36 39.30
C GLN A 675 -2.82 -34.26 40.72
N THR A 676 -3.18 -35.25 41.54
CA THR A 676 -2.75 -35.28 42.94
C THR A 676 -1.46 -36.09 43.10
N SER A 689 -4.16 -30.17 47.38
CA SER A 689 -3.56 -31.48 47.18
C SER A 689 -3.18 -31.69 45.72
N GLN A 690 -3.87 -30.99 44.83
CA GLN A 690 -3.61 -31.10 43.40
C GLN A 690 -2.48 -30.16 42.98
N SER A 691 -1.71 -30.61 41.99
CA SER A 691 -0.63 -29.82 41.43
C SER A 691 -0.35 -30.34 40.02
N ILE A 692 0.44 -29.57 39.27
CA ILE A 692 0.84 -29.96 37.93
C ILE A 692 2.00 -30.94 38.03
N ILE A 693 1.87 -32.06 37.32
CA ILE A 693 2.88 -33.11 37.29
C ILE A 693 3.30 -33.32 35.84
N ALA A 694 4.50 -33.87 35.67
CA ALA A 694 5.05 -34.20 34.37
C ALA A 694 5.51 -35.65 34.38
N TYR A 695 5.27 -36.34 33.27
CA TYR A 695 5.60 -37.76 33.18
C TYR A 695 5.78 -38.15 31.73
N THR A 696 6.40 -39.31 31.53
CA THR A 696 6.46 -39.90 30.20
C THR A 696 5.11 -40.53 29.91
N MET A 697 4.52 -40.20 28.77
CA MET A 697 3.18 -40.69 28.51
C MET A 697 3.19 -42.19 28.25
N SER A 698 2.13 -42.85 28.67
CA SER A 698 1.95 -44.26 28.36
C SER A 698 1.45 -44.42 26.94
N LEU A 699 1.91 -45.47 26.28
CA LEU A 699 1.45 -45.76 24.92
C LEU A 699 0.35 -46.81 24.95
N GLY A 700 -0.66 -46.59 25.79
CA GLY A 700 -1.71 -47.56 26.00
C GLY A 700 -1.26 -48.70 26.91
N ALA A 701 -2.24 -49.48 27.35
CA ALA A 701 -1.97 -50.62 28.21
C ALA A 701 -1.24 -51.72 27.45
N GLU A 702 -0.36 -52.43 28.15
CA GLU A 702 0.32 -53.57 27.55
C GLU A 702 -0.54 -54.81 27.67
N ASN A 703 -0.70 -55.53 26.56
CA ASN A 703 -1.55 -56.72 26.52
C ASN A 703 -0.96 -57.70 25.52
N SER A 704 -0.26 -58.71 26.02
CA SER A 704 0.31 -59.72 25.12
C SER A 704 -0.80 -60.63 24.61
N VAL A 705 -0.58 -61.19 23.42
CA VAL A 705 -1.52 -62.14 22.82
C VAL A 705 -1.01 -63.55 23.04
N ALA A 706 -1.90 -64.43 23.50
CA ALA A 706 -1.55 -65.83 23.80
C ALA A 706 -1.48 -66.63 22.50
N TYR A 707 -0.51 -66.26 21.66
CA TYR A 707 -0.35 -66.91 20.36
C TYR A 707 0.23 -68.30 20.48
N SER A 708 -0.30 -69.21 19.68
CA SER A 708 0.27 -70.55 19.52
C SER A 708 -0.16 -71.06 18.15
N ASN A 709 0.50 -72.12 17.71
CA ASN A 709 0.26 -72.63 16.35
C ASN A 709 -1.01 -73.44 16.22
N ASN A 710 -1.72 -73.75 17.31
CA ASN A 710 -2.93 -74.55 17.17
C ASN A 710 -4.08 -74.03 18.03
N SER A 711 -4.16 -72.72 18.25
CA SER A 711 -5.21 -72.14 19.07
C SER A 711 -5.79 -70.92 18.37
N ILE A 712 -7.11 -70.88 18.24
CA ILE A 712 -7.82 -69.78 17.59
C ILE A 712 -8.87 -69.25 18.54
N ALA A 713 -8.99 -67.93 18.61
CA ALA A 713 -10.04 -67.28 19.40
C ALA A 713 -11.14 -66.81 18.47
N ILE A 714 -12.36 -67.26 18.72
CA ILE A 714 -13.53 -66.94 17.91
C ILE A 714 -14.55 -66.26 18.80
N PRO A 715 -15.04 -65.08 18.44
CA PRO A 715 -16.00 -64.40 19.30
C PRO A 715 -17.30 -65.17 19.46
N THR A 716 -17.81 -65.18 20.69
CA THR A 716 -19.06 -65.85 21.02
C THR A 716 -20.21 -64.88 21.18
N ASN A 717 -19.89 -63.60 21.38
CA ASN A 717 -20.90 -62.56 21.53
C ASN A 717 -20.39 -61.33 20.81
N PHE A 718 -21.29 -60.37 20.62
CA PHE A 718 -20.98 -59.16 19.89
C PHE A 718 -21.74 -57.97 20.45
N THR A 719 -21.27 -56.78 20.09
CA THR A 719 -21.94 -55.54 20.45
C THR A 719 -22.09 -54.65 19.22
N ILE A 720 -23.23 -53.98 19.14
CA ILE A 720 -23.48 -52.98 18.10
C ILE A 720 -23.14 -51.63 18.69
N SER A 721 -22.20 -50.93 18.08
CA SER A 721 -21.76 -49.63 18.56
C SER A 721 -22.07 -48.55 17.55
N VAL A 722 -22.25 -47.33 18.04
CA VAL A 722 -22.48 -46.17 17.20
C VAL A 722 -21.41 -45.14 17.53
N THR A 723 -20.70 -44.69 16.51
CA THR A 723 -19.64 -43.72 16.67
C THR A 723 -19.99 -42.44 15.92
N THR A 724 -19.36 -41.34 16.30
CA THR A 724 -19.63 -40.05 15.69
C THR A 724 -18.39 -39.56 14.95
N GLU A 725 -18.53 -39.30 13.66
CA GLU A 725 -17.44 -38.74 12.87
C GLU A 725 -17.89 -37.37 12.38
N ILE A 726 -17.14 -36.32 12.70
CA ILE A 726 -17.54 -34.96 12.40
C ILE A 726 -16.57 -34.37 11.37
N LEU A 727 -17.13 -33.87 10.26
CA LEU A 727 -16.29 -33.30 9.21
C LEU A 727 -16.76 -31.90 8.83
N PRO A 728 -15.83 -30.96 8.70
CA PRO A 728 -16.16 -29.67 8.09
C PRO A 728 -16.57 -29.88 6.64
N VAL A 729 -17.55 -29.09 6.19
CA VAL A 729 -17.99 -29.11 4.80
C VAL A 729 -17.81 -27.75 4.13
N SER A 730 -18.09 -26.66 4.82
CA SER A 730 -18.04 -25.35 4.21
C SER A 730 -17.42 -24.37 5.20
N MET A 731 -17.11 -23.18 4.70
CA MET A 731 -16.59 -22.10 5.52
C MET A 731 -17.33 -20.82 5.15
N THR A 732 -17.30 -19.85 6.07
CA THR A 732 -18.02 -18.61 5.88
C THR A 732 -17.64 -17.94 4.55
N LYS A 733 -18.67 -17.58 3.78
CA LYS A 733 -18.49 -16.97 2.46
C LYS A 733 -18.23 -15.48 2.60
N THR A 734 -17.00 -15.14 2.97
CA THR A 734 -16.72 -13.72 3.16
C THR A 734 -16.53 -13.03 1.81
N SER A 735 -16.71 -11.71 1.84
CA SER A 735 -16.47 -10.87 0.67
C SER A 735 -15.97 -9.53 1.15
N VAL A 736 -14.88 -9.04 0.55
CA VAL A 736 -14.28 -7.78 0.97
C VAL A 736 -14.29 -6.81 -0.20
N ASP A 737 -14.83 -5.62 0.02
CA ASP A 737 -14.80 -4.56 -0.98
C ASP A 737 -13.41 -3.91 -0.85
N CYS A 738 -12.50 -4.32 -1.73
CA CYS A 738 -11.12 -3.86 -1.61
C CYS A 738 -10.99 -2.34 -1.72
N THR A 739 -11.84 -1.69 -2.52
CA THR A 739 -11.74 -0.25 -2.67
C THR A 739 -12.24 0.47 -1.43
N MET A 740 -13.41 0.07 -0.92
CA MET A 740 -13.94 0.74 0.27
C MET A 740 -13.09 0.44 1.49
N TYR A 741 -12.53 -0.78 1.58
CA TYR A 741 -11.67 -1.12 2.70
C TYR A 741 -10.42 -0.26 2.71
N ILE A 742 -9.74 -0.15 1.55
CA ILE A 742 -8.48 0.58 1.52
C ILE A 742 -8.72 2.09 1.59
N CYS A 743 -9.65 2.59 0.79
CA CYS A 743 -9.85 4.02 0.66
C CYS A 743 -11.29 4.45 0.96
N GLY A 744 -11.76 4.19 2.17
CA GLY A 744 -13.15 4.47 2.49
C GLY A 744 -13.56 5.93 2.42
N ASP A 745 -14.46 6.22 1.49
CA ASP A 745 -15.03 7.56 1.29
C ASP A 745 -13.95 8.62 1.10
N SER A 746 -12.89 8.28 0.36
CA SER A 746 -11.81 9.22 0.06
C SER A 746 -11.50 9.14 -1.42
N THR A 747 -11.77 10.24 -2.14
CA THR A 747 -11.49 10.24 -3.59
C THR A 747 -10.00 10.23 -3.86
N GLU A 748 -9.23 10.99 -3.06
CA GLU A 748 -7.78 11.07 -3.28
C GLU A 748 -7.12 9.72 -3.07
N CYS A 749 -7.55 9.00 -2.02
CA CYS A 749 -6.99 7.68 -1.78
C CYS A 749 -7.36 6.74 -2.91
N SER A 750 -8.61 6.79 -3.38
CA SER A 750 -9.02 5.92 -4.47
C SER A 750 -8.18 6.19 -5.73
N ASN A 751 -7.94 7.47 -6.02
CA ASN A 751 -7.14 7.80 -7.19
C ASN A 751 -5.71 7.30 -7.03
N LEU A 752 -5.18 7.32 -5.81
CA LEU A 752 -3.85 6.74 -5.62
C LEU A 752 -3.89 5.22 -5.74
N LEU A 753 -4.99 4.61 -5.27
CA LEU A 753 -5.17 3.17 -5.33
C LEU A 753 -5.21 2.68 -6.77
N LEU A 754 -5.73 3.51 -7.67
CA LEU A 754 -5.83 3.10 -9.08
C LEU A 754 -4.46 2.86 -9.69
N GLN A 755 -3.39 3.35 -9.05
CA GLN A 755 -2.04 3.17 -9.55
C GLN A 755 -1.50 1.77 -9.34
N TYR A 756 -2.22 0.92 -8.62
CA TYR A 756 -1.82 -0.46 -8.37
C TYR A 756 -2.49 -1.44 -9.31
N GLY A 757 -3.21 -0.95 -10.30
CA GLY A 757 -3.80 -1.80 -11.32
C GLY A 757 -4.85 -2.77 -10.80
N SER A 758 -4.65 -4.06 -11.11
CA SER A 758 -5.59 -5.12 -10.80
C SER A 758 -5.43 -5.74 -9.43
N PHE A 759 -4.53 -5.21 -8.58
CA PHE A 759 -4.34 -5.79 -7.25
C PHE A 759 -5.67 -5.89 -6.49
N CYS A 760 -6.56 -4.93 -6.69
CA CYS A 760 -7.84 -4.88 -6.01
C CYS A 760 -8.80 -5.93 -6.60
N THR A 761 -9.04 -5.84 -7.91
CA THR A 761 -10.03 -6.70 -8.53
C THR A 761 -9.61 -8.17 -8.53
N GLN A 762 -8.31 -8.48 -8.50
CA GLN A 762 -7.97 -9.89 -8.42
C GLN A 762 -8.23 -10.45 -7.04
N LEU A 763 -8.35 -9.59 -6.03
CA LEU A 763 -8.67 -10.09 -4.71
C LEU A 763 -10.17 -10.29 -4.63
N ASN A 764 -10.92 -9.41 -5.29
CA ASN A 764 -12.35 -9.62 -5.36
C ASN A 764 -12.65 -10.93 -6.11
N ARG A 765 -11.86 -11.21 -7.15
CA ARG A 765 -12.03 -12.44 -7.91
C ARG A 765 -11.70 -13.66 -7.06
N ALA A 766 -10.57 -13.63 -6.34
CA ALA A 766 -10.21 -14.79 -5.53
C ALA A 766 -11.27 -15.08 -4.47
N LEU A 767 -11.80 -14.03 -3.84
CA LEU A 767 -12.81 -14.24 -2.82
C LEU A 767 -14.11 -14.73 -3.45
N THR A 768 -14.43 -14.28 -4.65
CA THR A 768 -15.61 -14.81 -5.34
C THR A 768 -15.44 -16.29 -5.61
N GLY A 769 -14.25 -16.68 -6.09
CA GLY A 769 -13.99 -18.09 -6.35
C GLY A 769 -14.18 -18.95 -5.12
N ILE A 770 -13.69 -18.46 -3.97
CA ILE A 770 -13.88 -19.20 -2.73
C ILE A 770 -15.36 -19.30 -2.39
N ALA A 771 -16.07 -18.17 -2.46
CA ALA A 771 -17.48 -18.17 -2.11
C ALA A 771 -18.27 -19.15 -2.97
N VAL A 772 -17.92 -19.24 -4.25
CA VAL A 772 -18.61 -20.17 -5.14
C VAL A 772 -18.27 -21.61 -4.76
N GLU A 773 -16.99 -21.91 -4.54
CA GLU A 773 -16.69 -23.30 -4.23
C GLU A 773 -17.27 -23.72 -2.88
N GLN A 774 -17.59 -22.79 -1.98
CA GLN A 774 -18.23 -23.21 -0.73
C GLN A 774 -19.62 -23.78 -0.99
N ASP A 775 -20.30 -23.24 -2.00
CA ASP A 775 -21.61 -23.76 -2.34
C ASP A 775 -21.47 -25.03 -3.14
N LYS A 776 -20.41 -25.11 -3.95
CA LYS A 776 -20.17 -26.37 -4.64
C LYS A 776 -19.92 -27.48 -3.65
N ASN A 777 -19.15 -27.20 -2.58
CA ASN A 777 -18.86 -28.21 -1.57
C ASN A 777 -20.14 -28.64 -0.86
N THR A 778 -21.00 -27.68 -0.50
CA THR A 778 -22.24 -28.05 0.17
C THR A 778 -23.10 -28.91 -0.75
N GLN A 779 -23.17 -28.53 -2.02
CA GLN A 779 -24.01 -29.23 -2.98
C GLN A 779 -23.50 -30.66 -3.17
N GLU A 780 -22.17 -30.82 -3.28
CA GLU A 780 -21.60 -32.15 -3.46
C GLU A 780 -21.78 -33.04 -2.24
N VAL A 781 -21.76 -32.45 -1.04
CA VAL A 781 -21.92 -33.29 0.15
C VAL A 781 -23.37 -33.70 0.36
N PHE A 782 -24.30 -32.76 0.28
CA PHE A 782 -25.68 -33.08 0.65
C PHE A 782 -26.58 -33.39 -0.54
N ALA A 783 -26.42 -32.73 -1.67
CA ALA A 783 -27.36 -32.90 -2.78
C ALA A 783 -26.96 -34.07 -3.68
N GLN A 784 -26.96 -35.26 -3.09
CA GLN A 784 -26.63 -36.47 -3.84
C GLN A 784 -27.85 -37.31 -4.16
N VAL A 785 -29.05 -36.87 -3.79
CA VAL A 785 -30.27 -37.62 -4.03
C VAL A 785 -31.19 -36.81 -4.93
N LYS A 786 -31.67 -37.45 -5.99
CA LYS A 786 -32.50 -36.79 -6.99
C LYS A 786 -33.92 -36.51 -6.50
N GLN A 787 -34.39 -37.19 -5.47
CA GLN A 787 -35.76 -37.03 -5.00
C GLN A 787 -35.80 -36.88 -3.48
N ILE A 788 -36.88 -36.27 -3.00
CA ILE A 788 -37.10 -36.08 -1.58
C ILE A 788 -37.98 -37.22 -1.05
N TYR A 789 -37.35 -38.13 -0.31
CA TYR A 789 -38.02 -39.29 0.26
C TYR A 789 -38.55 -38.96 1.65
N LYS A 790 -39.61 -39.67 2.05
CA LYS A 790 -40.15 -39.50 3.39
C LYS A 790 -40.53 -40.85 3.97
N THR A 791 -40.41 -40.97 5.29
CA THR A 791 -40.73 -42.19 6.00
C THR A 791 -42.24 -42.40 6.06
N PRO A 792 -42.68 -43.64 6.25
CA PRO A 792 -44.11 -43.91 6.44
C PRO A 792 -44.57 -43.39 7.78
N PRO A 793 -45.87 -43.16 7.95
CA PRO A 793 -46.39 -42.75 9.26
C PRO A 793 -46.23 -43.79 10.35
N ILE A 794 -46.06 -45.06 10.01
CA ILE A 794 -45.91 -46.14 11.00
C ILE A 794 -44.46 -46.56 11.06
N LYS A 795 -43.85 -46.38 12.23
CA LYS A 795 -42.42 -46.66 12.41
C LYS A 795 -42.21 -48.12 12.84
N ASP A 796 -42.63 -49.02 11.96
CA ASP A 796 -42.53 -50.46 12.20
C ASP A 796 -41.20 -51.00 11.67
N PHE A 797 -40.12 -50.61 12.34
CA PHE A 797 -38.78 -50.95 11.89
C PHE A 797 -38.15 -52.09 12.70
N GLY A 798 -38.96 -53.05 13.16
CA GLY A 798 -38.38 -54.22 13.76
C GLY A 798 -37.77 -54.01 15.13
N GLY A 799 -38.19 -52.97 15.84
CA GLY A 799 -37.64 -52.67 17.14
C GLY A 799 -36.55 -51.61 17.13
N PHE A 800 -36.11 -51.18 15.95
CA PHE A 800 -35.08 -50.16 15.84
C PHE A 800 -35.75 -48.80 15.97
N ASN A 801 -35.33 -48.02 16.97
CA ASN A 801 -35.93 -46.72 17.23
C ASN A 801 -35.12 -45.61 16.56
N PHE A 802 -35.75 -44.92 15.61
CA PHE A 802 -35.11 -43.84 14.87
C PHE A 802 -35.73 -42.49 15.17
N SER A 803 -36.54 -42.40 16.24
CA SER A 803 -37.26 -41.17 16.51
C SER A 803 -36.32 -40.01 16.83
N GLN A 804 -35.07 -40.33 17.19
CA GLN A 804 -34.11 -39.30 17.57
C GLN A 804 -33.26 -38.81 16.42
N ILE A 805 -33.36 -39.44 15.24
CA ILE A 805 -32.62 -38.99 14.07
C ILE A 805 -33.53 -38.57 12.93
N LEU A 806 -34.81 -38.93 12.94
CA LEU A 806 -35.76 -38.50 11.93
C LEU A 806 -36.30 -37.11 12.26
N PRO A 807 -36.73 -36.35 11.24
CA PRO A 807 -37.28 -35.02 11.46
C PRO A 807 -38.44 -35.01 12.45
N ASP A 808 -38.50 -33.96 13.26
CA ASP A 808 -39.58 -33.76 14.21
C ASP A 808 -40.58 -32.80 13.59
N PRO A 809 -41.77 -33.27 13.17
CA PRO A 809 -42.72 -32.38 12.48
C PRO A 809 -43.18 -31.19 13.29
N SER A 810 -42.97 -31.19 14.61
CA SER A 810 -43.47 -30.12 15.46
C SER A 810 -42.55 -28.90 15.52
N LYS A 811 -41.36 -28.96 14.93
CA LYS A 811 -40.45 -27.84 15.02
C LYS A 811 -40.67 -26.86 13.87
N PRO A 812 -40.31 -25.59 14.07
CA PRO A 812 -40.40 -24.62 12.97
C PRO A 812 -39.49 -24.94 11.80
N SER A 813 -38.50 -25.79 12.01
CA SER A 813 -37.59 -26.26 10.96
C SER A 813 -37.47 -27.76 11.16
N LYS A 814 -37.77 -28.53 10.12
CA LYS A 814 -37.91 -29.97 10.27
C LYS A 814 -36.52 -30.60 10.40
N ARG A 815 -35.94 -30.43 11.57
CA ARG A 815 -34.66 -31.01 11.94
C ARG A 815 -34.89 -32.11 12.96
N SER A 816 -33.94 -33.03 13.05
CA SER A 816 -34.06 -34.09 14.04
C SER A 816 -33.65 -33.58 15.42
N PHE A 817 -33.95 -34.38 16.43
CA PHE A 817 -33.56 -34.05 17.80
C PHE A 817 -32.04 -33.88 17.89
N ILE A 818 -31.29 -34.83 17.34
CA ILE A 818 -29.83 -34.74 17.38
C ILE A 818 -29.36 -33.51 16.62
N GLU A 819 -29.98 -33.22 15.48
CA GLU A 819 -29.60 -32.02 14.74
C GLU A 819 -29.82 -30.78 15.60
N ASP A 820 -30.94 -30.73 16.33
CA ASP A 820 -31.16 -29.60 17.23
C ASP A 820 -30.05 -29.52 18.27
N LEU A 821 -29.60 -30.67 18.76
CA LEU A 821 -28.50 -30.65 19.73
C LEU A 821 -27.24 -30.10 19.11
N LEU A 822 -26.99 -30.46 17.85
CA LEU A 822 -25.76 -30.03 17.18
C LEU A 822 -25.78 -28.52 16.92
N PHE A 823 -26.94 -27.98 16.53
CA PHE A 823 -27.03 -26.55 16.26
C PHE A 823 -26.91 -25.73 17.55
N ASN A 824 -27.22 -26.32 18.70
CA ASN A 824 -27.15 -25.62 19.98
C ASN A 824 -25.77 -25.69 20.61
N LYS A 825 -24.79 -26.32 19.96
CA LYS A 825 -23.43 -26.39 20.49
C LYS A 825 -22.44 -25.52 19.73
N VAL A 826 -22.63 -25.34 18.44
CA VAL A 826 -21.77 -24.48 17.65
C VAL A 826 -22.36 -23.08 17.65
N THR A 827 -21.54 -22.08 17.99
CA THR A 827 -22.02 -20.71 18.09
C THR A 827 -21.34 -19.80 17.07
N LYS A 854 -17.35 -5.41 9.21
CA LYS A 854 -18.54 -4.81 9.79
C LYS A 854 -19.06 -3.71 8.87
N PHE A 855 -18.50 -2.50 9.00
CA PHE A 855 -18.84 -1.40 8.11
C PHE A 855 -17.62 -0.91 7.32
N ASN A 856 -16.63 -1.79 7.14
CA ASN A 856 -15.40 -1.47 6.44
C ASN A 856 -15.30 -2.18 5.09
N GLY A 857 -16.44 -2.56 4.51
CA GLY A 857 -16.46 -3.25 3.25
C GLY A 857 -16.39 -4.75 3.38
N LEU A 858 -16.43 -5.26 4.60
CA LEU A 858 -16.34 -6.69 4.88
C LEU A 858 -17.76 -7.21 5.11
N THR A 859 -18.20 -8.12 4.27
CA THR A 859 -19.54 -8.67 4.36
C THR A 859 -19.44 -10.18 4.36
N VAL A 860 -20.56 -10.81 4.73
CA VAL A 860 -20.68 -12.26 4.75
C VAL A 860 -21.85 -12.64 3.86
N LEU A 861 -21.61 -13.46 2.98
CA LEU A 861 -22.69 -13.86 2.11
C LEU A 861 -23.44 -15.03 2.73
N PRO A 862 -24.75 -15.13 2.51
CA PRO A 862 -25.48 -16.30 2.98
C PRO A 862 -25.14 -17.50 2.14
N PRO A 863 -25.29 -18.71 2.68
CA PRO A 863 -25.13 -19.89 1.84
C PRO A 863 -26.28 -20.01 0.86
N LEU A 864 -26.00 -20.71 -0.25
CA LEU A 864 -27.05 -20.94 -1.23
C LEU A 864 -28.11 -21.88 -0.68
N LEU A 865 -27.68 -22.92 0.04
CA LEU A 865 -28.60 -23.89 0.62
C LEU A 865 -28.80 -23.54 2.09
N THR A 866 -30.04 -23.20 2.45
CA THR A 866 -30.32 -22.80 3.82
C THR A 866 -30.33 -24.03 4.73
N ASP A 867 -30.29 -23.76 6.04
CA ASP A 867 -30.30 -24.86 7.00
C ASP A 867 -31.52 -25.75 6.84
N GLU A 868 -32.67 -25.16 6.51
CA GLU A 868 -33.87 -25.97 6.29
C GLU A 868 -33.68 -26.91 5.10
N MET A 869 -33.05 -26.42 4.03
CA MET A 869 -32.85 -27.26 2.86
C MET A 869 -31.85 -28.36 3.15
N ILE A 870 -30.83 -28.06 3.97
CA ILE A 870 -29.87 -29.09 4.33
C ILE A 870 -30.56 -30.15 5.17
N ALA A 871 -31.39 -29.73 6.12
CA ALA A 871 -32.13 -30.69 6.93
C ALA A 871 -33.03 -31.55 6.06
N GLN A 872 -33.66 -30.96 5.05
CA GLN A 872 -34.50 -31.75 4.15
C GLN A 872 -33.67 -32.75 3.35
N TYR A 873 -32.46 -32.36 2.93
CA TYR A 873 -31.63 -33.31 2.20
C TYR A 873 -31.18 -34.45 3.10
N THR A 874 -30.81 -34.14 4.35
CA THR A 874 -30.40 -35.22 5.23
C THR A 874 -31.59 -36.10 5.59
N SER A 875 -32.79 -35.51 5.64
CA SER A 875 -33.99 -36.29 5.86
C SER A 875 -34.24 -37.24 4.71
N ALA A 876 -34.09 -36.75 3.48
CA ALA A 876 -34.30 -37.61 2.32
C ALA A 876 -33.29 -38.74 2.30
N LEU A 877 -32.03 -38.45 2.62
CA LEU A 877 -31.02 -39.50 2.60
C LEU A 877 -31.26 -40.52 3.71
N LEU A 878 -31.68 -40.06 4.88
CA LEU A 878 -31.94 -40.97 5.98
C LEU A 878 -33.15 -41.84 5.70
N ALA A 879 -34.23 -41.24 5.18
CA ALA A 879 -35.42 -42.02 4.86
C ALA A 879 -35.12 -43.04 3.78
N GLY A 880 -34.29 -42.66 2.80
CA GLY A 880 -33.91 -43.61 1.77
C GLY A 880 -33.13 -44.76 2.34
N THR A 881 -32.10 -44.46 3.15
CA THR A 881 -31.29 -45.51 3.74
C THR A 881 -32.14 -46.47 4.56
N ILE A 882 -33.08 -45.93 5.36
CA ILE A 882 -33.88 -46.78 6.23
C ILE A 882 -34.87 -47.64 5.44
N THR A 883 -35.55 -47.07 4.45
CA THR A 883 -36.61 -47.83 3.79
C THR A 883 -36.18 -48.61 2.55
N SER A 884 -35.04 -48.28 1.94
CA SER A 884 -34.64 -48.95 0.71
C SER A 884 -33.20 -49.45 0.68
N GLY A 885 -32.49 -49.39 1.81
CA GLY A 885 -31.11 -49.85 1.82
C GLY A 885 -30.24 -49.05 0.88
N TRP A 886 -29.49 -49.74 0.03
CA TRP A 886 -28.60 -49.08 -0.91
C TRP A 886 -29.23 -48.88 -2.28
N THR A 887 -30.47 -49.32 -2.47
CA THR A 887 -31.05 -49.29 -3.81
C THR A 887 -31.35 -47.87 -4.27
N PHE A 888 -31.64 -46.96 -3.33
CA PHE A 888 -31.92 -45.59 -3.74
C PHE A 888 -30.67 -44.87 -4.21
N GLY A 889 -29.49 -45.32 -3.78
CA GLY A 889 -28.26 -44.71 -4.21
C GLY A 889 -27.93 -45.10 -5.64
N ALA A 890 -28.05 -46.40 -5.94
CA ALA A 890 -27.73 -46.87 -7.28
C ALA A 890 -28.78 -46.45 -8.28
N GLY A 891 -30.05 -46.49 -7.90
CA GLY A 891 -31.13 -46.21 -8.82
C GLY A 891 -32.40 -45.78 -8.11
N ALA A 892 -33.44 -46.58 -8.24
CA ALA A 892 -34.72 -46.31 -7.61
C ALA A 892 -34.71 -46.85 -6.18
N ALA A 893 -35.51 -46.22 -5.32
CA ALA A 893 -35.66 -46.68 -3.95
C ALA A 893 -36.59 -47.88 -3.93
N LEU A 894 -36.04 -49.04 -3.60
CA LEU A 894 -36.77 -50.30 -3.59
C LEU A 894 -37.10 -50.66 -2.15
N GLN A 895 -38.38 -50.65 -1.80
CA GLN A 895 -38.76 -50.88 -0.42
C GLN A 895 -38.31 -52.26 0.04
N ILE A 896 -37.86 -52.34 1.28
CA ILE A 896 -37.49 -53.62 1.88
C ILE A 896 -37.70 -53.57 3.39
N PRO A 897 -38.19 -54.65 4.00
CA PRO A 897 -38.29 -54.67 5.47
C PRO A 897 -36.92 -54.38 6.09
N PHE A 898 -36.94 -53.59 7.18
CA PHE A 898 -35.68 -53.18 7.78
C PHE A 898 -34.86 -54.37 8.26
N ALA A 899 -35.53 -55.37 8.84
CA ALA A 899 -34.80 -56.54 9.32
C ALA A 899 -34.06 -57.24 8.19
N MET A 900 -34.67 -57.27 7.00
CA MET A 900 -34.00 -57.90 5.86
C MET A 900 -32.82 -57.05 5.41
N GLN A 901 -32.96 -55.72 5.46
CA GLN A 901 -31.83 -54.87 5.12
C GLN A 901 -30.66 -55.16 6.04
N MET A 902 -30.94 -55.28 7.34
CA MET A 902 -29.86 -55.62 8.27
C MET A 902 -29.33 -57.01 7.99
N ALA A 903 -30.17 -57.93 7.54
CA ALA A 903 -29.68 -59.26 7.22
C ALA A 903 -28.66 -59.19 6.10
N TYR A 904 -28.89 -58.30 5.12
CA TYR A 904 -27.92 -58.19 4.05
C TYR A 904 -26.65 -57.55 4.58
N ARG A 905 -26.81 -56.54 5.42
CA ARG A 905 -25.66 -55.85 5.99
C ARG A 905 -24.80 -56.81 6.80
N PHE A 906 -25.44 -57.76 7.48
CA PHE A 906 -24.71 -58.78 8.23
C PHE A 906 -24.01 -59.75 7.31
N ASN A 907 -24.68 -60.19 6.24
CA ASN A 907 -23.97 -61.06 5.30
C ASN A 907 -22.75 -60.35 4.74
N GLY A 908 -22.84 -59.04 4.55
CA GLY A 908 -21.73 -58.29 4.00
C GLY A 908 -20.49 -58.25 4.89
N ILE A 909 -20.62 -58.60 6.16
CA ILE A 909 -19.47 -58.61 7.07
C ILE A 909 -19.12 -60.03 7.51
N GLY A 910 -19.66 -61.04 6.85
CA GLY A 910 -19.32 -62.41 7.16
C GLY A 910 -20.03 -63.02 8.35
N VAL A 911 -21.21 -62.51 8.69
CA VAL A 911 -22.01 -63.08 9.78
C VAL A 911 -23.34 -63.50 9.19
N THR A 912 -23.65 -64.79 9.31
CA THR A 912 -24.85 -65.34 8.70
C THR A 912 -26.11 -64.66 9.25
N GLN A 913 -27.05 -64.36 8.36
CA GLN A 913 -28.27 -63.63 8.72
C GLN A 913 -29.06 -64.26 9.86
N ASN A 914 -28.88 -65.56 10.12
CA ASN A 914 -29.68 -66.14 11.20
C ASN A 914 -29.25 -65.56 12.54
N VAL A 915 -28.03 -65.04 12.62
CA VAL A 915 -27.58 -64.42 13.86
C VAL A 915 -28.42 -63.20 14.13
N LEU A 916 -28.64 -62.40 13.08
CA LEU A 916 -29.49 -61.22 13.21
C LEU A 916 -30.91 -61.61 13.59
N TYR A 917 -31.50 -62.59 12.89
CA TYR A 917 -32.89 -62.87 13.17
C TYR A 917 -33.09 -63.47 14.56
N GLU A 918 -32.19 -64.35 14.98
CA GLU A 918 -32.33 -64.94 16.30
C GLU A 918 -32.13 -63.93 17.42
N ASN A 919 -31.27 -62.92 17.21
CA ASN A 919 -30.98 -61.91 18.22
C ASN A 919 -31.55 -60.54 17.88
N GLN A 920 -32.60 -60.46 17.06
CA GLN A 920 -33.10 -59.16 16.62
C GLN A 920 -33.48 -58.26 17.78
N LYS A 921 -34.08 -58.82 18.84
CA LYS A 921 -34.48 -57.97 19.96
C LYS A 921 -33.27 -57.44 20.70
N LEU A 922 -32.25 -58.28 20.88
CA LEU A 922 -31.04 -57.84 21.58
C LEU A 922 -30.33 -56.76 20.77
N ILE A 923 -30.22 -56.97 19.45
CA ILE A 923 -29.52 -56.01 18.60
C ILE A 923 -30.27 -54.68 18.60
N ALA A 924 -31.59 -54.72 18.49
CA ALA A 924 -32.36 -53.48 18.51
C ALA A 924 -32.19 -52.76 19.85
N ASN A 925 -32.14 -53.50 20.95
CA ASN A 925 -31.98 -52.86 22.24
C ASN A 925 -30.59 -52.23 22.37
N GLN A 926 -29.57 -52.91 21.85
CA GLN A 926 -28.23 -52.35 21.91
C GLN A 926 -28.13 -51.11 21.04
N PHE A 927 -28.79 -51.13 19.88
CA PHE A 927 -28.81 -49.96 19.01
C PHE A 927 -29.46 -48.78 19.72
N ASN A 928 -30.62 -49.02 20.33
CA ASN A 928 -31.34 -47.92 20.99
C ASN A 928 -30.51 -47.36 22.14
N SER A 929 -29.80 -48.23 22.86
CA SER A 929 -28.97 -47.74 23.95
C SER A 929 -27.79 -46.94 23.41
N ALA A 930 -27.20 -47.40 22.30
CA ALA A 930 -26.10 -46.66 21.71
C ALA A 930 -26.54 -45.27 21.28
N ILE A 931 -27.75 -45.16 20.72
CA ILE A 931 -28.25 -43.85 20.32
C ILE A 931 -28.46 -42.96 21.54
N GLY A 932 -29.04 -43.53 22.61
CA GLY A 932 -29.21 -42.73 23.81
C GLY A 932 -27.87 -42.24 24.35
N LYS A 933 -26.84 -43.08 24.25
CA LYS A 933 -25.51 -42.65 24.69
C LYS A 933 -24.97 -41.56 23.80
N ILE A 934 -25.27 -41.61 22.50
CA ILE A 934 -24.82 -40.56 21.59
C ILE A 934 -25.46 -39.24 22.00
N GLN A 935 -26.75 -39.28 22.32
CA GLN A 935 -27.42 -38.04 22.73
C GLN A 935 -26.81 -37.51 24.02
N ASP A 936 -26.51 -38.39 24.97
CA ASP A 936 -25.93 -37.93 26.23
C ASP A 936 -24.55 -37.33 26.01
N SER A 937 -23.78 -37.91 25.10
CA SER A 937 -22.45 -37.39 24.82
C SER A 937 -22.55 -36.01 24.17
N LEU A 938 -23.38 -35.88 23.13
CA LEU A 938 -23.46 -34.58 22.46
C LEU A 938 -24.06 -33.55 23.40
N SER A 939 -24.98 -33.96 24.27
CA SER A 939 -25.65 -33.04 25.19
C SER A 939 -24.77 -32.66 26.37
N SER A 940 -23.66 -33.36 26.60
CA SER A 940 -22.83 -33.10 27.77
C SER A 940 -21.38 -32.76 27.46
N THR A 941 -20.85 -33.16 26.31
CA THR A 941 -19.44 -32.91 25.99
C THR A 941 -19.36 -31.81 24.94
N ALA A 942 -19.06 -30.59 25.38
CA ALA A 942 -19.03 -29.45 24.46
C ALA A 942 -17.93 -29.61 23.41
N SER A 943 -16.80 -30.21 23.79
CA SER A 943 -15.65 -30.38 22.91
C SER A 943 -15.91 -31.33 21.75
N ALA A 944 -17.03 -32.06 21.77
CA ALA A 944 -17.30 -33.04 20.72
C ALA A 944 -17.33 -32.40 19.33
N LEU A 945 -17.74 -31.14 19.23
CA LEU A 945 -17.85 -30.50 17.93
C LEU A 945 -16.71 -29.51 17.69
N GLY A 946 -15.58 -29.70 18.38
CA GLY A 946 -14.48 -28.77 18.24
C GLY A 946 -14.00 -28.59 16.81
N LYS A 947 -14.07 -29.64 16.01
CA LYS A 947 -13.59 -29.54 14.62
C LYS A 947 -14.39 -28.52 13.85
N LEU A 948 -15.65 -28.32 14.21
CA LEU A 948 -16.45 -27.33 13.52
C LEU A 948 -16.37 -25.99 14.22
N GLN A 949 -16.26 -25.99 15.55
CA GLN A 949 -16.19 -24.71 16.25
C GLN A 949 -14.90 -23.99 15.91
N ASP A 950 -13.83 -24.76 15.70
CA ASP A 950 -12.56 -24.16 15.35
C ASP A 950 -12.68 -23.49 13.99
N VAL A 951 -13.47 -24.07 13.08
CA VAL A 951 -13.59 -23.44 11.78
C VAL A 951 -14.28 -22.10 11.93
N VAL A 952 -15.34 -22.05 12.72
CA VAL A 952 -16.01 -20.76 12.92
C VAL A 952 -15.03 -19.79 13.55
N ASN A 953 -14.27 -20.27 14.54
CA ASN A 953 -13.35 -19.38 15.21
C ASN A 953 -12.27 -18.91 14.27
N GLN A 954 -11.80 -19.79 13.38
CA GLN A 954 -10.74 -19.36 12.49
C GLN A 954 -11.24 -18.25 11.57
N ASN A 955 -12.48 -18.35 11.09
CA ASN A 955 -12.91 -17.30 10.20
C ASN A 955 -13.15 -16.02 10.97
N ALA A 956 -13.67 -16.14 12.20
CA ALA A 956 -13.85 -14.94 12.99
C ALA A 956 -12.51 -14.31 13.29
N GLN A 957 -11.51 -15.15 13.58
CA GLN A 957 -10.20 -14.59 13.88
C GLN A 957 -9.63 -13.89 12.67
N ALA A 958 -9.82 -14.48 11.50
CA ALA A 958 -9.29 -13.85 10.30
C ALA A 958 -9.93 -12.50 10.08
N LEU A 959 -11.25 -12.42 10.29
CA LEU A 959 -11.88 -11.13 10.05
C LEU A 959 -11.46 -10.13 11.10
N ASN A 960 -11.31 -10.58 12.36
CA ASN A 960 -10.91 -9.61 13.36
C ASN A 960 -9.50 -9.11 13.07
N THR A 961 -8.63 -9.98 12.56
CA THR A 961 -7.30 -9.50 12.25
C THR A 961 -7.38 -8.45 11.15
N LEU A 962 -8.18 -8.71 10.13
CA LEU A 962 -8.29 -7.76 9.04
C LEU A 962 -8.79 -6.43 9.57
N VAL A 963 -9.80 -6.48 10.45
CA VAL A 963 -10.32 -5.23 10.98
C VAL A 963 -9.27 -4.55 11.84
N LYS A 964 -8.57 -5.33 12.67
CA LYS A 964 -7.55 -4.71 13.51
C LYS A 964 -6.47 -4.07 12.65
N GLN A 965 -6.22 -4.61 11.46
CA GLN A 965 -5.20 -4.01 10.62
C GLN A 965 -5.50 -2.57 10.26
N LEU A 966 -6.78 -2.15 10.33
CA LEU A 966 -7.08 -0.76 10.01
C LEU A 966 -6.51 0.20 11.05
N SER A 967 -6.22 -0.28 12.25
CA SER A 967 -5.68 0.58 13.30
C SER A 967 -4.18 0.78 13.19
N SER A 968 -3.51 0.07 12.29
CA SER A 968 -2.05 0.17 12.18
C SER A 968 -1.67 1.39 11.36
N ASN A 969 -0.51 1.96 11.69
CA ASN A 969 0.00 3.14 11.01
C ASN A 969 0.78 2.79 9.75
N PHE A 970 1.50 1.67 9.75
CA PHE A 970 2.34 1.26 8.62
C PHE A 970 3.36 2.34 8.26
N GLY A 971 3.75 3.16 9.22
CA GLY A 971 4.72 4.21 9.01
C GLY A 971 4.12 5.59 8.80
N ALA A 972 2.80 5.68 8.66
CA ALA A 972 2.15 6.96 8.49
C ALA A 972 2.05 7.71 9.81
N ILE A 973 1.84 9.03 9.71
CA ILE A 973 1.66 9.83 10.91
C ILE A 973 0.38 9.48 11.65
N SER A 974 -0.61 8.90 10.97
CA SER A 974 -1.85 8.53 11.63
C SER A 974 -2.54 7.43 10.83
N SER A 975 -3.19 6.51 11.54
CA SER A 975 -3.95 5.45 10.89
C SER A 975 -5.28 5.95 10.31
N VAL A 976 -5.75 7.11 10.74
CA VAL A 976 -7.04 7.63 10.28
C VAL A 976 -6.83 8.45 9.02
N LEU A 977 -7.42 7.99 7.92
CA LEU A 977 -7.21 8.63 6.63
C LEU A 977 -7.76 10.06 6.62
N ASN A 978 -8.91 10.28 7.28
CA ASN A 978 -9.49 11.60 7.30
C ASN A 978 -8.64 12.59 8.10
N ASP A 979 -7.90 12.09 9.09
CA ASP A 979 -7.05 13.00 9.86
C ASP A 979 -5.83 13.41 9.05
N ILE A 980 -5.37 12.55 8.15
CA ILE A 980 -4.29 12.92 7.25
C ILE A 980 -4.79 13.92 6.22
N LEU A 981 -5.94 13.64 5.60
CA LEU A 981 -6.43 14.52 4.54
C LEU A 981 -6.78 15.90 5.07
N SER A 982 -7.27 15.98 6.31
CA SER A 982 -7.64 17.27 6.89
C SER A 982 -6.47 18.08 7.40
N ARG A 983 -5.26 17.50 7.42
CA ARG A 983 -4.10 18.19 7.97
C ARG A 983 -2.98 18.48 6.98
N LEU A 984 -2.76 17.63 5.98
CA LEU A 984 -1.65 17.81 5.06
C LEU A 984 -2.11 18.16 3.65
N ASP A 985 -1.33 19.01 2.99
CA ASP A 985 -1.50 19.32 1.59
C ASP A 985 -1.14 18.10 0.72
N PRO A 986 -1.75 18.01 -0.46
CA PRO A 986 -1.52 16.87 -1.38
C PRO A 986 -0.06 16.42 -1.47
N PRO A 987 0.93 17.33 -1.60
CA PRO A 987 2.31 16.84 -1.76
C PRO A 987 2.81 15.95 -0.63
N GLU A 988 2.22 16.03 0.56
CA GLU A 988 2.62 15.19 1.68
C GLU A 988 1.55 14.16 2.00
N ALA A 989 0.29 14.53 1.79
CA ALA A 989 -0.79 13.60 2.06
C ALA A 989 -0.70 12.43 1.13
N GLU A 990 -0.28 12.66 -0.12
CA GLU A 990 -0.18 11.54 -1.07
C GLU A 990 0.87 10.54 -0.62
N VAL A 991 1.94 11.01 0.00
CA VAL A 991 2.97 10.10 0.50
C VAL A 991 2.43 9.29 1.67
N GLN A 992 1.75 9.97 2.60
CA GLN A 992 1.23 9.25 3.76
C GLN A 992 0.15 8.25 3.33
N ILE A 993 -0.64 8.63 2.33
CA ILE A 993 -1.68 7.75 1.83
C ILE A 993 -1.06 6.56 1.12
N ASP A 994 -0.02 6.80 0.31
CA ASP A 994 0.65 5.68 -0.35
C ASP A 994 1.18 4.70 0.68
N ARG A 995 1.66 5.20 1.82
CA ARG A 995 2.14 4.29 2.87
C ARG A 995 0.98 3.47 3.43
N LEU A 996 -0.17 4.11 3.64
CA LEU A 996 -1.30 3.36 4.18
C LEU A 996 -1.86 2.39 3.17
N ILE A 997 -1.87 2.78 1.88
CA ILE A 997 -2.37 1.90 0.84
C ILE A 997 -1.48 0.67 0.75
N THR A 998 -0.16 0.86 0.80
CA THR A 998 0.73 -0.28 0.74
C THR A 998 0.49 -1.22 1.90
N GLY A 999 0.35 -0.66 3.11
CA GLY A 999 0.14 -1.52 4.26
C GLY A 999 -1.19 -2.27 4.20
N ARG A 1000 -2.25 -1.58 3.80
CA ARG A 1000 -3.56 -2.22 3.78
C ARG A 1000 -3.69 -3.20 2.63
N LEU A 1001 -3.04 -2.92 1.50
CA LEU A 1001 -3.07 -3.85 0.39
C LEU A 1001 -2.31 -5.12 0.75
N GLN A 1002 -1.16 -4.97 1.42
CA GLN A 1002 -0.44 -6.16 1.85
C GLN A 1002 -1.28 -6.96 2.85
N SER A 1003 -2.01 -6.26 3.72
CA SER A 1003 -2.87 -6.94 4.68
C SER A 1003 -3.97 -7.73 3.98
N LEU A 1004 -4.60 -7.11 2.96
CA LEU A 1004 -5.62 -7.83 2.21
C LEU A 1004 -5.03 -9.03 1.48
N GLN A 1005 -3.85 -8.87 0.89
CA GLN A 1005 -3.26 -10.00 0.18
C GLN A 1005 -3.00 -11.15 1.14
N THR A 1006 -2.53 -10.83 2.35
CA THR A 1006 -2.31 -11.89 3.34
C THR A 1006 -3.61 -12.57 3.72
N TYR A 1007 -4.66 -11.77 3.95
CA TYR A 1007 -5.96 -12.35 4.29
C TYR A 1007 -6.45 -13.27 3.19
N VAL A 1008 -6.40 -12.80 1.93
CA VAL A 1008 -6.92 -13.60 0.84
C VAL A 1008 -6.11 -14.88 0.69
N THR A 1009 -4.78 -14.79 0.82
CA THR A 1009 -3.95 -16.00 0.74
C THR A 1009 -4.33 -16.99 1.83
N GLN A 1010 -4.54 -16.51 3.05
CA GLN A 1010 -4.92 -17.41 4.13
C GLN A 1010 -6.27 -18.04 3.85
N GLN A 1011 -7.18 -17.27 3.25
CA GLN A 1011 -8.49 -17.82 2.91
C GLN A 1011 -8.40 -18.85 1.82
N LEU A 1012 -7.49 -18.65 0.85
CA LEU A 1012 -7.34 -19.63 -0.22
C LEU A 1012 -6.76 -20.93 0.30
N ILE A 1013 -5.79 -20.85 1.21
CA ILE A 1013 -5.22 -22.07 1.75
C ILE A 1013 -6.22 -22.80 2.64
N ARG A 1014 -6.91 -22.06 3.51
CA ARG A 1014 -7.92 -22.68 4.35
C ARG A 1014 -9.05 -23.25 3.51
N ALA A 1015 -9.44 -22.55 2.44
CA ALA A 1015 -10.47 -23.05 1.55
C ALA A 1015 -10.04 -24.34 0.88
N ALA A 1016 -8.75 -24.45 0.51
CA ALA A 1016 -8.30 -25.70 -0.08
C ALA A 1016 -8.39 -26.83 0.92
N GLU A 1017 -8.06 -26.55 2.18
CA GLU A 1017 -8.19 -27.59 3.21
C GLU A 1017 -9.65 -27.98 3.40
N ILE A 1018 -10.55 -27.00 3.43
CA ILE A 1018 -11.97 -27.28 3.59
C ILE A 1018 -12.49 -28.06 2.39
N ARG A 1019 -12.03 -27.73 1.18
CA ARG A 1019 -12.45 -28.47 0.01
C ARG A 1019 -12.02 -29.92 0.09
N ALA A 1020 -10.79 -30.17 0.53
CA ALA A 1020 -10.34 -31.55 0.69
C ALA A 1020 -11.20 -32.28 1.72
N SER A 1021 -11.56 -31.60 2.81
CA SER A 1021 -12.42 -32.21 3.82
C SER A 1021 -13.80 -32.49 3.25
N ALA A 1022 -14.35 -31.56 2.47
CA ALA A 1022 -15.65 -31.76 1.86
C ALA A 1022 -15.63 -32.93 0.90
N ASN A 1023 -14.52 -33.10 0.16
CA ASN A 1023 -14.43 -34.23 -0.74
C ASN A 1023 -14.40 -35.53 0.05
N LEU A 1024 -13.70 -35.52 1.18
CA LEU A 1024 -13.69 -36.72 2.03
C LEU A 1024 -15.09 -37.01 2.56
N ALA A 1025 -15.80 -35.96 2.99
CA ALA A 1025 -17.16 -36.15 3.48
C ALA A 1025 -18.07 -36.69 2.40
N ALA A 1026 -17.92 -36.21 1.16
CA ALA A 1026 -18.74 -36.71 0.07
C ALA A 1026 -18.43 -38.16 -0.23
N THR A 1027 -17.14 -38.52 -0.16
CA THR A 1027 -16.76 -39.91 -0.37
C THR A 1027 -17.38 -40.80 0.69
N LYS A 1028 -17.32 -40.37 1.96
CA LYS A 1028 -17.94 -41.15 3.02
C LYS A 1028 -19.44 -41.24 2.82
N MET A 1029 -20.08 -40.13 2.44
CA MET A 1029 -21.52 -40.15 2.23
C MET A 1029 -21.89 -41.19 1.18
N SER A 1030 -21.18 -41.20 0.05
CA SER A 1030 -21.50 -42.13 -1.02
C SER A 1030 -21.17 -43.56 -0.65
N GLU A 1031 -20.01 -43.81 -0.05
CA GLU A 1031 -19.53 -45.16 0.20
C GLU A 1031 -19.78 -45.63 1.62
N CYS A 1032 -20.65 -44.93 2.36
CA CYS A 1032 -20.86 -45.23 3.76
C CYS A 1032 -22.34 -45.20 4.09
N VAL A 1033 -23.01 -44.11 3.68
CA VAL A 1033 -24.44 -43.97 3.93
C VAL A 1033 -25.25 -44.65 2.84
N LEU A 1034 -24.92 -44.37 1.57
CA LEU A 1034 -25.68 -44.92 0.46
C LEU A 1034 -25.38 -46.38 0.20
N GLY A 1035 -24.21 -46.87 0.60
CA GLY A 1035 -23.82 -48.24 0.39
C GLY A 1035 -23.42 -48.90 1.68
N GLN A 1036 -22.44 -49.80 1.56
CA GLN A 1036 -21.82 -50.48 2.69
C GLN A 1036 -20.33 -50.55 2.44
N SER A 1037 -19.55 -50.13 3.42
CA SER A 1037 -18.11 -50.01 3.26
C SER A 1037 -17.39 -51.26 3.71
N LYS A 1038 -16.54 -51.79 2.84
CA LYS A 1038 -15.65 -52.91 3.15
C LYS A 1038 -14.28 -52.41 3.58
N ARG A 1039 -14.09 -51.09 3.57
CA ARG A 1039 -12.81 -50.48 3.92
C ARG A 1039 -12.68 -50.40 5.44
N VAL A 1040 -11.62 -50.99 5.97
CA VAL A 1040 -11.44 -51.08 7.42
C VAL A 1040 -11.19 -49.71 8.01
N ASP A 1041 -11.92 -49.38 9.06
CA ASP A 1041 -11.85 -48.11 9.78
C ASP A 1041 -12.11 -46.89 8.90
N PHE A 1042 -12.67 -47.09 7.72
CA PHE A 1042 -13.09 -45.95 6.92
C PHE A 1042 -14.34 -45.32 7.53
N CYS A 1043 -15.25 -46.15 8.02
CA CYS A 1043 -16.51 -45.74 8.62
C CYS A 1043 -16.60 -46.18 10.08
N GLY A 1044 -15.57 -45.86 10.86
CA GLY A 1044 -15.53 -46.18 12.28
C GLY A 1044 -14.87 -47.51 12.55
N LYS A 1045 -14.52 -47.72 13.83
CA LYS A 1045 -13.89 -48.96 14.23
C LYS A 1045 -14.92 -50.07 14.29
N GLY A 1046 -14.57 -51.23 13.78
CA GLY A 1046 -15.46 -52.37 13.76
C GLY A 1046 -15.83 -52.71 12.32
N TYR A 1047 -16.72 -53.68 12.20
CA TYR A 1047 -17.18 -54.10 10.89
C TYR A 1047 -18.38 -53.22 10.57
N HIS A 1048 -18.24 -52.41 9.51
CA HIS A 1048 -19.29 -51.44 9.22
C HIS A 1048 -20.57 -52.10 8.78
N LEU A 1049 -21.69 -51.64 9.35
CA LEU A 1049 -23.01 -52.05 8.92
C LEU A 1049 -23.68 -50.91 8.17
N MET A 1050 -23.95 -49.78 8.84
CA MET A 1050 -24.66 -48.70 8.17
C MET A 1050 -24.28 -47.38 8.82
N SER A 1051 -24.56 -46.28 8.14
CA SER A 1051 -24.30 -44.98 8.72
C SER A 1051 -25.48 -44.06 8.45
N PHE A 1052 -25.64 -43.06 9.30
CA PHE A 1052 -26.72 -42.10 9.16
C PHE A 1052 -26.13 -40.69 9.13
N PRO A 1053 -26.41 -39.91 8.10
CA PRO A 1053 -25.92 -38.54 8.06
C PRO A 1053 -26.78 -37.63 8.94
N GLN A 1054 -26.14 -36.61 9.49
CA GLN A 1054 -26.82 -35.51 10.17
C GLN A 1054 -26.14 -34.21 9.79
N SER A 1055 -26.92 -33.16 9.61
CA SER A 1055 -26.31 -31.88 9.27
C SER A 1055 -25.80 -31.21 10.55
N ALA A 1056 -24.87 -30.29 10.38
CA ALA A 1056 -24.36 -29.52 11.50
C ALA A 1056 -23.92 -28.16 10.97
N PRO A 1057 -23.79 -27.16 11.84
CA PRO A 1057 -23.30 -25.86 11.37
C PRO A 1057 -21.97 -26.00 10.65
N HIS A 1058 -21.96 -25.57 9.39
CA HIS A 1058 -20.76 -25.63 8.55
C HIS A 1058 -20.15 -27.03 8.51
N GLY A 1059 -20.96 -28.08 8.57
CA GLY A 1059 -20.36 -29.41 8.54
C GLY A 1059 -21.39 -30.51 8.56
N VAL A 1060 -20.87 -31.74 8.58
CA VAL A 1060 -21.71 -32.93 8.58
C VAL A 1060 -21.22 -33.87 9.68
N VAL A 1061 -22.16 -34.55 10.33
CA VAL A 1061 -21.87 -35.51 11.38
C VAL A 1061 -22.42 -36.86 10.96
N PHE A 1062 -21.59 -37.89 10.99
CA PHE A 1062 -22.02 -39.22 10.61
C PHE A 1062 -22.13 -40.07 11.86
N LEU A 1063 -23.25 -40.77 12.01
CA LEU A 1063 -23.42 -41.75 13.07
C LEU A 1063 -23.21 -43.12 12.44
N HIS A 1064 -22.10 -43.77 12.77
CA HIS A 1064 -21.73 -45.04 12.16
C HIS A 1064 -22.12 -46.19 13.08
N VAL A 1065 -22.97 -47.08 12.58
CA VAL A 1065 -23.44 -48.24 13.32
C VAL A 1065 -22.59 -49.41 12.83
N THR A 1066 -21.83 -50.00 13.75
CA THR A 1066 -20.88 -51.06 13.45
C THR A 1066 -21.05 -52.26 14.36
N TYR A 1067 -20.64 -53.41 13.84
CA TYR A 1067 -20.62 -54.69 14.54
C TYR A 1067 -19.22 -54.94 15.09
N VAL A 1068 -19.10 -55.11 16.39
CA VAL A 1068 -17.81 -55.34 17.04
C VAL A 1068 -17.88 -56.64 17.84
N PRO A 1069 -17.03 -57.62 17.57
CA PRO A 1069 -16.99 -58.83 18.41
C PRO A 1069 -16.79 -58.48 19.88
N ALA A 1070 -17.54 -59.14 20.76
CA ALA A 1070 -17.54 -58.79 22.18
C ALA A 1070 -16.94 -59.83 23.10
N GLN A 1071 -17.23 -61.12 22.92
CA GLN A 1071 -16.75 -62.13 23.86
C GLN A 1071 -16.15 -63.29 23.08
N GLU A 1072 -15.09 -63.90 23.62
CA GLU A 1072 -14.39 -64.94 22.90
C GLU A 1072 -14.07 -66.12 23.82
N LYS A 1073 -13.88 -67.28 23.19
CA LYS A 1073 -13.44 -68.49 23.87
C LYS A 1073 -12.20 -69.03 23.16
N ASN A 1074 -11.36 -69.73 23.92
CA ASN A 1074 -10.18 -70.39 23.37
C ASN A 1074 -10.56 -71.75 22.81
N PHE A 1075 -10.45 -71.92 21.49
CA PHE A 1075 -10.73 -73.19 20.83
C PHE A 1075 -9.46 -73.73 20.22
N THR A 1076 -9.34 -75.05 20.14
CA THR A 1076 -8.22 -75.67 19.42
C THR A 1076 -8.58 -75.75 17.95
N THR A 1077 -7.61 -75.53 17.07
CA THR A 1077 -7.93 -75.55 15.65
C THR A 1077 -6.96 -76.45 14.90
N ALA A 1078 -7.25 -76.61 13.59
CA ALA A 1078 -6.47 -77.41 12.67
C ALA A 1078 -6.76 -76.90 11.27
N PRO A 1079 -5.78 -76.87 10.37
CA PRO A 1079 -6.06 -76.40 9.00
C PRO A 1079 -6.93 -77.34 8.19
N ALA A 1080 -7.00 -78.62 8.53
CA ALA A 1080 -7.75 -79.59 7.75
C ALA A 1080 -8.01 -80.82 8.60
N ILE A 1081 -9.00 -81.61 8.20
CA ILE A 1081 -9.32 -82.86 8.87
C ILE A 1081 -9.24 -84.04 7.91
N CYS A 1082 -8.58 -85.11 8.35
CA CYS A 1082 -8.52 -86.36 7.61
C CYS A 1082 -9.75 -87.22 7.90
N HIS A 1083 -10.29 -87.84 6.86
CA HIS A 1083 -11.38 -88.79 7.06
C HIS A 1083 -10.96 -90.17 6.58
N ASP A 1084 -10.96 -90.38 5.26
CA ASP A 1084 -10.53 -91.63 4.66
C ASP A 1084 -9.18 -91.48 3.98
N GLY A 1085 -8.39 -90.50 4.40
CA GLY A 1085 -7.12 -90.16 3.79
C GLY A 1085 -7.23 -88.88 2.98
N LYS A 1086 -8.44 -88.41 2.75
CA LYS A 1086 -8.70 -87.17 2.05
C LYS A 1086 -8.57 -86.00 3.02
N ALA A 1087 -8.07 -84.88 2.51
CA ALA A 1087 -7.95 -83.66 3.30
C ALA A 1087 -9.15 -82.77 3.02
N HIS A 1088 -9.94 -82.52 4.07
CA HIS A 1088 -11.16 -81.74 3.94
C HIS A 1088 -10.94 -80.31 4.43
N PHE A 1089 -11.30 -79.33 3.61
CA PHE A 1089 -11.16 -77.94 4.00
C PHE A 1089 -12.53 -77.29 4.05
N PRO A 1090 -12.72 -76.32 4.94
CA PRO A 1090 -14.02 -75.63 4.99
C PRO A 1090 -14.32 -74.83 3.74
N ARG A 1091 -15.58 -74.86 3.31
CA ARG A 1091 -15.97 -73.95 2.23
C ARG A 1091 -15.99 -72.53 2.75
N GLU A 1092 -16.51 -72.35 3.95
CA GLU A 1092 -16.54 -71.06 4.64
C GLU A 1092 -16.28 -71.35 6.10
N GLY A 1093 -15.58 -70.46 6.77
CA GLY A 1093 -15.34 -70.66 8.18
C GLY A 1093 -14.11 -71.51 8.43
N VAL A 1094 -13.94 -71.91 9.69
CA VAL A 1094 -12.80 -72.68 10.13
C VAL A 1094 -13.25 -73.88 10.94
N PHE A 1095 -12.34 -74.84 11.09
CA PHE A 1095 -12.56 -75.98 11.96
C PHE A 1095 -12.13 -75.63 13.38
N VAL A 1096 -12.96 -76.01 14.34
CA VAL A 1096 -12.68 -75.77 15.74
C VAL A 1096 -12.91 -77.06 16.51
N SER A 1097 -12.26 -77.16 17.66
CA SER A 1097 -12.46 -78.24 18.59
C SER A 1097 -12.58 -77.69 19.99
N ASN A 1098 -13.58 -78.15 20.72
CA ASN A 1098 -13.80 -77.80 22.10
C ASN A 1098 -13.06 -78.75 23.03
N GLY A 1099 -12.22 -79.61 22.46
CA GLY A 1099 -11.44 -80.59 23.18
C GLY A 1099 -11.89 -82.02 22.94
N THR A 1100 -13.14 -82.23 22.51
CA THR A 1100 -13.61 -83.59 22.26
C THR A 1100 -14.22 -83.78 20.88
N HIS A 1101 -14.85 -82.75 20.31
CA HIS A 1101 -15.51 -82.88 19.02
C HIS A 1101 -15.09 -81.75 18.08
N TRP A 1102 -14.97 -82.08 16.81
CA TRP A 1102 -14.65 -81.11 15.78
C TRP A 1102 -15.91 -80.57 15.10
N PHE A 1103 -15.93 -79.25 14.92
CA PHE A 1103 -17.04 -78.54 14.30
C PHE A 1103 -16.48 -77.55 13.29
N VAL A 1104 -17.35 -77.09 12.39
CA VAL A 1104 -17.00 -76.03 11.46
C VAL A 1104 -17.88 -74.83 11.79
N THR A 1105 -17.27 -73.64 11.83
CA THR A 1105 -18.03 -72.46 12.20
C THR A 1105 -17.53 -71.23 11.44
N GLN A 1106 -18.43 -70.27 11.26
CA GLN A 1106 -18.09 -69.02 10.60
C GLN A 1106 -17.03 -68.26 11.39
N ARG A 1107 -16.15 -67.60 10.66
CA ARG A 1107 -14.96 -66.97 11.24
C ARG A 1107 -15.30 -65.92 12.29
N ASN A 1108 -16.37 -65.15 12.09
CA ASN A 1108 -16.64 -64.00 12.94
C ASN A 1108 -17.71 -64.24 14.01
N PHE A 1109 -18.15 -65.48 14.21
CA PHE A 1109 -19.17 -65.73 15.21
C PHE A 1109 -19.28 -67.22 15.54
N TYR A 1110 -19.14 -67.57 16.81
CA TYR A 1110 -19.13 -68.99 17.16
C TYR A 1110 -20.51 -69.58 16.98
N GLU A 1111 -20.62 -70.55 16.07
CA GLU A 1111 -21.89 -71.21 15.75
C GLU A 1111 -21.56 -72.60 15.25
N PRO A 1112 -21.28 -73.53 16.14
CA PRO A 1112 -20.72 -74.81 15.71
C PRO A 1112 -21.75 -75.63 14.95
N GLN A 1113 -21.30 -76.23 13.85
CA GLN A 1113 -22.12 -77.11 13.05
C GLN A 1113 -21.38 -78.44 12.87
N ILE A 1114 -22.13 -79.51 12.64
CA ILE A 1114 -21.51 -80.79 12.36
C ILE A 1114 -20.78 -80.70 11.04
N ILE A 1115 -19.58 -81.27 10.99
CA ILE A 1115 -18.76 -81.24 9.77
C ILE A 1115 -19.32 -82.26 8.80
N THR A 1116 -19.73 -81.80 7.62
CA THR A 1116 -20.34 -82.65 6.62
C THR A 1116 -19.73 -82.35 5.25
N THR A 1117 -20.10 -83.18 4.27
CA THR A 1117 -19.63 -82.99 2.91
C THR A 1117 -20.23 -81.75 2.25
N ASP A 1118 -21.26 -81.14 2.86
CA ASP A 1118 -21.85 -79.93 2.30
C ASP A 1118 -21.24 -78.67 2.90
N ASN A 1119 -20.34 -78.81 3.87
CA ASN A 1119 -19.64 -77.68 4.46
C ASN A 1119 -18.19 -77.61 4.01
N THR A 1120 -17.61 -78.74 3.63
CA THR A 1120 -16.22 -78.84 3.28
C THR A 1120 -16.08 -79.35 1.85
N PHE A 1121 -14.86 -79.24 1.33
CA PHE A 1121 -14.46 -79.74 0.04
C PHE A 1121 -13.17 -80.52 0.19
N VAL A 1122 -12.91 -81.42 -0.75
CA VAL A 1122 -11.76 -82.29 -0.70
C VAL A 1122 -10.72 -81.81 -1.69
N SER A 1123 -9.47 -81.72 -1.24
CA SER A 1123 -8.35 -81.38 -2.12
C SER A 1123 -7.08 -82.01 -1.57
N GLY A 1124 -6.46 -82.87 -2.37
CA GLY A 1124 -5.25 -83.53 -1.93
C GLY A 1124 -5.52 -84.61 -0.90
N ASN A 1125 -4.49 -84.91 -0.10
CA ASN A 1125 -4.56 -86.00 0.85
C ASN A 1125 -3.80 -85.62 2.12
N CYS A 1126 -3.84 -86.52 3.10
CA CYS A 1126 -3.30 -86.26 4.43
C CYS A 1126 -1.79 -86.08 4.46
N ASP A 1127 -1.08 -86.46 3.40
CA ASP A 1127 0.38 -86.38 3.39
C ASP A 1127 0.90 -85.03 2.94
N VAL A 1128 0.01 -84.09 2.61
CA VAL A 1128 0.40 -82.79 2.08
C VAL A 1128 0.20 -81.68 3.10
N VAL A 1129 -0.93 -81.68 3.80
CA VAL A 1129 -1.29 -80.55 4.65
C VAL A 1129 -0.56 -80.65 5.99
N ILE A 1130 0.15 -79.59 6.35
CA ILE A 1130 0.91 -79.55 7.60
C ILE A 1130 -0.04 -79.25 8.75
N GLY A 1131 -0.08 -80.15 9.73
CA GLY A 1131 -0.93 -79.97 10.89
C GLY A 1131 -2.32 -80.56 10.77
N ILE A 1132 -2.60 -81.33 9.72
CA ILE A 1132 -3.89 -81.96 9.56
C ILE A 1132 -4.13 -82.98 10.66
N VAL A 1133 -5.36 -83.04 11.18
CA VAL A 1133 -5.69 -83.95 12.26
C VAL A 1133 -6.74 -84.94 11.80
N ASN A 1134 -6.83 -86.06 12.52
CA ASN A 1134 -7.81 -87.09 12.24
C ASN A 1134 -9.14 -86.82 12.93
N ASN A 1135 -10.23 -86.98 12.18
CA ASN A 1135 -11.59 -86.92 12.71
C ASN A 1135 -12.49 -87.69 11.75
N THR A 1136 -13.79 -87.44 11.83
CA THR A 1136 -14.75 -88.03 10.89
C THR A 1136 -15.59 -86.94 10.27
N VAL A 1137 -15.99 -87.16 9.03
CA VAL A 1137 -16.86 -86.25 8.29
C VAL A 1137 -18.16 -86.97 8.03
N TYR A 1138 -19.26 -86.41 8.53
CA TYR A 1138 -20.58 -87.03 8.40
C TYR A 1138 -21.09 -86.85 6.98
N ASP A 1139 -21.62 -87.92 6.40
CA ASP A 1139 -22.19 -87.84 5.06
C ASP A 1139 -23.71 -87.94 5.16
N PRO A 1140 -24.43 -86.83 4.96
CA PRO A 1140 -25.90 -86.87 5.09
C PRO A 1140 -26.58 -87.87 4.16
N LEU A 1141 -25.91 -88.29 3.09
CA LEU A 1141 -26.54 -89.24 2.16
C LEU A 1141 -26.56 -90.66 2.71
N GLN A 1142 -25.53 -91.05 3.47
CA GLN A 1142 -25.38 -92.41 3.98
C GLN A 1142 -26.63 -92.91 4.67
N PRO A 1143 -27.18 -92.21 5.68
CA PRO A 1143 -28.37 -92.73 6.36
C PRO A 1143 -29.59 -92.83 5.46
N GLU A 1144 -29.63 -92.08 4.36
CA GLU A 1144 -30.79 -92.12 3.49
C GLU A 1144 -30.80 -93.38 2.64
N LEU A 1145 -29.63 -93.87 2.24
CA LEU A 1145 -29.54 -95.11 1.47
C LEU A 1145 -29.45 -96.32 2.37
N ASP A 1146 -28.93 -96.16 3.58
CA ASP A 1146 -28.82 -97.29 4.51
C ASP A 1146 -30.19 -97.75 4.98
N SER A 1147 -31.07 -96.81 5.29
CA SER A 1147 -32.42 -97.14 5.74
C SER A 1147 -33.35 -97.38 4.56
N ALA B 27 52.71 -13.01 -28.89
CA ALA B 27 52.46 -14.28 -28.23
C ALA B 27 51.31 -14.15 -27.23
N TYR B 28 50.53 -15.22 -27.08
CA TYR B 28 49.44 -15.25 -26.14
C TYR B 28 49.48 -16.56 -25.37
N THR B 29 48.97 -16.54 -24.14
CA THR B 29 48.83 -17.79 -23.40
C THR B 29 47.45 -17.85 -22.73
N ASN B 30 47.20 -19.00 -22.10
CA ASN B 30 45.95 -19.30 -21.42
C ASN B 30 46.00 -18.85 -19.96
N SER B 31 45.08 -17.94 -19.60
CA SER B 31 44.95 -17.39 -18.26
C SER B 31 44.42 -18.40 -17.24
N PHE B 32 43.95 -19.57 -17.69
CA PHE B 32 43.32 -20.60 -16.88
C PHE B 32 42.51 -20.05 -15.71
N THR B 33 42.95 -20.26 -14.48
CA THR B 33 42.18 -19.86 -13.31
C THR B 33 42.86 -18.75 -12.50
N ARG B 34 43.80 -18.03 -13.09
CA ARG B 34 44.47 -16.96 -12.37
C ARG B 34 43.58 -15.71 -12.36
N GLY B 35 43.88 -14.81 -11.44
CA GLY B 35 43.18 -13.54 -11.39
C GLY B 35 42.04 -13.44 -10.40
N VAL B 36 42.03 -14.26 -9.36
CA VAL B 36 41.02 -14.18 -8.31
C VAL B 36 41.65 -13.58 -7.06
N TYR B 37 41.00 -12.56 -6.51
CA TYR B 37 41.48 -11.84 -5.34
C TYR B 37 40.35 -11.71 -4.33
N TYR B 38 40.71 -11.43 -3.09
CA TYR B 38 39.69 -11.26 -2.06
C TYR B 38 38.92 -9.98 -2.31
N PRO B 39 37.61 -10.04 -2.57
CA PRO B 39 36.87 -8.85 -2.96
C PRO B 39 36.78 -7.79 -1.88
N ASP B 40 36.92 -8.18 -0.61
CA ASP B 40 36.84 -7.22 0.48
C ASP B 40 37.74 -7.70 1.62
N LYS B 41 37.59 -7.07 2.78
CA LYS B 41 38.44 -7.37 3.94
C LYS B 41 37.66 -8.03 5.06
N VAL B 42 36.58 -8.73 4.73
CA VAL B 42 35.76 -9.43 5.71
C VAL B 42 36.14 -10.91 5.69
N PHE B 43 36.38 -11.47 6.87
CA PHE B 43 36.70 -12.89 6.97
C PHE B 43 35.45 -13.74 6.83
N ARG B 44 35.51 -14.72 5.94
CA ARG B 44 34.44 -15.67 5.73
C ARG B 44 35.08 -17.05 5.65
N SER B 45 34.32 -18.08 6.04
CA SER B 45 34.87 -19.43 5.94
C SER B 45 33.74 -20.43 5.70
N SER B 46 34.12 -21.54 5.06
CA SER B 46 33.21 -22.65 4.79
C SER B 46 31.90 -22.14 4.18
N VAL B 47 32.04 -21.30 3.14
CA VAL B 47 30.87 -20.66 2.54
C VAL B 47 31.14 -20.36 1.08
N LEU B 48 30.08 -20.41 0.28
CA LEU B 48 30.12 -20.01 -1.12
C LEU B 48 29.50 -18.63 -1.23
N HIS B 49 30.32 -17.64 -1.61
CA HIS B 49 29.89 -16.25 -1.65
C HIS B 49 29.85 -15.77 -3.09
N SER B 50 28.72 -15.19 -3.49
CA SER B 50 28.53 -14.68 -4.85
C SER B 50 28.81 -13.18 -4.87
N THR B 51 29.75 -12.75 -5.72
CA THR B 51 30.10 -11.33 -5.79
C THR B 51 30.34 -10.94 -7.24
N GLN B 52 30.03 -9.70 -7.58
CA GLN B 52 30.30 -9.17 -8.91
C GLN B 52 31.37 -8.08 -8.83
N ASP B 53 32.46 -8.27 -9.57
CA ASP B 53 33.56 -7.32 -9.53
C ASP B 53 34.39 -7.48 -10.80
N LEU B 54 35.44 -6.67 -10.90
CA LEU B 54 36.33 -6.68 -12.05
C LEU B 54 37.38 -7.76 -11.82
N PHE B 55 37.16 -8.92 -12.44
CA PHE B 55 38.01 -10.10 -12.29
C PHE B 55 38.61 -10.46 -13.64
N LEU B 56 39.70 -11.20 -13.62
CA LEU B 56 40.27 -11.71 -14.86
C LEU B 56 39.44 -12.90 -15.33
N PRO B 57 38.84 -12.84 -16.52
CA PRO B 57 38.03 -13.95 -17.00
C PRO B 57 38.83 -15.25 -17.09
N PHE B 58 38.19 -16.35 -16.71
CA PHE B 58 38.85 -17.64 -16.70
C PHE B 58 39.16 -18.10 -18.12
N PHE B 59 40.34 -18.70 -18.29
CA PHE B 59 40.80 -19.23 -19.56
C PHE B 59 40.89 -18.17 -20.67
N SER B 60 40.95 -16.89 -20.30
CA SER B 60 41.11 -15.85 -21.29
C SER B 60 42.55 -15.82 -21.80
N ASN B 61 42.75 -15.10 -22.91
CA ASN B 61 44.06 -14.94 -23.49
C ASN B 61 44.77 -13.78 -22.81
N VAL B 62 45.99 -14.01 -22.36
CA VAL B 62 46.82 -12.95 -21.79
C VAL B 62 48.09 -12.84 -22.61
N THR B 63 48.51 -11.60 -22.88
CA THR B 63 49.65 -11.38 -23.75
C THR B 63 50.94 -11.75 -23.02
N TRP B 64 51.79 -12.51 -23.70
CA TRP B 64 53.02 -13.04 -23.14
C TRP B 64 54.22 -12.26 -23.68
N PHE B 65 54.94 -11.58 -22.79
CA PHE B 65 56.11 -10.78 -23.15
C PHE B 65 57.36 -11.50 -22.65
N HIS B 66 58.47 -11.24 -23.33
CA HIS B 66 59.74 -11.91 -23.04
C HIS B 66 60.81 -10.87 -22.70
N ALA B 67 61.80 -11.30 -21.92
CA ALA B 67 62.93 -10.46 -21.54
C ALA B 67 64.23 -11.23 -21.75
N ILE B 68 64.42 -11.70 -22.99
CA ILE B 68 65.60 -12.47 -23.36
C ILE B 68 66.20 -11.85 -24.61
N HIS B 69 67.49 -12.15 -24.83
CA HIS B 69 68.23 -11.73 -26.02
C HIS B 69 68.05 -10.24 -26.32
N ASP B 80 61.92 -5.48 -24.62
CA ASP B 80 60.51 -5.69 -24.89
C ASP B 80 59.66 -5.08 -23.77
N ASN B 81 59.52 -3.76 -23.77
CA ASN B 81 58.76 -3.04 -22.76
C ASN B 81 57.77 -2.07 -23.42
N PRO B 82 56.85 -2.58 -24.23
CA PRO B 82 55.89 -1.70 -24.91
C PRO B 82 54.87 -1.13 -23.94
N VAL B 83 54.14 -0.14 -24.43
CA VAL B 83 53.03 0.45 -23.69
C VAL B 83 51.75 -0.32 -23.98
N LEU B 84 51.08 -0.78 -22.91
CA LEU B 84 49.86 -1.55 -23.02
C LEU B 84 48.65 -0.74 -22.55
N PRO B 85 47.47 -1.02 -23.07
CA PRO B 85 46.25 -0.43 -22.51
C PRO B 85 46.02 -0.83 -21.05
N PHE B 86 45.38 0.09 -20.31
CA PHE B 86 44.99 -0.15 -18.93
C PHE B 86 43.54 -0.58 -18.79
N ASN B 87 42.68 -0.19 -19.74
CA ASN B 87 41.24 -0.43 -19.74
C ASN B 87 40.56 -0.24 -18.39
N ASP B 88 39.95 -1.31 -17.88
CA ASP B 88 39.20 -1.26 -16.62
C ASP B 88 39.93 -1.91 -15.45
N GLY B 89 41.21 -2.20 -15.60
CA GLY B 89 41.98 -2.85 -14.56
C GLY B 89 42.89 -3.80 -15.30
N VAL B 90 44.08 -4.04 -14.73
CA VAL B 90 45.09 -4.84 -15.38
C VAL B 90 45.56 -5.95 -14.45
N TYR B 91 45.64 -7.15 -15.01
CA TYR B 91 46.29 -8.28 -14.36
C TYR B 91 47.72 -8.30 -14.86
N PHE B 92 48.66 -8.41 -13.94
CA PHE B 92 50.07 -8.44 -14.30
C PHE B 92 50.66 -9.65 -13.61
N ALA B 93 51.53 -10.36 -14.29
CA ALA B 93 52.19 -11.47 -13.60
C ALA B 93 53.59 -11.60 -14.11
N SER B 94 54.49 -12.08 -13.26
CA SER B 94 55.84 -12.29 -13.74
C SER B 94 56.46 -13.51 -13.07
N THR B 95 57.41 -14.10 -13.78
CA THR B 95 58.17 -15.23 -13.28
C THR B 95 59.61 -14.78 -13.17
N GLU B 96 60.25 -15.05 -12.04
CA GLU B 96 61.58 -14.54 -11.79
C GLU B 96 62.54 -15.63 -11.32
N LYS B 97 63.81 -15.36 -11.59
CA LYS B 97 64.96 -16.10 -11.09
C LYS B 97 66.09 -15.18 -10.66
N SER B 98 66.07 -13.91 -11.09
CA SER B 98 67.13 -12.94 -10.80
C SER B 98 66.56 -11.53 -10.57
N ASN B 99 65.26 -11.41 -10.31
CA ASN B 99 64.61 -10.12 -10.04
C ASN B 99 64.87 -9.10 -11.16
N ILE B 100 64.61 -9.51 -12.40
CA ILE B 100 64.81 -8.61 -13.52
C ILE B 100 63.73 -7.52 -13.56
N ILE B 101 62.48 -7.89 -13.34
CA ILE B 101 61.39 -6.92 -13.38
C ILE B 101 61.35 -6.20 -12.04
N ARG B 102 61.53 -4.88 -12.06
CA ARG B 102 61.62 -4.12 -10.82
C ARG B 102 60.63 -2.98 -10.67
N GLY B 103 59.78 -2.70 -11.66
CA GLY B 103 58.87 -1.60 -11.41
C GLY B 103 57.81 -1.44 -12.49
N TRP B 104 56.94 -0.47 -12.24
CA TRP B 104 55.81 -0.16 -13.11
C TRP B 104 55.62 1.34 -13.22
N ILE B 105 55.12 1.76 -14.38
CA ILE B 105 54.74 3.14 -14.66
C ILE B 105 53.29 3.17 -15.13
N PHE B 106 52.46 4.02 -14.51
CA PHE B 106 51.06 4.15 -14.89
C PHE B 106 50.72 5.60 -15.19
N GLY B 107 50.00 5.83 -16.29
CA GLY B 107 49.58 7.17 -16.63
C GLY B 107 48.92 7.21 -18.00
N THR B 108 48.94 8.39 -18.61
CA THR B 108 48.39 8.57 -19.94
C THR B 108 49.43 8.90 -21.02
N THR B 109 50.38 9.79 -20.71
CA THR B 109 51.40 10.19 -21.67
C THR B 109 52.82 9.83 -21.24
N LEU B 110 53.07 9.63 -19.95
CA LEU B 110 54.37 9.21 -19.44
C LEU B 110 55.50 10.12 -19.96
N ASP B 111 55.25 11.43 -20.01
CA ASP B 111 56.23 12.33 -20.59
C ASP B 111 56.37 13.63 -19.81
N SER B 112 56.11 13.60 -18.51
CA SER B 112 56.16 14.73 -17.58
C SER B 112 55.00 15.71 -17.75
N LYS B 113 54.04 15.44 -18.64
CA LYS B 113 52.92 16.35 -18.82
C LYS B 113 51.75 16.07 -17.88
N THR B 114 51.67 14.87 -17.33
CA THR B 114 50.61 14.51 -16.39
C THR B 114 51.22 13.72 -15.25
N GLN B 115 50.41 13.44 -14.24
CA GLN B 115 50.88 12.67 -13.11
C GLN B 115 50.90 11.19 -13.47
N SER B 116 51.97 10.50 -13.09
CA SER B 116 52.13 9.09 -13.43
C SER B 116 52.67 8.35 -12.23
N LEU B 117 51.95 7.30 -11.82
CA LEU B 117 52.38 6.50 -10.68
C LEU B 117 53.62 5.71 -11.05
N LEU B 118 54.64 5.78 -10.20
CA LEU B 118 55.89 5.06 -10.41
C LEU B 118 56.16 4.20 -9.20
N ILE B 119 56.31 2.89 -9.45
CA ILE B 119 56.60 1.91 -8.41
C ILE B 119 57.93 1.25 -8.76
N VAL B 120 58.89 1.32 -7.83
CA VAL B 120 60.21 0.73 -8.02
C VAL B 120 60.54 -0.08 -6.78
N ASN B 121 61.02 -1.30 -6.96
CA ASN B 121 61.43 -2.16 -5.87
C ASN B 121 62.92 -2.44 -6.03
N ASN B 122 63.76 -1.73 -5.27
CA ASN B 122 65.21 -1.86 -5.42
C ASN B 122 65.81 -2.57 -4.21
N ALA B 123 66.21 -3.82 -4.43
CA ALA B 123 66.73 -4.72 -3.41
C ALA B 123 65.67 -5.03 -2.35
N THR B 124 65.71 -4.25 -1.26
CA THR B 124 64.80 -4.40 -0.14
C THR B 124 63.92 -3.17 0.08
N ASN B 125 63.91 -2.21 -0.84
CA ASN B 125 63.16 -0.98 -0.61
C ASN B 125 62.09 -0.77 -1.68
N VAL B 126 60.84 -0.88 -1.27
CA VAL B 126 59.71 -0.58 -2.14
C VAL B 126 59.49 0.93 -2.13
N VAL B 127 59.48 1.55 -3.29
CA VAL B 127 59.32 3.00 -3.44
C VAL B 127 58.11 3.27 -4.31
N ILE B 128 57.19 4.08 -3.81
CA ILE B 128 55.99 4.48 -4.54
C ILE B 128 55.95 6.00 -4.59
N LYS B 129 55.83 6.55 -5.80
CA LYS B 129 55.75 7.99 -6.00
C LYS B 129 54.69 8.29 -7.05
N VAL B 130 54.09 9.47 -6.96
CA VAL B 130 53.11 9.89 -7.95
C VAL B 130 53.52 11.21 -8.58
N CYS B 131 54.83 11.42 -8.72
CA CYS B 131 55.33 12.68 -9.24
C CYS B 131 55.10 12.75 -10.75
N GLU B 132 55.24 13.94 -11.31
CA GLU B 132 55.20 14.13 -12.76
C GLU B 132 56.58 13.84 -13.35
N PHE B 133 56.94 12.56 -13.34
CA PHE B 133 58.29 12.16 -13.69
C PHE B 133 58.56 12.37 -15.17
N GLN B 134 59.79 12.81 -15.48
CA GLN B 134 60.27 12.88 -16.85
C GLN B 134 60.98 11.56 -17.15
N PHE B 135 60.34 10.71 -17.93
CA PHE B 135 60.90 9.40 -18.24
C PHE B 135 61.72 9.43 -19.52
N CYS B 136 62.66 8.49 -19.61
CA CYS B 136 63.52 8.35 -20.76
C CYS B 136 62.73 7.85 -21.97
N ASN B 137 63.34 7.97 -23.15
CA ASN B 137 62.71 7.46 -24.36
C ASN B 137 62.44 5.95 -24.26
N ASP B 138 63.31 5.23 -23.56
CA ASP B 138 63.13 3.80 -23.31
C ASP B 138 63.51 3.54 -21.87
N PRO B 139 62.57 3.68 -20.94
CA PRO B 139 62.90 3.55 -19.52
C PRO B 139 63.41 2.15 -19.18
N PHE B 140 64.49 2.12 -18.39
CA PHE B 140 65.04 0.87 -17.88
C PHE B 140 65.94 1.21 -16.69
N LEU B 141 66.29 0.18 -15.92
CA LEU B 141 67.21 0.30 -14.81
C LEU B 141 68.45 -0.55 -15.10
N GLY B 142 69.63 0.03 -14.90
CA GLY B 142 70.85 -0.70 -15.08
C GLY B 142 71.29 -1.45 -13.84
N VAL B 143 72.11 -2.47 -14.06
CA VAL B 143 72.69 -3.22 -12.95
C VAL B 143 74.04 -2.63 -12.56
N ASN B 165 56.11 18.58 -8.27
CA ASN B 165 54.66 18.55 -8.14
C ASN B 165 54.23 17.16 -7.69
N CYS B 166 54.86 16.70 -6.62
CA CYS B 166 54.57 15.40 -6.03
C CYS B 166 53.45 15.53 -5.01
N THR B 167 52.53 14.56 -5.02
CA THR B 167 51.43 14.54 -4.07
C THR B 167 51.46 13.35 -3.11
N PHE B 168 52.42 12.44 -3.26
CA PHE B 168 52.50 11.26 -2.42
C PHE B 168 53.89 10.63 -2.58
N GLU B 169 54.44 10.16 -1.47
CA GLU B 169 55.67 9.39 -1.48
C GLU B 169 55.63 8.36 -0.36
N TYR B 170 56.08 7.14 -0.67
CA TYR B 170 56.21 6.09 0.32
C TYR B 170 57.46 5.28 0.04
N VAL B 171 58.20 4.96 1.11
CA VAL B 171 59.37 4.10 1.05
C VAL B 171 59.25 3.05 2.15
N SER B 172 59.44 1.78 1.78
CA SER B 172 59.45 0.70 2.76
C SER B 172 60.79 0.63 3.49
N PHE B 186 61.88 -20.75 -14.04
CA PHE B 186 61.83 -19.68 -13.06
C PHE B 186 61.50 -20.21 -11.67
N LYS B 187 61.83 -19.44 -10.64
CA LYS B 187 61.67 -19.88 -9.26
C LYS B 187 60.57 -19.15 -8.49
N ASN B 188 60.19 -17.94 -8.89
CA ASN B 188 59.22 -17.17 -8.11
C ASN B 188 58.16 -16.57 -9.04
N LEU B 189 56.89 -16.85 -8.75
CA LEU B 189 55.79 -16.26 -9.51
C LEU B 189 55.17 -15.16 -8.66
N ARG B 190 55.12 -13.96 -9.23
CA ARG B 190 54.58 -12.78 -8.54
C ARG B 190 53.44 -12.20 -9.35
N GLU B 191 52.22 -12.41 -8.88
CA GLU B 191 51.01 -11.98 -9.57
C GLU B 191 50.50 -10.70 -8.91
N PHE B 192 50.00 -9.78 -9.72
CA PHE B 192 49.49 -8.50 -9.25
C PHE B 192 48.19 -8.18 -9.96
N VAL B 193 47.35 -7.41 -9.28
CA VAL B 193 46.16 -6.81 -9.87
C VAL B 193 46.19 -5.33 -9.56
N PHE B 194 46.01 -4.50 -10.59
CA PHE B 194 46.01 -3.04 -10.46
C PHE B 194 44.68 -2.52 -10.99
N LYS B 195 43.90 -1.89 -10.12
CA LYS B 195 42.63 -1.34 -10.58
C LYS B 195 42.38 0.04 -9.99
N ASN B 196 41.63 0.86 -10.70
CA ASN B 196 41.30 2.21 -10.25
C ASN B 196 39.79 2.35 -10.10
N ILE B 197 39.34 2.52 -8.86
CA ILE B 197 37.92 2.68 -8.54
C ILE B 197 37.72 4.03 -7.88
N ASP B 198 37.00 4.92 -8.55
CA ASP B 198 36.69 6.26 -8.05
C ASP B 198 37.94 7.00 -7.59
N GLY B 199 39.03 6.83 -8.33
CA GLY B 199 40.26 7.52 -8.03
C GLY B 199 41.20 6.77 -7.11
N TYR B 200 40.81 5.60 -6.61
CA TYR B 200 41.63 4.83 -5.69
C TYR B 200 42.33 3.72 -6.47
N PHE B 201 43.66 3.73 -6.42
CA PHE B 201 44.48 2.75 -7.12
C PHE B 201 44.75 1.60 -6.17
N LYS B 202 44.09 0.47 -6.41
CA LYS B 202 44.14 -0.69 -5.52
C LYS B 202 45.09 -1.71 -6.10
N ILE B 203 46.05 -2.14 -5.27
CA ILE B 203 47.10 -3.06 -5.66
C ILE B 203 46.93 -4.33 -4.84
N TYR B 204 46.82 -5.47 -5.53
CA TYR B 204 46.74 -6.80 -4.95
C TYR B 204 47.92 -7.60 -5.47
N SER B 205 48.40 -8.55 -4.67
CA SER B 205 49.49 -9.38 -5.18
C SER B 205 49.60 -10.67 -4.38
N LYS B 206 50.30 -11.63 -4.99
CA LYS B 206 50.60 -12.91 -4.37
C LYS B 206 51.93 -13.43 -4.90
N HIS B 207 52.82 -13.82 -4.01
CA HIS B 207 54.09 -14.42 -4.35
C HIS B 207 54.07 -15.90 -4.01
N THR B 208 54.52 -16.74 -4.95
CA THR B 208 54.54 -18.17 -4.67
C THR B 208 55.75 -18.83 -5.33
N PRO B 209 56.36 -19.82 -4.69
CA PRO B 209 57.43 -20.58 -5.36
C PRO B 209 56.86 -21.42 -6.48
N ILE B 210 57.59 -21.47 -7.59
CA ILE B 210 57.21 -22.30 -8.74
C ILE B 210 58.45 -23.02 -9.25
N ASN B 211 58.22 -24.05 -10.09
CA ASN B 211 59.30 -24.73 -10.79
C ASN B 211 58.85 -24.93 -12.25
N LEU B 212 58.85 -23.85 -13.01
CA LEU B 212 58.35 -23.90 -14.39
C LEU B 212 58.84 -22.65 -15.12
N VAL B 213 59.48 -22.86 -16.26
CA VAL B 213 60.03 -21.77 -17.05
C VAL B 213 59.17 -21.44 -18.27
N ARG B 214 58.54 -22.46 -18.87
CA ARG B 214 57.89 -22.27 -20.15
C ARG B 214 56.70 -21.31 -20.08
N ASP B 215 55.87 -21.44 -19.04
CA ASP B 215 54.61 -20.71 -19.02
C ASP B 215 54.13 -20.57 -17.58
N LEU B 216 52.95 -19.95 -17.45
CA LEU B 216 52.30 -19.82 -16.14
C LEU B 216 51.95 -21.19 -15.58
N PRO B 217 52.28 -21.48 -14.32
CA PRO B 217 51.81 -22.72 -13.71
C PRO B 217 50.29 -22.74 -13.62
N GLN B 218 49.72 -23.93 -13.79
CA GLN B 218 48.28 -24.13 -13.64
C GLN B 218 47.94 -24.44 -12.19
N GLY B 219 46.85 -23.86 -11.72
CA GLY B 219 46.41 -24.03 -10.36
C GLY B 219 45.58 -22.84 -9.93
N PHE B 220 45.20 -22.83 -8.66
CA PHE B 220 44.36 -21.77 -8.12
C PHE B 220 45.02 -21.19 -6.88
N SER B 221 45.08 -19.86 -6.81
CA SER B 221 45.61 -19.15 -5.65
C SER B 221 44.99 -17.76 -5.60
N ALA B 222 44.43 -17.40 -4.44
CA ALA B 222 43.79 -16.10 -4.29
C ALA B 222 44.80 -15.05 -3.86
N LEU B 223 44.59 -13.83 -4.34
CA LEU B 223 45.47 -12.70 -4.06
C LEU B 223 44.86 -11.82 -2.98
N GLU B 224 45.60 -11.59 -1.91
CA GLU B 224 45.10 -10.67 -0.90
C GLU B 224 45.39 -9.23 -1.31
N PRO B 225 44.56 -8.28 -0.87
CA PRO B 225 44.88 -6.87 -1.08
C PRO B 225 46.06 -6.44 -0.22
N LEU B 226 46.88 -5.54 -0.76
CA LEU B 226 47.96 -4.95 0.02
C LEU B 226 47.95 -3.44 0.05
N VAL B 227 47.65 -2.75 -1.05
CA VAL B 227 47.83 -1.30 -1.06
C VAL B 227 46.60 -0.64 -1.67
N ASP B 228 46.23 0.52 -1.15
CA ASP B 228 45.14 1.32 -1.74
C ASP B 228 45.56 2.79 -1.67
N LEU B 229 45.95 3.36 -2.81
CA LEU B 229 46.45 4.72 -2.85
C LEU B 229 45.39 5.64 -3.40
N PRO B 230 44.90 6.62 -2.63
CA PRO B 230 43.86 7.53 -3.16
C PRO B 230 44.45 8.63 -4.04
N ILE B 231 45.02 8.23 -5.16
CA ILE B 231 45.75 9.19 -5.97
C ILE B 231 44.82 10.03 -6.85
N GLY B 232 43.70 9.47 -7.30
CA GLY B 232 42.79 10.26 -8.11
C GLY B 232 43.32 10.57 -9.49
N ILE B 233 44.20 9.72 -10.01
CA ILE B 233 44.85 9.93 -11.30
C ILE B 233 44.13 9.11 -12.37
N ASN B 234 43.87 9.74 -13.52
CA ASN B 234 43.26 9.09 -14.67
C ASN B 234 44.36 8.31 -15.40
N ILE B 235 44.33 6.98 -15.23
CA ILE B 235 45.36 6.09 -15.77
C ILE B 235 44.78 5.33 -16.95
N THR B 236 45.43 5.45 -18.12
CA THR B 236 44.98 4.80 -19.34
C THR B 236 46.01 3.90 -19.98
N ARG B 237 47.29 4.06 -19.65
CA ARG B 237 48.36 3.27 -20.25
C ARG B 237 49.36 2.91 -19.16
N PHE B 238 50.11 1.83 -19.38
CA PHE B 238 51.17 1.51 -18.43
C PHE B 238 52.31 0.83 -19.17
N GLN B 239 53.46 0.79 -18.50
CA GLN B 239 54.68 0.20 -19.02
C GLN B 239 55.40 -0.48 -17.86
N THR B 240 56.19 -1.50 -18.16
CA THR B 240 56.95 -2.20 -17.14
C THR B 240 58.39 -1.69 -17.11
N LEU B 241 59.11 -2.09 -16.05
CA LEU B 241 60.51 -1.72 -15.85
C LEU B 241 61.37 -2.95 -15.66
N LEU B 242 62.35 -3.13 -16.53
CA LEU B 242 63.23 -4.28 -16.52
C LEU B 242 64.63 -3.86 -16.06
N ALA B 243 65.28 -4.76 -15.32
CA ALA B 243 66.66 -4.54 -14.89
C ALA B 243 67.62 -5.13 -15.93
N LEU B 244 68.41 -4.27 -16.56
CA LEU B 244 69.30 -4.66 -17.64
C LEU B 244 70.75 -4.60 -17.17
N HIS B 245 71.51 -5.64 -17.51
CA HIS B 245 72.92 -5.70 -17.16
C HIS B 245 73.76 -4.89 -18.14
N ALA B 263 63.24 -13.29 -18.18
CA ALA B 263 62.16 -12.95 -17.27
C ALA B 263 60.89 -12.58 -18.05
N ALA B 264 60.13 -13.60 -18.45
CA ALA B 264 58.88 -13.37 -19.14
C ALA B 264 57.83 -12.85 -18.18
N TYR B 265 56.86 -12.12 -18.73
CA TYR B 265 55.74 -11.64 -17.92
C TYR B 265 54.47 -11.66 -18.75
N TYR B 266 53.33 -11.61 -18.07
CA TYR B 266 52.04 -11.75 -18.72
C TYR B 266 51.15 -10.58 -18.34
N VAL B 267 50.37 -10.10 -19.31
CA VAL B 267 49.41 -9.02 -19.11
C VAL B 267 48.01 -9.46 -19.50
N GLY B 268 47.08 -9.39 -18.55
CA GLY B 268 45.69 -9.72 -18.79
C GLY B 268 44.82 -8.51 -18.46
N TYR B 269 43.53 -8.62 -18.75
CA TYR B 269 42.60 -7.53 -18.49
C TYR B 269 41.38 -7.98 -17.72
N LEU B 270 40.88 -7.10 -16.85
CA LEU B 270 39.76 -7.39 -15.97
C LEU B 270 38.44 -7.02 -16.64
N GLN B 271 37.40 -7.76 -16.28
CA GLN B 271 36.04 -7.55 -16.75
C GLN B 271 35.08 -7.60 -15.58
N PRO B 272 33.92 -6.94 -15.70
CA PRO B 272 32.93 -6.95 -14.61
C PRO B 272 32.18 -8.27 -14.49
N ARG B 273 32.91 -9.34 -14.20
CA ARG B 273 32.33 -10.67 -14.06
C ARG B 273 31.83 -10.94 -12.65
N THR B 274 30.86 -11.84 -12.57
CA THR B 274 30.37 -12.34 -11.29
C THR B 274 31.07 -13.67 -11.00
N PHE B 275 31.64 -13.80 -9.82
CA PHE B 275 32.29 -15.02 -9.38
C PHE B 275 31.68 -15.57 -8.11
N LEU B 276 31.62 -16.89 -8.03
CA LEU B 276 31.25 -17.61 -6.82
C LEU B 276 32.54 -18.09 -6.16
N LEU B 277 32.85 -17.57 -4.97
CA LEU B 277 34.10 -17.83 -4.29
C LEU B 277 33.87 -18.82 -3.15
N LYS B 278 34.68 -19.88 -3.11
CA LYS B 278 34.56 -20.91 -2.08
C LYS B 278 35.58 -20.67 -0.96
N TYR B 279 35.10 -20.35 0.23
CA TYR B 279 35.97 -20.15 1.39
C TYR B 279 35.97 -21.44 2.20
N ASN B 280 37.17 -21.93 2.50
CA ASN B 280 37.33 -23.16 3.28
C ASN B 280 37.24 -22.85 4.77
N GLU B 281 37.53 -23.85 5.61
CA GLU B 281 37.41 -23.68 7.05
C GLU B 281 38.38 -22.65 7.62
N ASN B 282 39.47 -22.35 6.91
CA ASN B 282 40.44 -21.38 7.38
C ASN B 282 40.26 -20.00 6.76
N GLY B 283 39.21 -19.81 5.97
CA GLY B 283 38.97 -18.54 5.31
C GLY B 283 39.84 -18.29 4.11
N THR B 284 40.40 -19.33 3.52
CA THR B 284 41.25 -19.22 2.34
C THR B 284 40.40 -19.54 1.12
N ILE B 285 40.49 -18.72 0.08
CA ILE B 285 39.73 -19.02 -1.13
C ILE B 285 40.40 -20.19 -1.83
N THR B 286 39.66 -21.29 -2.01
CA THR B 286 40.22 -22.48 -2.61
C THR B 286 39.68 -22.77 -3.99
N ASP B 287 38.53 -22.22 -4.35
CA ASP B 287 38.00 -22.39 -5.70
C ASP B 287 37.12 -21.21 -6.05
N ALA B 288 36.65 -21.19 -7.29
CA ALA B 288 35.77 -20.15 -7.77
C ALA B 288 35.09 -20.62 -9.04
N VAL B 289 33.90 -20.10 -9.28
CA VAL B 289 33.16 -20.35 -10.52
C VAL B 289 32.95 -19.02 -11.21
N ASP B 290 33.38 -18.94 -12.46
CA ASP B 290 33.15 -17.77 -13.30
C ASP B 290 31.79 -17.92 -13.96
N CYS B 291 30.81 -17.13 -13.50
CA CYS B 291 29.42 -17.35 -13.88
C CYS B 291 29.15 -17.14 -15.36
N ALA B 292 30.09 -16.58 -16.13
CA ALA B 292 29.90 -16.36 -17.55
C ALA B 292 30.88 -17.16 -18.41
N LEU B 293 31.56 -18.14 -17.81
CA LEU B 293 32.52 -18.95 -18.58
C LEU B 293 31.82 -19.85 -19.57
N ASP B 294 30.98 -20.76 -19.09
CA ASP B 294 30.32 -21.75 -19.93
C ASP B 294 28.97 -22.07 -19.30
N PRO B 295 28.06 -22.70 -20.06
CA PRO B 295 26.75 -23.06 -19.48
C PRO B 295 26.85 -23.87 -18.20
N LEU B 296 27.87 -24.71 -18.05
CA LEU B 296 27.99 -25.48 -16.82
C LEU B 296 28.32 -24.55 -15.65
N SER B 297 29.18 -23.56 -15.89
CA SER B 297 29.49 -22.60 -14.84
C SER B 297 28.26 -21.77 -14.53
N GLU B 298 27.46 -21.44 -15.54
CA GLU B 298 26.23 -20.70 -15.30
C GLU B 298 25.30 -21.50 -14.39
N THR B 299 25.23 -22.82 -14.63
CA THR B 299 24.40 -23.68 -13.80
C THR B 299 24.92 -23.71 -12.36
N LYS B 300 26.24 -23.86 -12.21
CA LYS B 300 26.82 -23.87 -10.87
C LYS B 300 26.50 -22.59 -10.12
N CYS B 301 26.61 -21.44 -10.79
CA CYS B 301 26.26 -20.18 -10.15
C CYS B 301 24.77 -20.11 -9.83
N THR B 302 23.93 -20.59 -10.74
CA THR B 302 22.49 -20.56 -10.51
C THR B 302 22.11 -21.36 -9.28
N LEU B 303 22.71 -22.53 -9.09
CA LEU B 303 22.36 -23.38 -7.96
C LEU B 303 23.18 -23.09 -6.71
N LYS B 304 24.11 -22.12 -6.77
CA LYS B 304 24.97 -21.79 -5.65
C LYS B 304 25.67 -23.03 -5.08
N SER B 305 26.23 -23.83 -5.98
CA SER B 305 26.94 -25.03 -5.55
C SER B 305 28.00 -25.40 -6.58
N PHE B 306 29.04 -26.08 -6.11
CA PHE B 306 30.09 -26.56 -6.99
C PHE B 306 29.82 -27.98 -7.47
N THR B 307 28.71 -28.58 -7.04
CA THR B 307 28.29 -29.90 -7.48
C THR B 307 26.89 -29.76 -8.07
N VAL B 308 26.69 -30.34 -9.25
CA VAL B 308 25.39 -30.31 -9.91
C VAL B 308 24.89 -31.75 -10.05
N GLU B 309 23.71 -32.01 -9.50
CA GLU B 309 23.13 -33.34 -9.60
C GLU B 309 22.67 -33.61 -11.03
N LYS B 310 22.59 -34.89 -11.37
CA LYS B 310 22.14 -35.29 -12.70
C LYS B 310 20.73 -34.78 -12.96
N GLY B 311 20.54 -34.16 -14.11
CA GLY B 311 19.25 -33.64 -14.50
C GLY B 311 19.40 -32.47 -15.45
N ILE B 312 18.28 -31.81 -15.70
CA ILE B 312 18.21 -30.64 -16.58
C ILE B 312 17.80 -29.41 -15.77
N TYR B 313 18.57 -28.34 -15.90
CA TYR B 313 18.32 -27.12 -15.15
C TYR B 313 18.17 -25.95 -16.10
N GLN B 314 17.25 -25.04 -15.78
CA GLN B 314 17.09 -23.79 -16.52
C GLN B 314 17.89 -22.71 -15.80
N THR B 315 18.92 -22.17 -16.45
CA THR B 315 19.83 -21.29 -15.73
C THR B 315 19.84 -19.84 -16.20
N SER B 316 19.49 -19.58 -17.46
CA SER B 316 19.60 -18.21 -17.96
C SER B 316 18.68 -18.04 -19.15
N ASN B 317 18.87 -16.93 -19.87
CA ASN B 317 18.08 -16.61 -21.03
C ASN B 317 18.97 -16.05 -22.13
N PHE B 318 18.85 -16.62 -23.32
CA PHE B 318 19.60 -16.17 -24.47
C PHE B 318 18.88 -14.97 -25.05
N ARG B 319 19.65 -13.92 -25.33
CA ARG B 319 19.18 -12.70 -25.96
C ARG B 319 20.22 -12.22 -26.94
N VAL B 320 19.77 -11.57 -28.00
CA VAL B 320 20.64 -11.00 -29.02
C VAL B 320 20.94 -9.57 -28.62
N GLN B 321 22.21 -9.21 -28.67
CA GLN B 321 22.57 -7.87 -28.26
C GLN B 321 22.59 -6.94 -29.46
N PRO B 322 22.34 -5.65 -29.25
CA PRO B 322 22.43 -4.70 -30.36
C PRO B 322 23.87 -4.50 -30.82
N THR B 323 23.99 -4.16 -32.10
CA THR B 323 25.27 -3.92 -32.75
C THR B 323 25.60 -2.44 -32.85
N GLU B 324 24.60 -1.59 -33.03
CA GLU B 324 24.79 -0.16 -33.21
C GLU B 324 23.56 0.55 -32.66
N SER B 325 23.74 1.83 -32.36
CA SER B 325 22.64 2.66 -31.90
C SER B 325 21.99 3.40 -33.05
N ILE B 326 20.70 3.69 -32.91
CA ILE B 326 19.94 4.45 -33.88
C ILE B 326 19.38 5.68 -33.18
N VAL B 327 19.80 6.86 -33.63
CA VAL B 327 19.37 8.12 -33.05
C VAL B 327 18.60 8.89 -34.12
N ARG B 328 17.34 9.20 -33.83
CA ARG B 328 16.48 9.90 -34.78
C ARG B 328 15.89 11.15 -34.16
N PHE B 329 16.05 12.28 -34.84
CA PHE B 329 15.42 13.54 -34.46
C PHE B 329 15.00 14.28 -35.73
N PRO B 330 13.98 15.13 -35.64
CA PRO B 330 13.63 15.96 -36.81
C PRO B 330 14.83 16.77 -37.27
N ASN B 331 15.04 16.82 -38.59
CA ASN B 331 16.21 17.51 -39.12
C ASN B 331 15.94 19.01 -39.27
N ILE B 332 15.77 19.64 -38.11
CA ILE B 332 15.51 21.06 -37.98
C ILE B 332 16.77 21.73 -37.44
N THR B 333 17.12 22.88 -38.03
CA THR B 333 18.33 23.58 -37.65
C THR B 333 18.05 24.90 -36.93
N ASN B 334 16.78 25.25 -36.70
CA ASN B 334 16.46 26.48 -36.01
C ASN B 334 16.86 26.37 -34.54
N LEU B 335 17.49 27.41 -34.01
CA LEU B 335 17.75 27.50 -32.59
C LEU B 335 16.58 28.14 -31.86
N CYS B 336 16.21 27.54 -30.73
CA CYS B 336 15.13 28.08 -29.91
C CYS B 336 15.52 29.45 -29.36
N PRO B 337 14.65 30.45 -29.45
CA PRO B 337 15.03 31.80 -29.04
C PRO B 337 15.11 31.97 -27.53
N PHE B 338 16.00 31.19 -26.90
CA PHE B 338 16.26 31.37 -25.47
C PHE B 338 16.98 32.67 -25.18
N GLY B 339 17.61 33.27 -26.17
CA GLY B 339 18.33 34.52 -25.94
C GLY B 339 17.41 35.66 -25.55
N GLU B 340 16.33 35.84 -26.31
CA GLU B 340 15.42 36.95 -26.07
C GLU B 340 14.45 36.71 -24.92
N VAL B 341 14.50 35.55 -24.28
CA VAL B 341 13.73 35.34 -23.06
C VAL B 341 14.53 35.71 -21.82
N PHE B 342 15.77 35.22 -21.72
CA PHE B 342 16.61 35.56 -20.58
C PHE B 342 17.18 36.97 -20.69
N ASN B 343 17.75 37.31 -21.85
CA ASN B 343 18.45 38.56 -22.04
C ASN B 343 17.53 39.69 -22.49
N ALA B 344 16.25 39.62 -22.16
CA ALA B 344 15.34 40.70 -22.50
C ALA B 344 15.57 41.91 -21.58
N THR B 345 15.40 43.11 -22.15
CA THR B 345 15.67 44.32 -21.39
C THR B 345 14.73 44.45 -20.20
N ARG B 346 13.44 44.19 -20.41
CA ARG B 346 12.42 44.45 -19.41
C ARG B 346 11.56 43.21 -19.21
N PHE B 347 11.24 42.92 -17.96
CA PHE B 347 10.43 41.77 -17.58
C PHE B 347 9.07 42.25 -17.09
N ALA B 348 8.12 41.33 -17.06
CA ALA B 348 6.76 41.67 -16.67
C ALA B 348 6.57 41.46 -15.18
N SER B 349 5.60 42.16 -14.62
CA SER B 349 5.25 42.01 -13.21
C SER B 349 4.65 40.63 -12.95
N VAL B 350 4.81 40.16 -11.72
CA VAL B 350 4.46 38.77 -11.41
C VAL B 350 2.97 38.53 -11.54
N TYR B 351 2.14 39.52 -11.26
CA TYR B 351 0.70 39.34 -11.43
C TYR B 351 0.32 39.22 -12.89
N ALA B 352 1.06 39.91 -13.76
CA ALA B 352 0.88 39.82 -15.20
C ALA B 352 2.06 39.13 -15.84
N TRP B 353 2.42 37.95 -15.34
CA TRP B 353 3.62 37.26 -15.81
C TRP B 353 3.48 36.93 -17.29
N ASN B 354 4.55 37.15 -18.04
CA ASN B 354 4.52 36.95 -19.49
C ASN B 354 4.82 35.50 -19.84
N ARG B 355 4.00 34.92 -20.70
CA ARG B 355 4.20 33.55 -21.17
C ARG B 355 4.62 33.56 -22.63
N LYS B 356 5.66 32.79 -22.95
CA LYS B 356 6.17 32.63 -24.31
C LYS B 356 6.07 31.17 -24.71
N ARG B 357 5.70 30.93 -25.96
CA ARG B 357 5.51 29.58 -26.47
C ARG B 357 6.69 29.23 -27.36
N ILE B 358 7.39 28.15 -27.03
CA ILE B 358 8.54 27.67 -27.79
C ILE B 358 8.13 26.39 -28.51
N SER B 359 8.22 26.42 -29.83
CA SER B 359 7.80 25.32 -30.70
C SER B 359 8.66 25.30 -31.95
N ASN B 360 8.98 24.10 -32.42
CA ASN B 360 9.64 23.89 -33.71
C ASN B 360 11.00 24.59 -33.78
N CYS B 361 11.91 24.14 -32.94
CA CYS B 361 13.26 24.68 -32.86
C CYS B 361 14.11 23.71 -32.06
N VAL B 362 15.42 23.71 -32.33
CA VAL B 362 16.34 22.90 -31.55
C VAL B 362 16.69 23.66 -30.27
N ALA B 363 16.45 23.03 -29.13
CA ALA B 363 16.65 23.66 -27.83
C ALA B 363 18.04 23.30 -27.32
N ASP B 364 18.91 24.30 -27.22
CA ASP B 364 20.26 24.10 -26.70
C ASP B 364 20.24 24.49 -25.23
N TYR B 365 20.00 23.51 -24.36
CA TYR B 365 19.96 23.80 -22.93
C TYR B 365 21.37 23.84 -22.31
N SER B 366 22.42 23.61 -23.10
CA SER B 366 23.76 23.57 -22.54
C SER B 366 24.14 24.93 -21.96
N VAL B 367 23.89 25.99 -22.71
CA VAL B 367 24.25 27.35 -22.28
C VAL B 367 23.68 27.62 -20.90
N LEU B 368 22.44 27.23 -20.66
CA LEU B 368 21.74 27.57 -19.44
C LEU B 368 22.45 26.98 -18.22
N TYR B 369 22.49 25.66 -18.11
CA TYR B 369 23.11 25.06 -16.92
C TYR B 369 24.62 25.25 -16.93
N ASN B 370 25.23 25.62 -18.05
CA ASN B 370 26.65 25.88 -18.10
C ASN B 370 26.97 27.32 -17.72
N SER B 371 26.03 28.24 -17.91
CA SER B 371 26.22 29.60 -17.45
C SER B 371 26.10 29.63 -15.93
N ALA B 372 26.89 30.49 -15.29
CA ALA B 372 26.91 30.55 -13.83
C ALA B 372 26.31 31.84 -13.31
N SER B 373 25.57 32.57 -14.15
CA SER B 373 24.89 33.78 -13.69
C SER B 373 23.75 33.42 -12.76
N PHE B 374 23.12 32.26 -12.96
CA PHE B 374 21.87 31.95 -12.29
C PHE B 374 22.13 31.64 -10.83
N SER B 375 21.32 32.23 -9.94
CA SER B 375 21.45 31.89 -8.53
C SER B 375 20.66 30.64 -8.19
N THR B 376 19.50 30.46 -8.80
CA THR B 376 18.65 29.30 -8.55
C THR B 376 18.41 28.56 -9.85
N PHE B 377 18.65 27.25 -9.84
CA PHE B 377 18.38 26.39 -10.99
C PHE B 377 17.94 25.05 -10.42
N LYS B 378 16.63 24.80 -10.43
CA LYS B 378 16.09 23.56 -9.90
C LYS B 378 15.10 22.96 -10.87
N CYS B 379 15.23 21.68 -11.15
CA CYS B 379 14.35 20.99 -12.07
C CYS B 379 13.53 19.93 -11.33
N TYR B 380 12.32 19.71 -11.81
CA TYR B 380 11.35 18.79 -11.22
C TYR B 380 10.82 17.93 -12.35
N GLY B 381 10.77 16.62 -12.12
CA GLY B 381 10.26 15.71 -13.12
C GLY B 381 11.29 15.26 -14.13
N VAL B 382 12.45 15.92 -14.18
CA VAL B 382 13.49 15.61 -15.15
C VAL B 382 14.79 16.19 -14.62
N SER B 383 15.90 15.65 -15.07
CA SER B 383 17.22 16.09 -14.65
C SER B 383 17.90 16.92 -15.74
N PRO B 384 18.69 17.91 -15.35
CA PRO B 384 19.40 18.74 -16.35
C PRO B 384 20.34 17.96 -17.26
N THR B 385 21.10 17.00 -16.71
CA THR B 385 22.07 16.29 -17.53
C THR B 385 21.41 15.48 -18.64
N LYS B 386 20.26 14.90 -18.34
CA LYS B 386 19.52 14.07 -19.28
C LYS B 386 18.52 14.88 -20.10
N LEU B 387 18.66 16.20 -20.12
CA LEU B 387 17.76 17.09 -20.83
C LEU B 387 18.17 17.32 -22.29
N ASN B 388 19.46 17.44 -22.57
CA ASN B 388 19.91 17.71 -23.93
C ASN B 388 19.49 16.63 -24.92
N ASP B 389 19.33 15.40 -24.46
CA ASP B 389 18.88 14.31 -25.32
C ASP B 389 17.41 13.99 -25.10
N LEU B 390 16.54 14.99 -25.21
CA LEU B 390 15.12 14.78 -24.97
C LEU B 390 14.29 15.81 -25.71
N CYS B 391 13.23 15.32 -26.36
CA CYS B 391 12.28 16.10 -27.16
C CYS B 391 11.06 16.47 -26.34
N PHE B 392 10.36 17.52 -26.79
CA PHE B 392 9.15 17.93 -26.10
C PHE B 392 8.14 18.38 -27.15
N THR B 393 6.85 18.20 -26.82
CA THR B 393 5.78 18.67 -27.70
C THR B 393 5.74 20.19 -27.78
N ASN B 394 5.82 20.84 -26.62
CA ASN B 394 5.85 22.29 -26.53
C ASN B 394 6.68 22.65 -25.31
N VAL B 395 7.24 23.85 -25.32
CA VAL B 395 7.93 24.38 -24.14
C VAL B 395 7.34 25.73 -23.81
N TYR B 396 7.01 25.97 -22.55
CA TYR B 396 6.43 27.26 -22.18
C TYR B 396 7.41 27.96 -21.25
N ALA B 397 7.69 29.22 -21.55
CA ALA B 397 8.61 30.02 -20.76
C ALA B 397 7.82 31.15 -20.11
N ASP B 398 7.57 31.03 -18.81
CA ASP B 398 6.87 32.06 -18.07
C ASP B 398 7.90 32.91 -17.36
N SER B 399 7.78 34.21 -17.48
CA SER B 399 8.81 35.09 -16.95
C SER B 399 8.19 36.21 -16.18
N PHE B 400 8.81 36.53 -15.04
CA PHE B 400 8.35 37.59 -14.17
C PHE B 400 9.48 37.99 -13.24
N VAL B 401 9.18 38.90 -12.32
CA VAL B 401 10.16 39.42 -11.37
C VAL B 401 9.53 39.38 -9.99
N ILE B 402 10.29 38.89 -9.00
CA ILE B 402 9.85 38.91 -7.61
C ILE B 402 11.07 39.25 -6.76
N ARG B 403 10.94 39.16 -5.44
CA ARG B 403 12.08 39.41 -4.57
C ARG B 403 12.61 38.09 -4.02
N GLY B 404 13.80 38.16 -3.43
CA GLY B 404 14.48 36.94 -3.03
C GLY B 404 13.71 36.12 -2.01
N ASP B 405 13.05 36.80 -1.07
CA ASP B 405 12.24 36.13 -0.06
C ASP B 405 11.20 35.22 -0.70
N GLU B 406 10.78 35.53 -1.92
CA GLU B 406 9.68 34.85 -2.58
C GLU B 406 10.16 33.84 -3.61
N VAL B 407 11.48 33.72 -3.78
CA VAL B 407 12.01 32.75 -4.74
C VAL B 407 11.63 31.34 -4.32
N ARG B 408 11.67 31.06 -3.02
CA ARG B 408 11.30 29.74 -2.53
C ARG B 408 9.85 29.40 -2.82
N GLN B 409 9.01 30.39 -3.16
CA GLN B 409 7.63 30.11 -3.47
C GLN B 409 7.41 29.65 -4.92
N ILE B 410 8.40 29.79 -5.79
CA ILE B 410 8.26 29.31 -7.16
C ILE B 410 8.61 27.83 -7.21
N ALA B 411 7.71 27.00 -6.69
CA ALA B 411 7.92 25.56 -6.63
C ALA B 411 6.59 24.90 -6.35
N PRO B 412 6.39 23.64 -6.75
CA PRO B 412 5.13 22.97 -6.47
C PRO B 412 4.91 22.83 -4.97
N GLY B 413 3.65 22.96 -4.56
CA GLY B 413 3.31 22.77 -3.15
C GLY B 413 3.75 23.90 -2.25
N GLN B 414 3.88 25.11 -2.78
CA GLN B 414 4.30 26.26 -2.00
C GLN B 414 3.13 27.19 -1.76
N THR B 415 3.19 27.94 -0.67
CA THR B 415 2.15 28.89 -0.31
C THR B 415 2.76 30.25 -0.04
N GLY B 416 1.92 31.28 -0.18
CA GLY B 416 2.35 32.65 -0.01
C GLY B 416 1.61 33.57 -0.97
N LYS B 417 1.92 34.86 -0.94
CA LYS B 417 1.24 35.79 -1.85
C LYS B 417 1.50 35.43 -3.30
N ILE B 418 2.74 35.08 -3.64
CA ILE B 418 3.06 34.80 -5.03
C ILE B 418 2.47 33.46 -5.45
N ALA B 419 2.61 32.44 -4.59
CA ALA B 419 2.12 31.12 -4.96
C ALA B 419 0.60 31.08 -5.01
N ASP B 420 -0.07 31.77 -4.09
CA ASP B 420 -1.52 31.69 -4.00
C ASP B 420 -2.24 32.71 -4.90
N TYR B 421 -1.69 33.90 -5.06
CA TYR B 421 -2.40 34.99 -5.73
C TYR B 421 -1.77 35.43 -7.04
N ASN B 422 -0.59 34.92 -7.40
CA ASN B 422 0.10 35.48 -8.55
C ASN B 422 0.51 34.41 -9.56
N TYR B 423 1.20 33.37 -9.10
CA TYR B 423 1.68 32.34 -10.03
C TYR B 423 1.78 31.01 -9.27
N LYS B 424 0.94 30.06 -9.64
CA LYS B 424 0.88 28.77 -8.95
C LYS B 424 1.27 27.67 -9.92
N LEU B 425 2.17 26.79 -9.49
CA LEU B 425 2.57 25.61 -10.25
C LEU B 425 1.84 24.38 -9.75
N PRO B 426 1.39 23.51 -10.65
CA PRO B 426 0.66 22.32 -10.24
C PRO B 426 1.56 21.35 -9.50
N ASP B 427 0.92 20.44 -8.76
CA ASP B 427 1.67 19.47 -7.97
C ASP B 427 2.46 18.50 -8.85
N ASP B 428 2.01 18.26 -10.08
CA ASP B 428 2.71 17.39 -11.01
C ASP B 428 3.55 18.17 -12.03
N PHE B 429 4.11 19.29 -11.62
CA PHE B 429 4.86 20.12 -12.55
C PHE B 429 6.11 19.39 -13.04
N THR B 430 6.33 19.45 -14.36
CA THR B 430 7.50 18.82 -14.99
C THR B 430 8.23 19.92 -15.75
N GLY B 431 9.26 20.48 -15.15
CA GLY B 431 9.99 21.56 -15.78
C GLY B 431 11.11 22.04 -14.91
N CYS B 432 11.62 23.23 -15.22
CA CYS B 432 12.72 23.80 -14.47
C CYS B 432 12.40 25.23 -14.06
N VAL B 433 12.97 25.63 -12.93
CA VAL B 433 12.83 26.99 -12.39
C VAL B 433 14.23 27.59 -12.34
N ILE B 434 14.37 28.75 -12.98
CA ILE B 434 15.64 29.47 -13.08
C ILE B 434 15.42 30.88 -12.56
N ALA B 435 16.34 31.34 -11.71
CA ALA B 435 16.19 32.67 -11.15
C ALA B 435 17.56 33.27 -10.93
N TRP B 436 17.64 34.60 -11.09
CA TRP B 436 18.90 35.27 -10.86
C TRP B 436 18.64 36.68 -10.34
N ASN B 437 19.59 37.20 -9.57
CA ASN B 437 19.44 38.51 -8.96
C ASN B 437 19.62 39.60 -10.02
N SER B 438 18.60 40.43 -10.18
CA SER B 438 18.62 41.55 -11.11
C SER B 438 18.59 42.89 -10.37
N ASN B 439 19.39 43.00 -9.30
CA ASN B 439 19.39 44.24 -8.54
C ASN B 439 20.02 45.38 -9.32
N ASN B 440 21.00 45.07 -10.18
CA ASN B 440 21.66 46.10 -10.97
C ASN B 440 20.77 46.64 -12.08
N LEU B 441 19.72 45.92 -12.46
CA LEU B 441 18.85 46.32 -13.55
C LEU B 441 17.48 46.79 -13.12
N ASP B 442 16.88 46.15 -12.12
CA ASP B 442 15.50 46.41 -11.72
C ASP B 442 15.40 47.24 -10.44
N SER B 443 16.35 48.15 -10.22
CA SER B 443 16.32 49.00 -9.04
C SER B 443 16.64 50.43 -9.46
N LYS B 444 15.94 51.39 -8.86
CA LYS B 444 16.19 52.80 -9.09
C LYS B 444 16.54 53.48 -7.78
N VAL B 445 17.29 54.59 -7.88
CA VAL B 445 17.71 55.31 -6.68
C VAL B 445 16.51 55.80 -5.89
N GLY B 446 15.41 56.13 -6.56
CA GLY B 446 14.17 56.49 -5.91
C GLY B 446 13.20 55.35 -5.72
N GLY B 447 13.62 54.11 -5.96
CA GLY B 447 12.73 52.97 -5.85
C GLY B 447 12.00 52.67 -7.12
N ASN B 448 12.20 51.47 -7.67
CA ASN B 448 11.52 51.04 -8.87
C ASN B 448 10.13 50.54 -8.50
N TYR B 449 9.10 51.28 -8.90
CA TYR B 449 7.72 50.95 -8.54
C TYR B 449 6.92 50.42 -9.74
N ASN B 450 7.60 49.90 -10.76
CA ASN B 450 6.93 49.35 -11.92
C ASN B 450 6.51 47.90 -11.74
N TYR B 451 7.15 47.16 -10.84
CA TYR B 451 6.83 45.76 -10.61
C TYR B 451 5.77 45.66 -9.52
N LEU B 452 4.65 45.02 -9.83
CA LEU B 452 3.54 44.89 -8.90
C LEU B 452 3.29 43.43 -8.58
N TYR B 453 2.48 43.21 -7.54
CA TYR B 453 2.05 41.86 -7.19
C TYR B 453 0.66 41.92 -6.58
N ARG B 454 -0.11 40.86 -6.78
CA ARG B 454 -1.48 40.83 -6.26
C ARG B 454 -1.44 40.50 -4.77
N LEU B 455 -2.11 41.33 -3.96
CA LEU B 455 -2.08 41.18 -2.52
C LEU B 455 -3.34 40.55 -1.94
N PHE B 456 -4.50 40.77 -2.56
CA PHE B 456 -5.76 40.23 -2.08
C PHE B 456 -6.49 39.53 -3.21
N ARG B 457 -7.14 38.42 -2.88
CA ARG B 457 -7.97 37.68 -3.83
C ARG B 457 -8.93 36.80 -3.07
N LYS B 458 -10.15 36.68 -3.58
CA LYS B 458 -11.19 35.92 -2.89
C LYS B 458 -10.91 34.42 -2.89
N SER B 459 -10.06 33.93 -3.78
CA SER B 459 -9.74 32.50 -3.82
C SER B 459 -8.33 32.33 -4.36
N ASN B 460 -7.78 31.14 -4.13
CA ASN B 460 -6.43 30.84 -4.60
C ASN B 460 -6.45 30.53 -6.10
N LEU B 461 -5.36 30.91 -6.77
CA LEU B 461 -5.26 30.67 -8.20
C LEU B 461 -5.12 29.18 -8.48
N LYS B 462 -5.79 28.72 -9.54
CA LYS B 462 -5.52 27.40 -10.07
C LYS B 462 -4.14 27.38 -10.72
N PRO B 463 -3.56 26.19 -10.91
CA PRO B 463 -2.23 26.12 -11.53
C PRO B 463 -2.22 26.78 -12.90
N PHE B 464 -1.16 27.55 -13.16
CA PHE B 464 -1.00 28.25 -14.44
C PHE B 464 -2.17 29.18 -14.73
N GLU B 465 -2.66 29.87 -13.71
CA GLU B 465 -3.72 30.84 -13.89
C GLU B 465 -3.15 32.25 -13.84
N ARG B 466 -3.69 33.13 -14.69
CA ARG B 466 -3.22 34.49 -14.82
C ARG B 466 -4.37 35.44 -14.54
N ASP B 467 -4.29 36.16 -13.43
CA ASP B 467 -5.30 37.13 -13.03
C ASP B 467 -4.72 38.53 -13.14
N ILE B 468 -5.27 39.35 -14.04
CA ILE B 468 -4.86 40.73 -14.21
C ILE B 468 -5.98 41.70 -13.92
N SER B 469 -7.07 41.23 -13.32
CA SER B 469 -8.18 42.10 -12.98
C SER B 469 -7.79 43.06 -11.87
N THR B 470 -8.27 44.30 -11.95
CA THR B 470 -8.02 45.31 -10.93
C THR B 470 -9.28 45.67 -10.17
N GLU B 471 -10.17 44.70 -9.95
CA GLU B 471 -11.38 44.95 -9.19
C GLU B 471 -11.04 45.27 -7.74
N ILE B 472 -11.78 46.22 -7.18
CA ILE B 472 -11.54 46.63 -5.79
C ILE B 472 -11.94 45.48 -4.87
N TYR B 473 -10.99 45.04 -4.05
CA TYR B 473 -11.23 43.90 -3.16
C TYR B 473 -12.11 44.33 -1.99
N GLN B 474 -13.23 43.63 -1.81
CA GLN B 474 -14.14 43.89 -0.70
C GLN B 474 -13.72 43.02 0.48
N ALA B 475 -13.15 43.66 1.50
CA ALA B 475 -12.65 42.97 2.69
C ALA B 475 -13.57 43.13 3.89
N GLY B 476 -14.67 43.86 3.75
CA GLY B 476 -15.65 44.00 4.81
C GLY B 476 -17.04 43.67 4.32
N SER B 477 -18.00 43.84 5.24
CA SER B 477 -19.39 43.52 4.91
C SER B 477 -20.00 44.55 3.98
N THR B 478 -19.56 45.80 4.06
CA THR B 478 -20.09 46.84 3.20
C THR B 478 -19.60 46.60 1.77
N PRO B 479 -20.50 46.55 0.78
CA PRO B 479 -20.06 46.33 -0.61
C PRO B 479 -19.32 47.54 -1.15
N CYS B 480 -18.28 47.28 -1.93
CA CYS B 480 -17.57 48.31 -2.66
C CYS B 480 -18.17 48.47 -4.06
N ASN B 481 -18.35 49.71 -4.48
CA ASN B 481 -18.93 50.02 -5.78
C ASN B 481 -17.85 50.41 -6.78
N GLY B 482 -16.71 49.71 -6.74
CA GLY B 482 -15.60 49.99 -7.61
C GLY B 482 -14.69 51.10 -7.16
N VAL B 483 -14.87 51.61 -5.94
CA VAL B 483 -14.15 52.79 -5.46
C VAL B 483 -13.32 52.37 -4.26
N GLU B 484 -12.05 52.78 -4.26
CA GLU B 484 -11.13 52.44 -3.17
C GLU B 484 -11.56 53.14 -1.89
N GLY B 485 -11.25 52.52 -0.76
CA GLY B 485 -11.58 53.14 0.52
C GLY B 485 -11.48 52.22 1.73
N PHE B 486 -12.40 52.39 2.66
CA PHE B 486 -12.40 51.60 3.89
C PHE B 486 -12.91 50.19 3.60
N ASN B 487 -12.10 49.19 3.96
CA ASN B 487 -12.39 47.79 3.68
C ASN B 487 -12.61 47.54 2.19
N CYS B 488 -12.02 48.39 1.35
CA CYS B 488 -12.11 48.27 -0.10
C CYS B 488 -10.71 48.50 -0.64
N TYR B 489 -10.05 47.43 -1.09
CA TYR B 489 -8.63 47.44 -1.37
C TYR B 489 -8.37 47.44 -2.88
N PHE B 490 -7.33 48.16 -3.29
CA PHE B 490 -6.72 47.92 -4.58
C PHE B 490 -5.86 46.65 -4.51
N PRO B 491 -6.09 45.68 -5.39
CA PRO B 491 -5.51 44.34 -5.18
C PRO B 491 -4.01 44.28 -5.44
N LEU B 492 -3.42 45.28 -6.08
CA LEU B 492 -2.01 45.24 -6.43
C LEU B 492 -1.19 46.14 -5.52
N GLN B 493 -0.05 45.63 -5.08
CA GLN B 493 0.92 46.38 -4.30
C GLN B 493 2.22 46.48 -5.09
N SER B 494 2.96 47.55 -4.86
CA SER B 494 4.18 47.82 -5.60
C SER B 494 5.41 47.40 -4.80
N TYR B 495 6.36 46.78 -5.50
CA TYR B 495 7.63 46.42 -4.88
C TYR B 495 8.51 47.64 -4.69
N GLY B 496 9.35 47.59 -3.66
CA GLY B 496 10.27 48.68 -3.41
C GLY B 496 11.38 48.73 -4.43
N PHE B 497 12.31 47.77 -4.35
CA PHE B 497 13.42 47.64 -5.29
C PHE B 497 14.29 48.88 -5.33
N GLN B 498 15.22 48.96 -4.38
CA GLN B 498 16.20 50.02 -4.28
C GLN B 498 17.58 49.39 -4.14
N PRO B 499 18.62 50.02 -4.69
CA PRO B 499 19.95 49.40 -4.65
C PRO B 499 20.43 49.07 -3.24
N THR B 500 19.96 49.80 -2.24
CA THR B 500 20.39 49.58 -0.86
C THR B 500 19.50 48.59 -0.12
N ASN B 501 18.57 47.94 -0.80
CA ASN B 501 17.69 46.97 -0.16
C ASN B 501 18.48 45.75 0.30
N GLY B 502 17.99 45.12 1.36
CA GLY B 502 18.51 43.82 1.74
C GLY B 502 18.25 42.78 0.68
N VAL B 503 19.08 41.72 0.72
CA VAL B 503 19.06 40.72 -0.33
C VAL B 503 17.68 40.08 -0.45
N GLY B 504 16.99 39.90 0.67
CA GLY B 504 15.64 39.35 0.61
C GLY B 504 14.66 40.24 -0.12
N TYR B 505 14.98 41.52 -0.25
CA TYR B 505 14.11 42.49 -0.91
C TYR B 505 14.68 43.03 -2.21
N GLN B 506 15.83 42.52 -2.66
CA GLN B 506 16.33 42.91 -3.96
C GLN B 506 15.56 42.17 -5.04
N PRO B 507 15.51 42.73 -6.25
CA PRO B 507 14.77 42.06 -7.32
C PRO B 507 15.51 40.84 -7.85
N TYR B 508 14.72 39.85 -8.27
CA TYR B 508 15.17 38.63 -8.91
C TYR B 508 14.29 38.38 -10.11
N ARG B 509 14.92 38.13 -11.25
CA ARG B 509 14.20 37.76 -12.46
C ARG B 509 14.07 36.25 -12.50
N VAL B 510 12.83 35.77 -12.69
CA VAL B 510 12.52 34.36 -12.65
C VAL B 510 11.98 33.94 -14.01
N VAL B 511 12.44 32.78 -14.48
CA VAL B 511 11.94 32.11 -15.66
C VAL B 511 11.53 30.70 -15.25
N VAL B 512 10.32 30.31 -15.62
CA VAL B 512 9.76 29.02 -15.29
C VAL B 512 9.53 28.31 -16.62
N LEU B 513 10.35 27.31 -16.91
CA LEU B 513 10.21 26.51 -18.11
C LEU B 513 9.34 25.34 -17.77
N SER B 514 8.24 25.17 -18.49
CA SER B 514 7.33 24.06 -18.29
C SER B 514 7.36 23.18 -19.52
N PHE B 515 7.44 21.88 -19.26
CA PHE B 515 7.55 20.83 -20.24
C PHE B 515 6.28 19.98 -20.20
N GLU B 516 5.71 19.73 -21.35
CA GLU B 516 4.53 18.88 -21.47
C GLU B 516 4.93 17.67 -22.30
N LEU B 517 5.42 16.65 -21.59
CA LEU B 517 5.97 15.36 -21.98
C LEU B 517 4.95 14.42 -22.53
N LEU B 518 3.72 14.86 -22.83
CA LEU B 518 2.73 13.95 -23.37
C LEU B 518 3.23 13.34 -24.67
N HIS B 519 2.99 12.05 -24.84
CA HIS B 519 3.45 11.32 -26.01
C HIS B 519 2.68 11.80 -27.23
N ALA B 520 3.35 12.63 -28.03
CA ALA B 520 2.75 13.29 -29.18
C ALA B 520 3.89 13.75 -30.07
N PRO B 521 3.58 14.21 -31.30
CA PRO B 521 4.66 14.70 -32.16
C PRO B 521 5.49 15.76 -31.47
N ALA B 522 6.80 15.61 -31.55
CA ALA B 522 7.71 16.55 -30.90
C ALA B 522 8.12 17.65 -31.86
N THR B 523 8.30 18.85 -31.30
CA THR B 523 8.79 20.00 -32.04
C THR B 523 10.02 20.64 -31.43
N VAL B 524 10.29 20.41 -30.14
CA VAL B 524 11.43 21.00 -29.44
C VAL B 524 12.33 19.86 -28.96
N CYS B 525 13.41 19.63 -29.70
CA CYS B 525 14.34 18.55 -29.41
C CYS B 525 15.73 19.12 -29.15
N GLY B 526 16.51 18.36 -28.38
CA GLY B 526 17.81 18.82 -27.96
C GLY B 526 18.83 18.80 -29.08
N PRO B 527 20.03 19.32 -28.78
CA PRO B 527 21.11 19.45 -29.77
C PRO B 527 21.87 18.14 -30.00
N LYS B 528 21.15 17.13 -30.51
CA LYS B 528 21.75 15.82 -30.73
C LYS B 528 21.56 15.42 -32.19
N LYS B 529 22.68 15.09 -32.84
CA LYS B 529 22.63 14.73 -34.26
C LYS B 529 22.00 13.36 -34.44
N SER B 530 21.24 13.21 -35.53
CA SER B 530 20.66 11.92 -35.84
C SER B 530 21.65 11.04 -36.59
N THR B 531 21.31 9.76 -36.67
CA THR B 531 22.06 8.75 -37.41
C THR B 531 21.15 8.09 -38.44
N ASN B 532 21.74 7.23 -39.25
CA ASN B 532 20.94 6.48 -40.21
C ASN B 532 20.15 5.38 -39.49
N LEU B 533 19.06 4.96 -40.10
CA LEU B 533 18.20 3.93 -39.53
C LEU B 533 18.44 2.59 -40.20
N VAL B 534 18.59 1.54 -39.38
CA VAL B 534 18.86 0.18 -39.85
C VAL B 534 17.66 -0.69 -39.54
N LYS B 535 17.08 -1.30 -40.56
CA LYS B 535 15.90 -2.15 -40.41
C LYS B 535 16.28 -3.61 -40.32
N ASN B 536 15.40 -4.39 -39.67
CA ASN B 536 15.54 -5.84 -39.55
C ASN B 536 16.80 -6.27 -38.81
N LYS B 537 17.27 -5.44 -37.88
CA LYS B 537 18.42 -5.81 -37.07
C LYS B 537 18.17 -5.39 -35.63
N CYS B 538 18.74 -6.13 -34.70
CA CYS B 538 18.62 -5.77 -33.29
C CYS B 538 19.48 -4.53 -33.04
N VAL B 539 18.84 -3.43 -32.68
CA VAL B 539 19.56 -2.17 -32.45
C VAL B 539 19.08 -1.54 -31.17
N ASN B 540 19.91 -0.64 -30.65
CA ASN B 540 19.57 0.18 -29.48
C ASN B 540 19.11 1.51 -30.04
N PHE B 541 17.81 1.75 -30.04
CA PHE B 541 17.20 2.88 -30.70
C PHE B 541 16.85 3.99 -29.72
N ASN B 542 16.77 5.20 -30.27
CA ASN B 542 16.34 6.41 -29.55
C ASN B 542 15.49 7.23 -30.52
N PHE B 543 14.18 7.21 -30.32
CA PHE B 543 13.22 7.95 -31.14
C PHE B 543 12.63 9.09 -30.32
N ASN B 544 13.04 10.32 -30.63
CA ASN B 544 12.55 11.51 -29.94
C ASN B 544 12.72 11.42 -28.43
N GLY B 545 13.83 10.82 -27.99
CA GLY B 545 14.08 10.69 -26.56
C GLY B 545 13.61 9.39 -25.95
N LEU B 546 12.82 8.60 -26.67
CA LEU B 546 12.34 7.32 -26.18
C LEU B 546 13.36 6.27 -26.58
N THR B 547 13.95 5.59 -25.61
CA THR B 547 15.04 4.67 -25.92
C THR B 547 14.62 3.24 -25.63
N GLY B 548 15.36 2.32 -26.22
CA GLY B 548 15.12 0.91 -25.97
C GLY B 548 15.94 0.07 -26.92
N THR B 549 15.79 -1.24 -26.77
CA THR B 549 16.51 -2.20 -27.60
C THR B 549 15.49 -3.09 -28.29
N GLY B 550 15.67 -3.29 -29.59
CA GLY B 550 14.75 -4.13 -30.34
C GLY B 550 15.05 -4.08 -31.82
N VAL B 551 14.29 -4.89 -32.55
CA VAL B 551 14.38 -4.97 -34.00
C VAL B 551 13.34 -4.04 -34.59
N LEU B 552 13.78 -3.14 -35.46
CA LEU B 552 12.90 -2.17 -36.10
C LEU B 552 12.50 -2.71 -37.46
N THR B 553 11.20 -2.89 -37.69
CA THR B 553 10.75 -3.45 -38.96
C THR B 553 9.67 -2.56 -39.56
N GLU B 554 9.38 -2.82 -40.84
CA GLU B 554 8.29 -2.14 -41.51
C GLU B 554 6.96 -2.64 -40.98
N SER B 555 5.94 -1.79 -41.04
CA SER B 555 4.64 -2.16 -40.50
C SER B 555 3.53 -1.69 -41.43
N ASN B 556 2.34 -2.24 -41.20
CA ASN B 556 1.13 -1.84 -41.91
C ASN B 556 0.12 -1.22 -40.95
N LYS B 557 0.61 -0.64 -39.86
CA LYS B 557 -0.23 -0.01 -38.86
C LYS B 557 -0.45 1.45 -39.23
N LYS B 558 -1.70 1.79 -39.54
CA LYS B 558 -2.07 3.11 -40.06
C LYS B 558 -2.26 4.06 -38.88
N PHE B 559 -1.17 4.72 -38.49
CA PHE B 559 -1.24 5.71 -37.43
C PHE B 559 -2.00 6.94 -37.90
N LEU B 560 -2.77 7.52 -37.00
CA LEU B 560 -3.46 8.76 -37.31
C LEU B 560 -2.48 9.93 -37.22
N PRO B 561 -2.75 11.01 -37.95
CA PRO B 561 -1.80 12.14 -37.98
C PRO B 561 -1.37 12.66 -36.62
N PHE B 562 -2.20 12.48 -35.58
CA PHE B 562 -1.86 12.98 -34.25
C PHE B 562 -1.15 11.93 -33.39
N GLN B 563 -1.09 10.69 -33.84
CA GLN B 563 -0.51 9.62 -33.03
C GLN B 563 0.96 9.46 -33.34
N GLN B 564 1.78 9.36 -32.28
CA GLN B 564 3.22 9.25 -32.46
C GLN B 564 3.78 7.91 -32.01
N PHE B 565 3.20 7.29 -30.98
CA PHE B 565 3.69 6.03 -30.44
C PHE B 565 2.54 5.05 -30.32
N GLY B 566 2.86 3.76 -30.46
CA GLY B 566 1.88 2.73 -30.18
C GLY B 566 2.29 1.96 -28.95
N ARG B 567 1.34 1.30 -28.28
CA ARG B 567 1.68 0.55 -27.07
C ARG B 567 1.01 -0.81 -27.08
N ASP B 568 1.66 -1.75 -26.38
CA ASP B 568 1.16 -3.10 -26.18
C ASP B 568 0.40 -3.17 -24.86
N ILE B 569 -0.09 -4.37 -24.54
CA ILE B 569 -0.88 -4.56 -23.31
C ILE B 569 -0.05 -4.20 -22.08
N ALA B 570 1.24 -4.49 -22.11
CA ALA B 570 2.12 -4.22 -20.98
C ALA B 570 2.55 -2.77 -20.88
N ASP B 571 2.03 -1.89 -21.74
CA ASP B 571 2.33 -0.46 -21.82
C ASP B 571 3.71 -0.19 -22.39
N THR B 572 4.37 -1.20 -22.96
CA THR B 572 5.65 -0.98 -23.61
C THR B 572 5.44 -0.45 -25.02
N THR B 573 6.48 0.11 -25.60
CA THR B 573 6.34 0.68 -26.94
C THR B 573 6.22 -0.42 -27.97
N ASP B 574 5.19 -0.31 -28.82
CA ASP B 574 4.90 -1.26 -29.88
C ASP B 574 5.43 -0.80 -31.24
N ALA B 575 5.31 0.49 -31.54
CA ALA B 575 5.74 1.02 -32.81
C ALA B 575 5.97 2.52 -32.66
N VAL B 576 6.81 3.07 -33.54
CA VAL B 576 7.07 4.51 -33.54
C VAL B 576 6.98 5.05 -34.97
N ARG B 577 6.70 6.34 -35.07
CA ARG B 577 6.77 7.06 -36.33
C ARG B 577 8.11 7.76 -36.43
N ASP B 578 8.85 7.47 -37.49
CA ASP B 578 10.17 8.06 -37.68
C ASP B 578 10.05 9.58 -37.80
N PRO B 579 10.75 10.35 -36.97
CA PRO B 579 10.56 11.81 -36.97
C PRO B 579 10.98 12.50 -38.26
N GLN B 580 11.78 11.85 -39.10
CA GLN B 580 12.23 12.44 -40.35
C GLN B 580 11.41 12.00 -41.55
N THR B 581 11.05 10.72 -41.63
CA THR B 581 10.23 10.18 -42.70
C THR B 581 9.01 9.54 -42.08
N LEU B 582 7.83 10.04 -42.42
CA LEU B 582 6.61 9.68 -41.70
C LEU B 582 6.12 8.30 -42.10
N GLU B 583 6.86 7.29 -41.64
CA GLU B 583 6.50 5.90 -41.82
C GLU B 583 6.41 5.27 -40.43
N ILE B 584 5.64 4.20 -40.31
CA ILE B 584 5.45 3.55 -39.01
C ILE B 584 6.35 2.32 -38.96
N LEU B 585 7.16 2.24 -37.91
CA LEU B 585 8.07 1.12 -37.71
C LEU B 585 7.66 0.35 -36.47
N ASP B 586 7.52 -0.96 -36.61
CA ASP B 586 7.22 -1.80 -35.46
C ASP B 586 8.52 -2.07 -34.72
N ILE B 587 8.42 -2.15 -33.40
CA ILE B 587 9.55 -2.47 -32.54
C ILE B 587 9.25 -3.83 -31.92
N THR B 588 10.02 -4.83 -32.32
CA THR B 588 9.88 -6.18 -31.78
C THR B 588 11.08 -6.47 -30.91
N PRO B 589 10.91 -6.70 -29.60
CA PRO B 589 12.08 -6.97 -28.76
C PRO B 589 12.94 -8.06 -29.36
N CYS B 590 14.26 -7.91 -29.20
CA CYS B 590 15.17 -8.82 -29.85
C CYS B 590 14.96 -10.23 -29.32
N SER B 591 15.14 -11.22 -30.20
CA SER B 591 14.82 -12.60 -29.89
C SER B 591 15.44 -13.04 -28.57
N PHE B 592 14.84 -14.04 -27.94
CA PHE B 592 15.25 -14.46 -26.61
C PHE B 592 14.57 -15.78 -26.32
N GLY B 593 15.03 -16.43 -25.27
CA GLY B 593 14.41 -17.66 -24.81
C GLY B 593 15.21 -18.26 -23.69
N GLY B 594 14.60 -19.23 -23.01
CA GLY B 594 15.29 -19.87 -21.93
C GLY B 594 16.43 -20.74 -22.42
N VAL B 595 17.43 -20.90 -21.57
CA VAL B 595 18.57 -21.74 -21.84
C VAL B 595 18.64 -22.80 -20.76
N SER B 596 18.58 -24.06 -21.15
CA SER B 596 18.64 -25.16 -20.20
C SER B 596 19.91 -25.94 -20.44
N VAL B 597 20.52 -26.45 -19.37
CA VAL B 597 21.74 -27.22 -19.47
C VAL B 597 21.42 -28.66 -19.09
N ILE B 598 21.69 -29.58 -20.01
CA ILE B 598 21.42 -30.99 -19.81
C ILE B 598 22.76 -31.63 -19.45
N THR B 599 22.86 -32.15 -18.23
CA THR B 599 24.14 -32.65 -17.79
C THR B 599 24.05 -33.86 -16.88
N PRO B 600 24.96 -34.81 -17.04
CA PRO B 600 25.16 -35.83 -16.00
C PRO B 600 25.84 -35.18 -14.81
N GLY B 601 25.74 -35.83 -13.66
CA GLY B 601 26.30 -35.25 -12.47
C GLY B 601 27.80 -35.03 -12.60
N THR B 602 28.29 -34.02 -11.88
CA THR B 602 29.71 -33.70 -11.93
C THR B 602 30.59 -34.80 -11.36
N ASN B 603 30.01 -35.81 -10.72
CA ASN B 603 30.76 -36.97 -10.27
C ASN B 603 31.03 -37.94 -11.40
N THR B 604 30.49 -37.70 -12.60
CA THR B 604 30.71 -38.56 -13.76
C THR B 604 31.44 -37.86 -14.89
N SER B 605 30.96 -36.71 -15.34
CA SER B 605 31.55 -36.04 -16.49
C SER B 605 31.19 -34.56 -16.45
N ASN B 606 32.06 -33.73 -17.03
CA ASN B 606 31.83 -32.30 -17.17
C ASN B 606 31.32 -31.91 -18.55
N GLN B 607 30.88 -32.87 -19.35
CA GLN B 607 30.31 -32.57 -20.65
C GLN B 607 28.83 -32.21 -20.47
N VAL B 608 28.40 -31.15 -21.17
CA VAL B 608 27.01 -30.72 -21.10
C VAL B 608 26.46 -30.49 -22.50
N ALA B 609 25.13 -30.51 -22.58
CA ALA B 609 24.40 -30.15 -23.79
C ALA B 609 23.54 -28.94 -23.48
N VAL B 610 23.32 -28.07 -24.46
CA VAL B 610 22.56 -26.84 -24.21
C VAL B 610 21.30 -26.86 -25.04
N LEU B 611 20.15 -26.65 -24.38
CA LEU B 611 18.86 -26.57 -25.04
C LEU B 611 18.39 -25.12 -25.06
N TYR B 612 18.16 -24.59 -26.26
CA TYR B 612 17.61 -23.25 -26.41
C TYR B 612 16.10 -23.41 -26.60
N GLN B 613 15.33 -23.02 -25.59
CA GLN B 613 13.91 -23.34 -25.55
C GLN B 613 13.09 -22.54 -26.55
N ASP B 614 12.22 -23.23 -27.28
CA ASP B 614 11.24 -22.62 -28.18
C ASP B 614 11.88 -21.68 -29.20
N VAL B 615 13.03 -22.06 -29.75
CA VAL B 615 13.65 -21.28 -30.79
C VAL B 615 14.02 -22.20 -31.95
N ASN B 616 14.26 -21.58 -33.10
CA ASN B 616 14.77 -22.29 -34.27
C ASN B 616 16.29 -22.29 -34.21
N CYS B 617 16.89 -23.29 -34.88
CA CYS B 617 18.35 -23.38 -34.93
C CYS B 617 18.92 -22.41 -35.97
N THR B 618 18.64 -21.12 -35.75
CA THR B 618 19.05 -20.06 -36.66
C THR B 618 19.76 -18.95 -35.91
N GLU B 619 19.01 -18.19 -35.12
CA GLU B 619 19.56 -17.08 -34.36
C GLU B 619 20.65 -17.53 -33.38
N VAL B 620 20.59 -18.77 -32.93
CA VAL B 620 21.57 -19.27 -31.98
C VAL B 620 22.95 -19.34 -32.63
N ASN B 641 26.42 -30.98 -35.01
CA ASN B 641 25.80 -31.70 -33.89
C ASN B 641 24.65 -30.90 -33.30
N VAL B 642 23.72 -30.49 -34.14
CA VAL B 642 22.58 -29.68 -33.76
C VAL B 642 21.31 -30.43 -34.10
N PHE B 643 20.45 -30.65 -33.09
CA PHE B 643 19.21 -31.40 -33.26
C PHE B 643 18.03 -30.52 -32.91
N GLN B 644 17.16 -30.25 -33.89
CA GLN B 644 15.97 -29.44 -33.67
C GLN B 644 14.84 -30.32 -33.16
N THR B 645 14.28 -29.99 -32.01
CA THR B 645 13.16 -30.72 -31.42
C THR B 645 12.04 -29.73 -31.13
N ARG B 646 10.88 -30.26 -30.74
CA ARG B 646 9.80 -29.35 -30.42
C ARG B 646 10.01 -28.71 -29.07
N ALA B 647 11.04 -29.12 -28.35
CA ALA B 647 11.39 -28.51 -27.10
C ALA B 647 12.33 -27.33 -27.31
N GLY B 648 12.89 -27.19 -28.51
CA GLY B 648 13.90 -26.19 -28.76
C GLY B 648 15.04 -26.74 -29.58
N CYS B 649 16.10 -25.94 -29.69
CA CYS B 649 17.27 -26.30 -30.46
C CYS B 649 18.31 -26.88 -29.51
N LEU B 650 18.62 -28.16 -29.67
CA LEU B 650 19.53 -28.88 -28.78
C LEU B 650 20.92 -28.97 -29.41
N ILE B 651 21.92 -28.38 -28.76
CA ILE B 651 23.27 -28.33 -29.30
C ILE B 651 24.20 -29.07 -28.35
N GLY B 652 24.96 -30.01 -28.91
CA GLY B 652 25.94 -30.78 -28.18
C GLY B 652 25.56 -32.22 -27.93
N ALA B 653 24.29 -32.57 -28.06
CA ALA B 653 23.84 -33.95 -27.88
C ALA B 653 23.70 -34.65 -29.23
N GLU B 654 24.21 -35.88 -29.30
CA GLU B 654 24.10 -36.67 -30.52
C GLU B 654 22.72 -37.28 -30.61
N HIS B 655 22.10 -37.18 -31.79
CA HIS B 655 20.77 -37.75 -32.02
C HIS B 655 20.88 -39.24 -32.34
N VAL B 656 20.24 -40.08 -31.53
CA VAL B 656 20.30 -41.53 -31.67
C VAL B 656 18.92 -42.05 -32.03
N ASN B 657 18.86 -42.89 -33.07
CA ASN B 657 17.58 -43.45 -33.51
C ASN B 657 16.99 -44.43 -32.51
N ASN B 658 17.83 -45.14 -31.76
CA ASN B 658 17.33 -46.14 -30.82
C ASN B 658 16.65 -45.47 -29.63
N SER B 659 15.48 -45.96 -29.27
CA SER B 659 14.77 -45.46 -28.10
C SER B 659 15.21 -46.19 -26.84
N TYR B 660 15.05 -45.52 -25.70
CA TYR B 660 15.38 -46.08 -24.40
C TYR B 660 14.40 -45.51 -23.39
N GLU B 661 14.51 -45.96 -22.14
CA GLU B 661 13.70 -45.38 -21.08
C GLU B 661 14.19 -43.96 -20.80
N CYS B 662 13.26 -43.07 -20.48
CA CYS B 662 13.62 -41.69 -20.22
C CYS B 662 14.52 -41.60 -18.99
N ASP B 663 15.57 -40.80 -19.11
CA ASP B 663 16.56 -40.63 -18.05
C ASP B 663 16.55 -39.18 -17.58
N ILE B 664 17.13 -38.30 -18.38
CA ILE B 664 17.10 -36.86 -18.12
C ILE B 664 16.10 -36.24 -19.10
N PRO B 665 14.92 -35.83 -18.64
CA PRO B 665 13.89 -35.37 -19.58
C PRO B 665 14.24 -34.02 -20.20
N ILE B 666 13.92 -33.89 -21.48
CA ILE B 666 14.08 -32.62 -22.20
C ILE B 666 12.74 -31.96 -22.44
N GLY B 667 11.77 -32.71 -22.95
CA GLY B 667 10.46 -32.16 -23.20
C GLY B 667 9.91 -32.55 -24.55
N ALA B 668 8.59 -32.45 -24.70
CA ALA B 668 7.93 -32.74 -25.97
C ALA B 668 8.26 -34.16 -26.43
N GLY B 669 8.34 -35.08 -25.46
CA GLY B 669 8.57 -36.46 -25.79
C GLY B 669 10.02 -36.85 -25.93
N ILE B 670 10.94 -35.88 -25.89
CA ILE B 670 12.37 -36.13 -26.07
C ILE B 670 13.05 -36.17 -24.72
N CYS B 671 13.89 -37.19 -24.51
CA CYS B 671 14.71 -37.32 -23.32
C CYS B 671 16.17 -37.50 -23.72
N ALA B 672 17.06 -37.20 -22.78
CA ALA B 672 18.49 -37.32 -23.00
C ALA B 672 19.12 -38.17 -21.89
N SER B 673 20.26 -38.77 -22.22
CA SER B 673 20.98 -39.61 -21.28
C SER B 673 22.46 -39.63 -21.65
N TYR B 674 23.27 -40.14 -20.74
CA TYR B 674 24.72 -40.25 -20.95
C TYR B 674 25.05 -41.70 -21.24
N GLN B 675 25.42 -41.99 -22.49
CA GLN B 675 25.65 -43.36 -22.93
C GLN B 675 26.73 -43.39 -24.00
N THR B 676 27.06 -44.59 -24.45
CA THR B 676 28.08 -44.76 -25.48
C THR B 676 27.46 -44.83 -26.86
N SER B 689 34.63 -42.34 -24.89
CA SER B 689 33.69 -43.07 -25.71
C SER B 689 32.25 -42.71 -25.35
N GLN B 690 32.04 -42.28 -24.11
CA GLN B 690 30.73 -41.91 -23.64
C GLN B 690 30.42 -40.45 -24.00
N SER B 691 29.15 -40.18 -24.26
CA SER B 691 28.69 -38.83 -24.57
C SER B 691 27.21 -38.73 -24.27
N ILE B 692 26.73 -37.49 -24.27
CA ILE B 692 25.31 -37.23 -24.05
C ILE B 692 24.56 -37.44 -25.36
N ILE B 693 23.47 -38.21 -25.30
CA ILE B 693 22.65 -38.51 -26.46
C ILE B 693 21.24 -38.06 -26.16
N ALA B 694 20.48 -37.82 -27.23
CA ALA B 694 19.08 -37.43 -27.16
C ALA B 694 18.25 -38.35 -28.05
N TYR B 695 17.06 -38.70 -27.58
CA TYR B 695 16.22 -39.64 -28.30
C TYR B 695 14.77 -39.44 -27.89
N THR B 696 13.87 -39.98 -28.70
CA THR B 696 12.46 -40.02 -28.32
C THR B 696 12.29 -41.15 -27.33
N MET B 697 11.67 -40.86 -26.19
CA MET B 697 11.60 -41.86 -25.14
C MET B 697 10.66 -42.99 -25.53
N SER B 698 11.01 -44.18 -25.06
CA SER B 698 10.16 -45.36 -25.22
C SER B 698 9.04 -45.33 -24.19
N LEU B 699 7.88 -45.83 -24.60
CA LEU B 699 6.74 -45.92 -23.69
C LEU B 699 6.60 -47.31 -23.07
N GLY B 700 7.26 -48.30 -23.63
CA GLY B 700 7.18 -49.67 -23.15
C GLY B 700 7.30 -50.64 -24.28
N ALA B 701 7.50 -51.91 -23.92
CA ALA B 701 7.62 -52.95 -24.92
C ALA B 701 6.26 -53.19 -25.58
N GLU B 702 6.30 -53.53 -26.87
CA GLU B 702 5.07 -53.87 -27.57
C GLU B 702 4.76 -55.35 -27.33
N ASN B 703 3.52 -55.64 -26.93
CA ASN B 703 3.14 -57.02 -26.62
C ASN B 703 1.66 -57.19 -26.98
N SER B 704 1.41 -57.80 -28.13
CA SER B 704 0.02 -58.04 -28.52
C SER B 704 -0.56 -59.16 -27.68
N VAL B 705 -1.87 -59.13 -27.49
CA VAL B 705 -2.57 -60.17 -26.75
C VAL B 705 -3.23 -61.11 -27.74
N ALA B 706 -3.06 -62.42 -27.52
CA ALA B 706 -3.60 -63.45 -28.42
C ALA B 706 -5.08 -63.66 -28.11
N TYR B 707 -5.86 -62.61 -28.37
CA TYR B 707 -7.28 -62.64 -28.08
C TYR B 707 -8.04 -63.50 -29.10
N SER B 708 -8.99 -64.28 -28.59
CA SER B 708 -9.93 -65.00 -29.43
C SER B 708 -11.18 -65.23 -28.61
N ASN B 709 -12.26 -65.62 -29.29
CA ASN B 709 -13.55 -65.74 -28.62
C ASN B 709 -13.72 -67.02 -27.80
N ASN B 710 -12.78 -67.97 -27.88
CA ASN B 710 -12.93 -69.20 -27.11
C ASN B 710 -11.63 -69.64 -26.45
N SER B 711 -10.78 -68.70 -26.04
CA SER B 711 -9.51 -69.05 -25.41
C SER B 711 -9.29 -68.20 -24.17
N ILE B 712 -8.97 -68.85 -23.06
CA ILE B 712 -8.72 -68.18 -21.79
C ILE B 712 -7.36 -68.62 -21.28
N ALA B 713 -6.60 -67.67 -20.75
CA ALA B 713 -5.32 -67.94 -20.13
C ALA B 713 -5.47 -67.90 -18.61
N ILE B 714 -5.11 -68.99 -17.95
CA ILE B 714 -5.22 -69.13 -16.51
C ILE B 714 -3.84 -69.39 -15.94
N PRO B 715 -3.38 -68.62 -14.98
CA PRO B 715 -2.03 -68.84 -14.44
C PRO B 715 -1.89 -70.20 -13.77
N THR B 716 -0.75 -70.84 -14.01
CA THR B 716 -0.47 -72.15 -13.43
C THR B 716 0.49 -72.06 -12.26
N ASN B 717 1.19 -70.94 -12.13
CA ASN B 717 2.12 -70.75 -11.04
C ASN B 717 2.02 -69.28 -10.63
N PHE B 718 2.57 -68.98 -9.46
CA PHE B 718 2.50 -67.64 -8.90
C PHE B 718 3.76 -67.32 -8.12
N THR B 719 3.94 -66.03 -7.87
CA THR B 719 5.03 -65.55 -7.04
C THR B 719 4.47 -64.59 -6.00
N ILE B 720 5.01 -64.66 -4.79
CA ILE B 720 4.67 -63.72 -3.73
C ILE B 720 5.74 -62.64 -3.77
N SER B 721 5.31 -61.39 -3.97
CA SER B 721 6.25 -60.28 -4.05
C SER B 721 6.01 -59.31 -2.92
N VAL B 722 7.06 -58.60 -2.54
CA VAL B 722 6.99 -57.56 -1.52
C VAL B 722 7.49 -56.27 -2.14
N THR B 723 6.68 -55.22 -2.04
CA THR B 723 7.02 -53.93 -2.60
C THR B 723 7.12 -52.91 -1.47
N THR B 724 7.82 -51.81 -1.76
CA THR B 724 8.04 -50.77 -0.77
C THR B 724 7.34 -49.49 -1.20
N GLU B 725 6.45 -48.99 -0.35
CA GLU B 725 5.78 -47.71 -0.61
C GLU B 725 6.19 -46.75 0.50
N ILE B 726 6.75 -45.60 0.13
CA ILE B 726 7.30 -44.66 1.09
C ILE B 726 6.48 -43.37 1.06
N LEU B 727 5.97 -42.96 2.22
CA LEU B 727 5.16 -41.76 2.27
C LEU B 727 5.66 -40.77 3.32
N PRO B 728 5.75 -39.49 2.98
CA PRO B 728 5.96 -38.46 4.00
C PRO B 728 4.79 -38.42 4.96
N VAL B 729 5.07 -38.17 6.24
CA VAL B 729 4.03 -38.02 7.24
C VAL B 729 4.09 -36.65 7.92
N SER B 730 5.28 -36.15 8.21
CA SER B 730 5.43 -34.92 8.95
C SER B 730 6.56 -34.09 8.35
N MET B 731 6.64 -32.83 8.80
CA MET B 731 7.71 -31.93 8.40
C MET B 731 8.24 -31.25 9.66
N THR B 732 9.46 -30.73 9.55
CA THR B 732 10.11 -30.11 10.70
C THR B 732 9.24 -29.02 11.33
N LYS B 733 9.06 -29.11 12.63
CA LYS B 733 8.22 -28.18 13.39
C LYS B 733 9.00 -26.91 13.69
N THR B 734 9.12 -26.05 12.68
CA THR B 734 9.89 -24.84 12.89
C THR B 734 9.07 -23.82 13.67
N SER B 735 9.78 -22.87 14.29
CA SER B 735 9.15 -21.77 14.98
C SER B 735 10.06 -20.56 14.83
N VAL B 736 9.49 -19.42 14.45
CA VAL B 736 10.28 -18.22 14.23
C VAL B 736 9.79 -17.13 15.16
N ASP B 737 10.71 -16.55 15.92
CA ASP B 737 10.38 -15.40 16.77
C ASP B 737 10.41 -14.19 15.85
N CYS B 738 9.24 -13.76 15.39
CA CYS B 738 9.17 -12.69 14.40
C CYS B 738 9.78 -11.38 14.91
N THR B 739 9.67 -11.09 16.20
CA THR B 739 10.23 -9.84 16.70
C THR B 739 11.74 -9.91 16.76
N MET B 740 12.29 -11.00 17.29
CA MET B 740 13.75 -11.11 17.36
C MET B 740 14.35 -11.25 15.98
N TYR B 741 13.65 -11.92 15.06
CA TYR B 741 14.15 -12.05 13.70
C TYR B 741 14.24 -10.69 13.03
N ILE B 742 13.17 -9.89 13.10
CA ILE B 742 13.18 -8.62 12.40
C ILE B 742 14.04 -7.60 13.12
N CYS B 743 13.89 -7.48 14.44
CA CYS B 743 14.55 -6.45 15.21
C CYS B 743 15.39 -7.00 16.35
N GLY B 744 16.39 -7.81 16.04
CA GLY B 744 17.16 -8.46 17.08
C GLY B 744 17.95 -7.53 18.00
N ASP B 745 17.58 -7.55 19.27
CA ASP B 745 18.22 -6.76 20.32
C ASP B 745 18.32 -5.27 19.97
N SER B 746 17.26 -4.73 19.37
CA SER B 746 17.20 -3.31 19.03
C SER B 746 15.86 -2.76 19.50
N THR B 747 15.89 -1.85 20.46
CA THR B 747 14.64 -1.28 20.97
C THR B 747 13.98 -0.37 19.93
N GLU B 748 14.78 0.42 19.21
CA GLU B 748 14.23 1.34 18.23
C GLU B 748 13.54 0.59 17.10
N CYS B 749 14.16 -0.49 16.64
CA CYS B 749 13.53 -1.28 15.58
C CYS B 749 12.25 -1.91 16.08
N SER B 750 12.25 -2.42 17.31
CA SER B 750 11.03 -3.03 17.86
C SER B 750 9.90 -2.00 17.94
N ASN B 751 10.23 -0.78 18.38
CA ASN B 751 9.21 0.27 18.46
C ASN B 751 8.68 0.63 17.09
N LEU B 752 9.54 0.60 16.06
CA LEU B 752 9.04 0.84 14.72
C LEU B 752 8.19 -0.34 14.23
N LEU B 753 8.58 -1.55 14.61
CA LEU B 753 7.85 -2.75 14.23
C LEU B 753 6.44 -2.75 14.80
N LEU B 754 6.26 -2.16 15.98
CA LEU B 754 4.94 -2.14 16.59
C LEU B 754 3.92 -1.39 15.73
N GLN B 755 4.37 -0.57 14.79
CA GLN B 755 3.45 0.17 13.93
C GLN B 755 2.79 -0.69 12.87
N TYR B 756 3.21 -1.95 12.73
CA TYR B 756 2.63 -2.86 11.76
C TYR B 756 1.58 -3.78 12.38
N GLY B 757 1.21 -3.53 13.62
CA GLY B 757 0.14 -4.28 14.26
C GLY B 757 0.39 -5.76 14.45
N SER B 758 -0.55 -6.57 13.96
CA SER B 758 -0.56 -8.02 14.14
C SER B 758 0.24 -8.79 13.08
N PHE B 759 0.94 -8.12 12.17
CA PHE B 759 1.72 -8.85 11.16
C PHE B 759 2.65 -9.86 11.79
N CYS B 760 3.21 -9.53 12.95
CA CYS B 760 4.15 -10.41 13.64
C CYS B 760 3.41 -11.58 14.31
N THR B 761 2.46 -11.27 15.18
CA THR B 761 1.79 -12.31 15.96
C THR B 761 0.93 -13.22 15.10
N GLN B 762 0.42 -12.76 13.95
CA GLN B 762 -0.34 -13.72 13.14
C GLN B 762 0.59 -14.70 12.45
N LEU B 763 1.87 -14.37 12.32
CA LEU B 763 2.79 -15.32 11.73
C LEU B 763 3.22 -16.31 12.79
N ASN B 764 3.36 -15.82 14.03
CA ASN B 764 3.65 -16.74 15.11
C ASN B 764 2.49 -17.72 15.28
N ARG B 765 1.26 -17.24 15.09
CA ARG B 765 0.09 -18.10 15.19
C ARG B 765 0.09 -19.14 14.07
N ALA B 766 0.36 -18.70 12.84
CA ALA B 766 0.36 -19.65 11.72
C ALA B 766 1.40 -20.74 11.92
N LEU B 767 2.59 -20.36 12.39
CA LEU B 767 3.61 -21.38 12.60
C LEU B 767 3.25 -22.30 13.76
N THR B 768 2.59 -21.79 14.79
CA THR B 768 2.14 -22.65 15.87
C THR B 768 1.11 -23.65 15.34
N GLY B 769 0.16 -23.17 14.53
CA GLY B 769 -0.84 -24.06 13.96
C GLY B 769 -0.22 -25.18 13.16
N ILE B 770 0.80 -24.85 12.36
CA ILE B 770 1.49 -25.89 11.59
C ILE B 770 2.16 -26.88 12.53
N ALA B 771 2.88 -26.36 13.52
CA ALA B 771 3.60 -27.24 14.44
C ALA B 771 2.65 -28.21 15.13
N VAL B 772 1.46 -27.72 15.49
CA VAL B 772 0.49 -28.60 16.14
C VAL B 772 -0.03 -29.65 15.17
N GLU B 773 -0.39 -29.25 13.94
CA GLU B 773 -0.91 -30.28 13.07
C GLU B 773 0.15 -31.30 12.67
N GLN B 774 1.44 -30.97 12.80
CA GLN B 774 2.44 -31.99 12.51
C GLN B 774 2.38 -33.13 13.52
N ASP B 775 2.02 -32.80 14.76
CA ASP B 775 1.89 -33.85 15.77
C ASP B 775 0.57 -34.55 15.61
N LYS B 776 -0.45 -33.81 15.18
CA LYS B 776 -1.72 -34.48 14.90
C LYS B 776 -1.53 -35.51 13.79
N ASN B 777 -0.78 -35.14 12.75
CA ASN B 777 -0.53 -36.06 11.64
C ASN B 777 0.22 -37.29 12.11
N THR B 778 1.25 -37.09 12.94
CA THR B 778 2.00 -38.25 13.43
C THR B 778 1.11 -39.15 14.27
N GLN B 779 0.28 -38.55 15.12
CA GLN B 779 -0.57 -39.33 16.01
C GLN B 779 -1.59 -40.12 15.20
N GLU B 780 -2.18 -39.49 14.19
CA GLU B 780 -3.18 -40.17 13.36
C GLU B 780 -2.57 -41.28 12.53
N VAL B 781 -1.33 -41.13 12.08
CA VAL B 781 -0.74 -42.17 11.25
C VAL B 781 -0.28 -43.36 12.09
N PHE B 782 0.43 -43.11 13.19
CA PHE B 782 1.01 -44.24 13.91
C PHE B 782 0.19 -44.71 15.11
N ALA B 783 -0.46 -43.81 15.84
CA ALA B 783 -1.15 -44.20 17.07
C ALA B 783 -2.58 -44.67 16.80
N GLN B 784 -2.68 -45.76 16.05
CA GLN B 784 -3.98 -46.32 15.72
C GLN B 784 -4.30 -47.58 16.52
N VAL B 785 -3.41 -48.00 17.43
CA VAL B 785 -3.62 -49.20 18.22
C VAL B 785 -3.70 -48.79 19.70
N LYS B 786 -4.74 -49.26 20.37
CA LYS B 786 -4.99 -48.90 21.77
C LYS B 786 -4.04 -49.59 22.75
N GLN B 787 -3.41 -50.69 22.35
CA GLN B 787 -2.56 -51.44 23.26
C GLN B 787 -1.24 -51.80 22.61
N ILE B 788 -0.24 -52.06 23.45
CA ILE B 788 1.09 -52.45 23.00
C ILE B 788 1.17 -53.98 23.00
N TYR B 789 1.15 -54.57 21.82
CA TYR B 789 1.20 -56.01 21.65
C TYR B 789 2.66 -56.43 21.50
N LYS B 790 2.95 -57.67 21.87
CA LYS B 790 4.30 -58.19 21.69
C LYS B 790 4.23 -59.63 21.21
N THR B 791 5.23 -60.01 20.41
CA THR B 791 5.30 -61.35 19.87
C THR B 791 5.70 -62.35 20.94
N PRO B 792 5.38 -63.63 20.74
CA PRO B 792 5.83 -64.67 21.65
C PRO B 792 7.32 -64.88 21.52
N PRO B 793 7.97 -65.46 22.54
CA PRO B 793 9.41 -65.76 22.42
C PRO B 793 9.74 -66.78 21.36
N ILE B 794 8.78 -67.61 20.93
CA ILE B 794 9.02 -68.62 19.91
C ILE B 794 8.40 -68.17 18.59
N LYS B 795 9.26 -67.99 17.57
CA LYS B 795 8.82 -67.47 16.29
C LYS B 795 8.40 -68.63 15.38
N ASP B 796 7.37 -69.35 15.82
CA ASP B 796 6.84 -70.50 15.08
C ASP B 796 5.72 -70.07 14.13
N PHE B 797 6.12 -69.35 13.09
CA PHE B 797 5.18 -68.76 12.14
C PHE B 797 5.10 -69.54 10.84
N GLY B 798 5.24 -70.85 10.89
CA GLY B 798 5.00 -71.64 9.70
C GLY B 798 6.05 -71.54 8.62
N GLY B 799 7.28 -71.14 8.97
CA GLY B 799 8.34 -70.98 8.02
C GLY B 799 8.54 -69.56 7.56
N PHE B 800 7.66 -68.64 7.91
CA PHE B 800 7.81 -67.24 7.53
C PHE B 800 8.76 -66.57 8.51
N ASN B 801 9.85 -66.02 7.98
CA ASN B 801 10.87 -65.39 8.80
C ASN B 801 10.62 -63.89 8.89
N PHE B 802 10.34 -63.42 10.10
CA PHE B 802 10.06 -62.00 10.34
C PHE B 802 11.15 -61.34 11.18
N SER B 803 12.30 -61.99 11.35
CA SER B 803 13.32 -61.45 12.24
C SER B 803 13.88 -60.15 11.71
N GLN B 804 13.67 -59.84 10.43
CA GLN B 804 14.21 -58.64 9.83
C GLN B 804 13.25 -57.46 9.85
N ILE B 805 12.01 -57.65 10.29
CA ILE B 805 11.07 -56.55 10.39
C ILE B 805 10.58 -56.32 11.81
N LEU B 806 10.76 -57.28 12.71
CA LEU B 806 10.42 -57.14 14.12
C LEU B 806 11.53 -56.45 14.90
N PRO B 807 11.19 -55.80 16.00
CA PRO B 807 12.21 -55.12 16.82
C PRO B 807 13.32 -56.05 17.26
N ASP B 808 14.54 -55.51 17.29
CA ASP B 808 15.72 -56.25 17.75
C ASP B 808 15.98 -55.87 19.20
N PRO B 809 15.73 -56.76 20.16
CA PRO B 809 15.87 -56.40 21.58
C PRO B 809 17.27 -55.96 21.98
N SER B 810 18.29 -56.22 21.16
CA SER B 810 19.66 -55.91 21.51
C SER B 810 20.06 -54.46 21.22
N LYS B 811 19.21 -53.69 20.55
CA LYS B 811 19.60 -52.33 20.21
C LYS B 811 19.22 -51.35 21.31
N PRO B 812 19.93 -50.22 21.40
CA PRO B 812 19.55 -49.19 22.38
C PRO B 812 18.18 -48.58 22.12
N SER B 813 17.65 -48.75 20.91
CA SER B 813 16.32 -48.30 20.55
C SER B 813 15.68 -49.45 19.79
N LYS B 814 14.52 -49.90 20.26
CA LYS B 814 13.94 -51.14 19.75
C LYS B 814 13.35 -50.91 18.36
N ARG B 815 14.24 -50.80 17.39
CA ARG B 815 13.90 -50.65 15.99
C ARG B 815 14.26 -51.94 15.26
N SER B 816 13.60 -52.16 14.12
CA SER B 816 13.91 -53.34 13.32
C SER B 816 15.18 -53.11 12.52
N PHE B 817 15.71 -54.19 11.95
CA PHE B 817 16.89 -54.09 11.09
C PHE B 817 16.60 -53.14 9.93
N ILE B 818 15.47 -53.33 9.26
CA ILE B 818 15.11 -52.46 8.14
C ILE B 818 14.96 -51.02 8.61
N GLU B 819 14.35 -50.82 9.78
CA GLU B 819 14.23 -49.46 10.29
C GLU B 819 15.60 -48.84 10.49
N ASP B 820 16.56 -49.61 11.01
CA ASP B 820 17.92 -49.09 11.14
C ASP B 820 18.47 -48.71 9.77
N LEU B 821 18.16 -49.50 8.75
CA LEU B 821 18.64 -49.17 7.41
C LEU B 821 18.02 -47.85 6.94
N LEU B 822 16.74 -47.65 7.27
CA LEU B 822 16.03 -46.47 6.82
C LEU B 822 16.58 -45.22 7.50
N PHE B 823 16.88 -45.30 8.79
CA PHE B 823 17.41 -44.15 9.51
C PHE B 823 18.83 -43.81 9.06
N ASN B 824 19.56 -44.77 8.52
CA ASN B 824 20.92 -44.53 8.06
C ASN B 824 21.00 -44.02 6.63
N LYS B 825 19.85 -43.81 5.98
CA LYS B 825 19.81 -43.28 4.62
C LYS B 825 19.32 -41.85 4.55
N VAL B 826 18.42 -41.45 5.43
CA VAL B 826 17.91 -40.08 5.48
C VAL B 826 18.79 -39.28 6.43
N THR B 827 19.29 -38.15 5.96
CA THR B 827 20.20 -37.33 6.76
C THR B 827 19.59 -35.96 7.06
N LYS B 854 19.07 -20.18 13.40
CA LYS B 854 20.18 -20.47 14.29
C LYS B 854 20.08 -19.62 15.55
N PHE B 855 20.57 -18.39 15.48
CA PHE B 855 20.45 -17.43 16.58
C PHE B 855 19.65 -16.21 16.16
N ASN B 856 18.80 -16.36 15.15
CA ASN B 856 18.00 -15.28 14.59
C ASN B 856 16.52 -15.45 14.92
N GLY B 857 16.22 -16.18 15.99
CA GLY B 857 14.85 -16.41 16.40
C GLY B 857 14.24 -17.63 15.75
N LEU B 858 15.03 -18.40 15.01
CA LEU B 858 14.57 -19.59 14.32
C LEU B 858 14.95 -20.80 15.15
N THR B 859 13.95 -21.55 15.59
CA THR B 859 14.15 -22.72 16.42
C THR B 859 13.38 -23.87 15.80
N VAL B 860 13.69 -25.08 16.26
CA VAL B 860 13.03 -26.28 15.82
C VAL B 860 12.43 -26.97 17.03
N LEU B 861 11.21 -27.24 16.97
CA LEU B 861 10.65 -27.90 18.14
C LEU B 861 10.82 -29.41 17.98
N PRO B 862 11.00 -30.14 19.06
CA PRO B 862 11.07 -31.59 18.96
C PRO B 862 9.68 -32.15 18.68
N PRO B 863 9.61 -33.33 18.08
CA PRO B 863 8.31 -33.98 17.95
C PRO B 863 7.81 -34.48 19.29
N LEU B 864 6.50 -34.61 19.40
CA LEU B 864 5.92 -35.15 20.62
C LEU B 864 6.26 -36.63 20.78
N LEU B 865 6.22 -37.38 19.69
CA LEU B 865 6.51 -38.80 19.72
C LEU B 865 7.94 -39.04 19.25
N THR B 866 8.77 -39.56 20.14
CA THR B 866 10.17 -39.80 19.83
C THR B 866 10.28 -41.02 18.91
N ASP B 867 11.46 -41.19 18.32
CA ASP B 867 11.67 -42.32 17.42
C ASP B 867 11.42 -43.64 18.13
N GLU B 868 11.77 -43.73 19.41
CA GLU B 868 11.50 -44.96 20.16
C GLU B 868 10.00 -45.21 20.27
N MET B 869 9.22 -44.16 20.50
CA MET B 869 7.78 -44.36 20.62
C MET B 869 7.16 -44.72 19.28
N ILE B 870 7.68 -44.17 18.19
CA ILE B 870 7.16 -44.52 16.89
C ILE B 870 7.49 -45.98 16.60
N ALA B 871 8.72 -46.39 16.93
CA ALA B 871 9.10 -47.79 16.74
C ALA B 871 8.22 -48.71 17.57
N GLN B 872 7.87 -48.30 18.79
CA GLN B 872 6.99 -49.12 19.62
C GLN B 872 5.59 -49.20 19.02
N TYR B 873 5.10 -48.12 18.42
CA TYR B 873 3.78 -48.19 17.79
C TYR B 873 3.82 -49.10 16.57
N THR B 874 4.87 -49.02 15.78
CA THR B 874 4.94 -49.88 14.60
C THR B 874 5.14 -51.33 15.04
N SER B 875 5.83 -51.54 16.16
CA SER B 875 5.98 -52.89 16.70
C SER B 875 4.64 -53.45 17.13
N ALA B 876 3.83 -52.64 17.82
CA ALA B 876 2.52 -53.12 18.24
C ALA B 876 1.66 -53.44 17.04
N LEU B 877 1.68 -52.60 16.01
CA LEU B 877 0.86 -52.84 14.83
C LEU B 877 1.33 -54.08 14.08
N LEU B 878 2.65 -54.27 13.99
CA LEU B 878 3.18 -55.43 13.30
C LEU B 878 2.88 -56.72 14.07
N ALA B 879 3.06 -56.72 15.39
CA ALA B 879 2.76 -57.91 16.18
C ALA B 879 1.29 -58.24 16.09
N GLY B 880 0.42 -57.22 16.09
CA GLY B 880 -1.00 -57.47 15.94
C GLY B 880 -1.30 -58.10 14.60
N THR B 881 -0.78 -57.50 13.52
CA THR B 881 -1.03 -58.04 12.18
C THR B 881 -0.58 -59.49 12.08
N ILE B 882 0.59 -59.81 12.63
CA ILE B 882 1.13 -61.16 12.51
C ILE B 882 0.32 -62.17 13.33
N THR B 883 -0.04 -61.83 14.56
CA THR B 883 -0.68 -62.83 15.42
C THR B 883 -2.21 -62.85 15.38
N SER B 884 -2.88 -61.79 14.91
CA SER B 884 -4.34 -61.77 14.95
C SER B 884 -5.02 -61.34 13.65
N GLY B 885 -4.28 -61.18 12.56
CA GLY B 885 -4.91 -60.78 11.31
C GLY B 885 -5.57 -59.42 11.43
N TRP B 886 -6.83 -59.34 11.01
CA TRP B 886 -7.58 -58.08 11.04
C TRP B 886 -8.43 -57.94 12.29
N THR B 887 -8.42 -58.92 13.19
CA THR B 887 -9.35 -58.90 14.32
C THR B 887 -8.98 -57.82 15.33
N PHE B 888 -7.69 -57.50 15.44
CA PHE B 888 -7.25 -56.48 16.39
C PHE B 888 -7.65 -55.08 15.97
N GLY B 889 -7.92 -54.84 14.69
CA GLY B 889 -8.34 -53.54 14.22
C GLY B 889 -9.79 -53.24 14.57
N ALA B 890 -10.67 -54.22 14.33
CA ALA B 890 -12.09 -54.00 14.61
C ALA B 890 -12.37 -53.98 16.10
N GLY B 891 -11.71 -54.85 16.85
CA GLY B 891 -11.99 -54.98 18.27
C GLY B 891 -10.83 -55.57 19.05
N ALA B 892 -11.02 -56.74 19.64
CA ALA B 892 -9.96 -57.39 20.39
C ALA B 892 -9.06 -58.19 19.46
N ALA B 893 -7.81 -58.34 19.86
CA ALA B 893 -6.85 -59.14 19.11
C ALA B 893 -7.10 -60.61 19.40
N LEU B 894 -7.56 -61.34 18.38
CA LEU B 894 -7.92 -62.74 18.51
C LEU B 894 -6.81 -63.58 17.89
N GLN B 895 -6.11 -64.36 18.72
CA GLN B 895 -4.97 -65.12 18.22
C GLN B 895 -5.42 -66.10 17.15
N ILE B 896 -4.60 -66.25 16.12
CA ILE B 896 -4.85 -67.22 15.06
C ILE B 896 -3.54 -67.73 14.48
N PRO B 897 -3.41 -69.01 14.17
CA PRO B 897 -2.20 -69.50 13.51
C PRO B 897 -1.92 -68.71 12.23
N PHE B 898 -0.64 -68.41 12.00
CA PHE B 898 -0.30 -67.57 10.85
C PHE B 898 -0.70 -68.23 9.54
N ALA B 899 -0.52 -69.54 9.42
CA ALA B 899 -0.88 -70.22 8.18
C ALA B 899 -2.37 -70.07 7.91
N MET B 900 -3.20 -70.09 8.95
CA MET B 900 -4.63 -69.92 8.74
C MET B 900 -4.94 -68.48 8.34
N GLN B 901 -4.22 -67.52 8.93
CA GLN B 901 -4.40 -66.13 8.51
C GLN B 901 -4.11 -65.98 7.03
N MET B 902 -3.03 -66.61 6.56
CA MET B 902 -2.73 -66.55 5.13
C MET B 902 -3.80 -67.28 4.34
N ALA B 903 -4.38 -68.34 4.90
CA ALA B 903 -5.45 -69.04 4.20
C ALA B 903 -6.63 -68.10 3.96
N TYR B 904 -6.92 -67.25 4.96
CA TYR B 904 -8.02 -66.31 4.75
C TYR B 904 -7.64 -65.27 3.73
N ARG B 905 -6.39 -64.80 3.81
CA ARG B 905 -5.92 -63.80 2.86
C ARG B 905 -5.99 -64.32 1.44
N PHE B 906 -5.72 -65.61 1.26
CA PHE B 906 -5.81 -66.22 -0.06
C PHE B 906 -7.27 -66.35 -0.50
N ASN B 907 -8.16 -66.74 0.41
CA ASN B 907 -9.56 -66.81 0.05
C ASN B 907 -10.10 -65.45 -0.35
N GLY B 908 -9.59 -64.38 0.27
CA GLY B 908 -10.05 -63.04 -0.02
C GLY B 908 -9.74 -62.55 -1.43
N ILE B 909 -8.83 -63.23 -2.14
CA ILE B 909 -8.49 -62.85 -3.51
C ILE B 909 -8.95 -63.90 -4.50
N GLY B 910 -9.81 -64.83 -4.09
CA GLY B 910 -10.32 -65.82 -5.00
C GLY B 910 -9.41 -67.00 -5.24
N VAL B 911 -8.52 -67.30 -4.30
CA VAL B 911 -7.64 -68.45 -4.41
C VAL B 911 -7.91 -69.36 -3.23
N THR B 912 -8.31 -70.60 -3.51
CA THR B 912 -8.71 -71.53 -2.47
C THR B 912 -7.54 -71.82 -1.52
N GLN B 913 -7.84 -71.87 -0.22
CA GLN B 913 -6.81 -72.04 0.81
C GLN B 913 -5.95 -73.29 0.62
N ASN B 914 -6.43 -74.29 -0.12
CA ASN B 914 -5.60 -75.49 -0.27
C ASN B 914 -4.36 -75.18 -1.09
N VAL B 915 -4.41 -74.10 -1.89
CA VAL B 915 -3.24 -73.72 -2.66
C VAL B 915 -2.14 -73.31 -1.69
N LEU B 916 -2.52 -72.50 -0.69
CA LEU B 916 -1.58 -72.09 0.33
C LEU B 916 -1.02 -73.29 1.08
N TYR B 917 -1.90 -74.19 1.52
CA TYR B 917 -1.40 -75.28 2.37
C TYR B 917 -0.51 -76.24 1.58
N GLU B 918 -0.87 -76.54 0.34
CA GLU B 918 -0.03 -77.46 -0.45
C GLU B 918 1.33 -76.86 -0.78
N ASN B 919 1.41 -75.55 -0.96
CA ASN B 919 2.64 -74.86 -1.31
C ASN B 919 3.22 -74.01 -0.18
N GLN B 920 2.89 -74.33 1.08
CA GLN B 920 3.31 -73.46 2.17
C GLN B 920 4.82 -73.26 2.22
N LYS B 921 5.60 -74.31 1.94
CA LYS B 921 7.05 -74.15 2.00
C LYS B 921 7.55 -73.24 0.89
N LEU B 922 6.97 -73.37 -0.31
CA LEU B 922 7.37 -72.54 -1.42
C LEU B 922 7.02 -71.08 -1.14
N ILE B 923 5.83 -70.83 -0.61
CA ILE B 923 5.39 -69.47 -0.34
C ILE B 923 6.28 -68.85 0.72
N ALA B 924 6.59 -69.60 1.79
CA ALA B 924 7.47 -69.06 2.82
C ALA B 924 8.85 -68.73 2.25
N ASN B 925 9.36 -69.58 1.36
CA ASN B 925 10.68 -69.30 0.79
C ASN B 925 10.64 -68.07 -0.12
N GLN B 926 9.56 -67.91 -0.88
CA GLN B 926 9.45 -66.74 -1.73
C GLN B 926 9.32 -65.47 -0.91
N PHE B 927 8.58 -65.54 0.21
CA PHE B 927 8.47 -64.38 1.08
C PHE B 927 9.84 -64.01 1.63
N ASN B 928 10.58 -65.00 2.13
CA ASN B 928 11.89 -64.70 2.71
C ASN B 928 12.82 -64.11 1.67
N SER B 929 12.75 -64.60 0.43
CA SER B 929 13.61 -64.06 -0.61
C SER B 929 13.20 -62.63 -0.95
N ALA B 930 11.90 -62.35 -0.99
CA ALA B 930 11.45 -61.00 -1.29
C ALA B 930 11.93 -60.04 -0.21
N ILE B 931 11.90 -60.47 1.06
CA ILE B 931 12.38 -59.62 2.13
C ILE B 931 13.88 -59.38 1.98
N GLY B 932 14.64 -60.42 1.67
CA GLY B 932 16.06 -60.23 1.46
C GLY B 932 16.33 -59.24 0.34
N LYS B 933 15.52 -59.30 -0.72
CA LYS B 933 15.69 -58.34 -1.81
C LYS B 933 15.36 -56.93 -1.36
N ILE B 934 14.37 -56.79 -0.47
CA ILE B 934 14.04 -55.45 0.04
C ILE B 934 15.23 -54.91 0.81
N GLN B 935 15.85 -55.75 1.63
CA GLN B 935 17.00 -55.27 2.39
C GLN B 935 18.14 -54.89 1.46
N ASP B 936 18.38 -55.67 0.42
CA ASP B 936 19.48 -55.35 -0.49
C ASP B 936 19.20 -54.05 -1.24
N SER B 937 17.93 -53.82 -1.61
CA SER B 937 17.59 -52.59 -2.31
C SER B 937 17.78 -51.39 -1.40
N LEU B 938 17.25 -51.45 -0.17
CA LEU B 938 17.38 -50.31 0.71
C LEU B 938 18.84 -50.08 1.08
N SER B 939 19.62 -51.15 1.20
CA SER B 939 21.03 -51.07 1.57
C SER B 939 21.91 -50.60 0.42
N SER B 940 21.43 -50.62 -0.81
CA SER B 940 22.28 -50.28 -1.95
C SER B 940 21.78 -49.14 -2.81
N THR B 941 20.49 -48.85 -2.82
CA THR B 941 19.92 -47.81 -3.68
C THR B 941 19.58 -46.60 -2.80
N ALA B 942 20.43 -45.58 -2.82
CA ALA B 942 20.21 -44.42 -1.97
C ALA B 942 18.94 -43.67 -2.36
N SER B 943 18.63 -43.64 -3.66
CA SER B 943 17.46 -42.92 -4.17
C SER B 943 16.13 -43.52 -3.72
N ALA B 944 16.14 -44.72 -3.13
CA ALA B 944 14.89 -45.37 -2.75
C ALA B 944 14.07 -44.51 -1.79
N LEU B 945 14.72 -43.72 -0.94
CA LEU B 945 14.03 -42.91 0.04
C LEU B 945 13.97 -41.46 -0.36
N GLY B 946 14.10 -41.17 -1.66
CA GLY B 946 14.11 -39.79 -2.11
C GLY B 946 12.91 -38.98 -1.69
N LYS B 947 11.74 -39.61 -1.61
CA LYS B 947 10.53 -38.88 -1.25
C LYS B 947 10.64 -38.29 0.15
N LEU B 948 11.40 -38.92 1.02
CA LEU B 948 11.54 -38.35 2.35
C LEU B 948 12.75 -37.44 2.43
N GLN B 949 13.82 -37.74 1.69
CA GLN B 949 14.99 -36.88 1.74
C GLN B 949 14.69 -35.51 1.16
N ASP B 950 13.84 -35.48 0.14
CA ASP B 950 13.49 -34.20 -0.47
C ASP B 950 12.74 -33.34 0.53
N VAL B 951 11.93 -33.96 1.39
CA VAL B 951 11.21 -33.17 2.36
C VAL B 951 12.18 -32.52 3.32
N VAL B 952 13.16 -33.29 3.80
CA VAL B 952 14.15 -32.71 4.70
C VAL B 952 14.88 -31.59 3.99
N ASN B 953 15.25 -31.82 2.73
CA ASN B 953 16.00 -30.80 2.02
C ASN B 953 15.16 -29.54 1.84
N GLN B 954 13.86 -29.70 1.56
CA GLN B 954 13.07 -28.52 1.35
C GLN B 954 12.99 -27.69 2.62
N ASN B 955 12.88 -28.33 3.78
CA ASN B 955 12.79 -27.51 4.97
C ASN B 955 14.13 -26.87 5.26
N ALA B 956 15.21 -27.60 5.03
CA ALA B 956 16.51 -26.99 5.24
C ALA B 956 16.71 -25.83 4.28
N GLN B 957 16.24 -26.00 3.04
CA GLN B 957 16.41 -24.93 2.08
C GLN B 957 15.60 -23.72 2.50
N ALA B 958 14.40 -23.95 3.02
CA ALA B 958 13.59 -22.82 3.42
C ALA B 958 14.27 -22.05 4.53
N LEU B 959 14.86 -22.76 5.49
CA LEU B 959 15.49 -22.01 6.57
C LEU B 959 16.74 -21.31 6.08
N ASN B 960 17.49 -21.96 5.18
CA ASN B 960 18.69 -21.28 4.71
C ASN B 960 18.30 -20.05 3.92
N THR B 961 17.21 -20.13 3.17
CA THR B 961 16.80 -18.95 2.43
C THR B 961 16.42 -17.84 3.40
N LEU B 962 15.68 -18.21 4.44
CA LEU B 962 15.26 -17.20 5.40
C LEU B 962 16.47 -16.55 6.02
N VAL B 963 17.48 -17.34 6.39
CA VAL B 963 18.66 -16.75 7.00
C VAL B 963 19.38 -15.87 5.99
N LYS B 964 19.51 -16.34 4.74
CA LYS B 964 20.18 -15.52 3.75
C LYS B 964 19.44 -14.20 3.53
N GLN B 965 18.12 -14.19 3.71
CA GLN B 965 17.40 -12.95 3.51
C GLN B 965 17.85 -11.85 4.47
N LEU B 966 18.47 -12.22 5.58
CA LEU B 966 18.94 -11.19 6.51
C LEU B 966 20.08 -10.36 5.93
N SER B 967 20.79 -10.90 4.93
CA SER B 967 21.92 -10.18 4.34
C SER B 967 21.51 -9.14 3.30
N SER B 968 20.25 -9.08 2.91
CA SER B 968 19.83 -8.15 1.88
C SER B 968 19.62 -6.75 2.45
N ASN B 969 19.90 -5.76 1.62
CA ASN B 969 19.76 -4.36 2.00
C ASN B 969 18.35 -3.81 1.82
N PHE B 970 17.61 -4.27 0.82
CA PHE B 970 16.27 -3.77 0.52
C PHE B 970 16.28 -2.27 0.28
N GLY B 971 17.41 -1.74 -0.16
CA GLY B 971 17.52 -0.32 -0.44
C GLY B 971 18.22 0.48 0.65
N ALA B 972 18.46 -0.13 1.81
CA ALA B 972 19.14 0.56 2.89
C ALA B 972 20.63 0.68 2.62
N ILE B 973 21.26 1.61 3.34
CA ILE B 973 22.71 1.78 3.23
C ILE B 973 23.48 0.58 3.76
N SER B 974 22.88 -0.23 4.63
CA SER B 974 23.59 -1.39 5.14
C SER B 974 22.60 -2.43 5.63
N SER B 975 22.95 -3.70 5.43
CA SER B 975 22.13 -4.80 5.93
C SER B 975 22.27 -5.00 7.43
N VAL B 976 23.30 -4.44 8.04
CA VAL B 976 23.54 -4.64 9.47
C VAL B 976 22.81 -3.55 10.25
N LEU B 977 21.85 -3.96 11.08
CA LEU B 977 21.01 -3.00 11.80
C LEU B 977 21.86 -2.16 12.74
N ASN B 978 22.85 -2.77 13.38
CA ASN B 978 23.70 -2.03 14.31
C ASN B 978 24.54 -0.99 13.59
N ASP B 979 24.88 -1.23 12.32
CA ASP B 979 25.67 -0.25 11.60
C ASP B 979 24.82 0.95 11.22
N ILE B 980 23.52 0.74 11.01
CA ILE B 980 22.62 1.86 10.77
C ILE B 980 22.42 2.64 12.05
N LEU B 981 22.13 1.94 13.16
CA LEU B 981 21.86 2.65 14.40
C LEU B 981 23.08 3.41 14.91
N SER B 982 24.27 2.86 14.66
CA SER B 982 25.50 3.51 15.12
C SER B 982 25.95 4.67 14.24
N ARG B 983 25.31 4.87 13.10
CA ARG B 983 25.75 5.92 12.18
C ARG B 983 24.73 7.03 11.93
N LEU B 984 23.44 6.75 11.97
CA LEU B 984 22.44 7.76 11.65
C LEU B 984 21.61 8.16 12.86
N ASP B 985 21.26 9.45 12.90
CA ASP B 985 20.31 9.98 13.86
C ASP B 985 18.90 9.46 13.59
N PRO B 986 18.08 9.37 14.64
CA PRO B 986 16.70 8.85 14.49
C PRO B 986 15.96 9.35 13.25
N PRO B 987 16.01 10.64 12.90
CA PRO B 987 15.22 11.09 11.73
C PRO B 987 15.56 10.38 10.43
N GLU B 988 16.75 9.80 10.31
CA GLU B 988 17.15 9.06 9.12
C GLU B 988 17.21 7.57 9.38
N ALA B 989 17.59 7.22 10.61
CA ALA B 989 17.68 5.82 10.97
C ALA B 989 16.31 5.18 10.91
N GLU B 990 15.26 5.92 11.28
CA GLU B 990 13.92 5.34 11.25
C GLU B 990 13.52 4.99 9.83
N VAL B 991 13.93 5.79 8.85
CA VAL B 991 13.60 5.49 7.46
C VAL B 991 14.36 4.26 6.99
N GLN B 992 15.66 4.19 7.31
CA GLN B 992 16.43 3.04 6.86
C GLN B 992 15.93 1.76 7.54
N ILE B 993 15.53 1.87 8.80
CA ILE B 993 15.02 0.73 9.52
C ILE B 993 13.67 0.31 8.97
N ASP B 994 12.80 1.27 8.67
CA ASP B 994 11.52 0.92 8.06
C ASP B 994 11.72 0.16 6.75
N ARG B 995 12.76 0.54 5.98
CA ARG B 995 13.01 -0.21 4.75
C ARG B 995 13.44 -1.64 5.05
N LEU B 996 14.28 -1.81 6.08
CA LEU B 996 14.70 -3.17 6.42
C LEU B 996 13.55 -3.98 7.00
N ILE B 997 12.69 -3.33 7.79
CA ILE B 997 11.56 -4.02 8.38
C ILE B 997 10.61 -4.47 7.29
N THR B 998 10.35 -3.61 6.32
CA THR B 998 9.46 -4.00 5.23
C THR B 998 10.02 -5.20 4.49
N GLY B 999 11.32 -5.16 4.19
CA GLY B 999 11.91 -6.28 3.45
C GLY B 999 11.88 -7.58 4.24
N ARG B 1000 12.19 -7.51 5.54
CA ARG B 1000 12.26 -8.72 6.34
C ARG B 1000 10.86 -9.24 6.66
N LEU B 1001 9.89 -8.35 6.80
CA LEU B 1001 8.52 -8.79 7.03
C LEU B 1001 7.97 -9.47 5.78
N GLN B 1002 8.27 -8.92 4.60
CA GLN B 1002 7.82 -9.59 3.39
C GLN B 1002 8.50 -10.95 3.27
N SER B 1003 9.77 -11.04 3.68
CA SER B 1003 10.45 -12.32 3.63
C SER B 1003 9.80 -13.34 4.56
N LEU B 1004 9.44 -12.91 5.77
CA LEU B 1004 8.74 -13.82 6.69
C LEU B 1004 7.40 -14.22 6.13
N GLN B 1005 6.66 -13.29 5.53
CA GLN B 1005 5.34 -13.66 5.01
C GLN B 1005 5.50 -14.70 3.91
N THR B 1006 6.52 -14.55 3.07
CA THR B 1006 6.75 -15.53 2.02
C THR B 1006 7.10 -16.89 2.63
N TYR B 1007 7.99 -16.90 3.62
CA TYR B 1007 8.35 -18.14 4.28
C TYR B 1007 7.12 -18.83 4.88
N VAL B 1008 6.32 -18.06 5.62
CA VAL B 1008 5.15 -18.64 6.30
C VAL B 1008 4.16 -19.17 5.28
N THR B 1009 3.92 -18.43 4.20
CA THR B 1009 3.00 -18.92 3.18
C THR B 1009 3.51 -20.23 2.57
N GLN B 1010 4.82 -20.30 2.29
CA GLN B 1010 5.37 -21.53 1.73
C GLN B 1010 5.24 -22.67 2.73
N GLN B 1011 5.39 -22.37 4.02
CA GLN B 1011 5.26 -23.40 5.03
C GLN B 1011 3.82 -23.88 5.13
N LEU B 1012 2.85 -22.97 4.99
CA LEU B 1012 1.45 -23.39 5.06
C LEU B 1012 1.08 -24.26 3.87
N ILE B 1013 1.57 -23.92 2.69
CA ILE B 1013 1.24 -24.73 1.51
C ILE B 1013 1.93 -26.09 1.61
N ARG B 1014 3.21 -26.11 1.98
CA ARG B 1014 3.89 -27.38 2.12
C ARG B 1014 3.25 -28.22 3.21
N ALA B 1015 2.84 -27.58 4.31
CA ALA B 1015 2.18 -28.31 5.39
C ALA B 1015 0.86 -28.90 4.91
N ALA B 1016 0.13 -28.19 4.04
CA ALA B 1016 -1.11 -28.76 3.52
C ALA B 1016 -0.81 -29.98 2.66
N GLU B 1017 0.28 -29.92 1.88
CA GLU B 1017 0.64 -31.08 1.07
C GLU B 1017 1.04 -32.25 1.95
N ILE B 1018 1.81 -31.98 3.01
CA ILE B 1018 2.22 -33.04 3.93
C ILE B 1018 1.01 -33.62 4.63
N ARG B 1019 0.06 -32.76 5.02
CA ARG B 1019 -1.15 -33.27 5.65
C ARG B 1019 -1.92 -34.20 4.73
N ALA B 1020 -2.04 -33.82 3.45
CA ALA B 1020 -2.72 -34.71 2.50
C ALA B 1020 -1.98 -36.04 2.39
N SER B 1021 -0.65 -35.99 2.35
CA SER B 1021 0.13 -37.21 2.29
C SER B 1021 -0.06 -38.05 3.55
N ALA B 1022 -0.07 -37.40 4.72
CA ALA B 1022 -0.29 -38.10 5.98
C ALA B 1022 -1.66 -38.74 6.02
N ASN B 1023 -2.67 -38.05 5.48
CA ASN B 1023 -4.00 -38.63 5.45
C ASN B 1023 -4.03 -39.85 4.56
N LEU B 1024 -3.31 -39.79 3.43
CA LEU B 1024 -3.22 -40.95 2.56
C LEU B 1024 -2.53 -42.09 3.29
N ALA B 1025 -1.44 -41.78 4.02
CA ALA B 1025 -0.73 -42.79 4.77
C ALA B 1025 -1.61 -43.42 5.84
N ALA B 1026 -2.42 -42.62 6.51
CA ALA B 1026 -3.32 -43.14 7.53
C ALA B 1026 -4.38 -44.04 6.90
N THR B 1027 -4.87 -43.64 5.72
CA THR B 1027 -5.84 -44.47 5.01
C THR B 1027 -5.22 -45.81 4.66
N LYS B 1028 -3.99 -45.79 4.15
CA LYS B 1028 -3.32 -47.04 3.82
C LYS B 1028 -3.10 -47.87 5.08
N MET B 1029 -2.69 -47.23 6.17
CA MET B 1029 -2.47 -47.96 7.42
C MET B 1029 -3.72 -48.71 7.82
N SER B 1030 -4.86 -48.01 7.81
CA SER B 1030 -6.12 -48.61 8.23
C SER B 1030 -6.61 -49.68 7.26
N GLU B 1031 -6.55 -49.42 5.96
CA GLU B 1031 -7.14 -50.30 4.96
C GLU B 1031 -6.11 -51.21 4.29
N CYS B 1032 -4.93 -51.35 4.88
CA CYS B 1032 -3.87 -52.10 4.24
C CYS B 1032 -3.16 -52.99 5.24
N VAL B 1033 -2.78 -52.41 6.38
CA VAL B 1033 -2.10 -53.17 7.43
C VAL B 1033 -3.11 -53.87 8.33
N LEU B 1034 -4.11 -53.12 8.80
CA LEU B 1034 -5.08 -53.67 9.72
C LEU B 1034 -6.10 -54.57 9.05
N GLY B 1035 -6.32 -54.42 7.76
CA GLY B 1035 -7.28 -55.23 7.04
C GLY B 1035 -6.65 -55.89 5.84
N GLN B 1036 -7.46 -56.02 4.80
CA GLN B 1036 -7.06 -56.55 3.50
C GLN B 1036 -7.74 -55.70 2.45
N SER B 1037 -6.97 -55.23 1.49
CA SER B 1037 -7.49 -54.27 0.52
C SER B 1037 -8.02 -54.97 -0.72
N LYS B 1038 -9.25 -54.66 -1.07
CA LYS B 1038 -9.85 -55.14 -2.30
C LYS B 1038 -9.69 -54.10 -3.40
N ARG B 1039 -9.09 -52.95 -3.07
CA ARG B 1039 -8.88 -51.86 -4.00
C ARG B 1039 -7.65 -52.16 -4.85
N VAL B 1040 -7.83 -52.19 -6.17
CA VAL B 1040 -6.75 -52.58 -7.07
C VAL B 1040 -5.65 -51.53 -7.05
N ASP B 1041 -4.40 -51.97 -6.89
CA ASP B 1041 -3.20 -51.14 -6.85
C ASP B 1041 -3.22 -50.09 -5.74
N PHE B 1042 -4.12 -50.22 -4.77
CA PHE B 1042 -4.05 -49.32 -3.61
C PHE B 1042 -2.86 -49.67 -2.73
N CYS B 1043 -2.59 -50.97 -2.57
CA CYS B 1043 -1.51 -51.48 -1.75
C CYS B 1043 -0.49 -52.27 -2.57
N GLY B 1044 0.01 -51.65 -3.64
CA GLY B 1044 1.00 -52.27 -4.49
C GLY B 1044 0.39 -53.03 -5.65
N LYS B 1045 1.24 -53.34 -6.63
CA LYS B 1045 0.77 -54.08 -7.79
C LYS B 1045 0.58 -55.53 -7.42
N GLY B 1046 -0.52 -56.09 -7.89
CA GLY B 1046 -0.86 -57.47 -7.60
C GLY B 1046 -2.10 -57.54 -6.72
N TYR B 1047 -2.45 -58.75 -6.32
CA TYR B 1047 -3.60 -58.95 -5.46
C TYR B 1047 -3.08 -58.83 -4.04
N HIS B 1048 -3.57 -57.83 -3.31
CA HIS B 1048 -3.01 -57.55 -1.99
C HIS B 1048 -3.32 -58.67 -1.00
N LEU B 1049 -2.30 -59.07 -0.26
CA LEU B 1049 -2.45 -60.00 0.85
C LEU B 1049 -2.32 -59.25 2.16
N MET B 1050 -1.16 -58.69 2.47
CA MET B 1050 -0.98 -58.05 3.76
C MET B 1050 0.09 -56.97 3.65
N SER B 1051 0.13 -56.08 4.63
CA SER B 1051 1.18 -55.06 4.63
C SER B 1051 1.77 -54.93 6.03
N PHE B 1052 3.01 -54.45 6.08
CA PHE B 1052 3.72 -54.26 7.33
C PHE B 1052 4.23 -52.83 7.42
N PRO B 1053 3.89 -52.09 8.47
CA PRO B 1053 4.42 -50.74 8.62
C PRO B 1053 5.85 -50.75 9.13
N GLN B 1054 6.61 -49.74 8.71
CA GLN B 1054 7.92 -49.44 9.26
C GLN B 1054 8.04 -47.94 9.43
N SER B 1055 8.69 -47.51 10.51
CA SER B 1055 8.87 -46.09 10.68
C SER B 1055 10.06 -45.63 9.85
N ALA B 1056 10.10 -44.33 9.56
CA ALA B 1056 11.24 -43.77 8.85
C ALA B 1056 11.36 -42.32 9.26
N PRO B 1057 12.54 -41.71 9.06
CA PRO B 1057 12.67 -40.28 9.36
C PRO B 1057 11.62 -39.47 8.61
N HIS B 1058 10.80 -38.75 9.37
CA HIS B 1058 9.73 -37.91 8.82
C HIS B 1058 8.82 -38.69 7.87
N GLY B 1059 8.59 -39.98 8.12
CA GLY B 1059 7.71 -40.70 7.20
C GLY B 1059 7.47 -42.12 7.62
N VAL B 1060 6.73 -42.83 6.77
CA VAL B 1060 6.38 -44.23 7.01
C VAL B 1060 6.66 -45.02 5.73
N VAL B 1061 7.14 -46.25 5.90
CA VAL B 1061 7.43 -47.15 4.79
C VAL B 1061 6.59 -48.41 4.96
N PHE B 1062 5.86 -48.79 3.91
CA PHE B 1062 5.01 -49.96 3.94
C PHE B 1062 5.64 -51.06 3.09
N LEU B 1063 5.71 -52.26 3.65
CA LEU B 1063 6.13 -53.44 2.92
C LEU B 1063 4.85 -54.20 2.56
N HIS B 1064 4.50 -54.20 1.28
CA HIS B 1064 3.26 -54.79 0.81
C HIS B 1064 3.53 -56.19 0.25
N VAL B 1065 2.88 -57.20 0.83
CA VAL B 1065 3.03 -58.58 0.40
C VAL B 1065 1.83 -58.87 -0.48
N THR B 1066 2.10 -59.18 -1.75
CA THR B 1066 1.09 -59.38 -2.78
C THR B 1066 1.29 -60.69 -3.52
N TYR B 1067 0.19 -61.21 -4.05
CA TYR B 1067 0.14 -62.40 -4.89
C TYR B 1067 0.13 -61.98 -6.35
N VAL B 1068 1.11 -62.43 -7.12
CA VAL B 1068 1.20 -62.09 -8.53
C VAL B 1068 1.24 -63.37 -9.36
N PRO B 1069 0.30 -63.58 -10.28
CA PRO B 1069 0.38 -64.74 -11.18
C PRO B 1069 1.71 -64.79 -11.93
N ALA B 1070 2.30 -65.97 -12.01
CA ALA B 1070 3.63 -66.11 -12.58
C ALA B 1070 3.69 -66.87 -13.90
N GLN B 1071 2.96 -67.97 -14.06
CA GLN B 1071 3.07 -68.76 -15.28
C GLN B 1071 1.68 -69.09 -15.78
N GLU B 1072 1.49 -69.12 -17.10
CA GLU B 1072 0.17 -69.34 -17.67
C GLU B 1072 0.20 -70.32 -18.83
N LYS B 1073 -0.95 -70.94 -19.07
CA LYS B 1073 -1.16 -71.82 -20.21
C LYS B 1073 -2.38 -71.36 -21.01
N ASN B 1074 -2.38 -71.65 -22.30
CA ASN B 1074 -3.52 -71.35 -23.18
C ASN B 1074 -4.53 -72.50 -23.10
N PHE B 1075 -5.72 -72.22 -22.57
CA PHE B 1075 -6.79 -73.20 -22.48
C PHE B 1075 -7.96 -72.76 -23.35
N THR B 1076 -8.71 -73.73 -23.87
CA THR B 1076 -9.94 -73.43 -24.60
C THR B 1076 -11.08 -73.27 -23.61
N THR B 1077 -11.98 -72.32 -23.86
CA THR B 1077 -13.05 -72.10 -22.90
C THR B 1077 -14.41 -72.09 -23.61
N ALA B 1078 -15.47 -72.00 -22.80
CA ALA B 1078 -16.85 -71.95 -23.25
C ALA B 1078 -17.67 -71.31 -22.16
N PRO B 1079 -18.69 -70.51 -22.50
CA PRO B 1079 -19.51 -69.89 -21.45
C PRO B 1079 -20.39 -70.88 -20.70
N ALA B 1080 -20.71 -72.02 -21.28
CA ALA B 1080 -21.62 -72.97 -20.63
C ALA B 1080 -21.45 -74.33 -21.27
N ILE B 1081 -21.89 -75.38 -20.57
CA ILE B 1081 -21.87 -76.74 -21.10
C ILE B 1081 -23.27 -77.33 -21.10
N CYS B 1082 -23.64 -77.95 -22.22
CA CYS B 1082 -24.90 -78.69 -22.34
C CYS B 1082 -24.75 -80.12 -21.82
N HIS B 1083 -25.77 -80.58 -21.10
CA HIS B 1083 -25.77 -81.98 -20.70
C HIS B 1083 -26.98 -82.69 -21.28
N ASP B 1084 -28.16 -82.48 -20.69
CA ASP B 1084 -29.40 -83.06 -21.18
C ASP B 1084 -30.27 -82.02 -21.85
N GLY B 1085 -29.67 -80.94 -22.34
CA GLY B 1085 -30.36 -79.80 -22.91
C GLY B 1085 -30.35 -78.61 -21.99
N LYS B 1086 -29.96 -78.83 -20.73
CA LYS B 1086 -29.83 -77.77 -19.75
C LYS B 1086 -28.48 -77.08 -19.92
N ALA B 1087 -28.47 -75.77 -19.67
CA ALA B 1087 -27.24 -75.00 -19.75
C ALA B 1087 -26.68 -74.86 -18.34
N HIS B 1088 -25.49 -75.40 -18.13
CA HIS B 1088 -24.84 -75.39 -16.82
C HIS B 1088 -23.77 -74.32 -16.77
N PHE B 1089 -23.83 -73.48 -15.73
CA PHE B 1089 -22.84 -72.44 -15.58
C PHE B 1089 -22.04 -72.71 -14.31
N PRO B 1090 -20.77 -72.33 -14.27
CA PRO B 1090 -19.99 -72.54 -13.04
C PRO B 1090 -20.49 -71.68 -11.90
N ARG B 1091 -20.49 -72.26 -10.69
CA ARG B 1091 -20.78 -71.44 -9.53
C ARG B 1091 -19.61 -70.50 -9.25
N GLU B 1092 -18.39 -71.03 -9.36
CA GLU B 1092 -17.16 -70.26 -9.21
C GLU B 1092 -16.18 -70.80 -10.23
N GLY B 1093 -15.36 -69.92 -10.78
CA GLY B 1093 -14.37 -70.36 -11.72
C GLY B 1093 -14.95 -70.40 -13.12
N VAL B 1094 -14.15 -70.99 -14.03
CA VAL B 1094 -14.52 -71.05 -15.44
C VAL B 1094 -14.33 -72.47 -15.94
N PHE B 1095 -14.97 -72.75 -17.07
CA PHE B 1095 -14.76 -74.01 -17.77
C PHE B 1095 -13.56 -73.91 -18.68
N VAL B 1096 -12.71 -74.93 -18.66
CA VAL B 1096 -11.53 -74.98 -19.50
C VAL B 1096 -11.49 -76.35 -20.16
N SER B 1097 -10.80 -76.39 -21.29
CA SER B 1097 -10.52 -77.63 -22.00
C SER B 1097 -9.06 -77.62 -22.43
N ASN B 1098 -8.40 -78.74 -22.18
CA ASN B 1098 -7.03 -78.97 -22.60
C ASN B 1098 -6.99 -79.59 -23.99
N GLY B 1099 -8.15 -79.65 -24.65
CA GLY B 1099 -8.28 -80.20 -25.97
C GLY B 1099 -9.04 -81.51 -26.02
N THR B 1100 -9.12 -82.24 -24.88
CA THR B 1100 -9.86 -83.50 -24.88
C THR B 1100 -10.90 -83.61 -23.76
N HIS B 1101 -10.68 -82.95 -22.62
CA HIS B 1101 -11.59 -83.05 -21.49
C HIS B 1101 -11.93 -81.68 -20.94
N TRP B 1102 -13.18 -81.52 -20.49
CA TRP B 1102 -13.63 -80.29 -19.88
C TRP B 1102 -13.53 -80.35 -18.35
N PHE B 1103 -13.00 -79.27 -17.78
CA PHE B 1103 -12.83 -79.13 -16.34
C PHE B 1103 -13.32 -77.77 -15.91
N VAL B 1104 -13.57 -77.61 -14.61
CA VAL B 1104 -13.89 -76.32 -14.02
C VAL B 1104 -12.76 -75.96 -13.07
N THR B 1105 -12.30 -74.71 -13.13
CA THR B 1105 -11.20 -74.31 -12.27
C THR B 1105 -11.32 -72.86 -11.85
N GLN B 1106 -10.74 -72.57 -10.68
CA GLN B 1106 -10.73 -71.20 -10.16
C GLN B 1106 -9.99 -70.26 -11.10
N ARG B 1107 -10.49 -69.03 -11.21
CA ARG B 1107 -10.00 -68.07 -12.18
C ARG B 1107 -8.51 -67.75 -12.03
N ASN B 1108 -8.01 -67.68 -10.79
CA ASN B 1108 -6.65 -67.19 -10.56
C ASN B 1108 -5.62 -68.29 -10.34
N PHE B 1109 -5.96 -69.55 -10.56
CA PHE B 1109 -5.00 -70.63 -10.34
C PHE B 1109 -5.49 -71.91 -10.99
N TYR B 1110 -4.69 -72.47 -11.89
CA TYR B 1110 -5.13 -73.66 -12.61
C TYR B 1110 -5.17 -74.85 -11.67
N GLU B 1111 -6.36 -75.40 -11.48
CA GLU B 1111 -6.58 -76.53 -10.57
C GLU B 1111 -7.78 -77.29 -11.08
N PRO B 1112 -7.61 -78.11 -12.11
CA PRO B 1112 -8.76 -78.69 -12.80
C PRO B 1112 -9.50 -79.69 -11.92
N GLN B 1113 -10.82 -79.60 -11.94
CA GLN B 1113 -11.68 -80.52 -11.24
C GLN B 1113 -12.70 -81.09 -12.21
N ILE B 1114 -13.20 -82.28 -11.91
CA ILE B 1114 -14.25 -82.88 -12.71
C ILE B 1114 -15.51 -82.05 -12.59
N ILE B 1115 -16.19 -81.83 -13.71
CA ILE B 1115 -17.42 -81.04 -13.73
C ILE B 1115 -18.55 -81.89 -13.17
N THR B 1116 -19.18 -81.40 -12.10
CA THR B 1116 -20.23 -82.13 -11.41
C THR B 1116 -21.40 -81.19 -11.12
N THR B 1117 -22.49 -81.78 -10.62
CA THR B 1117 -23.67 -81.01 -10.26
C THR B 1117 -23.44 -80.15 -9.02
N ASP B 1118 -22.35 -80.36 -8.30
CA ASP B 1118 -22.02 -79.56 -7.12
C ASP B 1118 -21.10 -78.40 -7.45
N ASN B 1119 -20.68 -78.28 -8.71
CA ASN B 1119 -19.84 -77.17 -9.15
C ASN B 1119 -20.59 -76.18 -10.02
N THR B 1120 -21.66 -76.59 -10.68
CA THR B 1120 -22.40 -75.75 -11.61
C THR B 1120 -23.85 -75.63 -11.16
N PHE B 1121 -24.56 -74.69 -11.79
CA PHE B 1121 -25.98 -74.47 -11.56
C PHE B 1121 -26.66 -74.39 -12.93
N VAL B 1122 -27.96 -74.67 -12.94
CA VAL B 1122 -28.74 -74.72 -14.17
C VAL B 1122 -29.62 -73.49 -14.28
N SER B 1123 -29.60 -72.87 -15.45
CA SER B 1123 -30.48 -71.74 -15.76
C SER B 1123 -30.73 -71.73 -17.27
N GLY B 1124 -31.99 -71.84 -17.66
CA GLY B 1124 -32.30 -71.83 -19.08
C GLY B 1124 -31.89 -73.13 -19.76
N ASN B 1125 -31.67 -73.03 -21.07
CA ASN B 1125 -31.39 -74.21 -21.89
C ASN B 1125 -30.37 -73.84 -22.97
N CYS B 1126 -29.98 -74.86 -23.74
CA CYS B 1126 -28.92 -74.77 -24.73
C CYS B 1126 -29.22 -73.84 -25.91
N ASP B 1127 -30.47 -73.44 -26.12
CA ASP B 1127 -30.83 -72.64 -27.27
C ASP B 1127 -30.68 -71.14 -27.05
N VAL B 1128 -30.25 -70.70 -25.88
CA VAL B 1128 -30.16 -69.28 -25.56
C VAL B 1128 -28.72 -68.79 -25.53
N VAL B 1129 -27.81 -69.54 -24.92
CA VAL B 1129 -26.46 -69.05 -24.68
C VAL B 1129 -25.62 -69.20 -25.95
N ILE B 1130 -25.00 -68.10 -26.36
CA ILE B 1130 -24.17 -68.07 -27.56
C ILE B 1130 -22.80 -68.66 -27.24
N GLY B 1131 -22.41 -69.69 -28.00
CA GLY B 1131 -21.14 -70.35 -27.81
C GLY B 1131 -21.14 -71.53 -26.87
N ILE B 1132 -22.31 -71.98 -26.42
CA ILE B 1132 -22.39 -73.13 -25.53
C ILE B 1132 -21.91 -74.38 -26.26
N VAL B 1133 -21.19 -75.24 -25.56
CA VAL B 1133 -20.64 -76.45 -26.16
C VAL B 1133 -21.23 -77.67 -25.48
N ASN B 1134 -21.13 -78.80 -26.18
CA ASN B 1134 -21.60 -80.09 -25.68
C ASN B 1134 -20.55 -80.80 -24.84
N ASN B 1135 -20.98 -81.33 -23.71
CA ASN B 1135 -20.15 -82.18 -22.86
C ASN B 1135 -21.06 -83.04 -21.99
N THR B 1136 -20.51 -83.58 -20.91
CA THR B 1136 -21.28 -84.34 -19.92
C THR B 1136 -21.02 -83.75 -18.55
N VAL B 1137 -22.04 -83.82 -17.70
CA VAL B 1137 -21.96 -83.37 -16.31
C VAL B 1137 -22.09 -84.59 -15.41
N TYR B 1138 -21.08 -84.82 -14.59
CA TYR B 1138 -21.03 -85.98 -13.71
C TYR B 1138 -21.97 -85.75 -12.53
N ASP B 1139 -22.76 -86.77 -12.21
CA ASP B 1139 -23.66 -86.70 -11.07
C ASP B 1139 -23.14 -87.59 -9.96
N PRO B 1140 -22.57 -87.02 -8.89
CA PRO B 1140 -22.01 -87.86 -7.81
C PRO B 1140 -23.02 -88.80 -7.18
N LEU B 1141 -24.33 -88.53 -7.32
CA LEU B 1141 -25.34 -89.39 -6.73
C LEU B 1141 -25.53 -90.67 -7.52
N GLN B 1142 -25.39 -90.63 -8.84
CA GLN B 1142 -25.65 -91.75 -9.74
C GLN B 1142 -24.92 -93.02 -9.28
N PRO B 1143 -23.59 -93.00 -9.08
CA PRO B 1143 -22.91 -94.25 -8.67
C PRO B 1143 -23.35 -94.76 -7.32
N GLU B 1144 -23.90 -93.90 -6.46
CA GLU B 1144 -24.30 -94.34 -5.13
C GLU B 1144 -25.61 -95.13 -5.18
N LEU B 1145 -26.51 -94.79 -6.10
CA LEU B 1145 -27.76 -95.52 -6.25
C LEU B 1145 -27.62 -96.68 -7.22
N ASP B 1146 -26.69 -96.59 -8.17
CA ASP B 1146 -26.51 -97.67 -9.13
C ASP B 1146 -25.93 -98.91 -8.47
N SER B 1147 -24.96 -98.73 -7.58
CA SER B 1147 -24.35 -99.85 -6.87
C SER B 1147 -25.19 -100.24 -5.66
N ALA C 27 -35.85 23.05 -25.33
CA ALA C 27 -35.94 21.71 -25.90
C ALA C 27 -34.75 20.86 -25.48
N TYR C 28 -34.99 19.55 -25.32
CA TYR C 28 -33.95 18.61 -24.96
C TYR C 28 -34.06 17.38 -25.84
N THR C 29 -32.93 16.72 -26.06
CA THR C 29 -32.94 15.44 -26.75
C THR C 29 -32.04 14.44 -26.02
N ASN C 30 -32.04 13.22 -26.55
CA ASN C 30 -31.30 12.08 -26.02
C ASN C 30 -29.89 12.02 -26.60
N SER C 31 -28.89 12.11 -25.72
CA SER C 31 -27.47 12.06 -26.08
C SER C 31 -27.02 10.69 -26.55
N PHE C 32 -27.85 9.66 -26.40
CA PHE C 32 -27.54 8.26 -26.68
C PHE C 32 -26.07 7.91 -26.42
N THR C 33 -25.30 7.65 -27.47
CA THR C 33 -23.91 7.22 -27.28
C THR C 33 -22.90 8.23 -27.79
N ARG C 34 -23.31 9.48 -27.98
CA ARG C 34 -22.39 10.50 -28.45
C ARG C 34 -21.53 11.01 -27.29
N GLY C 35 -20.41 11.62 -27.63
CA GLY C 35 -19.57 12.23 -26.63
C GLY C 35 -18.38 11.41 -26.16
N VAL C 36 -17.91 10.46 -26.97
CA VAL C 36 -16.73 9.68 -26.65
C VAL C 36 -15.59 10.15 -27.55
N TYR C 37 -14.46 10.45 -26.94
CA TYR C 37 -13.28 10.96 -27.64
C TYR C 37 -12.06 10.17 -27.21
N TYR C 38 -11.00 10.26 -28.01
CA TYR C 38 -9.77 9.57 -27.68
C TYR C 38 -9.12 10.24 -26.49
N PRO C 39 -8.97 9.56 -25.36
CA PRO C 39 -8.50 10.23 -24.14
C PRO C 39 -7.07 10.73 -24.23
N ASP C 40 -6.25 10.16 -25.11
CA ASP C 40 -4.86 10.59 -25.25
C ASP C 40 -4.43 10.39 -26.69
N LYS C 41 -3.12 10.50 -26.93
CA LYS C 41 -2.55 10.42 -28.26
C LYS C 41 -1.71 9.17 -28.46
N VAL C 42 -2.03 8.10 -27.72
CA VAL C 42 -1.32 6.84 -27.84
C VAL C 42 -2.15 5.89 -28.70
N PHE C 43 -1.50 5.28 -29.67
CA PHE C 43 -2.16 4.31 -30.54
C PHE C 43 -2.34 2.97 -29.83
N ARG C 44 -3.57 2.46 -29.88
CA ARG C 44 -3.93 1.16 -29.33
C ARG C 44 -4.80 0.45 -30.34
N SER C 45 -4.76 -0.88 -30.34
CA SER C 45 -5.63 -1.61 -31.26
C SER C 45 -6.01 -2.96 -30.66
N SER C 46 -7.17 -3.46 -31.09
CA SER C 46 -7.67 -4.77 -30.68
C SER C 46 -7.59 -4.95 -29.16
N VAL C 47 -8.08 -3.95 -28.44
CA VAL C 47 -7.96 -3.96 -26.98
C VAL C 47 -9.11 -3.20 -26.35
N LEU C 48 -9.50 -3.64 -25.16
CA LEU C 48 -10.48 -2.93 -24.34
C LEU C 48 -9.72 -2.18 -23.27
N HIS C 49 -9.77 -0.85 -23.32
CA HIS C 49 -8.98 0.00 -22.43
C HIS C 49 -9.91 0.75 -21.49
N SER C 50 -9.63 0.67 -20.19
CA SER C 50 -10.42 1.35 -19.17
C SER C 50 -9.77 2.68 -18.81
N THR C 51 -10.51 3.77 -18.97
CA THR C 51 -9.96 5.09 -18.69
C THR C 51 -11.03 5.94 -18.00
N GLN C 52 -10.59 6.84 -17.13
CA GLN C 52 -11.49 7.77 -16.46
C GLN C 52 -11.20 9.18 -16.94
N ASP C 53 -12.22 9.85 -17.47
CA ASP C 53 -12.05 11.21 -18.00
C ASP C 53 -13.41 11.89 -18.04
N LEU C 54 -13.40 13.13 -18.51
CA LEU C 54 -14.60 13.95 -18.60
C LEU C 54 -15.28 13.61 -19.93
N PHE C 55 -16.30 12.77 -19.86
CA PHE C 55 -17.02 12.28 -21.02
C PHE C 55 -18.47 12.71 -20.95
N LEU C 56 -19.13 12.72 -22.10
CA LEU C 56 -20.56 13.01 -22.14
C LEU C 56 -21.31 11.76 -21.68
N PRO C 57 -22.06 11.83 -20.59
CA PRO C 57 -22.78 10.64 -20.12
C PRO C 57 -23.73 10.08 -21.18
N PHE C 58 -23.78 8.74 -21.26
CA PHE C 58 -24.62 8.10 -22.26
C PHE C 58 -26.10 8.32 -21.94
N PHE C 59 -26.89 8.55 -22.99
CA PHE C 59 -28.33 8.75 -22.89
C PHE C 59 -28.72 9.94 -22.02
N SER C 60 -27.80 10.86 -21.77
CA SER C 60 -28.13 12.06 -21.00
C SER C 60 -28.96 13.03 -21.84
N ASN C 61 -29.54 14.00 -21.16
CA ASN C 61 -30.33 15.05 -21.81
C ASN C 61 -29.40 16.15 -22.27
N VAL C 62 -29.50 16.54 -23.54
CA VAL C 62 -28.73 17.67 -24.05
C VAL C 62 -29.71 18.72 -24.56
N THR C 63 -29.43 19.98 -24.26
CA THR C 63 -30.34 21.05 -24.62
C THR C 63 -30.30 21.32 -26.12
N TRP C 64 -31.48 21.39 -26.73
CA TRP C 64 -31.64 21.56 -28.16
C TRP C 64 -32.03 22.99 -28.51
N PHE C 65 -31.17 23.68 -29.26
CA PHE C 65 -31.38 25.05 -29.67
C PHE C 65 -31.67 25.07 -31.17
N HIS C 66 -32.40 26.09 -31.60
CA HIS C 66 -32.84 26.20 -32.99
C HIS C 66 -32.35 27.50 -33.60
N ALA C 67 -32.20 27.50 -34.93
CA ALA C 67 -31.78 28.66 -35.69
C ALA C 67 -32.70 28.85 -36.89
N ILE C 68 -34.00 28.94 -36.60
CA ILE C 68 -35.02 29.11 -37.63
C ILE C 68 -35.91 30.28 -37.25
N HIS C 69 -36.60 30.81 -38.26
CA HIS C 69 -37.56 31.89 -38.10
C HIS C 69 -37.01 33.06 -37.27
N ASP C 80 -31.64 32.83 -31.57
CA ASP C 80 -31.52 31.99 -30.38
C ASP C 80 -30.06 31.64 -30.12
N ASN C 81 -29.31 32.60 -29.58
CA ASN C 81 -27.88 32.44 -29.28
C ASN C 81 -27.58 32.87 -27.85
N PRO C 82 -28.21 32.23 -26.85
CA PRO C 82 -27.95 32.64 -25.47
C PRO C 82 -26.57 32.21 -25.01
N VAL C 83 -26.17 32.76 -23.87
CA VAL C 83 -24.93 32.40 -23.20
C VAL C 83 -25.20 31.22 -22.26
N LEU C 84 -24.41 30.16 -22.42
CA LEU C 84 -24.60 28.97 -21.61
C LEU C 84 -23.45 28.81 -20.61
N PRO C 85 -23.69 28.18 -19.46
CA PRO C 85 -22.59 27.80 -18.57
C PRO C 85 -21.62 26.83 -19.23
N PHE C 86 -20.36 26.94 -18.81
CA PHE C 86 -19.29 26.04 -19.24
C PHE C 86 -19.03 24.91 -18.26
N ASN C 87 -19.33 25.12 -16.98
CA ASN C 87 -19.06 24.19 -15.89
C ASN C 87 -17.69 23.52 -15.99
N ASP C 88 -17.66 22.20 -16.12
CA ASP C 88 -16.42 21.44 -16.15
C ASP C 88 -16.05 20.95 -17.55
N GLY C 89 -16.72 21.45 -18.58
CA GLY C 89 -16.48 21.03 -19.95
C GLY C 89 -17.82 20.98 -20.64
N VAL C 90 -17.80 21.25 -21.94
CA VAL C 90 -19.03 21.36 -22.72
C VAL C 90 -18.95 20.46 -23.95
N TYR C 91 -20.02 19.71 -24.18
CA TYR C 91 -20.21 18.97 -25.41
C TYR C 91 -21.05 19.86 -26.32
N PHE C 92 -20.61 20.02 -27.56
CA PHE C 92 -21.32 20.85 -28.52
C PHE C 92 -21.52 20.03 -29.78
N ALA C 93 -22.68 20.17 -30.40
CA ALA C 93 -22.86 19.47 -31.66
C ALA C 93 -23.73 20.33 -32.55
N SER C 94 -23.54 20.22 -33.85
CA SER C 94 -24.40 20.97 -34.74
C SER C 94 -24.65 20.19 -36.03
N THR C 95 -25.79 20.49 -36.65
CA THR C 95 -26.18 19.91 -37.92
C THR C 95 -26.25 21.05 -38.92
N GLU C 96 -25.64 20.86 -40.09
CA GLU C 96 -25.52 21.92 -41.06
C GLU C 96 -25.95 21.49 -42.45
N LYS C 97 -26.37 22.49 -43.21
CA LYS C 97 -26.67 22.41 -44.63
C LYS C 97 -26.15 23.61 -45.40
N SER C 98 -25.82 24.72 -44.70
CA SER C 98 -25.37 25.95 -45.32
C SER C 98 -24.30 26.65 -44.48
N ASN C 99 -23.68 25.96 -43.53
CA ASN C 99 -22.61 26.50 -42.68
C ASN C 99 -23.06 27.77 -41.95
N ILE C 100 -24.20 27.69 -41.28
CA ILE C 100 -24.70 28.86 -40.53
C ILE C 100 -23.87 29.10 -39.28
N ILE C 101 -23.53 28.04 -38.54
CA ILE C 101 -22.77 28.20 -37.31
C ILE C 101 -21.30 28.32 -37.69
N ARG C 102 -20.69 29.46 -37.34
CA ARG C 102 -19.32 29.72 -37.74
C ARG C 102 -18.34 30.00 -36.61
N GLY C 103 -18.77 30.03 -35.36
CA GLY C 103 -17.77 30.30 -34.34
C GLY C 103 -18.28 30.15 -32.93
N TRP C 104 -17.36 30.35 -31.99
CA TRP C 104 -17.63 30.22 -30.56
C TRP C 104 -16.92 31.32 -29.80
N ILE C 105 -17.52 31.71 -28.67
CA ILE C 105 -16.95 32.66 -27.71
C ILE C 105 -16.94 32.00 -26.34
N PHE C 106 -15.79 32.03 -25.67
CA PHE C 106 -15.65 31.45 -24.33
C PHE C 106 -15.08 32.47 -23.36
N GLY C 107 -15.67 32.56 -22.17
CA GLY C 107 -15.18 33.47 -21.16
C GLY C 107 -16.10 33.51 -19.95
N THR C 108 -16.04 34.62 -19.21
CA THR C 108 -16.89 34.82 -18.05
C THR C 108 -17.90 35.95 -18.21
N THR C 109 -17.48 37.08 -18.78
CA THR C 109 -18.36 38.23 -18.95
C THR C 109 -18.57 38.62 -20.41
N LEU C 110 -17.68 38.22 -21.31
CA LEU C 110 -17.83 38.47 -22.75
C LEU C 110 -18.13 39.93 -23.05
N ASP C 111 -17.45 40.86 -22.34
CA ASP C 111 -17.78 42.26 -22.50
C ASP C 111 -16.54 43.16 -22.52
N SER C 112 -15.40 42.63 -22.97
CA SER C 112 -14.11 43.30 -23.06
C SER C 112 -13.42 43.52 -21.72
N LYS C 113 -13.98 43.03 -20.61
CA LYS C 113 -13.34 43.21 -19.31
C LYS C 113 -12.36 42.11 -18.97
N THR C 114 -12.46 40.94 -19.61
CA THR C 114 -11.55 39.83 -19.38
C THR C 114 -11.20 39.22 -20.72
N GLN C 115 -10.26 38.29 -20.71
CA GLN C 115 -9.87 37.61 -21.94
C GLN C 115 -10.91 36.56 -22.30
N SER C 116 -11.27 36.50 -23.57
CA SER C 116 -12.30 35.57 -24.04
C SER C 116 -11.85 34.94 -25.35
N LEU C 117 -11.83 33.61 -25.38
CA LEU C 117 -11.42 32.89 -26.57
C LEU C 117 -12.47 33.07 -27.67
N LEU C 118 -12.02 33.44 -28.86
CA LEU C 118 -12.90 33.64 -30.01
C LEU C 118 -12.40 32.77 -31.16
N ILE C 119 -13.28 31.90 -31.65
CA ILE C 119 -12.99 31.02 -32.78
C ILE C 119 -13.97 31.35 -33.88
N VAL C 120 -13.45 31.69 -35.06
CA VAL C 120 -14.26 32.03 -36.23
C VAL C 120 -13.72 31.26 -37.42
N ASN C 121 -14.61 30.62 -38.16
CA ASN C 121 -14.22 29.89 -39.38
C ASN C 121 -14.93 30.57 -40.54
N ASN C 122 -14.21 31.42 -41.28
CA ASN C 122 -14.83 32.19 -42.36
C ASN C 122 -14.33 31.70 -43.71
N ALA C 123 -15.22 31.00 -44.42
CA ALA C 123 -14.97 30.34 -45.69
C ALA C 123 -13.93 29.23 -45.53
N THR C 124 -12.68 29.56 -45.80
CA THR C 124 -11.57 28.63 -45.72
C THR C 124 -10.54 29.02 -44.67
N ASN C 125 -10.81 30.01 -43.82
CA ASN C 125 -9.82 30.48 -42.87
C ASN C 125 -10.29 30.32 -41.42
N VAL C 126 -9.66 29.40 -40.70
CA VAL C 126 -9.92 29.23 -39.27
C VAL C 126 -9.09 30.27 -38.53
N VAL C 127 -9.75 31.07 -37.68
CA VAL C 127 -9.12 32.14 -36.92
C VAL C 127 -9.38 31.90 -35.45
N ILE C 128 -8.31 31.87 -34.66
CA ILE C 128 -8.38 31.69 -33.21
C ILE C 128 -7.66 32.86 -32.57
N LYS C 129 -8.36 33.54 -31.66
CA LYS C 129 -7.80 34.67 -30.93
C LYS C 129 -8.22 34.60 -29.48
N VAL C 130 -7.39 35.16 -28.60
CA VAL C 130 -7.73 35.21 -27.19
C VAL C 130 -7.70 36.64 -26.69
N CYS C 131 -8.08 37.57 -27.56
CA CYS C 131 -8.03 38.99 -27.22
C CYS C 131 -9.18 39.33 -26.27
N GLU C 132 -9.07 40.51 -25.65
CA GLU C 132 -10.16 41.04 -24.83
C GLU C 132 -11.17 41.76 -25.73
N PHE C 133 -11.91 40.96 -26.49
CA PHE C 133 -12.77 41.50 -27.53
C PHE C 133 -13.97 42.24 -26.93
N GLN C 134 -14.34 43.34 -27.57
CA GLN C 134 -15.57 44.05 -27.23
C GLN C 134 -16.67 43.49 -28.13
N PHE C 135 -17.56 42.69 -27.54
CA PHE C 135 -18.61 42.05 -28.30
C PHE C 135 -19.89 42.88 -28.30
N CYS C 136 -20.71 42.69 -29.34
CA CYS C 136 -21.97 43.38 -29.48
C CYS C 136 -22.96 42.89 -28.43
N ASN C 137 -24.05 43.65 -28.26
CA ASN C 137 -25.11 43.23 -27.35
C ASN C 137 -25.69 41.89 -27.76
N ASP C 138 -25.73 41.61 -29.06
CA ASP C 138 -26.18 40.31 -29.57
C ASP C 138 -25.23 39.95 -30.70
N PRO C 139 -24.12 39.28 -30.38
CA PRO C 139 -23.11 38.97 -31.40
C PRO C 139 -23.66 38.09 -32.51
N PHE C 140 -23.33 38.46 -33.75
CA PHE C 140 -23.69 37.65 -34.91
C PHE C 140 -22.81 38.09 -36.07
N LEU C 141 -22.77 37.27 -37.11
CA LEU C 141 -22.08 37.59 -38.35
C LEU C 141 -23.07 37.67 -39.49
N GLY C 142 -22.98 38.74 -40.29
CA GLY C 142 -23.84 38.90 -41.43
C GLY C 142 -23.31 38.22 -42.67
N VAL C 143 -24.22 37.92 -43.59
CA VAL C 143 -23.85 37.36 -44.89
C VAL C 143 -23.62 38.47 -45.90
N ASN C 165 -4.63 43.78 -26.09
CA ASN C 165 -4.10 42.91 -25.05
C ASN C 165 -4.24 41.45 -25.49
N CYS C 166 -3.76 41.18 -26.70
CA CYS C 166 -3.81 39.84 -27.26
C CYS C 166 -2.56 39.05 -26.87
N THR C 167 -2.75 37.78 -26.53
CA THR C 167 -1.65 36.90 -26.17
C THR C 167 -1.47 35.74 -27.15
N PHE C 168 -2.32 35.61 -28.15
CA PHE C 168 -2.25 34.52 -29.11
C PHE C 168 -3.10 34.86 -30.32
N GLU C 169 -2.59 34.51 -31.50
CA GLU C 169 -3.36 34.63 -32.74
C GLU C 169 -2.97 33.51 -33.68
N TYR C 170 -3.96 32.91 -34.32
CA TYR C 170 -3.71 31.89 -35.35
C TYR C 170 -4.73 32.05 -36.46
N VAL C 171 -4.27 31.94 -37.70
CA VAL C 171 -5.12 31.95 -38.88
C VAL C 171 -4.74 30.78 -39.77
N SER C 172 -5.73 30.00 -40.20
CA SER C 172 -5.49 28.91 -41.13
C SER C 172 -5.39 29.42 -42.56
N PHE C 186 -30.59 17.96 -42.55
CA PHE C 186 -29.23 18.49 -42.61
C PHE C 186 -28.28 17.47 -43.23
N LYS C 187 -27.14 17.95 -43.72
CA LYS C 187 -26.19 17.11 -44.43
C LYS C 187 -24.89 16.84 -43.68
N ASN C 188 -24.49 17.69 -42.74
CA ASN C 188 -23.20 17.53 -42.07
C ASN C 188 -23.35 17.66 -40.57
N LEU C 189 -22.91 16.66 -39.83
CA LEU C 189 -22.92 16.71 -38.37
C LEU C 189 -21.50 16.99 -37.89
N ARG C 190 -21.33 18.06 -37.12
CA ARG C 190 -20.04 18.48 -36.60
C ARG C 190 -20.09 18.53 -35.08
N GLU C 191 -19.45 17.55 -34.46
CA GLU C 191 -19.45 17.42 -33.00
C GLU C 191 -18.13 17.94 -32.45
N PHE C 192 -18.20 18.61 -31.30
CA PHE C 192 -17.04 19.19 -30.65
C PHE C 192 -17.11 18.92 -29.16
N VAL C 193 -15.93 18.87 -28.54
CA VAL C 193 -15.79 18.83 -27.09
C VAL C 193 -14.80 19.93 -26.70
N PHE C 194 -15.19 20.76 -25.74
CA PHE C 194 -14.37 21.87 -25.25
C PHE C 194 -14.17 21.69 -23.75
N LYS C 195 -12.93 21.49 -23.33
CA LYS C 195 -12.66 21.34 -21.90
C LYS C 195 -11.41 22.11 -21.50
N ASN C 196 -11.36 22.54 -20.24
CA ASN C 196 -10.22 23.29 -19.71
C ASN C 196 -9.59 22.51 -18.56
N ILE C 197 -8.37 22.03 -18.78
CA ILE C 197 -7.62 21.27 -17.77
C ILE C 197 -6.34 22.03 -17.45
N ASP C 198 -6.24 22.49 -16.20
CA ASP C 198 -5.07 23.22 -15.71
C ASP C 198 -4.67 24.37 -16.63
N GLY C 199 -5.66 25.07 -17.17
CA GLY C 199 -5.41 26.21 -18.02
C GLY C 199 -5.29 25.90 -19.50
N TYR C 200 -5.37 24.62 -19.88
CA TYR C 200 -5.23 24.22 -21.27
C TYR C 200 -6.63 23.97 -21.84
N PHE C 201 -6.97 24.70 -22.90
CA PHE C 201 -8.28 24.59 -23.54
C PHE C 201 -8.17 23.57 -24.66
N LYS C 202 -8.74 22.39 -24.44
CA LYS C 202 -8.60 21.26 -25.34
C LYS C 202 -9.87 21.17 -26.19
N ILE C 203 -9.68 21.12 -27.50
CA ILE C 203 -10.74 21.09 -28.49
C ILE C 203 -10.64 19.77 -29.24
N TYR C 204 -11.74 19.03 -29.23
CA TYR C 204 -11.89 17.78 -29.97
C TYR C 204 -13.05 17.96 -30.94
N SER C 205 -12.99 17.28 -32.08
CA SER C 205 -14.12 17.38 -33.00
C SER C 205 -14.12 16.24 -34.00
N LYS C 206 -15.30 16.04 -34.60
CA LYS C 206 -15.50 15.07 -35.68
C LYS C 206 -16.58 15.57 -36.61
N HIS C 207 -16.30 15.54 -37.91
CA HIS C 207 -17.24 15.90 -38.95
C HIS C 207 -17.67 14.64 -39.70
N THR C 208 -18.98 14.47 -39.90
CA THR C 208 -19.45 13.31 -40.63
C THR C 208 -20.67 13.64 -41.48
N PRO C 209 -20.82 13.04 -42.66
CA PRO C 209 -22.05 13.22 -43.43
C PRO C 209 -23.22 12.53 -42.74
N ILE C 210 -24.37 13.20 -42.76
CA ILE C 210 -25.60 12.66 -42.21
C ILE C 210 -26.74 12.93 -43.18
N ASN C 211 -27.87 12.23 -42.98
CA ASN C 211 -29.09 12.49 -43.72
C ASN C 211 -30.26 12.48 -42.72
N LEU C 212 -30.36 13.55 -41.93
CA LEU C 212 -31.37 13.64 -40.88
C LEU C 212 -31.49 15.08 -40.45
N VAL C 213 -32.70 15.61 -40.46
CA VAL C 213 -32.96 17.00 -40.10
C VAL C 213 -33.57 17.12 -38.70
N ARG C 214 -34.40 16.15 -38.30
CA ARG C 214 -35.19 16.32 -37.07
C ARG C 214 -34.32 16.38 -35.82
N ASP C 215 -33.31 15.53 -35.71
CA ASP C 215 -32.59 15.41 -34.45
C ASP C 215 -31.20 14.84 -34.70
N LEU C 216 -30.46 14.64 -33.62
CA LEU C 216 -29.16 14.01 -33.68
C LEU C 216 -29.28 12.57 -34.20
N PRO C 217 -28.47 12.17 -35.17
CA PRO C 217 -28.45 10.76 -35.58
C PRO C 217 -27.97 9.88 -34.43
N GLN C 218 -28.53 8.68 -34.36
CA GLN C 218 -28.12 7.69 -33.38
C GLN C 218 -26.97 6.85 -33.95
N GLY C 219 -25.98 6.58 -33.12
CA GLY C 219 -24.83 5.81 -33.53
C GLY C 219 -23.64 6.15 -32.66
N PHE C 220 -22.49 5.58 -33.03
CA PHE C 220 -21.27 5.78 -32.27
C PHE C 220 -20.15 6.25 -33.21
N SER C 221 -19.44 7.29 -32.78
CA SER C 221 -18.29 7.81 -33.52
C SER C 221 -17.36 8.51 -32.54
N ALA C 222 -16.09 8.14 -32.56
CA ALA C 222 -15.12 8.73 -31.63
C ALA C 222 -14.53 10.00 -32.21
N LEU C 223 -14.26 10.96 -31.34
CA LEU C 223 -13.70 12.26 -31.71
C LEU C 223 -12.21 12.28 -31.43
N GLU C 224 -11.41 12.59 -32.46
CA GLU C 224 -9.99 12.73 -32.24
C GLU C 224 -9.68 14.13 -31.70
N PRO C 225 -8.61 14.27 -30.91
CA PRO C 225 -8.17 15.62 -30.53
C PRO C 225 -7.60 16.38 -31.70
N LEU C 226 -7.86 17.69 -31.72
CA LEU C 226 -7.27 18.56 -32.73
C LEU C 226 -6.49 19.74 -32.15
N VAL C 227 -6.98 20.40 -31.10
CA VAL C 227 -6.34 21.64 -30.66
C VAL C 227 -6.16 21.63 -29.16
N ASP C 228 -5.04 22.21 -28.70
CA ASP C 228 -4.78 22.39 -27.27
C ASP C 228 -4.13 23.76 -27.10
N LEU C 229 -4.90 24.73 -26.59
CA LEU C 229 -4.42 26.09 -26.46
C LEU C 229 -4.06 26.38 -25.01
N PRO C 230 -2.80 26.69 -24.70
CA PRO C 230 -2.42 26.98 -23.31
C PRO C 230 -2.78 28.41 -22.91
N ILE C 231 -4.08 28.71 -22.91
CA ILE C 231 -4.51 30.09 -22.70
C ILE C 231 -4.51 30.47 -21.22
N GLY C 232 -4.79 29.54 -20.32
CA GLY C 232 -4.77 29.87 -18.91
C GLY C 232 -5.90 30.78 -18.48
N ILE C 233 -7.02 30.73 -19.20
CA ILE C 233 -8.17 31.58 -18.94
C ILE C 233 -9.21 30.81 -18.13
N ASN C 234 -9.74 31.44 -17.09
CA ASN C 234 -10.81 30.84 -16.29
C ASN C 234 -12.10 31.05 -17.07
N ILE C 235 -12.59 29.98 -17.68
CA ILE C 235 -13.75 29.99 -18.56
C ILE C 235 -14.94 29.37 -17.85
N THR C 236 -16.03 30.14 -17.75
CA THR C 236 -17.24 29.71 -17.06
C THR C 236 -18.49 29.77 -17.92
N ARG C 237 -18.48 30.54 -19.02
CA ARG C 237 -19.65 30.71 -19.88
C ARG C 237 -19.19 30.69 -21.33
N PHE C 238 -20.11 30.34 -22.22
CA PHE C 238 -19.80 30.40 -23.64
C PHE C 238 -21.03 30.76 -24.46
N GLN C 239 -20.78 31.17 -25.70
CA GLN C 239 -21.82 31.57 -26.65
C GLN C 239 -21.40 31.10 -28.04
N THR C 240 -22.38 30.86 -28.90
CA THR C 240 -22.14 30.46 -30.28
C THR C 240 -22.25 31.65 -31.21
N LEU C 241 -21.83 31.44 -32.46
CA LEU C 241 -21.88 32.46 -33.50
C LEU C 241 -22.62 31.93 -34.71
N LEU C 242 -23.71 32.60 -35.08
CA LEU C 242 -24.56 32.18 -36.19
C LEU C 242 -24.40 33.15 -37.36
N ALA C 243 -24.48 32.60 -38.58
CA ALA C 243 -24.44 33.39 -39.80
C ALA C 243 -25.86 33.77 -40.20
N LEU C 244 -26.17 35.06 -40.19
CA LEU C 244 -27.51 35.56 -40.45
C LEU C 244 -27.55 36.27 -41.80
N HIS C 245 -28.58 35.98 -42.58
CA HIS C 245 -28.76 36.61 -43.89
C HIS C 245 -29.38 38.00 -43.74
N ALA C 263 -30.48 25.65 -38.73
CA ALA C 263 -29.27 25.04 -38.19
C ALA C 263 -29.38 24.86 -36.68
N ALA C 264 -30.03 23.78 -36.26
CA ALA C 264 -30.14 23.47 -34.85
C ALA C 264 -28.81 22.99 -34.29
N TYR C 265 -28.62 23.18 -32.99
CA TYR C 265 -27.42 22.68 -32.32
C TYR C 265 -27.77 22.21 -30.92
N TYR C 266 -26.88 21.40 -30.36
CA TYR C 266 -27.12 20.75 -29.07
C TYR C 266 -25.97 21.04 -28.13
N VAL C 267 -26.29 21.25 -26.86
CA VAL C 267 -25.31 21.49 -25.80
C VAL C 267 -25.48 20.47 -24.68
N GLY C 268 -24.41 19.71 -24.42
CA GLY C 268 -24.40 18.73 -23.34
C GLY C 268 -23.26 19.07 -22.37
N TYR C 269 -23.20 18.32 -21.28
CA TYR C 269 -22.17 18.55 -20.28
C TYR C 269 -21.42 17.27 -19.92
N LEU C 270 -20.13 17.44 -19.66
CA LEU C 270 -19.20 16.36 -19.37
C LEU C 270 -19.13 16.05 -17.88
N GLN C 271 -18.86 14.79 -17.57
CA GLN C 271 -18.70 14.34 -16.19
C GLN C 271 -17.47 13.45 -16.09
N PRO C 272 -16.85 13.39 -14.89
CA PRO C 272 -15.67 12.54 -14.71
C PRO C 272 -16.02 11.06 -14.65
N ARG C 273 -16.57 10.54 -15.73
CA ARG C 273 -16.96 9.15 -15.81
C ARG C 273 -15.83 8.26 -16.29
N THR C 274 -15.90 6.98 -15.90
CA THR C 274 -14.99 5.97 -16.39
C THR C 274 -15.65 5.23 -17.55
N PHE C 275 -14.94 5.13 -18.67
CA PHE C 275 -15.41 4.43 -19.85
C PHE C 275 -14.46 3.31 -20.24
N LEU C 276 -15.04 2.22 -20.74
CA LEU C 276 -14.29 1.14 -21.36
C LEU C 276 -14.38 1.33 -22.87
N LEU C 277 -13.25 1.59 -23.50
CA LEU C 277 -13.17 1.92 -24.92
C LEU C 277 -12.68 0.70 -25.69
N LYS C 278 -13.40 0.33 -26.76
CA LYS C 278 -13.04 -0.81 -27.58
C LYS C 278 -12.29 -0.35 -28.82
N TYR C 279 -11.01 -0.71 -28.92
CA TYR C 279 -10.18 -0.37 -30.07
C TYR C 279 -10.15 -1.59 -30.99
N ASN C 280 -10.44 -1.36 -32.26
CA ASN C 280 -10.44 -2.43 -33.25
C ASN C 280 -9.04 -2.69 -33.79
N GLU C 281 -8.94 -3.55 -34.81
CA GLU C 281 -7.65 -3.91 -35.38
C GLU C 281 -6.93 -2.75 -36.04
N ASN C 282 -7.66 -1.69 -36.42
CA ASN C 282 -7.07 -0.52 -37.06
C ASN C 282 -6.85 0.61 -36.08
N GLY C 283 -7.09 0.38 -34.79
CA GLY C 283 -6.95 1.40 -33.78
C GLY C 283 -8.08 2.40 -33.75
N THR C 284 -9.23 2.05 -34.29
CA THR C 284 -10.39 2.92 -34.30
C THR C 284 -11.31 2.50 -33.16
N ILE C 285 -11.80 3.48 -32.40
CA ILE C 285 -12.73 3.14 -31.33
C ILE C 285 -14.09 2.82 -31.94
N THR C 286 -14.58 1.61 -31.71
CA THR C 286 -15.83 1.18 -32.31
C THR C 286 -16.97 1.04 -31.31
N ASP C 287 -16.67 0.92 -30.03
CA ASP C 287 -17.72 0.85 -29.01
C ASP C 287 -17.16 1.39 -27.70
N ALA C 288 -18.05 1.47 -26.71
CA ALA C 288 -17.67 1.94 -25.40
C ALA C 288 -18.75 1.53 -24.40
N VAL C 289 -18.33 1.35 -23.15
CA VAL C 289 -19.22 1.07 -22.04
C VAL C 289 -19.08 2.19 -21.04
N ASP C 290 -20.21 2.83 -20.70
CA ASP C 290 -20.27 3.86 -19.67
C ASP C 290 -20.45 3.15 -18.33
N CYS C 291 -19.39 3.13 -17.52
CA CYS C 291 -19.39 2.30 -16.33
C CYS C 291 -20.43 2.71 -15.29
N ALA C 292 -21.06 3.88 -15.43
CA ALA C 292 -22.07 4.32 -14.48
C ALA C 292 -23.45 4.46 -15.14
N LEU C 293 -23.64 3.93 -16.34
CA LEU C 293 -24.92 4.03 -17.02
C LEU C 293 -26.01 3.20 -16.35
N ASP C 294 -25.90 1.89 -16.46
CA ASP C 294 -26.85 0.94 -15.90
C ASP C 294 -26.09 -0.22 -15.28
N PRO C 295 -26.75 -1.02 -14.43
CA PRO C 295 -26.07 -2.17 -13.84
C PRO C 295 -25.42 -3.09 -14.85
N LEU C 296 -26.00 -3.23 -16.04
CA LEU C 296 -25.37 -4.08 -17.06
C LEU C 296 -24.06 -3.48 -17.51
N SER C 297 -24.03 -2.16 -17.68
CA SER C 297 -22.77 -1.51 -18.05
C SER C 297 -21.76 -1.64 -16.93
N GLU C 298 -22.22 -1.56 -15.68
CA GLU C 298 -21.32 -1.74 -14.54
C GLU C 298 -20.70 -3.13 -14.59
N THR C 299 -21.50 -4.15 -14.93
CA THR C 299 -20.99 -5.51 -15.03
C THR C 299 -19.97 -5.61 -16.16
N LYS C 300 -20.29 -5.00 -17.31
CA LYS C 300 -19.37 -5.04 -18.45
C LYS C 300 -18.03 -4.42 -18.08
N CYS C 301 -18.06 -3.29 -17.36
CA CYS C 301 -16.82 -2.67 -16.93
C CYS C 301 -16.08 -3.54 -15.91
N THR C 302 -16.81 -4.16 -14.99
CA THR C 302 -16.18 -5.02 -13.99
C THR C 302 -15.44 -6.18 -14.64
N LEU C 303 -16.04 -6.80 -15.66
CA LEU C 303 -15.41 -7.95 -16.29
C LEU C 303 -14.49 -7.57 -17.44
N LYS C 304 -14.36 -6.28 -17.75
CA LYS C 304 -13.53 -5.80 -18.86
C LYS C 304 -13.87 -6.54 -20.16
N SER C 305 -15.17 -6.64 -20.44
CA SER C 305 -15.62 -7.31 -21.65
C SER C 305 -16.97 -6.73 -22.06
N PHE C 306 -17.26 -6.82 -23.35
CA PHE C 306 -18.53 -6.39 -23.89
C PHE C 306 -19.55 -7.51 -23.95
N THR C 307 -19.17 -8.72 -23.52
CA THR C 307 -20.05 -9.87 -23.43
C THR C 307 -20.03 -10.35 -21.99
N VAL C 308 -21.19 -10.59 -21.42
CA VAL C 308 -21.31 -11.08 -20.05
C VAL C 308 -21.97 -12.45 -20.08
N GLU C 309 -21.29 -13.45 -19.54
CA GLU C 309 -21.82 -14.80 -19.48
C GLU C 309 -22.96 -14.89 -18.46
N LYS C 310 -23.82 -15.88 -18.66
CA LYS C 310 -24.93 -16.11 -17.75
C LYS C 310 -24.44 -16.37 -16.34
N GLY C 311 -25.03 -15.67 -15.38
CA GLY C 311 -24.66 -15.83 -13.98
C GLY C 311 -24.92 -14.56 -13.21
N ILE C 312 -24.44 -14.54 -11.98
CA ILE C 312 -24.57 -13.41 -11.08
C ILE C 312 -23.18 -12.87 -10.76
N TYR C 313 -23.00 -11.56 -10.94
CA TYR C 313 -21.71 -10.93 -10.72
C TYR C 313 -21.86 -9.82 -9.71
N GLN C 314 -20.85 -9.65 -8.85
CA GLN C 314 -20.79 -8.53 -7.92
C GLN C 314 -19.95 -7.44 -8.57
N THR C 315 -20.56 -6.29 -8.85
CA THR C 315 -19.87 -5.28 -9.65
C THR C 315 -19.56 -4.00 -8.91
N SER C 316 -20.33 -3.65 -7.89
CA SER C 316 -20.14 -2.37 -7.22
C SER C 316 -20.72 -2.46 -5.83
N ASN C 317 -20.87 -1.31 -5.18
CA ASN C 317 -21.41 -1.23 -3.83
C ASN C 317 -22.34 -0.04 -3.72
N PHE C 318 -23.55 -0.29 -3.22
CA PHE C 318 -24.51 0.78 -3.02
C PHE C 318 -24.16 1.47 -1.72
N ARG C 319 -24.12 2.80 -1.78
CA ARG C 319 -23.88 3.68 -0.63
C ARG C 319 -24.77 4.90 -0.79
N VAL C 320 -25.58 5.19 0.22
CA VAL C 320 -26.41 6.39 0.21
C VAL C 320 -25.48 7.58 0.46
N GLN C 321 -25.33 8.43 -0.55
CA GLN C 321 -24.44 9.56 -0.45
C GLN C 321 -25.04 10.64 0.46
N PRO C 322 -24.19 11.44 1.11
CA PRO C 322 -24.72 12.55 1.90
C PRO C 322 -25.33 13.64 1.05
N THR C 323 -26.30 14.34 1.63
CA THR C 323 -27.02 15.41 0.98
C THR C 323 -26.49 16.79 1.35
N GLU C 324 -26.04 16.95 2.59
CA GLU C 324 -25.58 18.25 3.07
C GLU C 324 -24.50 18.04 4.12
N SER C 325 -23.73 19.09 4.35
CA SER C 325 -22.71 19.04 5.38
C SER C 325 -23.26 19.65 6.67
N ILE C 326 -22.73 19.16 7.79
CA ILE C 326 -23.06 19.64 9.12
C ILE C 326 -21.76 20.10 9.74
N VAL C 327 -21.67 21.38 10.06
CA VAL C 327 -20.48 21.96 10.64
C VAL C 327 -20.80 22.46 12.04
N ARG C 328 -20.10 21.92 13.04
CA ARG C 328 -20.37 22.29 14.43
C ARG C 328 -19.09 22.76 15.09
N PHE C 329 -19.14 23.94 15.71
CA PHE C 329 -18.03 24.44 16.50
C PHE C 329 -18.57 25.17 17.72
N PRO C 330 -17.80 25.22 18.80
CA PRO C 330 -18.21 26.03 19.95
C PRO C 330 -18.44 27.48 19.52
N ASN C 331 -19.52 28.07 20.01
CA ASN C 331 -19.89 29.42 19.58
C ASN C 331 -19.12 30.43 20.43
N ILE C 332 -18.23 31.17 19.77
CA ILE C 332 -17.29 32.06 20.45
C ILE C 332 -16.81 33.08 19.42
N THR C 333 -16.77 34.35 19.82
CA THR C 333 -16.36 35.41 18.90
C THR C 333 -15.03 36.04 19.27
N ASN C 334 -14.39 35.61 20.36
CA ASN C 334 -13.09 36.16 20.73
C ASN C 334 -12.06 35.88 19.65
N LEU C 335 -11.27 36.90 19.31
CA LEU C 335 -10.12 36.70 18.43
C LEU C 335 -8.89 36.34 19.25
N CYS C 336 -8.15 35.34 18.78
CA CYS C 336 -6.92 34.94 19.45
C CYS C 336 -5.90 36.07 19.40
N PRO C 337 -5.26 36.40 20.52
CA PRO C 337 -4.35 37.57 20.53
C PRO C 337 -3.04 37.28 19.83
N PHE C 338 -3.08 36.95 18.53
CA PHE C 338 -1.86 36.81 17.76
C PHE C 338 -1.13 38.13 17.55
N GLY C 339 -1.81 39.26 17.69
CA GLY C 339 -1.16 40.54 17.47
C GLY C 339 -0.08 40.82 18.49
N GLU C 340 -0.39 40.67 19.77
CA GLU C 340 0.53 40.99 20.84
C GLU C 340 1.58 39.90 21.10
N VAL C 341 1.53 38.78 20.39
CA VAL C 341 2.60 37.79 20.47
C VAL C 341 3.68 38.05 19.42
N PHE C 342 3.28 38.25 18.17
CA PHE C 342 4.26 38.51 17.13
C PHE C 342 4.76 39.95 17.17
N ASN C 343 3.84 40.91 17.25
CA ASN C 343 4.15 42.33 17.17
C ASN C 343 4.50 42.93 18.53
N ALA C 344 5.01 42.12 19.46
CA ALA C 344 5.42 42.64 20.76
C ALA C 344 6.72 43.42 20.63
N THR C 345 6.83 44.47 21.46
CA THR C 345 7.98 45.36 21.39
C THR C 345 9.28 44.63 21.72
N ARG C 346 9.27 43.81 22.76
CA ARG C 346 10.50 43.22 23.26
C ARG C 346 10.33 41.71 23.40
N PHE C 347 11.36 40.98 23.00
CA PHE C 347 11.38 39.53 23.02
C PHE C 347 12.36 39.03 24.07
N ALA C 348 12.20 37.77 24.45
CA ALA C 348 13.01 37.15 25.47
C ALA C 348 14.21 36.44 24.84
N SER C 349 15.25 36.26 25.66
CA SER C 349 16.44 35.54 25.20
C SER C 349 16.10 34.07 24.99
N VAL C 350 16.85 33.43 24.10
CA VAL C 350 16.49 32.09 23.66
C VAL C 350 16.59 31.09 24.81
N TYR C 351 17.51 31.31 25.74
CA TYR C 351 17.61 30.42 26.89
C TYR C 351 16.41 30.58 27.81
N ALA C 352 15.86 31.80 27.90
CA ALA C 352 14.66 32.06 28.66
C ALA C 352 13.50 32.40 27.73
N TRP C 353 13.24 31.52 26.76
CA TRP C 353 12.22 31.78 25.74
C TRP C 353 10.85 31.89 26.39
N ASN C 354 10.07 32.88 25.97
CA ASN C 354 8.76 33.12 26.57
C ASN C 354 7.71 32.24 25.92
N ARG C 355 6.91 31.58 26.73
CA ARG C 355 5.80 30.75 26.24
C ARG C 355 4.47 31.39 26.59
N LYS C 356 3.58 31.45 25.61
CA LYS C 356 2.24 31.99 25.79
C LYS C 356 1.22 30.90 25.48
N ARG C 357 0.15 30.86 26.27
CA ARG C 357 -0.88 29.83 26.14
C ARG C 357 -2.11 30.47 25.50
N ILE C 358 -2.54 29.92 24.36
CA ILE C 358 -3.71 30.39 23.63
C ILE C 358 -4.81 29.36 23.80
N SER C 359 -5.94 29.81 24.37
CA SER C 359 -7.08 28.97 24.69
C SER C 359 -8.35 29.80 24.58
N ASN C 360 -9.42 29.17 24.08
CA ASN C 360 -10.77 29.74 24.07
C ASN C 360 -10.82 31.06 23.30
N CYS C 361 -10.57 30.95 21.99
CA CYS C 361 -10.58 32.09 21.09
C CYS C 361 -10.61 31.57 19.66
N VAL C 362 -11.16 32.37 18.75
CA VAL C 362 -11.14 32.02 17.33
C VAL C 362 -9.80 32.44 16.76
N ALA C 363 -9.08 31.48 16.17
CA ALA C 363 -7.73 31.70 15.66
C ALA C 363 -7.81 32.06 14.19
N ASP C 364 -7.42 33.29 13.85
CA ASP C 364 -7.41 33.76 12.47
C ASP C 364 -5.96 33.63 11.97
N TYR C 365 -5.64 32.49 11.37
CA TYR C 365 -4.29 32.29 10.86
C TYR C 365 -4.06 32.94 9.51
N SER C 366 -5.07 33.60 8.93
CA SER C 366 -4.91 34.18 7.60
C SER C 366 -3.84 35.26 7.62
N VAL C 367 -3.91 36.16 8.61
CA VAL C 367 -2.96 37.26 8.72
C VAL C 367 -1.53 36.75 8.67
N LEU C 368 -1.26 35.64 9.36
CA LEU C 368 0.09 35.14 9.53
C LEU C 368 0.69 34.76 8.17
N TYR C 369 0.13 33.76 7.51
CA TYR C 369 0.72 33.34 6.24
C TYR C 369 0.49 34.37 5.14
N ASN C 370 -0.42 35.33 5.36
CA ASN C 370 -0.65 36.41 4.39
C ASN C 370 0.29 37.59 4.60
N SER C 371 0.80 37.78 5.81
CA SER C 371 1.80 38.81 6.01
C SER C 371 3.12 38.37 5.41
N ALA C 372 3.87 39.33 4.85
CA ALA C 372 5.12 39.02 4.17
C ALA C 372 6.33 39.55 4.92
N SER C 373 6.18 39.90 6.20
CA SER C 373 7.33 40.33 6.98
C SER C 373 8.25 39.16 7.29
N PHE C 374 7.68 37.95 7.39
CA PHE C 374 8.42 36.81 7.89
C PHE C 374 9.43 36.33 6.86
N SER C 375 10.65 36.06 7.30
CA SER C 375 11.67 35.50 6.42
C SER C 375 11.55 33.98 6.32
N THR C 376 11.22 33.32 7.43
CA THR C 376 11.11 31.87 7.49
C THR C 376 9.71 31.48 7.94
N PHE C 377 9.06 30.60 7.18
CA PHE C 377 7.74 30.08 7.54
C PHE C 377 7.69 28.63 7.08
N LYS C 378 7.88 27.70 8.02
CA LYS C 378 7.87 26.28 7.70
C LYS C 378 7.02 25.53 8.71
N CYS C 379 6.12 24.68 8.23
CA CYS C 379 5.25 23.91 9.10
C CYS C 379 5.56 22.42 8.98
N TYR C 380 5.37 21.71 10.08
CA TYR C 380 5.66 20.29 10.21
C TYR C 380 4.45 19.63 10.85
N GLY C 381 4.00 18.52 10.30
CA GLY C 381 2.87 17.80 10.84
C GLY C 381 1.53 18.31 10.37
N VAL C 382 1.48 19.48 9.76
CA VAL C 382 0.22 20.08 9.32
C VAL C 382 0.56 21.14 8.27
N SER C 383 -0.41 21.46 7.42
CA SER C 383 -0.23 22.44 6.36
C SER C 383 -0.91 23.76 6.69
N PRO C 384 -0.30 24.88 6.26
CA PRO C 384 -0.92 26.19 6.52
C PRO C 384 -2.29 26.34 5.92
N THR C 385 -2.50 25.84 4.71
CA THR C 385 -3.78 26.02 4.02
C THR C 385 -4.91 25.32 4.78
N LYS C 386 -4.63 24.17 5.36
CA LYS C 386 -5.62 23.40 6.09
C LYS C 386 -5.65 23.75 7.57
N LEU C 387 -5.06 24.89 7.94
CA LEU C 387 -5.02 25.30 9.34
C LEU C 387 -6.25 26.12 9.74
N ASN C 388 -6.71 26.99 8.85
CA ASN C 388 -7.85 27.84 9.20
C ASN C 388 -9.09 27.03 9.53
N ASP C 389 -9.23 25.84 8.95
CA ASP C 389 -10.36 24.96 9.23
C ASP C 389 -9.97 23.84 10.17
N LEU C 390 -9.38 24.16 11.32
CA LEU C 390 -8.94 23.12 12.24
C LEU C 390 -8.90 23.64 13.67
N CYS C 391 -9.42 22.85 14.59
CA CYS C 391 -9.50 23.16 16.01
C CYS C 391 -8.34 22.55 16.77
N PHE C 392 -8.05 23.12 17.93
CA PHE C 392 -7.00 22.59 18.78
C PHE C 392 -7.44 22.74 20.24
N THR C 393 -6.95 21.83 21.08
CA THR C 393 -7.22 21.91 22.50
C THR C 393 -6.55 23.13 23.12
N ASN C 394 -5.28 23.33 22.78
CA ASN C 394 -4.48 24.45 23.24
C ASN C 394 -3.48 24.78 22.14
N VAL C 395 -3.04 26.04 22.11
CA VAL C 395 -1.96 26.45 21.21
C VAL C 395 -0.87 27.10 22.05
N TYR C 396 0.38 26.72 21.81
CA TYR C 396 1.48 27.30 22.57
C TYR C 396 2.36 28.10 21.64
N ALA C 397 2.67 29.33 22.03
CA ALA C 397 3.49 30.25 21.25
C ALA C 397 4.78 30.51 22.01
N ASP C 398 5.88 29.91 21.54
CA ASP C 398 7.18 30.12 22.15
C ASP C 398 7.93 31.16 21.32
N SER C 399 8.48 32.16 21.99
CA SER C 399 9.09 33.28 21.28
C SER C 399 10.44 33.58 21.88
N PHE C 400 11.40 33.86 20.99
CA PHE C 400 12.75 34.18 21.41
C PHE C 400 13.46 34.88 20.26
N VAL C 401 14.75 35.16 20.46
CA VAL C 401 15.59 35.87 19.49
C VAL C 401 16.88 35.08 19.34
N ILE C 402 17.31 34.87 18.10
CA ILE C 402 18.59 34.24 17.82
C ILE C 402 19.22 34.95 16.64
N ARG C 403 20.32 34.42 16.12
CA ARG C 403 20.94 34.99 14.93
C ARG C 403 20.64 34.11 13.73
N GLY C 404 20.92 34.64 12.54
CA GLY C 404 20.49 33.96 11.33
C GLY C 404 21.10 32.58 11.16
N ASP C 405 22.38 32.43 11.54
CA ASP C 405 23.05 31.14 11.47
C ASP C 405 22.29 30.07 12.22
N GLU C 406 21.52 30.45 13.24
CA GLU C 406 20.88 29.51 14.14
C GLU C 406 19.40 29.32 13.80
N VAL C 407 18.89 30.04 12.79
CA VAL C 407 17.49 29.89 12.41
C VAL C 407 17.24 28.46 11.95
N ARG C 408 18.19 27.90 11.19
CA ARG C 408 18.06 26.53 10.70
C ARG C 408 18.00 25.52 11.84
N GLN C 409 18.39 25.91 13.05
CA GLN C 409 18.33 24.98 14.18
C GLN C 409 16.95 24.90 14.81
N ILE C 410 16.03 25.82 14.49
CA ILE C 410 14.69 25.75 15.03
C ILE C 410 13.85 24.82 14.17
N ALA C 411 14.09 23.52 14.30
CA ALA C 411 13.40 22.52 13.50
C ALA C 411 13.62 21.16 14.16
N PRO C 412 12.71 20.20 13.96
CA PRO C 412 12.93 18.88 14.56
C PRO C 412 14.17 18.22 13.97
N GLY C 413 14.88 17.47 14.82
CA GLY C 413 16.04 16.74 14.36
C GLY C 413 17.24 17.61 14.06
N GLN C 414 17.35 18.77 14.69
CA GLN C 414 18.46 19.68 14.47
C GLN C 414 19.39 19.67 15.68
N THR C 415 20.66 19.98 15.42
CA THR C 415 21.69 20.03 16.45
C THR C 415 22.42 21.36 16.39
N GLY C 416 23.04 21.72 17.51
CA GLY C 416 23.73 22.98 17.65
C GLY C 416 23.60 23.54 19.05
N LYS C 417 24.17 24.72 19.29
CA LYS C 417 24.08 25.31 20.63
C LYS C 417 22.64 25.60 21.02
N ILE C 418 21.85 26.12 20.08
CA ILE C 418 20.47 26.47 20.40
C ILE C 418 19.62 25.22 20.52
N ALA C 419 19.77 24.28 19.58
CA ALA C 419 18.95 23.08 19.59
C ALA C 419 19.27 22.20 20.79
N ASP C 420 20.54 22.11 21.17
CA ASP C 420 20.94 21.20 22.24
C ASP C 420 20.86 21.82 23.61
N TYR C 421 21.17 23.11 23.74
CA TYR C 421 21.29 23.75 25.03
C TYR C 421 20.25 24.83 25.29
N ASN C 422 19.44 25.19 24.31
CA ASN C 422 18.55 26.33 24.48
C ASN C 422 17.10 26.02 24.18
N TYR C 423 16.82 25.46 23.00
CA TYR C 423 15.44 25.19 22.61
C TYR C 423 15.43 23.99 21.67
N LYS C 424 14.83 22.89 22.12
CA LYS C 424 14.81 21.65 21.37
C LYS C 424 13.37 21.28 21.05
N LEU C 425 13.10 20.94 19.78
CA LEU C 425 11.82 20.45 19.32
C LEU C 425 11.81 18.93 19.22
N PRO C 426 10.73 18.29 19.64
CA PRO C 426 10.69 16.82 19.60
C PRO C 426 10.66 16.31 18.18
N ASP C 427 10.99 15.03 18.03
CA ASP C 427 11.02 14.43 16.70
C ASP C 427 9.63 14.35 16.08
N ASP C 428 8.59 14.28 16.92
CA ASP C 428 7.21 14.25 16.46
C ASP C 428 6.54 15.62 16.58
N PHE C 429 7.30 16.70 16.38
CA PHE C 429 6.75 18.03 16.55
C PHE C 429 5.66 18.31 15.52
N THR C 430 4.54 18.86 15.98
CA THR C 430 3.41 19.21 15.13
C THR C 430 3.13 20.69 15.32
N GLY C 431 3.65 21.51 14.41
CA GLY C 431 3.46 22.95 14.54
C GLY C 431 4.14 23.68 13.41
N CYS C 432 4.32 24.98 13.63
CA CYS C 432 4.93 25.84 12.63
C CYS C 432 6.04 26.67 13.25
N VAL C 433 7.05 27.00 12.44
CA VAL C 433 8.16 27.84 12.83
C VAL C 433 8.15 29.07 11.94
N ILE C 434 8.11 30.24 12.57
CA ILE C 434 8.05 31.54 11.91
C ILE C 434 9.21 32.38 12.42
N ALA C 435 9.93 33.02 11.53
CA ALA C 435 11.08 33.83 11.94
C ALA C 435 11.21 35.03 11.00
N TRP C 436 11.69 36.14 11.55
CA TRP C 436 11.90 37.32 10.72
C TRP C 436 13.06 38.13 11.27
N ASN C 437 13.73 38.84 10.37
CA ASN C 437 14.91 39.63 10.75
C ASN C 437 14.47 40.87 11.53
N SER C 438 14.97 40.99 12.75
CA SER C 438 14.70 42.14 13.62
C SER C 438 15.94 42.98 13.84
N ASN C 439 16.71 43.22 12.77
CA ASN C 439 17.93 44.00 12.92
C ASN C 439 17.63 45.47 13.22
N ASN C 440 16.51 45.99 12.71
CA ASN C 440 16.17 47.38 12.97
C ASN C 440 15.71 47.61 14.41
N LEU C 441 15.32 46.56 15.11
CA LEU C 441 14.81 46.67 16.48
C LEU C 441 15.74 46.13 17.53
N ASP C 442 16.44 45.02 17.26
CA ASP C 442 17.25 44.34 18.26
C ASP C 442 18.74 44.58 18.06
N SER C 443 19.13 45.75 17.58
CA SER C 443 20.53 46.08 17.38
C SER C 443 20.79 47.49 17.91
N LYS C 444 21.94 47.67 18.55
CA LYS C 444 22.37 48.97 19.05
C LYS C 444 23.70 49.35 18.40
N VAL C 445 23.95 50.66 18.33
CA VAL C 445 25.19 51.13 17.71
C VAL C 445 26.41 50.60 18.45
N GLY C 446 26.29 50.40 19.76
CA GLY C 446 27.32 49.79 20.56
C GLY C 446 27.16 48.31 20.77
N GLY C 447 26.26 47.66 20.04
CA GLY C 447 26.01 46.24 20.22
C GLY C 447 24.96 45.97 21.28
N ASN C 448 23.88 45.32 20.89
CA ASN C 448 22.82 44.97 21.84
C ASN C 448 23.22 43.68 22.55
N TYR C 449 23.53 43.79 23.85
CA TYR C 449 23.99 42.67 24.65
C TYR C 449 22.93 42.19 25.64
N ASN C 450 21.66 42.48 25.39
CA ASN C 450 20.59 42.03 26.25
C ASN C 450 20.11 40.62 25.94
N TYR C 451 20.32 40.15 24.72
CA TYR C 451 19.90 38.82 24.31
C TYR C 451 21.03 37.84 24.57
N LEU C 452 20.75 36.80 25.35
CA LEU C 452 21.74 35.82 25.75
C LEU C 452 21.38 34.44 25.21
N TYR C 453 22.35 33.53 25.27
CA TYR C 453 22.12 32.14 24.91
C TYR C 453 23.01 31.25 25.77
N ARG C 454 22.53 30.05 26.04
CA ARG C 454 23.30 29.12 26.87
C ARG C 454 24.39 28.48 26.04
N LEU C 455 25.63 28.54 26.53
CA LEU C 455 26.78 28.03 25.79
C LEU C 455 27.27 26.68 26.28
N PHE C 456 27.13 26.39 27.57
CA PHE C 456 27.59 25.13 28.13
C PHE C 456 26.48 24.48 28.95
N ARG C 457 26.39 23.16 28.86
CA ARG C 457 25.45 22.38 29.64
C ARG C 457 25.92 20.94 29.68
N LYS C 458 25.72 20.29 30.83
CA LYS C 458 26.22 18.93 31.00
C LYS C 458 25.44 17.93 30.16
N SER C 459 24.23 18.28 29.72
CA SER C 459 23.42 17.38 28.90
C SER C 459 22.52 18.22 28.00
N ASN C 460 21.99 17.57 26.97
CA ASN C 460 21.11 18.24 26.03
C ASN C 460 19.71 18.37 26.62
N LEU C 461 19.04 19.47 26.26
CA LEU C 461 17.69 19.71 26.75
C LEU C 461 16.72 18.70 26.15
N LYS C 462 15.78 18.24 26.97
CA LYS C 462 14.64 17.51 26.44
C LYS C 462 13.74 18.47 25.66
N PRO C 463 12.87 17.94 24.79
CA PRO C 463 12.00 18.81 24.01
C PRO C 463 11.14 19.71 24.90
N PHE C 464 11.04 20.97 24.50
CA PHE C 464 10.26 21.99 25.20
C PHE C 464 10.70 22.15 26.66
N GLU C 465 12.00 22.10 26.88
CA GLU C 465 12.57 22.33 28.21
C GLU C 465 13.18 23.72 28.26
N ARG C 466 13.02 24.39 29.40
CA ARG C 466 13.50 25.76 29.58
C ARG C 466 14.45 25.77 30.76
N ASP C 467 15.74 26.01 30.47
CA ASP C 467 16.77 26.09 31.49
C ASP C 467 17.26 27.54 31.59
N ILE C 468 17.03 28.16 32.74
CA ILE C 468 17.48 29.53 32.99
C ILE C 468 18.46 29.58 34.16
N SER C 469 18.97 28.44 34.60
CA SER C 469 19.94 28.43 35.68
C SER C 469 21.26 29.02 35.22
N THR C 470 21.92 29.76 36.12
CA THR C 470 23.22 30.37 35.85
C THR C 470 24.32 29.73 36.67
N GLU C 471 24.23 28.44 36.94
CA GLU C 471 25.26 27.75 37.69
C GLU C 471 26.56 27.72 36.89
N ILE C 472 27.68 27.90 37.60
CA ILE C 472 28.98 27.92 36.94
C ILE C 472 29.30 26.54 36.40
N TYR C 473 29.55 26.45 35.10
CA TYR C 473 29.80 25.18 34.45
C TYR C 473 31.21 24.69 34.78
N GLN C 474 31.30 23.47 35.31
CA GLN C 474 32.58 22.85 35.63
C GLN C 474 33.06 22.08 34.41
N ALA C 475 34.08 22.62 33.74
CA ALA C 475 34.63 22.02 32.53
C ALA C 475 35.95 21.29 32.75
N GLY C 476 36.45 21.29 33.99
CA GLY C 476 37.66 20.56 34.33
C GLY C 476 37.45 19.66 35.53
N SER C 477 38.54 19.00 35.93
CA SER C 477 38.46 18.08 37.05
C SER C 477 38.32 18.82 38.38
N THR C 478 38.88 20.01 38.48
CA THR C 478 38.77 20.77 39.72
C THR C 478 37.33 21.27 39.89
N PRO C 479 36.70 21.01 41.03
CA PRO C 479 35.32 21.48 41.21
C PRO C 479 35.26 22.98 41.35
N CYS C 480 34.22 23.57 40.77
CA CYS C 480 33.92 24.99 40.95
C CYS C 480 32.96 25.17 42.10
N ASN C 481 33.24 26.18 42.93
CA ASN C 481 32.41 26.48 44.10
C ASN C 481 31.49 27.67 43.83
N GLY C 482 30.94 27.73 42.62
CA GLY C 482 30.07 28.82 42.23
C GLY C 482 30.78 30.07 41.74
N VAL C 483 32.10 30.01 41.56
CA VAL C 483 32.90 31.19 41.23
C VAL C 483 33.54 30.97 39.87
N GLU C 484 33.44 32.00 39.01
CA GLU C 484 34.00 31.91 37.67
C GLU C 484 35.51 31.85 37.72
N GLY C 485 36.10 31.21 36.71
CA GLY C 485 37.55 31.13 36.65
C GLY C 485 38.10 30.13 35.66
N PHE C 486 39.19 29.46 36.05
CA PHE C 486 39.85 28.49 35.19
C PHE C 486 39.03 27.20 35.16
N ASN C 487 38.66 26.76 33.95
CA ASN C 487 37.80 25.59 33.76
C ASN C 487 36.48 25.72 34.51
N CYS C 488 36.05 26.96 34.76
CA CYS C 488 34.79 27.21 35.44
C CYS C 488 34.09 28.33 34.69
N TYR C 489 33.04 27.99 33.94
CA TYR C 489 32.44 28.87 32.97
C TYR C 489 31.11 29.41 33.47
N PHE C 490 30.84 30.67 33.15
CA PHE C 490 29.46 31.16 33.20
C PHE C 490 28.70 30.63 31.99
N PRO C 491 27.56 29.97 32.18
CA PRO C 491 26.96 29.19 31.09
C PRO C 491 26.31 30.05 30.01
N LEU C 492 26.08 31.33 30.26
CA LEU C 492 25.40 32.19 29.30
C LEU C 492 26.39 33.10 28.60
N GLN C 493 26.23 33.22 27.28
CA GLN C 493 27.00 34.14 26.46
C GLN C 493 26.07 35.17 25.85
N SER C 494 26.60 36.36 25.59
CA SER C 494 25.80 37.46 25.08
C SER C 494 25.98 37.59 23.57
N TYR C 495 24.87 37.84 22.88
CA TYR C 495 24.91 38.09 21.46
C TYR C 495 25.47 39.47 21.15
N GLY C 496 26.11 39.59 19.99
CA GLY C 496 26.65 40.86 19.54
C GLY C 496 25.57 41.83 19.15
N PHE C 497 24.94 41.58 18.00
CA PHE C 497 23.83 42.38 17.49
C PHE C 497 24.22 43.84 17.27
N GLN C 498 24.82 44.12 16.12
CA GLN C 498 25.20 45.45 15.70
C GLN C 498 24.68 45.70 14.30
N PRO C 499 24.30 46.93 13.98
CA PRO C 499 23.71 47.20 12.66
C PRO C 499 24.59 46.79 11.49
N THR C 500 25.91 46.77 11.67
CA THR C 500 26.84 46.44 10.60
C THR C 500 27.16 44.95 10.54
N ASN C 501 26.48 44.12 11.35
CA ASN C 501 26.74 42.69 11.34
C ASN C 501 26.31 42.07 10.01
N GLY C 502 26.99 41.00 9.64
CA GLY C 502 26.54 40.17 8.54
C GLY C 502 25.19 39.53 8.83
N VAL C 503 24.50 39.18 7.74
CA VAL C 503 23.12 38.71 7.86
C VAL C 503 23.05 37.48 8.75
N GLY C 504 24.06 36.61 8.68
CA GLY C 504 24.09 35.44 9.54
C GLY C 504 24.19 35.77 11.01
N TYR C 505 24.63 36.99 11.34
CA TYR C 505 24.80 37.41 12.72
C TYR C 505 23.84 38.53 13.11
N GLN C 506 22.93 38.92 12.23
CA GLN C 506 21.90 39.87 12.60
C GLN C 506 20.82 39.17 13.43
N PRO C 507 20.09 39.92 14.26
CA PRO C 507 19.06 39.28 15.07
C PRO C 507 17.84 38.88 14.25
N TYR C 508 17.22 37.79 14.68
CA TYR C 508 15.99 37.28 14.12
C TYR C 508 15.07 36.91 15.26
N ARG C 509 13.82 37.39 15.20
CA ARG C 509 12.81 37.02 16.16
C ARG C 509 12.06 35.79 15.66
N VAL C 510 11.96 34.78 16.51
CA VAL C 510 11.38 33.50 16.15
C VAL C 510 10.16 33.25 17.03
N VAL C 511 9.09 32.75 16.41
CA VAL C 511 7.89 32.27 17.08
C VAL C 511 7.65 30.83 16.63
N VAL C 512 7.43 29.94 17.60
CA VAL C 512 7.20 28.53 17.37
C VAL C 512 5.80 28.24 17.89
N LEU C 513 4.87 27.99 16.96
CA LEU C 513 3.50 27.65 17.32
C LEU C 513 3.41 26.13 17.40
N SER C 514 3.00 25.62 18.54
CA SER C 514 2.82 24.19 18.75
C SER C 514 1.35 23.87 19.00
N PHE C 515 0.90 22.82 18.33
CA PHE C 515 -0.48 22.34 18.34
C PHE C 515 -0.51 20.97 19.00
N GLU C 516 -1.44 20.79 19.93
CA GLU C 516 -1.65 19.51 20.61
C GLU C 516 -3.05 19.01 20.25
N LEU C 517 -3.10 18.25 19.16
CA LEU C 517 -4.18 17.62 18.41
C LEU C 517 -4.83 16.47 19.12
N LEU C 518 -4.62 16.22 20.41
CA LEU C 518 -5.28 15.09 21.04
C LEU C 518 -6.78 15.28 20.97
N HIS C 519 -7.49 14.18 20.69
CA HIS C 519 -8.94 14.21 20.53
C HIS C 519 -9.59 14.49 21.88
N ALA C 520 -10.03 15.73 22.06
CA ALA C 520 -10.57 16.22 23.31
C ALA C 520 -11.36 17.49 23.00
N PRO C 521 -12.11 18.03 23.95
CA PRO C 521 -12.84 19.27 23.68
C PRO C 521 -11.90 20.35 23.17
N ALA C 522 -12.31 21.01 22.09
CA ALA C 522 -11.51 22.04 21.47
C ALA C 522 -11.86 23.42 22.02
N THR C 523 -10.83 24.28 22.09
CA THR C 523 -11.00 25.67 22.50
C THR C 523 -10.45 26.67 21.51
N VAL C 524 -9.56 26.27 20.61
CA VAL C 524 -8.96 27.17 19.62
C VAL C 524 -9.35 26.65 18.24
N CYS C 525 -10.36 27.26 17.65
CA CYS C 525 -10.90 26.86 16.36
C CYS C 525 -10.80 28.02 15.37
N GLY C 526 -10.73 27.67 14.09
CA GLY C 526 -10.53 28.65 13.06
C GLY C 526 -11.79 29.47 12.80
N PRO C 527 -11.66 30.47 11.93
CA PRO C 527 -12.78 31.39 11.66
C PRO C 527 -13.80 30.81 10.68
N LYS C 528 -14.45 29.72 11.10
CA LYS C 528 -15.41 29.02 10.25
C LYS C 528 -16.72 28.92 11.02
N LYS C 529 -17.73 29.65 10.55
CA LYS C 529 -19.08 29.58 11.12
C LYS C 529 -19.58 28.13 11.16
N SER C 530 -20.31 27.81 12.22
CA SER C 530 -20.94 26.51 12.36
C SER C 530 -22.27 26.48 11.62
N THR C 531 -22.81 25.28 11.44
CA THR C 531 -24.11 25.08 10.82
C THR C 531 -25.02 24.31 11.78
N ASN C 532 -26.28 24.17 11.37
CA ASN C 532 -27.22 23.38 12.16
C ASN C 532 -26.94 21.89 11.97
N LEU C 533 -27.36 21.10 12.95
CA LEU C 533 -27.16 19.66 12.93
C LEU C 533 -28.44 18.95 12.53
N VAL C 534 -28.32 18.00 11.60
CA VAL C 534 -29.45 17.22 11.08
C VAL C 534 -29.27 15.78 11.52
N LYS C 535 -30.27 15.24 12.22
CA LYS C 535 -30.20 13.88 12.74
C LYS C 535 -30.90 12.89 11.82
N ASN C 536 -30.46 11.64 11.91
CA ASN C 536 -31.05 10.51 11.18
C ASN C 536 -30.98 10.70 9.66
N LYS C 537 -29.95 11.39 9.19
CA LYS C 537 -29.74 11.56 7.75
C LYS C 537 -28.26 11.42 7.46
N CYS C 538 -27.95 10.94 6.25
CA CYS C 538 -26.56 10.85 5.83
C CYS C 538 -26.04 12.25 5.55
N VAL C 539 -25.04 12.69 6.32
CA VAL C 539 -24.49 14.02 6.18
C VAL C 539 -22.97 13.94 6.21
N ASN C 540 -22.34 14.99 5.68
CA ASN C 540 -20.89 15.14 5.72
C ASN C 540 -20.61 16.08 6.90
N PHE C 541 -20.13 15.51 8.01
CA PHE C 541 -20.01 16.26 9.25
C PHE C 541 -18.57 16.70 9.52
N ASN C 542 -18.48 17.76 10.31
CA ASN C 542 -17.21 18.34 10.80
C ASN C 542 -17.45 18.79 12.24
N PHE C 543 -16.93 18.01 13.18
CA PHE C 543 -17.05 18.29 14.62
C PHE C 543 -15.68 18.68 15.17
N ASN C 544 -15.50 19.97 15.46
CA ASN C 544 -14.24 20.49 16.00
C ASN C 544 -13.03 20.13 15.12
N GLY C 545 -13.24 20.13 13.81
CA GLY C 545 -12.17 19.82 12.88
C GLY C 545 -12.09 18.36 12.47
N LEU C 546 -12.85 17.48 13.12
CA LEU C 546 -12.87 16.07 12.77
C LEU C 546 -13.98 15.86 11.75
N THR C 547 -13.62 15.40 10.55
CA THR C 547 -14.58 15.30 9.48
C THR C 547 -14.86 13.86 9.11
N GLY C 548 -15.97 13.66 8.41
CA GLY C 548 -16.33 12.35 7.94
C GLY C 548 -17.74 12.37 7.38
N THR C 549 -18.17 11.21 6.88
CA THR C 549 -19.51 11.07 6.32
C THR C 549 -20.24 9.98 7.07
N GLY C 550 -21.49 10.25 7.42
CA GLY C 550 -22.28 9.27 8.14
C GLY C 550 -23.59 9.84 8.61
N VAL C 551 -24.40 8.97 9.20
CA VAL C 551 -25.69 9.33 9.75
C VAL C 551 -25.50 9.59 11.24
N LEU C 552 -25.94 10.77 11.69
CA LEU C 552 -25.82 11.17 13.09
C LEU C 552 -27.14 10.86 13.79
N THR C 553 -27.09 10.02 14.81
CA THR C 553 -28.31 9.64 15.51
C THR C 553 -28.14 9.83 17.02
N GLU C 554 -29.27 9.79 17.72
CA GLU C 554 -29.25 9.82 19.18
C GLU C 554 -28.68 8.53 19.74
N SER C 555 -28.08 8.62 20.92
CA SER C 555 -27.46 7.45 21.52
C SER C 555 -27.75 7.38 23.01
N ASN C 556 -27.49 6.20 23.57
CA ASN C 556 -27.59 5.94 25.01
C ASN C 556 -26.22 5.59 25.59
N LYS C 557 -25.16 6.08 24.95
CA LYS C 557 -23.78 5.82 25.40
C LYS C 557 -23.38 6.88 26.40
N LYS C 558 -23.15 6.46 27.64
CA LYS C 558 -22.87 7.39 28.74
C LYS C 558 -21.38 7.74 28.72
N PHE C 559 -21.05 8.79 27.97
CA PHE C 559 -19.69 9.28 27.93
C PHE C 559 -19.32 9.93 29.25
N LEU C 560 -18.08 9.77 29.66
CA LEU C 560 -17.65 10.45 30.87
C LEU C 560 -17.39 11.93 30.58
N PRO C 561 -17.52 12.80 31.59
CA PRO C 561 -17.37 14.24 31.36
C PRO C 561 -16.10 14.65 30.64
N PHE C 562 -15.03 13.86 30.73
CA PHE C 562 -13.78 14.23 30.08
C PHE C 562 -13.64 13.64 28.68
N GLN C 563 -14.53 12.75 28.28
CA GLN C 563 -14.43 12.06 27.00
C GLN C 563 -15.21 12.84 25.95
N GLN C 564 -14.58 13.05 24.79
CA GLN C 564 -15.20 13.80 23.71
C GLN C 564 -15.52 12.95 22.49
N PHE C 565 -14.71 11.94 22.20
CA PHE C 565 -14.89 11.11 21.02
C PHE C 565 -14.86 9.64 21.42
N GLY C 566 -15.61 8.83 20.69
CA GLY C 566 -15.55 7.39 20.83
C GLY C 566 -14.96 6.75 19.59
N ARG C 567 -14.42 5.52 19.72
CA ARG C 567 -13.85 4.85 18.57
C ARG C 567 -14.30 3.39 18.54
N ASP C 568 -14.35 2.85 17.33
CA ASP C 568 -14.68 1.46 17.08
C ASP C 568 -13.41 0.62 17.00
N ILE C 569 -13.59 -0.69 16.74
CA ILE C 569 -12.46 -1.60 16.67
C ILE C 569 -11.50 -1.18 15.56
N ALA C 570 -12.04 -0.66 14.47
CA ALA C 570 -11.23 -0.24 13.33
C ALA C 570 -10.54 1.10 13.55
N ASP C 571 -10.71 1.70 14.73
CA ASP C 571 -10.16 2.99 15.14
C ASP C 571 -10.89 4.16 14.47
N THR C 572 -12.01 3.91 13.81
CA THR C 572 -12.81 4.98 13.24
C THR C 572 -13.69 5.59 14.32
N THR C 573 -14.21 6.78 14.04
CA THR C 573 -15.02 7.45 15.04
C THR C 573 -16.37 6.76 15.16
N ASP C 574 -16.75 6.43 16.40
CA ASP C 574 -18.01 5.77 16.73
C ASP C 574 -19.10 6.73 17.15
N ALA C 575 -18.73 7.75 17.94
CA ALA C 575 -19.70 8.72 18.43
C ALA C 575 -18.94 9.99 18.80
N VAL C 576 -19.67 11.11 18.81
CA VAL C 576 -19.10 12.39 19.19
C VAL C 576 -20.03 13.11 20.16
N ARG C 577 -19.44 13.99 20.95
CA ARG C 577 -20.20 14.90 21.79
C ARG C 577 -20.32 16.23 21.06
N ASP C 578 -21.55 16.67 20.85
CA ASP C 578 -21.82 17.91 20.13
C ASP C 578 -21.21 19.09 20.86
N PRO C 579 -20.35 19.89 20.21
CA PRO C 579 -19.63 20.95 20.92
C PRO C 579 -20.54 22.05 21.46
N GLN C 580 -21.77 22.15 20.99
CA GLN C 580 -22.71 23.17 21.45
C GLN C 580 -23.69 22.64 22.50
N THR C 581 -24.19 21.42 22.33
CA THR C 581 -25.09 20.80 23.28
C THR C 581 -24.48 19.47 23.71
N LEU C 582 -24.20 19.33 25.01
CA LEU C 582 -23.39 18.21 25.48
C LEU C 582 -24.22 16.93 25.53
N GLU C 583 -24.51 16.42 24.34
CA GLU C 583 -25.20 15.16 24.14
C GLU C 583 -24.31 14.27 23.29
N ILE C 584 -24.50 12.95 23.40
CA ILE C 584 -23.67 12.02 22.66
C ILE C 584 -24.44 11.55 21.44
N LEU C 585 -23.83 11.69 20.27
CA LEU C 585 -24.42 11.30 19.00
C LEU C 585 -23.64 10.15 18.40
N ASP C 586 -24.35 9.09 18.03
CA ASP C 586 -23.71 7.97 17.34
C ASP C 586 -23.53 8.32 15.88
N ILE C 587 -22.42 7.85 15.31
CA ILE C 587 -22.12 8.03 13.90
C ILE C 587 -22.18 6.64 13.28
N THR C 588 -23.18 6.44 12.42
CA THR C 588 -23.36 5.18 11.73
C THR C 588 -23.04 5.41 10.27
N PRO C 589 -22.00 4.78 9.71
CA PRO C 589 -21.68 5.01 8.31
C PRO C 589 -22.91 4.86 7.43
N CYS C 590 -22.98 5.70 6.40
CA CYS C 590 -24.16 5.72 5.54
C CYS C 590 -24.30 4.38 4.86
N SER C 591 -25.41 3.69 5.16
CA SER C 591 -25.75 2.36 4.67
C SER C 591 -25.05 1.98 3.38
N PHE C 592 -24.78 0.70 3.21
CA PHE C 592 -24.01 0.26 2.06
C PHE C 592 -24.18 -1.25 1.93
N GLY C 593 -23.75 -1.76 0.80
CA GLY C 593 -23.77 -3.20 0.58
C GLY C 593 -23.37 -3.50 -0.84
N GLY C 594 -23.09 -4.78 -1.07
CA GLY C 594 -22.70 -5.18 -2.40
C GLY C 594 -23.87 -5.11 -3.35
N VAL C 595 -23.56 -4.90 -4.63
CA VAL C 595 -24.55 -4.87 -5.68
C VAL C 595 -24.23 -5.97 -6.65
N SER C 596 -25.16 -6.88 -6.86
CA SER C 596 -24.97 -7.99 -7.77
C SER C 596 -25.94 -7.84 -8.92
N VAL C 597 -25.51 -8.22 -10.11
CA VAL C 597 -26.35 -8.14 -11.29
C VAL C 597 -26.66 -9.55 -11.73
N ILE C 598 -27.94 -9.89 -11.80
CA ILE C 598 -28.39 -11.20 -12.19
C ILE C 598 -28.81 -11.10 -13.64
N THR C 599 -28.09 -11.79 -14.51
CA THR C 599 -28.36 -11.62 -15.91
C THR C 599 -28.18 -12.88 -16.75
N PRO C 600 -29.07 -13.09 -17.73
CA PRO C 600 -28.77 -14.07 -18.76
C PRO C 600 -27.68 -13.50 -19.65
N GLY C 601 -27.00 -14.37 -20.39
CA GLY C 601 -25.89 -13.88 -21.19
C GLY C 601 -26.35 -12.86 -22.21
N THR C 602 -25.44 -11.95 -22.56
CA THR C 602 -25.75 -10.90 -23.53
C THR C 602 -26.02 -11.44 -24.92
N ASN C 603 -25.78 -12.71 -25.16
CA ASN C 603 -26.15 -13.33 -26.41
C ASN C 603 -27.63 -13.69 -26.47
N THR C 604 -28.36 -13.49 -25.37
CA THR C 604 -29.79 -13.77 -25.30
C THR C 604 -30.62 -12.51 -25.07
N SER C 605 -30.31 -11.74 -24.04
CA SER C 605 -31.12 -10.57 -23.68
C SER C 605 -30.26 -9.60 -22.88
N ASN C 606 -30.61 -8.32 -22.98
CA ASN C 606 -29.95 -7.28 -22.20
C ASN C 606 -30.75 -6.87 -20.97
N GLN C 607 -31.74 -7.65 -20.58
CA GLN C 607 -32.49 -7.36 -19.36
C GLN C 607 -31.74 -7.93 -18.16
N VAL C 608 -31.65 -7.14 -17.09
CA VAL C 608 -30.98 -7.58 -15.88
C VAL C 608 -31.85 -7.31 -14.65
N ALA C 609 -31.53 -8.03 -13.58
CA ALA C 609 -32.13 -7.81 -12.26
C ALA C 609 -31.01 -7.41 -11.32
N VAL C 610 -31.32 -6.57 -10.33
CA VAL C 610 -30.28 -6.07 -9.43
C VAL C 610 -30.58 -6.54 -8.01
N LEU C 611 -29.60 -7.17 -7.38
CA LEU C 611 -29.69 -7.61 -6.00
C LEU C 611 -28.85 -6.69 -5.13
N TYR C 612 -29.47 -6.03 -4.16
CA TYR C 612 -28.76 -5.21 -3.19
C TYR C 612 -28.57 -6.10 -1.96
N GLN C 613 -27.33 -6.51 -1.72
CA GLN C 613 -27.04 -7.53 -0.73
C GLN C 613 -27.21 -7.04 0.71
N ASP C 614 -27.90 -7.85 1.51
CA ASP C 614 -28.07 -7.64 2.96
C ASP C 614 -28.61 -6.25 3.28
N VAL C 615 -29.58 -5.79 2.50
CA VAL C 615 -30.26 -4.53 2.79
C VAL C 615 -31.77 -4.74 2.73
N ASN C 616 -32.49 -3.79 3.31
CA ASN C 616 -33.93 -3.73 3.22
C ASN C 616 -34.34 -2.95 1.98
N CYS C 617 -35.54 -3.23 1.48
CA CYS C 617 -36.08 -2.51 0.32
C CYS C 617 -36.63 -1.15 0.74
N THR C 618 -35.75 -0.33 1.30
CA THR C 618 -36.13 0.98 1.80
C THR C 618 -35.24 2.09 1.24
N GLU C 619 -33.98 2.13 1.70
CA GLU C 619 -33.05 3.17 1.26
C GLU C 619 -32.82 3.15 -0.24
N VAL C 620 -32.98 1.99 -0.88
CA VAL C 620 -32.76 1.89 -2.32
C VAL C 620 -33.79 2.71 -3.07
N ASN C 641 -42.44 -4.37 -8.61
CA ASN C 641 -41.68 -5.57 -8.92
C ASN C 641 -40.43 -5.65 -8.05
N VAL C 642 -40.63 -5.57 -6.74
CA VAL C 642 -39.54 -5.59 -5.77
C VAL C 642 -39.78 -6.76 -4.83
N PHE C 643 -38.79 -7.65 -4.72
CA PHE C 643 -38.90 -8.85 -3.91
C PHE C 643 -37.81 -8.85 -2.83
N GLN C 644 -38.24 -8.81 -1.56
CA GLN C 644 -37.32 -8.83 -0.44
C GLN C 644 -37.00 -10.27 -0.08
N THR C 645 -35.72 -10.64 -0.08
CA THR C 645 -35.29 -11.98 0.28
C THR C 645 -34.24 -11.85 1.39
N ARG C 646 -33.86 -13.00 1.95
CA ARG C 646 -32.84 -12.92 2.98
C ARG C 646 -31.47 -12.71 2.38
N ALA C 647 -31.37 -12.71 1.06
CA ALA C 647 -30.12 -12.43 0.39
C ALA C 647 -29.98 -10.93 0.14
N GLY C 648 -31.07 -10.17 0.31
CA GLY C 648 -31.07 -8.77 -0.04
C GLY C 648 -32.35 -8.38 -0.76
N CYS C 649 -32.36 -7.17 -1.27
CA CYS C 649 -33.50 -6.61 -1.97
C CYS C 649 -33.31 -6.82 -3.47
N LEU C 650 -34.18 -7.62 -4.09
CA LEU C 650 -34.07 -7.96 -5.51
C LEU C 650 -35.06 -7.12 -6.31
N ILE C 651 -34.54 -6.27 -7.20
CA ILE C 651 -35.36 -5.35 -7.99
C ILE C 651 -35.22 -5.68 -9.46
N GLY C 652 -36.36 -5.86 -10.13
CA GLY C 652 -36.42 -6.12 -11.56
C GLY C 652 -36.79 -7.54 -11.93
N ALA C 653 -36.70 -8.48 -10.99
CA ALA C 653 -37.08 -9.87 -11.23
C ALA C 653 -38.49 -10.13 -10.72
N GLU C 654 -39.30 -10.81 -11.53
CA GLU C 654 -40.66 -11.15 -11.13
C GLU C 654 -40.64 -12.37 -10.21
N HIS C 655 -41.37 -12.29 -9.11
CA HIS C 655 -41.46 -13.39 -8.15
C HIS C 655 -42.50 -14.40 -8.61
N VAL C 656 -42.08 -15.66 -8.80
CA VAL C 656 -42.95 -16.71 -9.32
C VAL C 656 -43.12 -17.76 -8.23
N ASN C 657 -44.37 -18.16 -7.97
CA ASN C 657 -44.66 -19.15 -6.95
C ASN C 657 -44.17 -20.54 -7.33
N ASN C 658 -44.14 -20.86 -8.62
CA ASN C 658 -43.74 -22.20 -9.05
C ASN C 658 -42.24 -22.38 -8.86
N SER C 659 -41.85 -23.52 -8.29
CA SER C 659 -40.44 -23.82 -8.12
C SER C 659 -39.89 -24.52 -9.36
N TYR C 660 -38.58 -24.38 -9.56
CA TYR C 660 -37.87 -25.02 -10.66
C TYR C 660 -36.47 -25.37 -10.17
N GLU C 661 -35.69 -26.01 -11.03
CA GLU C 661 -34.30 -26.27 -10.73
C GLU C 661 -33.51 -24.97 -10.73
N CYS C 662 -32.54 -24.86 -9.83
CA CYS C 662 -31.75 -23.65 -9.74
C CYS C 662 -30.94 -23.42 -11.01
N ASP C 663 -30.93 -22.19 -11.49
CA ASP C 663 -30.24 -21.83 -12.72
C ASP C 663 -29.13 -20.83 -12.39
N ILE C 664 -29.50 -19.58 -12.12
CA ILE C 664 -28.56 -18.56 -11.68
C ILE C 664 -28.79 -18.36 -10.18
N PRO C 665 -27.90 -18.83 -9.32
CA PRO C 665 -28.17 -18.79 -7.89
C PRO C 665 -28.10 -17.36 -7.35
N ILE C 666 -29.02 -17.05 -6.44
CA ILE C 666 -29.04 -15.78 -5.74
C ILE C 666 -28.57 -15.95 -4.30
N GLY C 667 -29.12 -16.92 -3.59
CA GLY C 667 -28.74 -17.15 -2.22
C GLY C 667 -29.93 -17.36 -1.33
N ALA C 668 -29.70 -17.98 -0.16
CA ALA C 668 -30.75 -18.20 0.83
C ALA C 668 -31.92 -18.98 0.22
N GLY C 669 -31.60 -19.92 -0.66
CA GLY C 669 -32.62 -20.77 -1.23
C GLY C 669 -33.28 -20.19 -2.46
N ILE C 670 -32.96 -18.94 -2.83
CA ILE C 670 -33.58 -18.27 -3.97
C ILE C 670 -32.64 -18.33 -5.15
N CYS C 671 -33.17 -18.70 -6.31
CA CYS C 671 -32.44 -18.71 -7.57
C CYS C 671 -33.23 -17.92 -8.60
N ALA C 672 -32.54 -17.46 -9.64
CA ALA C 672 -33.16 -16.71 -10.72
C ALA C 672 -32.82 -17.34 -12.06
N SER C 673 -33.71 -17.11 -13.03
CA SER C 673 -33.53 -17.64 -14.37
C SER C 673 -34.27 -16.75 -15.37
N TYR C 674 -34.00 -16.97 -16.65
CA TYR C 674 -34.65 -16.22 -17.72
C TYR C 674 -35.68 -17.13 -18.37
N GLN C 675 -36.97 -16.84 -18.15
CA GLN C 675 -38.04 -17.71 -18.59
C GLN C 675 -39.27 -16.87 -18.91
N THR C 676 -40.32 -17.53 -19.39
CA THR C 676 -41.57 -16.86 -19.73
C THR C 676 -42.54 -16.90 -18.56
N SER C 689 -41.85 -11.62 -24.28
CA SER C 689 -42.60 -12.49 -23.37
C SER C 689 -41.71 -13.05 -22.28
N GLN C 690 -40.40 -13.14 -22.57
CA GLN C 690 -39.44 -13.64 -21.62
C GLN C 690 -38.96 -12.55 -20.68
N SER C 691 -38.68 -12.94 -19.44
CA SER C 691 -38.15 -12.02 -18.44
C SER C 691 -37.43 -12.82 -17.38
N ILE C 692 -36.68 -12.12 -16.54
CA ILE C 692 -35.97 -12.75 -15.43
C ILE C 692 -36.94 -12.98 -14.28
N ILE C 693 -36.95 -14.20 -13.75
CA ILE C 693 -37.82 -14.57 -12.64
C ILE C 693 -36.93 -15.06 -11.51
N ALA C 694 -37.49 -15.00 -10.30
CA ALA C 694 -36.84 -15.48 -9.10
C ALA C 694 -37.80 -16.40 -8.36
N TYR C 695 -37.26 -17.47 -7.79
CA TYR C 695 -38.09 -18.47 -7.15
C TYR C 695 -37.26 -19.23 -6.13
N THR C 696 -37.96 -19.91 -5.24
CA THR C 696 -37.28 -20.83 -4.33
C THR C 696 -36.96 -22.10 -5.12
N MET C 697 -35.71 -22.52 -5.06
CA MET C 697 -35.30 -23.65 -5.90
C MET C 697 -35.92 -24.95 -5.41
N SER C 698 -36.20 -25.82 -6.36
CA SER C 698 -36.67 -27.17 -6.06
C SER C 698 -35.50 -28.04 -5.63
N LEU C 699 -35.77 -28.95 -4.70
CA LEU C 699 -34.78 -29.91 -4.24
C LEU C 699 -34.90 -31.24 -4.96
N GLY C 700 -36.10 -31.57 -5.43
CA GLY C 700 -36.34 -32.81 -6.13
C GLY C 700 -37.80 -33.18 -6.07
N ALA C 701 -38.17 -34.14 -6.90
CA ALA C 701 -39.55 -34.59 -6.92
C ALA C 701 -39.86 -35.34 -5.63
N GLU C 702 -41.10 -35.22 -5.18
CA GLU C 702 -41.52 -35.97 -4.01
C GLU C 702 -41.95 -37.35 -4.44
N ASN C 703 -41.43 -38.38 -3.77
CA ASN C 703 -41.72 -39.75 -4.12
C ASN C 703 -41.70 -40.59 -2.84
N SER C 704 -42.87 -40.88 -2.30
CA SER C 704 -42.93 -41.70 -1.11
C SER C 704 -42.63 -43.15 -1.47
N VAL C 705 -42.07 -43.89 -0.52
CA VAL C 705 -41.79 -45.30 -0.69
C VAL C 705 -42.89 -46.11 0.01
N ALA C 706 -43.43 -47.10 -0.70
CA ALA C 706 -44.53 -47.92 -0.18
C ALA C 706 -43.96 -48.95 0.80
N TYR C 707 -43.42 -48.45 1.90
CA TYR C 707 -42.80 -49.32 2.88
C TYR C 707 -43.84 -50.09 3.69
N SER C 708 -43.54 -51.35 3.94
CA SER C 708 -44.31 -52.19 4.85
C SER C 708 -43.37 -53.28 5.36
N ASN C 709 -43.81 -53.96 6.42
CA ASN C 709 -42.95 -54.94 7.07
C ASN C 709 -42.86 -56.27 6.34
N ASN C 710 -43.67 -56.49 5.29
CA ASN C 710 -43.60 -57.77 4.59
C ASN C 710 -43.64 -57.61 3.07
N SER C 711 -43.09 -56.53 2.54
CA SER C 711 -43.09 -56.29 1.10
C SER C 711 -41.72 -55.86 0.62
N ILE C 712 -41.22 -56.53 -0.42
CA ILE C 712 -39.92 -56.24 -1.01
C ILE C 712 -40.10 -56.00 -2.50
N ALA C 713 -39.41 -54.98 -3.01
CA ALA C 713 -39.39 -54.69 -4.44
C ALA C 713 -38.08 -55.18 -5.04
N ILE C 714 -38.17 -56.04 -6.04
CA ILE C 714 -37.01 -56.62 -6.70
C ILE C 714 -37.07 -56.24 -8.18
N PRO C 715 -36.01 -55.66 -8.74
CA PRO C 715 -36.07 -55.25 -10.14
C PRO C 715 -36.22 -56.45 -11.07
N THR C 716 -37.06 -56.27 -12.09
CA THR C 716 -37.31 -57.29 -13.08
C THR C 716 -36.57 -57.02 -14.39
N ASN C 717 -36.12 -55.79 -14.59
CA ASN C 717 -35.39 -55.41 -15.79
C ASN C 717 -34.30 -54.44 -15.37
N PHE C 718 -33.36 -54.23 -16.29
CA PHE C 718 -32.21 -53.38 -16.02
C PHE C 718 -31.78 -52.64 -17.27
N THR C 719 -30.98 -51.60 -17.06
CA THR C 719 -30.39 -50.85 -18.15
C THR C 719 -28.90 -50.69 -17.88
N ILE C 720 -28.10 -50.77 -18.93
CA ILE C 720 -26.67 -50.51 -18.86
C ILE C 720 -26.47 -49.07 -19.28
N SER C 721 -25.90 -48.26 -18.40
CA SER C 721 -25.69 -46.85 -18.68
C SER C 721 -24.21 -46.53 -18.72
N VAL C 722 -23.86 -45.49 -19.46
CA VAL C 722 -22.50 -45.00 -19.56
C VAL C 722 -22.51 -43.54 -19.15
N THR C 723 -21.66 -43.19 -18.19
CA THR C 723 -21.56 -41.82 -17.69
C THR C 723 -20.17 -41.29 -17.97
N THR C 724 -20.05 -39.96 -17.97
CA THR C 724 -18.78 -39.31 -18.25
C THR C 724 -18.31 -38.56 -17.02
N GLU C 725 -17.12 -38.89 -16.53
CA GLU C 725 -16.50 -38.19 -15.41
C GLU C 725 -15.23 -37.53 -15.91
N ILE C 726 -15.12 -36.22 -15.75
CA ILE C 726 -13.99 -35.47 -16.29
C ILE C 726 -13.15 -34.92 -15.15
N LEU C 727 -11.84 -35.21 -15.17
CA LEU C 727 -10.97 -34.74 -14.12
C LEU C 727 -9.75 -34.02 -14.69
N PRO C 728 -9.41 -32.86 -14.12
CA PRO C 728 -8.11 -32.24 -14.41
C PRO C 728 -6.96 -33.11 -13.94
N VAL C 729 -5.87 -33.11 -14.72
CA VAL C 729 -4.66 -33.82 -14.37
C VAL C 729 -3.47 -32.87 -14.25
N SER C 730 -3.36 -31.89 -15.15
CA SER C 730 -2.20 -31.02 -15.19
C SER C 730 -2.65 -29.59 -15.46
N MET C 731 -1.72 -28.67 -15.30
CA MET C 731 -1.94 -27.26 -15.60
C MET C 731 -0.76 -26.75 -16.39
N THR C 732 -0.96 -25.65 -17.10
CA THR C 732 0.07 -25.09 -17.97
C THR C 732 1.36 -24.87 -17.19
N LYS C 733 2.47 -25.38 -17.75
CA LYS C 733 3.79 -25.32 -17.13
C LYS C 733 4.43 -23.96 -17.39
N THR C 734 3.99 -22.95 -16.64
CA THR C 734 4.54 -21.63 -16.89
C THR C 734 5.92 -21.51 -16.25
N SER C 735 6.68 -20.54 -16.76
CA SER C 735 8.00 -20.21 -16.22
C SER C 735 8.19 -18.71 -16.39
N VAL C 736 8.61 -18.02 -15.35
CA VAL C 736 8.78 -16.58 -15.40
C VAL C 736 10.24 -16.23 -15.13
N ASP C 737 10.84 -15.46 -16.03
CA ASP C 737 12.18 -14.96 -15.82
C ASP C 737 12.06 -13.75 -14.90
N CYS C 738 12.29 -13.96 -13.61
CA CYS C 738 12.08 -12.89 -12.64
C CYS C 738 12.96 -11.67 -12.90
N THR C 739 14.18 -11.88 -13.39
CA THR C 739 15.05 -10.74 -13.64
C THR C 739 14.60 -9.94 -14.85
N MET C 740 14.31 -10.62 -15.96
CA MET C 740 13.87 -9.91 -17.15
C MET C 740 12.51 -9.29 -16.95
N TYR C 741 11.64 -9.95 -16.20
CA TYR C 741 10.32 -9.39 -15.93
C TYR C 741 10.44 -8.10 -15.14
N ILE C 742 11.22 -8.11 -14.06
CA ILE C 742 11.30 -6.93 -13.21
C ILE C 742 12.16 -5.85 -13.87
N CYS C 743 13.32 -6.22 -14.38
CA CYS C 743 14.29 -5.26 -14.90
C CYS C 743 14.69 -5.51 -16.35
N GLY C 744 13.74 -5.49 -17.27
CA GLY C 744 14.04 -5.84 -18.65
C GLY C 744 15.01 -4.92 -19.36
N ASP C 745 16.16 -5.49 -19.72
CA ASP C 745 17.22 -4.77 -20.45
C ASP C 745 17.64 -3.47 -19.78
N SER C 746 17.74 -3.49 -18.45
CA SER C 746 18.18 -2.32 -17.69
C SER C 746 19.23 -2.75 -16.68
N THR C 747 20.47 -2.27 -16.88
CA THR C 747 21.54 -2.64 -15.95
C THR C 747 21.33 -2.01 -14.59
N GLU C 748 20.89 -0.75 -14.55
CA GLU C 748 20.69 -0.06 -13.28
C GLU C 748 19.60 -0.73 -12.46
N CYS C 749 18.51 -1.13 -13.12
CA CYS C 749 17.45 -1.82 -12.41
C CYS C 749 17.95 -3.16 -11.90
N SER C 750 18.72 -3.90 -12.71
CA SER C 750 19.24 -5.18 -12.26
C SER C 750 20.12 -5.03 -11.04
N ASN C 751 20.98 -4.01 -11.04
CA ASN C 751 21.85 -3.77 -9.88
C ASN C 751 21.03 -3.42 -8.65
N LEU C 752 19.92 -2.68 -8.83
CA LEU C 752 19.07 -2.40 -7.69
C LEU C 752 18.35 -3.67 -7.23
N LEU C 753 17.94 -4.50 -8.19
CA LEU C 753 17.25 -5.75 -7.89
C LEU C 753 18.12 -6.69 -7.08
N LEU C 754 19.44 -6.65 -7.31
CA LEU C 754 20.34 -7.53 -6.57
C LEU C 754 20.30 -7.26 -5.08
N GLN C 755 19.77 -6.11 -4.68
CA GLN C 755 19.70 -5.75 -3.26
C GLN C 755 18.58 -6.49 -2.54
N TYR C 756 17.75 -7.23 -3.28
CA TYR C 756 16.65 -8.00 -2.72
C TYR C 756 17.01 -9.47 -2.53
N GLY C 757 18.27 -9.83 -2.76
CA GLY C 757 18.75 -11.18 -2.51
C GLY C 757 18.12 -12.26 -3.36
N SER C 758 17.58 -13.28 -2.69
CA SER C 758 17.03 -14.48 -3.30
C SER C 758 15.56 -14.35 -3.69
N PHE C 759 14.95 -13.17 -3.55
CA PHE C 759 13.55 -13.03 -3.92
C PHE C 759 13.29 -13.50 -5.34
N CYS C 760 14.25 -13.28 -6.22
CA CYS C 760 14.12 -13.66 -7.63
C CYS C 760 14.27 -15.18 -7.80
N THR C 761 15.41 -15.72 -7.34
CA THR C 761 15.69 -17.13 -7.57
C THR C 761 14.75 -18.06 -6.81
N GLN C 762 14.17 -17.63 -5.68
CA GLN C 762 13.23 -18.53 -5.04
C GLN C 762 11.91 -18.58 -5.80
N LEU C 763 11.65 -17.60 -6.66
CA LEU C 763 10.43 -17.66 -7.45
C LEU C 763 10.70 -18.56 -8.63
N ASN C 764 11.92 -18.48 -9.16
CA ASN C 764 12.29 -19.40 -10.23
C ASN C 764 12.23 -20.83 -9.72
N ARG C 765 12.66 -21.05 -8.48
CA ARG C 765 12.61 -22.38 -7.89
C ARG C 765 11.17 -22.87 -7.72
N ALA C 766 10.29 -22.02 -7.19
CA ALA C 766 8.91 -22.43 -6.99
C ALA C 766 8.25 -22.80 -8.31
N LEU C 767 8.50 -22.00 -9.35
CA LEU C 767 7.89 -22.30 -10.63
C LEU C 767 8.49 -23.58 -11.24
N THR C 768 9.78 -23.81 -11.02
CA THR C 768 10.36 -25.06 -11.50
C THR C 768 9.72 -26.25 -10.80
N GLY C 769 9.55 -26.16 -9.47
CA GLY C 769 8.91 -27.25 -8.75
C GLY C 769 7.52 -27.55 -9.26
N ILE C 770 6.74 -26.50 -9.56
CA ILE C 770 5.41 -26.73 -10.11
C ILE C 770 5.51 -27.40 -11.48
N ALA C 771 6.37 -26.87 -12.33
CA ALA C 771 6.49 -27.43 -13.68
C ALA C 771 6.86 -28.90 -13.63
N VAL C 772 7.73 -29.28 -12.68
CA VAL C 772 8.13 -30.68 -12.56
C VAL C 772 6.96 -31.53 -12.06
N GLU C 773 6.26 -31.05 -11.03
CA GLU C 773 5.17 -31.89 -10.56
C GLU C 773 4.05 -32.02 -11.56
N GLN C 774 3.94 -31.11 -12.54
CA GLN C 774 2.91 -31.32 -13.55
C GLN C 774 3.21 -32.55 -14.40
N ASP C 775 4.49 -32.83 -14.62
CA ASP C 775 4.85 -34.01 -15.38
C ASP C 775 4.78 -35.23 -14.49
N LYS C 776 5.07 -35.07 -13.20
CA LYS C 776 4.90 -36.19 -12.29
C LYS C 776 3.43 -36.61 -12.26
N ASN C 777 2.52 -35.63 -12.23
CA ASN C 777 1.09 -35.94 -12.22
C ASN C 777 0.67 -36.65 -13.48
N THR C 778 1.15 -36.18 -14.64
CA THR C 778 0.77 -36.85 -15.89
C THR C 778 1.30 -38.28 -15.90
N GLN C 779 2.54 -38.47 -15.44
CA GLN C 779 3.14 -39.78 -15.46
C GLN C 779 2.39 -40.73 -14.54
N GLU C 780 2.01 -40.26 -13.35
CA GLU C 780 1.27 -41.08 -12.41
C GLU C 780 -0.13 -41.42 -12.89
N VAL C 781 -0.77 -40.52 -13.62
CA VAL C 781 -2.13 -40.81 -14.06
C VAL C 781 -2.13 -41.76 -15.25
N PHE C 782 -1.30 -41.50 -16.26
CA PHE C 782 -1.39 -42.29 -17.48
C PHE C 782 -0.38 -43.42 -17.58
N ALA C 783 0.84 -43.24 -17.08
CA ALA C 783 1.87 -44.26 -17.27
C ALA C 783 1.82 -45.31 -16.18
N GLN C 784 0.69 -46.02 -16.13
CA GLN C 784 0.48 -47.08 -15.16
C GLN C 784 0.61 -48.46 -15.77
N VAL C 785 0.91 -48.57 -17.05
CA VAL C 785 1.02 -49.85 -17.74
C VAL C 785 2.45 -50.03 -18.24
N LYS C 786 3.03 -51.19 -17.92
CA LYS C 786 4.41 -51.49 -18.28
C LYS C 786 4.61 -51.79 -19.76
N GLN C 787 3.55 -52.15 -20.49
CA GLN C 787 3.69 -52.54 -21.88
C GLN C 787 2.64 -51.85 -22.74
N ILE C 788 2.95 -51.75 -24.03
CA ILE C 788 2.03 -51.17 -25.01
C ILE C 788 1.22 -52.27 -25.67
N TYR C 789 -0.05 -52.37 -25.31
CA TYR C 789 -0.97 -53.37 -25.82
C TYR C 789 -1.68 -52.85 -27.06
N LYS C 790 -2.11 -53.77 -27.91
CA LYS C 790 -2.87 -53.41 -29.10
C LYS C 790 -3.99 -54.44 -29.30
N THR C 791 -5.10 -53.97 -29.84
CA THR C 791 -6.24 -54.83 -30.11
C THR C 791 -5.96 -55.76 -31.29
N PRO C 792 -6.67 -56.88 -31.38
CA PRO C 792 -6.54 -57.75 -32.54
C PRO C 792 -7.16 -57.08 -33.76
N PRO C 793 -6.77 -57.50 -34.97
CA PRO C 793 -7.41 -56.94 -36.17
C PRO C 793 -8.88 -57.27 -36.31
N ILE C 794 -9.37 -58.32 -35.64
CA ILE C 794 -10.78 -58.72 -35.72
C ILE C 794 -11.48 -58.32 -34.44
N LYS C 795 -12.47 -57.44 -34.55
CA LYS C 795 -13.17 -56.90 -33.38
C LYS C 795 -14.38 -57.78 -33.04
N ASP C 796 -14.08 -59.04 -32.72
CA ASP C 796 -15.10 -60.03 -32.38
C ASP C 796 -15.37 -60.04 -30.87
N PHE C 797 -15.99 -58.96 -30.40
CA PHE C 797 -16.21 -58.77 -28.97
C PHE C 797 -17.65 -59.05 -28.56
N GLY C 798 -18.32 -60.01 -29.18
CA GLY C 798 -19.61 -60.40 -28.66
C GLY C 798 -20.72 -59.42 -28.90
N GLY C 799 -20.59 -58.55 -29.89
CA GLY C 799 -21.60 -57.54 -30.15
C GLY C 799 -21.30 -56.18 -29.56
N PHE C 800 -20.27 -56.07 -28.73
CA PHE C 800 -19.91 -54.79 -28.14
C PHE C 800 -19.05 -54.02 -29.14
N ASN C 801 -19.52 -52.84 -29.52
CA ASN C 801 -18.84 -52.00 -30.50
C ASN C 801 -17.93 -50.99 -29.81
N PHE C 802 -16.63 -51.11 -30.05
CA PHE C 802 -15.65 -50.21 -29.45
C PHE C 802 -14.97 -49.33 -30.49
N SER C 803 -15.53 -49.27 -31.71
CA SER C 803 -14.87 -48.54 -32.78
C SER C 803 -14.81 -47.05 -32.50
N GLN C 804 -15.61 -46.55 -31.57
CA GLN C 804 -15.66 -45.14 -31.27
C GLN C 804 -14.74 -44.74 -30.12
N ILE C 805 -14.11 -45.69 -29.46
CA ILE C 805 -13.16 -45.38 -28.38
C ILE C 805 -11.76 -45.87 -28.66
N LEU C 806 -11.56 -46.78 -29.60
CA LEU C 806 -10.23 -47.21 -29.98
C LEU C 806 -9.58 -46.25 -30.97
N PRO C 807 -8.25 -46.20 -31.00
CA PRO C 807 -7.55 -45.31 -31.93
C PRO C 807 -7.96 -45.57 -33.38
N ASP C 808 -8.04 -44.48 -34.15
CA ASP C 808 -8.35 -44.54 -35.56
C ASP C 808 -7.06 -44.49 -36.34
N PRO C 809 -6.62 -45.58 -36.96
CA PRO C 809 -5.31 -45.59 -37.64
C PRO C 809 -5.18 -44.59 -38.77
N SER C 810 -6.29 -44.01 -39.25
CA SER C 810 -6.23 -43.09 -40.37
C SER C 810 -5.90 -41.66 -39.97
N LYS C 811 -5.83 -41.36 -38.68
CA LYS C 811 -5.56 -40.00 -38.25
C LYS C 811 -4.07 -39.75 -38.11
N PRO C 812 -3.63 -38.49 -38.23
CA PRO C 812 -2.22 -38.18 -38.01
C PRO C 812 -1.76 -38.45 -36.59
N SER C 813 -2.68 -38.56 -35.64
CA SER C 813 -2.39 -38.89 -34.26
C SER C 813 -3.42 -39.94 -33.86
N LYS C 814 -2.95 -41.09 -33.39
CA LYS C 814 -3.86 -42.23 -33.20
C LYS C 814 -4.70 -41.99 -31.95
N ARG C 815 -5.68 -41.11 -32.11
CA ARG C 815 -6.65 -40.79 -31.08
C ARG C 815 -8.00 -41.37 -31.50
N SER C 816 -8.86 -41.59 -30.52
CA SER C 816 -10.19 -42.08 -30.83
C SER C 816 -11.09 -40.94 -31.33
N PHE C 817 -12.23 -41.33 -31.89
CA PHE C 817 -13.22 -40.35 -32.33
C PHE C 817 -13.63 -39.46 -31.16
N ILE C 818 -13.94 -40.08 -30.02
CA ILE C 818 -14.36 -39.33 -28.84
C ILE C 818 -13.23 -38.41 -28.39
N GLU C 819 -11.99 -38.90 -28.43
CA GLU C 819 -10.87 -38.04 -28.05
C GLU C 819 -10.82 -36.82 -28.95
N ASP C 820 -11.04 -37.02 -30.25
CA ASP C 820 -11.08 -35.89 -31.17
C ASP C 820 -12.20 -34.93 -30.78
N LEU C 821 -13.34 -35.45 -30.33
CA LEU C 821 -14.42 -34.58 -29.91
C LEU C 821 -13.99 -33.76 -28.71
N LEU C 822 -13.24 -34.38 -27.80
CA LEU C 822 -12.80 -33.71 -26.59
C LEU C 822 -11.81 -32.59 -26.92
N PHE C 823 -10.89 -32.85 -27.84
CA PHE C 823 -9.90 -31.85 -28.21
C PHE C 823 -10.52 -30.67 -28.96
N ASN C 824 -11.67 -30.86 -29.61
CA ASN C 824 -12.31 -29.78 -30.34
C ASN C 824 -13.22 -28.93 -29.47
N LYS C 825 -13.31 -29.23 -28.17
CA LYS C 825 -14.13 -28.45 -27.25
C LYS C 825 -13.31 -27.61 -26.29
N VAL C 826 -12.14 -28.07 -25.90
CA VAL C 826 -11.26 -27.32 -25.01
C VAL C 826 -10.33 -26.47 -25.86
N THR C 827 -10.28 -25.18 -25.56
CA THR C 827 -9.47 -24.25 -26.34
C THR C 827 -8.35 -23.64 -25.51
N LYS C 854 4.71 -13.10 -22.56
CA LYS C 854 4.89 -12.98 -24.00
C LYS C 854 6.35 -12.66 -24.31
N PHE C 855 6.72 -11.38 -24.24
CA PHE C 855 8.11 -10.97 -24.42
C PHE C 855 8.64 -10.30 -23.15
N ASN C 856 8.03 -10.61 -22.01
CA ASN C 856 8.39 -10.03 -20.72
C ASN C 856 9.04 -11.04 -19.80
N GLY C 857 9.63 -12.09 -20.36
CA GLY C 857 10.27 -13.12 -19.57
C GLY C 857 9.34 -14.25 -19.18
N LEU C 858 8.11 -14.24 -19.69
CA LEU C 858 7.11 -15.25 -19.38
C LEU C 858 7.07 -16.24 -20.52
N THR C 859 7.37 -17.50 -20.22
CA THR C 859 7.41 -18.56 -21.21
C THR C 859 6.57 -19.71 -20.69
N VAL C 860 6.26 -20.63 -21.60
CA VAL C 860 5.50 -21.83 -21.26
C VAL C 860 6.33 -23.03 -21.65
N LEU C 861 6.51 -23.88 -20.76
CA LEU C 861 7.30 -25.03 -21.13
C LEU C 861 6.38 -26.09 -21.72
N PRO C 862 6.86 -26.89 -22.66
CA PRO C 862 6.04 -27.98 -23.19
C PRO C 862 5.93 -29.09 -22.18
N PRO C 863 4.89 -29.91 -22.25
CA PRO C 863 4.82 -31.09 -21.40
C PRO C 863 5.83 -32.13 -21.86
N LEU C 864 6.23 -32.98 -20.91
CA LEU C 864 7.14 -34.07 -21.26
C LEU C 864 6.46 -35.09 -22.16
N LEU C 865 5.21 -35.42 -21.86
CA LEU C 865 4.45 -36.40 -22.64
C LEU C 865 3.54 -35.66 -23.62
N THR C 866 3.76 -35.86 -24.91
CA THR C 866 2.96 -35.18 -25.91
C THR C 866 1.59 -35.83 -26.00
N ASP C 867 0.66 -35.14 -26.66
CA ASP C 867 -0.70 -35.67 -26.79
C ASP C 867 -0.68 -37.04 -27.46
N GLU C 868 0.21 -37.25 -28.43
CA GLU C 868 0.32 -38.56 -29.06
C GLU C 868 0.72 -39.64 -28.06
N MET C 869 1.66 -39.32 -27.17
CA MET C 869 2.09 -40.32 -26.20
C MET C 869 0.99 -40.62 -25.20
N ILE C 870 0.20 -39.61 -24.83
CA ILE C 870 -0.91 -39.85 -23.92
C ILE C 870 -1.94 -40.73 -24.60
N ALA C 871 -2.23 -40.44 -25.88
CA ALA C 871 -3.16 -41.27 -26.62
C ALA C 871 -2.68 -42.70 -26.69
N GLN C 872 -1.37 -42.90 -26.87
CA GLN C 872 -0.84 -44.27 -26.91
C GLN C 872 -0.99 -44.96 -25.55
N TYR C 873 -0.80 -44.22 -24.46
CA TYR C 873 -0.97 -44.83 -23.14
C TYR C 873 -2.43 -45.19 -22.90
N THR C 874 -3.36 -44.32 -23.29
CA THR C 874 -4.76 -44.63 -23.07
C THR C 874 -5.19 -45.78 -23.98
N SER C 875 -4.59 -45.89 -25.16
CA SER C 875 -4.85 -47.02 -26.04
C SER C 875 -4.38 -48.31 -25.41
N ALA C 876 -3.17 -48.30 -24.83
CA ALA C 876 -2.67 -49.51 -24.19
C ALA C 876 -3.56 -49.90 -23.02
N LEU C 877 -3.99 -48.92 -22.22
CA LEU C 877 -4.83 -49.25 -21.07
C LEU C 877 -6.18 -49.76 -21.51
N LEU C 878 -6.74 -49.18 -22.57
CA LEU C 878 -8.04 -49.64 -23.05
C LEU C 878 -7.95 -51.03 -23.65
N ALA C 879 -6.91 -51.29 -24.45
CA ALA C 879 -6.75 -52.63 -25.02
C ALA C 879 -6.53 -53.66 -23.93
N GLY C 880 -5.79 -53.30 -22.88
CA GLY C 880 -5.61 -54.21 -21.78
C GLY C 880 -6.93 -54.52 -21.09
N THR C 881 -7.69 -53.46 -20.76
CA THR C 881 -8.97 -53.66 -20.08
C THR C 881 -9.89 -54.55 -20.91
N ILE C 882 -9.94 -54.32 -22.23
CA ILE C 882 -10.85 -55.07 -23.08
C ILE C 882 -10.43 -56.53 -23.23
N THR C 883 -9.14 -56.80 -23.43
CA THR C 883 -8.73 -58.17 -23.71
C THR C 883 -8.33 -58.99 -22.49
N SER C 884 -8.03 -58.38 -21.35
CA SER C 884 -7.56 -59.15 -20.20
C SER C 884 -8.24 -58.79 -18.89
N GLY C 885 -9.28 -57.97 -18.91
CA GLY C 885 -9.96 -57.62 -17.66
C GLY C 885 -9.02 -56.93 -16.69
N TRP C 886 -9.00 -57.44 -15.46
CA TRP C 886 -8.16 -56.86 -14.41
C TRP C 886 -6.82 -57.56 -14.28
N THR C 887 -6.57 -58.59 -15.09
CA THR C 887 -5.37 -59.39 -14.89
C THR C 887 -4.10 -58.63 -15.29
N PHE C 888 -4.21 -57.71 -16.24
CA PHE C 888 -3.03 -56.95 -16.66
C PHE C 888 -2.60 -55.93 -15.62
N GLY C 889 -3.50 -55.52 -14.74
CA GLY C 889 -3.15 -54.58 -13.69
C GLY C 889 -2.35 -55.26 -12.59
N ALA C 890 -2.81 -56.43 -12.15
CA ALA C 890 -2.15 -57.13 -11.07
C ALA C 890 -0.81 -57.73 -11.53
N GLY C 891 -0.78 -58.27 -12.74
CA GLY C 891 0.41 -58.95 -13.22
C GLY C 891 0.49 -59.00 -14.73
N ALA C 892 0.43 -60.20 -15.30
CA ALA C 892 0.48 -60.36 -16.75
C ALA C 892 -0.91 -60.20 -17.33
N ALA C 893 -0.95 -59.75 -18.59
CA ALA C 893 -2.21 -59.63 -19.31
C ALA C 893 -2.64 -61.01 -19.80
N LEU C 894 -3.73 -61.52 -19.24
CA LEU C 894 -4.21 -62.87 -19.54
C LEU C 894 -5.42 -62.75 -20.47
N GLN C 895 -5.29 -63.23 -21.71
CA GLN C 895 -6.37 -63.06 -22.67
C GLN C 895 -7.62 -63.77 -22.17
N ILE C 896 -8.77 -63.15 -22.39
CA ILE C 896 -10.05 -63.77 -22.04
C ILE C 896 -11.14 -63.30 -22.99
N PRO C 897 -12.06 -64.17 -23.42
CA PRO C 897 -13.19 -63.71 -24.22
C PRO C 897 -13.95 -62.60 -23.50
N PHE C 898 -14.37 -61.59 -24.26
CA PHE C 898 -15.01 -60.43 -23.66
C PHE C 898 -16.29 -60.80 -22.92
N ALA C 899 -17.09 -61.70 -23.50
CA ALA C 899 -18.34 -62.09 -22.85
C ALA C 899 -18.09 -62.70 -21.48
N MET C 900 -17.01 -63.48 -21.34
CA MET C 900 -16.73 -64.05 -20.03
C MET C 900 -16.26 -62.96 -19.07
N GLN C 901 -15.50 -61.99 -19.56
CA GLN C 901 -15.11 -60.88 -18.70
C GLN C 901 -16.33 -60.17 -18.16
N MET C 902 -17.32 -59.93 -19.04
CA MET C 902 -18.54 -59.29 -18.58
C MET C 902 -19.28 -60.19 -17.60
N ALA C 903 -19.18 -61.52 -17.80
CA ALA C 903 -19.82 -62.43 -16.86
C ALA C 903 -19.21 -62.27 -15.47
N TYR C 904 -17.91 -62.05 -15.42
CA TYR C 904 -17.29 -61.86 -14.11
C TYR C 904 -17.71 -60.53 -13.53
N ARG C 905 -17.78 -59.51 -14.37
CA ARG C 905 -18.18 -58.19 -13.89
C ARG C 905 -19.59 -58.23 -13.33
N PHE C 906 -20.46 -59.05 -13.92
CA PHE C 906 -21.81 -59.19 -13.39
C PHE C 906 -21.80 -59.95 -12.08
N ASN C 907 -21.00 -61.02 -11.99
CA ASN C 907 -20.92 -61.72 -10.70
C ASN C 907 -20.42 -60.80 -9.61
N GLY C 908 -19.53 -59.86 -9.95
CA GLY C 908 -18.99 -58.96 -8.95
C GLY C 908 -19.99 -58.01 -8.34
N ILE C 909 -21.17 -57.86 -8.94
CA ILE C 909 -22.22 -56.99 -8.42
C ILE C 909 -23.42 -57.78 -7.95
N GLY C 910 -23.30 -59.10 -7.81
CA GLY C 910 -24.38 -59.93 -7.31
C GLY C 910 -25.43 -60.31 -8.33
N VAL C 911 -25.09 -60.33 -9.61
CA VAL C 911 -26.01 -60.75 -10.66
C VAL C 911 -25.39 -61.93 -11.38
N THR C 912 -26.09 -63.07 -11.37
CA THR C 912 -25.55 -64.29 -11.95
C THR C 912 -25.26 -64.13 -13.44
N GLN C 913 -24.12 -64.67 -13.87
CA GLN C 913 -23.66 -64.52 -15.25
C GLN C 913 -24.66 -64.99 -16.28
N ASN C 914 -25.61 -65.85 -15.92
CA ASN C 914 -26.56 -66.32 -16.92
C ASN C 914 -27.44 -65.17 -17.37
N VAL C 915 -27.56 -64.13 -16.55
CA VAL C 915 -28.36 -62.97 -16.96
C VAL C 915 -27.68 -62.32 -18.13
N LEU C 916 -26.36 -62.18 -18.05
CA LEU C 916 -25.58 -61.63 -19.15
C LEU C 916 -25.71 -62.48 -20.39
N TYR C 917 -25.52 -63.80 -20.26
CA TYR C 917 -25.51 -64.62 -21.47
C TYR C 917 -26.88 -64.69 -22.13
N GLU C 918 -27.94 -64.79 -21.35
CA GLU C 918 -29.28 -64.86 -21.94
C GLU C 918 -29.67 -63.55 -22.63
N ASN C 919 -29.20 -62.41 -22.13
CA ASN C 919 -29.53 -61.10 -22.66
C ASN C 919 -28.37 -60.43 -23.38
N GLN C 920 -27.41 -61.21 -23.90
CA GLN C 920 -26.22 -60.59 -24.49
C GLN C 920 -26.56 -59.62 -25.60
N LYS C 921 -27.55 -59.93 -26.44
CA LYS C 921 -27.87 -59.02 -27.53
C LYS C 921 -28.46 -57.72 -27.00
N LEU C 922 -29.33 -57.83 -25.98
CA LEU C 922 -29.93 -56.64 -25.41
C LEU C 922 -28.87 -55.78 -24.73
N ILE C 923 -27.98 -56.40 -23.97
CA ILE C 923 -26.94 -55.66 -23.26
C ILE C 923 -26.02 -54.97 -24.25
N ALA C 924 -25.61 -55.67 -25.31
CA ALA C 924 -24.76 -55.05 -26.30
C ALA C 924 -25.46 -53.88 -26.98
N ASN C 925 -26.77 -54.02 -27.25
CA ASN C 925 -27.47 -52.92 -27.90
C ASN C 925 -27.60 -51.73 -26.97
N GLN C 926 -27.82 -51.97 -25.68
CA GLN C 926 -27.91 -50.86 -24.74
C GLN C 926 -26.56 -50.17 -24.61
N PHE C 927 -25.47 -50.94 -24.60
CA PHE C 927 -24.15 -50.34 -24.53
C PHE C 927 -23.89 -49.46 -25.75
N ASN C 928 -24.18 -49.98 -26.94
CA ASN C 928 -23.92 -49.21 -28.16
C ASN C 928 -24.77 -47.94 -28.19
N SER C 929 -26.00 -48.02 -27.71
CA SER C 929 -26.85 -46.83 -27.69
C SER C 929 -26.31 -45.82 -26.68
N ALA C 930 -25.86 -46.30 -25.52
CA ALA C 930 -25.30 -45.39 -24.53
C ALA C 930 -24.08 -44.67 -25.08
N ILE C 931 -23.25 -45.38 -25.83
CA ILE C 931 -22.07 -44.74 -26.42
C ILE C 931 -22.50 -43.70 -27.44
N GLY C 932 -23.48 -44.03 -28.28
CA GLY C 932 -23.96 -43.04 -29.23
C GLY C 932 -24.48 -41.79 -28.53
N LYS C 933 -25.15 -41.98 -27.38
CA LYS C 933 -25.63 -40.84 -26.63
C LYS C 933 -24.46 -40.03 -26.06
N ILE C 934 -23.38 -40.71 -25.67
CA ILE C 934 -22.21 -39.99 -25.17
C ILE C 934 -21.64 -39.11 -26.27
N GLN C 935 -21.56 -39.65 -27.49
CA GLN C 935 -21.02 -38.86 -28.58
C GLN C 935 -21.92 -37.66 -28.87
N ASP C 936 -23.24 -37.87 -28.84
CA ASP C 936 -24.15 -36.76 -29.11
C ASP C 936 -24.04 -35.69 -28.03
N SER C 937 -23.85 -36.11 -26.78
CA SER C 937 -23.71 -35.15 -25.68
C SER C 937 -22.44 -34.34 -25.86
N LEU C 938 -21.32 -35.02 -26.09
CA LEU C 938 -20.06 -34.26 -26.22
C LEU C 938 -20.10 -33.38 -27.45
N SER C 939 -20.78 -33.81 -28.51
CA SER C 939 -20.86 -33.06 -29.75
C SER C 939 -21.83 -31.90 -29.67
N SER C 940 -22.70 -31.84 -28.66
CA SER C 940 -23.72 -30.80 -28.61
C SER C 940 -23.70 -29.94 -27.36
N THR C 941 -23.16 -30.43 -26.24
CA THR C 941 -23.18 -29.68 -24.98
C THR C 941 -21.77 -29.17 -24.71
N ALA C 942 -21.53 -27.89 -25.01
CA ALA C 942 -20.20 -27.32 -24.84
C ALA C 942 -19.76 -27.32 -23.38
N SER C 943 -20.70 -27.11 -22.46
CA SER C 943 -20.39 -27.03 -21.03
C SER C 943 -19.93 -28.35 -20.43
N ALA C 944 -20.04 -29.46 -21.15
CA ALA C 944 -19.66 -30.76 -20.60
C ALA C 944 -18.21 -30.79 -20.15
N LEU C 945 -17.33 -30.03 -20.81
CA LEU C 945 -15.91 -30.04 -20.48
C LEU C 945 -15.51 -28.80 -19.70
N GLY C 946 -16.46 -28.14 -19.03
CA GLY C 946 -16.15 -26.92 -18.32
C GLY C 946 -15.02 -27.06 -17.32
N LYS C 947 -14.91 -28.23 -16.67
CA LYS C 947 -13.89 -28.43 -15.67
C LYS C 947 -12.50 -28.30 -16.26
N LEU C 948 -12.34 -28.61 -17.54
CA LEU C 948 -11.03 -28.46 -18.13
C LEU C 948 -10.87 -27.10 -18.78
N GLN C 949 -11.95 -26.53 -19.33
CA GLN C 949 -11.81 -25.22 -19.96
C GLN C 949 -11.51 -24.17 -18.91
N ASP C 950 -12.08 -24.33 -17.72
CA ASP C 950 -11.83 -23.38 -16.66
C ASP C 950 -10.37 -23.39 -16.26
N VAL C 951 -9.73 -24.56 -16.32
CA VAL C 951 -8.33 -24.58 -15.94
C VAL C 951 -7.52 -23.76 -16.93
N VAL C 952 -7.79 -23.93 -18.22
CA VAL C 952 -7.06 -23.14 -19.19
C VAL C 952 -7.34 -21.66 -18.94
N ASN C 953 -8.60 -21.33 -18.69
CA ASN C 953 -8.93 -19.93 -18.49
C ASN C 953 -8.25 -19.39 -17.25
N GLN C 954 -8.19 -20.19 -16.19
CA GLN C 954 -7.57 -19.68 -14.98
C GLN C 954 -6.10 -19.37 -15.23
N ASN C 955 -5.42 -20.23 -15.98
CA ASN C 955 -4.01 -19.95 -16.19
C ASN C 955 -3.85 -18.75 -17.11
N ALA C 956 -4.71 -18.64 -18.11
CA ALA C 956 -4.62 -17.48 -18.98
C ALA C 956 -4.90 -16.22 -18.19
N GLN C 957 -5.87 -16.29 -17.28
CA GLN C 957 -6.18 -15.09 -16.51
C GLN C 957 -5.01 -14.71 -15.64
N ALA C 958 -4.35 -15.71 -15.04
CA ALA C 958 -3.23 -15.37 -14.18
C ALA C 958 -2.14 -14.70 -14.98
N LEU C 959 -1.86 -15.23 -16.18
CA LEU C 959 -0.80 -14.60 -16.95
C LEU C 959 -1.23 -13.25 -17.45
N ASN C 960 -2.51 -13.12 -17.83
CA ASN C 960 -2.92 -11.81 -18.31
C ASN C 960 -2.86 -10.81 -17.19
N THR C 961 -3.19 -11.23 -15.96
CA THR C 961 -3.10 -10.29 -14.86
C THR C 961 -1.66 -9.88 -14.65
N LEU C 962 -0.76 -10.85 -14.71
CA LEU C 962 0.65 -10.53 -14.50
C LEU C 962 1.11 -9.54 -15.55
N VAL C 963 0.72 -9.75 -16.81
CA VAL C 963 1.16 -8.84 -17.85
C VAL C 963 0.55 -7.47 -17.62
N LYS C 964 -0.73 -7.42 -17.28
CA LYS C 964 -1.35 -6.11 -17.04
C LYS C 964 -0.65 -5.39 -15.89
N GLN C 965 -0.11 -6.14 -14.92
CA GLN C 965 0.56 -5.50 -13.80
C GLN C 965 1.75 -4.67 -14.24
N LEU C 966 2.30 -4.91 -15.44
CA LEU C 966 3.42 -4.10 -15.89
C LEU C 966 3.02 -2.66 -16.18
N SER C 967 1.73 -2.40 -16.41
CA SER C 967 1.28 -1.04 -16.72
C SER C 967 1.08 -0.17 -15.49
N SER C 968 1.17 -0.73 -14.29
CA SER C 968 0.92 0.04 -13.08
C SER C 968 2.14 0.86 -12.68
N ASN C 969 1.88 2.02 -12.06
CA ASN C 969 2.94 2.92 -11.64
C ASN C 969 3.51 2.57 -10.27
N PHE C 970 2.68 2.06 -9.35
CA PHE C 970 3.11 1.73 -7.99
C PHE C 970 3.70 2.94 -7.28
N GLY C 971 3.31 4.15 -7.69
CA GLY C 971 3.80 5.36 -7.08
C GLY C 971 4.88 6.05 -7.89
N ALA C 972 5.40 5.41 -8.92
CA ALA C 972 6.43 6.00 -9.76
C ALA C 972 5.83 7.03 -10.71
N ILE C 973 6.70 7.89 -11.23
CA ILE C 973 6.27 8.87 -12.21
C ILE C 973 5.81 8.23 -13.51
N SER C 974 6.28 7.02 -13.80
CA SER C 974 5.89 6.33 -15.03
C SER C 974 6.09 4.84 -14.84
N SER C 975 5.19 4.05 -15.43
CA SER C 975 5.33 2.60 -15.39
C SER C 975 6.41 2.10 -16.33
N VAL C 976 6.86 2.92 -17.27
CA VAL C 976 7.86 2.50 -18.25
C VAL C 976 9.25 2.80 -17.69
N LEU C 977 10.04 1.75 -17.50
CA LEU C 977 11.35 1.89 -16.88
C LEU C 977 12.29 2.76 -17.73
N ASN C 978 12.21 2.63 -19.05
CA ASN C 978 13.08 3.41 -19.93
C ASN C 978 12.74 4.89 -19.86
N ASP C 979 11.48 5.24 -19.57
CA ASP C 979 11.15 6.64 -19.47
C ASP C 979 11.68 7.25 -18.18
N ILE C 980 11.81 6.44 -17.13
CA ILE C 980 12.45 6.92 -15.92
C ILE C 980 13.94 7.09 -16.14
N LEU C 981 14.59 6.07 -16.74
CA LEU C 981 16.03 6.17 -16.93
C LEU C 981 16.41 7.30 -17.87
N SER C 982 15.57 7.58 -18.87
CA SER C 982 15.87 8.63 -19.83
C SER C 982 15.59 10.02 -19.29
N ARG C 983 14.95 10.13 -18.12
CA ARG C 983 14.58 11.43 -17.58
C ARG C 983 15.24 11.80 -16.26
N LEU C 984 15.55 10.83 -15.40
CA LEU C 984 16.11 11.14 -14.08
C LEU C 984 17.55 10.67 -13.92
N ASP C 985 18.33 11.48 -13.20
CA ASP C 985 19.66 11.11 -12.76
C ASP C 985 19.60 10.01 -11.71
N PRO C 986 20.65 9.18 -11.62
CA PRO C 986 20.69 8.06 -10.67
C PRO C 986 20.13 8.39 -9.28
N PRO C 987 20.48 9.54 -8.67
CA PRO C 987 19.97 9.78 -7.30
C PRO C 987 18.46 9.77 -7.18
N GLU C 988 17.73 10.00 -8.27
CA GLU C 988 16.27 9.99 -8.27
C GLU C 988 15.74 8.77 -9.02
N ALA C 989 16.47 8.35 -10.05
CA ALA C 989 16.05 7.20 -10.81
C ALA C 989 16.06 5.98 -9.93
N GLU C 990 17.02 5.87 -9.01
CA GLU C 990 17.06 4.71 -8.15
C GLU C 990 15.84 4.63 -7.26
N VAL C 991 15.31 5.78 -6.82
CA VAL C 991 14.11 5.77 -6.00
C VAL C 991 12.90 5.35 -6.81
N GLN C 992 12.77 5.90 -8.02
CA GLN C 992 11.62 5.53 -8.84
C GLN C 992 11.70 4.05 -9.23
N ILE C 993 12.91 3.56 -9.48
CA ILE C 993 13.09 2.17 -9.85
C ILE C 993 12.80 1.28 -8.67
N ASP C 994 13.26 1.65 -7.47
CA ASP C 994 12.94 0.86 -6.29
C ASP C 994 11.43 0.74 -6.11
N ARG C 995 10.69 1.81 -6.42
CA ARG C 995 9.23 1.72 -6.31
C ARG C 995 8.67 0.74 -7.33
N LEU C 996 9.19 0.76 -8.55
CA LEU C 996 8.68 -0.16 -9.56
C LEU C 996 9.08 -1.59 -9.24
N ILE C 997 10.30 -1.78 -8.71
CA ILE C 997 10.76 -3.12 -8.36
C ILE C 997 9.90 -3.68 -7.25
N THR C 998 9.59 -2.86 -6.24
CA THR C 998 8.76 -3.35 -5.14
C THR C 998 7.40 -3.77 -5.67
N GLY C 999 6.79 -2.94 -6.53
CA GLY C 999 5.48 -3.30 -7.04
C GLY C 999 5.49 -4.55 -7.88
N ARG C 1000 6.50 -4.69 -8.76
CA ARG C 1000 6.53 -5.83 -9.66
C ARG C 1000 6.92 -7.11 -8.92
N LEU C 1001 7.78 -6.99 -7.91
CA LEU C 1001 8.15 -8.16 -7.12
C LEU C 1001 6.96 -8.64 -6.30
N GLN C 1002 6.18 -7.72 -5.74
CA GLN C 1002 4.99 -8.13 -5.02
C GLN C 1002 4.01 -8.81 -5.96
N SER C 1003 3.93 -8.30 -7.20
CA SER C 1003 3.04 -8.91 -8.19
C SER C 1003 3.50 -10.33 -8.51
N LEU C 1004 4.80 -10.53 -8.67
CA LEU C 1004 5.31 -11.89 -8.91
C LEU C 1004 5.03 -12.79 -7.72
N GLN C 1005 5.21 -12.30 -6.49
CA GLN C 1005 4.96 -13.16 -5.34
C GLN C 1005 3.51 -13.58 -5.30
N THR C 1006 2.60 -12.66 -5.64
CA THR C 1006 1.19 -13.01 -5.68
C THR C 1006 0.93 -14.08 -6.73
N TYR C 1007 1.51 -13.90 -7.92
CA TYR C 1007 1.35 -14.88 -8.98
C TYR C 1007 1.84 -16.24 -8.53
N VAL C 1008 3.05 -16.30 -7.97
CA VAL C 1008 3.64 -17.58 -7.58
C VAL C 1008 2.80 -18.24 -6.50
N THR C 1009 2.32 -17.47 -5.52
CA THR C 1009 1.48 -18.06 -4.49
C THR C 1009 0.22 -18.65 -5.10
N GLN C 1010 -0.39 -17.93 -6.04
CA GLN C 1010 -1.60 -18.45 -6.66
C GLN C 1010 -1.30 -19.71 -7.45
N GLN C 1011 -0.13 -19.75 -8.08
CA GLN C 1011 0.25 -20.93 -8.85
C GLN C 1011 0.51 -22.12 -7.93
N LEU C 1012 1.09 -21.89 -6.76
CA LEU C 1012 1.34 -22.98 -5.85
C LEU C 1012 0.04 -23.55 -5.29
N ILE C 1013 -0.93 -22.67 -4.99
CA ILE C 1013 -2.20 -23.16 -4.47
C ILE C 1013 -2.97 -23.90 -5.55
N ARG C 1014 -3.02 -23.33 -6.76
CA ARG C 1014 -3.70 -24.00 -7.86
C ARG C 1014 -3.03 -25.32 -8.17
N ALA C 1015 -1.69 -25.36 -8.13
CA ALA C 1015 -0.97 -26.59 -8.38
C ALA C 1015 -1.30 -27.63 -7.34
N ALA C 1016 -1.46 -27.22 -6.08
CA ALA C 1016 -1.84 -28.19 -5.05
C ALA C 1016 -3.23 -28.74 -5.33
N GLU C 1017 -4.14 -27.89 -5.78
CA GLU C 1017 -5.48 -28.36 -6.12
C GLU C 1017 -5.43 -29.33 -7.30
N ILE C 1018 -4.63 -29.00 -8.31
CA ILE C 1018 -4.49 -29.86 -9.48
C ILE C 1018 -3.87 -31.19 -9.08
N ARG C 1019 -2.87 -31.15 -8.19
CA ARG C 1019 -2.25 -32.38 -7.74
C ARG C 1019 -3.25 -33.27 -7.02
N ALA C 1020 -4.09 -32.68 -6.16
CA ALA C 1020 -5.11 -33.48 -5.50
C ALA C 1020 -6.07 -34.09 -6.51
N SER C 1021 -6.43 -33.31 -7.53
CA SER C 1021 -7.31 -33.83 -8.57
C SER C 1021 -6.63 -34.95 -9.35
N ALA C 1022 -5.35 -34.78 -9.67
CA ALA C 1022 -4.60 -35.80 -10.38
C ALA C 1022 -4.49 -37.08 -9.56
N ASN C 1023 -4.32 -36.93 -8.25
CA ASN C 1023 -4.26 -38.12 -7.40
C ASN C 1023 -5.60 -38.83 -7.41
N LEU C 1024 -6.69 -38.06 -7.40
CA LEU C 1024 -8.01 -38.69 -7.48
C LEU C 1024 -8.17 -39.41 -8.82
N ALA C 1025 -7.72 -38.77 -9.91
CA ALA C 1025 -7.82 -39.39 -11.22
C ALA C 1025 -7.00 -40.67 -11.29
N ALA C 1026 -5.81 -40.67 -10.67
CA ALA C 1026 -4.99 -41.87 -10.65
C ALA C 1026 -5.67 -42.97 -9.84
N THR C 1027 -6.29 -42.60 -8.73
CA THR C 1027 -7.00 -43.56 -7.91
C THR C 1027 -8.14 -44.19 -8.71
N LYS C 1028 -8.90 -43.36 -9.43
CA LYS C 1028 -9.99 -43.91 -10.24
C LYS C 1028 -9.42 -44.81 -11.33
N MET C 1029 -8.34 -44.39 -11.98
CA MET C 1029 -7.75 -45.20 -13.03
C MET C 1029 -7.40 -46.58 -12.51
N SER C 1030 -6.72 -46.63 -11.36
CA SER C 1030 -6.28 -47.91 -10.80
C SER C 1030 -7.45 -48.76 -10.31
N GLU C 1031 -8.40 -48.16 -9.59
CA GLU C 1031 -9.48 -48.89 -8.94
C GLU C 1031 -10.78 -48.87 -9.72
N CYS C 1032 -10.72 -48.50 -11.00
CA CYS C 1032 -11.93 -48.34 -11.79
C CYS C 1032 -11.73 -48.94 -13.17
N VAL C 1033 -10.63 -48.56 -13.82
CA VAL C 1033 -10.32 -49.08 -15.15
C VAL C 1033 -9.60 -50.41 -15.05
N LEU C 1034 -8.57 -50.47 -14.21
CA LEU C 1034 -7.77 -51.68 -14.08
C LEU C 1034 -8.47 -52.76 -13.27
N GLY C 1035 -9.42 -52.40 -12.42
CA GLY C 1035 -10.12 -53.36 -11.61
C GLY C 1035 -11.62 -53.24 -11.77
N GLN C 1036 -12.32 -53.50 -10.67
CA GLN C 1036 -13.77 -53.35 -10.57
C GLN C 1036 -14.04 -52.75 -9.21
N SER C 1037 -14.85 -51.69 -9.18
CA SER C 1037 -15.04 -50.94 -7.96
C SER C 1037 -16.27 -51.45 -7.21
N LYS C 1038 -16.06 -51.77 -5.93
CA LYS C 1038 -17.13 -52.13 -5.03
C LYS C 1038 -17.59 -50.92 -4.24
N ARG C 1039 -16.94 -49.78 -4.47
CA ARG C 1039 -17.23 -48.55 -3.77
C ARG C 1039 -18.44 -47.87 -4.41
N VAL C 1040 -19.48 -47.63 -3.60
CA VAL C 1040 -20.72 -47.09 -4.14
C VAL C 1040 -20.51 -45.65 -4.60
N ASP C 1041 -20.96 -45.36 -5.82
CA ASP C 1041 -20.86 -44.04 -6.45
C ASP C 1041 -19.43 -43.53 -6.59
N PHE C 1042 -18.42 -44.38 -6.42
CA PHE C 1042 -17.06 -43.95 -6.71
C PHE C 1042 -16.84 -43.83 -8.21
N CYS C 1043 -17.41 -44.75 -8.98
CA CYS C 1043 -17.28 -44.80 -10.43
C CYS C 1043 -18.65 -44.64 -11.10
N GLY C 1044 -19.37 -43.60 -10.72
CA GLY C 1044 -20.66 -43.31 -11.28
C GLY C 1044 -21.80 -43.92 -10.49
N LYS C 1045 -23.01 -43.43 -10.74
CA LYS C 1045 -24.17 -43.96 -10.05
C LYS C 1045 -24.54 -45.31 -10.63
N GLY C 1046 -24.85 -46.25 -9.75
CA GLY C 1046 -25.19 -47.59 -10.14
C GLY C 1046 -24.13 -48.57 -9.67
N TYR C 1047 -24.30 -49.82 -10.06
CA TYR C 1047 -23.34 -50.86 -9.69
C TYR C 1047 -22.27 -50.86 -10.77
N HIS C 1048 -21.05 -50.55 -10.38
CA HIS C 1048 -19.99 -50.39 -11.38
C HIS C 1048 -19.64 -51.70 -12.07
N LEU C 1049 -19.52 -51.65 -13.39
CA LEU C 1049 -19.05 -52.78 -14.17
C LEU C 1049 -17.63 -52.49 -14.67
N MET C 1050 -17.46 -51.49 -15.52
CA MET C 1050 -16.13 -51.25 -16.09
C MET C 1050 -15.99 -49.79 -16.47
N SER C 1051 -14.75 -49.35 -16.67
CA SER C 1051 -14.54 -47.98 -17.12
C SER C 1051 -13.51 -47.96 -18.24
N PHE C 1052 -13.59 -46.92 -19.06
CA PHE C 1052 -12.68 -46.74 -20.16
C PHE C 1052 -12.04 -45.37 -20.08
N PRO C 1053 -10.71 -45.27 -20.07
CA PRO C 1053 -10.07 -43.96 -20.05
C PRO C 1053 -10.06 -43.34 -21.44
N GLN C 1054 -10.13 -42.01 -21.47
CA GLN C 1054 -9.92 -41.24 -22.67
C GLN C 1054 -9.07 -40.03 -22.32
N SER C 1055 -8.14 -39.66 -23.20
CA SER C 1055 -7.35 -38.48 -22.90
C SER C 1055 -8.13 -37.22 -23.25
N ALA C 1056 -7.74 -36.12 -22.64
CA ALA C 1056 -8.35 -34.83 -22.96
C ALA C 1056 -7.31 -33.75 -22.71
N PRO C 1057 -7.50 -32.57 -23.30
CA PRO C 1057 -6.56 -31.47 -23.02
C PRO C 1057 -6.44 -31.20 -21.53
N HIS C 1058 -5.22 -31.32 -21.01
CA HIS C 1058 -4.92 -31.10 -19.60
C HIS C 1058 -5.82 -31.93 -18.70
N GLY C 1059 -6.22 -33.13 -19.11
CA GLY C 1059 -7.08 -33.90 -18.24
C GLY C 1059 -7.40 -35.27 -18.78
N VAL C 1060 -8.23 -35.98 -18.02
CA VAL C 1060 -8.66 -37.33 -18.37
C VAL C 1060 -10.17 -37.42 -18.24
N VAL C 1061 -10.79 -38.17 -19.15
CA VAL C 1061 -12.23 -38.41 -19.14
C VAL C 1061 -12.47 -39.90 -19.00
N PHE C 1062 -13.30 -40.28 -18.03
CA PHE C 1062 -13.61 -41.69 -17.81
C PHE C 1062 -15.03 -41.95 -18.29
N LEU C 1063 -15.20 -43.01 -19.07
CA LEU C 1063 -16.52 -43.48 -19.45
C LEU C 1063 -16.84 -44.67 -18.56
N HIS C 1064 -17.79 -44.49 -17.65
CA HIS C 1064 -18.11 -45.52 -16.66
C HIS C 1064 -19.35 -46.29 -17.12
N VAL C 1065 -19.19 -47.59 -17.30
CA VAL C 1065 -20.27 -48.48 -17.72
C VAL C 1065 -20.80 -49.14 -16.46
N THR C 1066 -22.07 -48.89 -16.15
CA THR C 1066 -22.70 -49.35 -14.91
C THR C 1066 -24.02 -50.06 -15.20
N TYR C 1067 -24.38 -50.95 -14.29
CA TYR C 1067 -25.64 -51.70 -14.30
C TYR C 1067 -26.63 -51.01 -13.38
N VAL C 1068 -27.78 -50.59 -13.90
CA VAL C 1068 -28.78 -49.92 -13.10
C VAL C 1068 -30.10 -50.67 -13.20
N PRO C 1069 -30.67 -51.13 -12.08
CA PRO C 1069 -32.00 -51.75 -12.12
C PRO C 1069 -33.03 -50.83 -12.75
N ALA C 1070 -33.89 -51.39 -13.61
CA ALA C 1070 -34.81 -50.56 -14.37
C ALA C 1070 -36.27 -50.75 -14.02
N GLN C 1071 -36.76 -51.97 -13.83
CA GLN C 1071 -38.19 -52.16 -13.58
C GLN C 1071 -38.41 -53.08 -12.39
N GLU C 1072 -39.46 -52.81 -11.61
CA GLU C 1072 -39.69 -53.57 -10.39
C GLU C 1072 -41.14 -53.96 -10.25
N LYS C 1073 -41.37 -55.02 -9.48
CA LYS C 1073 -42.68 -55.48 -9.09
C LYS C 1073 -42.76 -55.60 -7.58
N ASN C 1074 -43.97 -55.45 -7.04
CA ASN C 1074 -44.22 -55.61 -5.61
C ASN C 1074 -44.43 -57.09 -5.30
N PHE C 1075 -43.51 -57.68 -4.55
CA PHE C 1075 -43.59 -59.07 -4.14
C PHE C 1075 -43.76 -59.14 -2.62
N THR C 1076 -44.43 -60.18 -2.14
CA THR C 1076 -44.52 -60.40 -0.69
C THR C 1076 -43.28 -61.18 -0.25
N THR C 1077 -42.76 -60.86 0.93
CA THR C 1077 -41.55 -61.54 1.37
C THR C 1077 -41.71 -62.09 2.78
N ALA C 1078 -40.68 -62.82 3.22
CA ALA C 1078 -40.61 -63.42 4.53
C ALA C 1078 -39.15 -63.65 4.87
N PRO C 1079 -38.74 -63.48 6.12
CA PRO C 1079 -37.33 -63.72 6.47
C PRO C 1079 -36.92 -65.18 6.43
N ALA C 1080 -37.86 -66.12 6.53
CA ALA C 1080 -37.52 -67.54 6.59
C ALA C 1080 -38.77 -68.34 6.27
N ILE C 1081 -38.57 -69.60 5.89
CA ILE C 1081 -39.68 -70.52 5.63
C ILE C 1081 -39.58 -71.76 6.52
N CYS C 1082 -40.71 -72.11 7.13
CA CYS C 1082 -40.83 -73.34 7.91
C CYS C 1082 -41.15 -74.53 7.02
N HIS C 1083 -40.51 -75.66 7.29
CA HIS C 1083 -40.86 -76.88 6.57
C HIS C 1083 -41.36 -77.92 7.56
N ASP C 1084 -40.44 -78.57 8.28
CA ASP C 1084 -40.79 -79.55 9.29
C ASP C 1084 -40.59 -79.00 10.70
N GLY C 1085 -40.63 -77.68 10.85
CA GLY C 1085 -40.36 -77.01 12.10
C GLY C 1085 -39.00 -76.34 12.09
N LYS C 1086 -38.19 -76.64 11.09
CA LYS C 1086 -36.89 -76.03 10.89
C LYS C 1086 -37.05 -74.68 10.19
N ALA C 1087 -36.20 -73.73 10.53
CA ALA C 1087 -36.22 -72.42 9.90
C ALA C 1087 -35.16 -72.42 8.80
N HIS C 1088 -35.61 -72.26 7.56
CA HIS C 1088 -34.74 -72.28 6.39
C HIS C 1088 -34.45 -70.87 5.91
N PHE C 1089 -33.17 -70.56 5.74
CA PHE C 1089 -32.81 -69.24 5.25
C PHE C 1089 -32.12 -69.37 3.89
N PRO C 1090 -32.27 -68.39 3.02
CA PRO C 1090 -31.60 -68.46 1.71
C PRO C 1090 -30.09 -68.39 1.85
N ARG C 1091 -29.39 -69.18 1.01
CA ARG C 1091 -27.94 -69.01 0.96
C ARG C 1091 -27.60 -67.70 0.25
N GLU C 1092 -28.31 -67.40 -0.83
CA GLU C 1092 -28.17 -66.16 -1.55
C GLU C 1092 -29.56 -65.73 -1.99
N GLY C 1093 -29.81 -64.44 -1.99
CA GLY C 1093 -31.09 -63.96 -2.44
C GLY C 1093 -32.09 -63.95 -1.32
N VAL C 1094 -33.35 -63.71 -1.69
CA VAL C 1094 -34.43 -63.60 -0.72
C VAL C 1094 -35.60 -64.46 -1.19
N PHE C 1095 -36.50 -64.74 -0.25
CA PHE C 1095 -37.74 -65.42 -0.57
C PHE C 1095 -38.80 -64.42 -0.99
N VAL C 1096 -39.51 -64.74 -2.05
CA VAL C 1096 -40.57 -63.90 -2.56
C VAL C 1096 -41.79 -64.77 -2.79
N SER C 1097 -42.96 -64.12 -2.78
CA SER C 1097 -44.21 -64.76 -3.12
C SER C 1097 -44.99 -63.85 -4.03
N ASN C 1098 -45.54 -64.45 -5.09
CA ASN C 1098 -46.41 -63.77 -6.03
C ASN C 1098 -47.86 -63.86 -5.60
N GLY C 1099 -48.09 -64.36 -4.38
CA GLY C 1099 -49.41 -64.53 -3.81
C GLY C 1099 -49.85 -65.97 -3.66
N THR C 1100 -49.26 -66.90 -4.41
CA THR C 1100 -49.65 -68.31 -4.27
C THR C 1100 -48.48 -69.26 -4.02
N HIS C 1101 -47.30 -68.94 -4.55
CA HIS C 1101 -46.15 -69.82 -4.42
C HIS C 1101 -44.92 -69.04 -3.95
N TRP C 1102 -44.11 -69.69 -3.12
CA TRP C 1102 -42.87 -69.11 -2.64
C TRP C 1102 -41.68 -69.54 -3.50
N PHE C 1103 -40.83 -68.57 -3.83
CA PHE C 1103 -39.65 -68.79 -4.64
C PHE C 1103 -38.47 -68.09 -3.97
N VAL C 1104 -37.27 -68.47 -4.36
CA VAL C 1104 -36.06 -67.79 -3.92
C VAL C 1104 -35.42 -67.15 -5.14
N THR C 1105 -34.98 -65.90 -5.00
CA THR C 1105 -34.38 -65.22 -6.14
C THR C 1105 -33.29 -64.27 -5.69
N GLN C 1106 -32.35 -64.04 -6.60
CA GLN C 1106 -31.24 -63.12 -6.37
C GLN C 1106 -31.75 -61.70 -6.10
N ARG C 1107 -31.06 -61.01 -5.20
CA ARG C 1107 -31.52 -59.71 -4.70
C ARG C 1107 -31.68 -58.66 -5.79
N ASN C 1108 -30.80 -58.64 -6.78
CA ASN C 1108 -30.77 -57.54 -7.75
C ASN C 1108 -31.44 -57.88 -9.09
N PHE C 1109 -32.14 -58.99 -9.20
CA PHE C 1109 -32.76 -59.33 -10.47
C PHE C 1109 -33.79 -60.42 -10.31
N TYR C 1110 -35.04 -60.18 -10.72
CA TYR C 1110 -36.08 -61.15 -10.49
C TYR C 1110 -35.88 -62.37 -11.38
N GLU C 1111 -35.65 -63.52 -10.75
CA GLU C 1111 -35.38 -64.77 -11.46
C GLU C 1111 -35.82 -65.91 -10.55
N PRO C 1112 -37.13 -66.19 -10.51
CA PRO C 1112 -37.63 -67.11 -9.48
C PRO C 1112 -37.17 -68.53 -9.73
N GLN C 1113 -36.74 -69.17 -8.64
CA GLN C 1113 -36.34 -70.56 -8.66
C GLN C 1113 -37.12 -71.32 -7.60
N ILE C 1114 -37.28 -72.62 -7.80
CA ILE C 1114 -37.94 -73.46 -6.81
C ILE C 1114 -37.06 -73.53 -5.56
N ILE C 1115 -37.70 -73.43 -4.40
CA ILE C 1115 -36.99 -73.47 -3.13
C ILE C 1115 -36.63 -74.92 -2.84
N THR C 1116 -35.33 -75.19 -2.69
CA THR C 1116 -34.85 -76.54 -2.48
C THR C 1116 -33.82 -76.55 -1.36
N THR C 1117 -33.42 -77.75 -0.96
CA THR C 1117 -32.40 -77.92 0.07
C THR C 1117 -31.03 -77.47 -0.40
N ASP C 1118 -30.84 -77.24 -1.70
CA ASP C 1118 -29.57 -76.79 -2.23
C ASP C 1118 -29.51 -75.27 -2.36
N ASN C 1119 -30.61 -74.58 -2.04
CA ASN C 1119 -30.67 -73.13 -2.05
C ASN C 1119 -30.69 -72.52 -0.66
N THR C 1120 -31.16 -73.26 0.34
CA THR C 1120 -31.33 -72.77 1.69
C THR C 1120 -30.49 -73.59 2.67
N PHE C 1121 -30.38 -73.06 3.89
CA PHE C 1121 -29.70 -73.75 4.98
C PHE C 1121 -30.59 -73.68 6.21
N VAL C 1122 -30.37 -74.62 7.14
CA VAL C 1122 -31.19 -74.74 8.33
C VAL C 1122 -30.42 -74.20 9.53
N SER C 1123 -31.07 -73.36 10.32
CA SER C 1123 -30.50 -72.86 11.58
C SER C 1123 -31.64 -72.55 12.53
N GLY C 1124 -31.66 -73.22 13.69
CA GLY C 1124 -32.71 -72.96 14.64
C GLY C 1124 -34.04 -73.55 14.19
N ASN C 1125 -35.13 -72.98 14.71
CA ASN C 1125 -36.45 -73.51 14.46
C ASN C 1125 -37.45 -72.36 14.32
N CYS C 1126 -38.70 -72.71 14.04
CA CYS C 1126 -39.77 -71.77 13.74
C CYS C 1126 -40.17 -70.88 14.90
N ASP C 1127 -39.75 -71.21 16.13
CA ASP C 1127 -40.17 -70.44 17.29
C ASP C 1127 -39.27 -69.25 17.60
N VAL C 1128 -38.23 -69.02 16.81
CA VAL C 1128 -37.27 -67.97 17.07
C VAL C 1128 -37.42 -66.80 16.10
N VAL C 1129 -37.61 -67.07 14.81
CA VAL C 1129 -37.58 -66.03 13.81
C VAL C 1129 -38.93 -65.31 13.77
N ILE C 1130 -38.88 -63.99 13.88
CA ILE C 1130 -40.08 -63.17 13.87
C ILE C 1130 -40.56 -62.99 12.43
N GLY C 1131 -41.80 -63.38 12.16
CA GLY C 1131 -42.36 -63.25 10.83
C GLY C 1131 -42.17 -64.43 9.91
N ILE C 1132 -41.67 -65.56 10.42
CA ILE C 1132 -41.48 -66.75 9.59
C ILE C 1132 -42.83 -67.28 9.12
N VAL C 1133 -42.89 -67.74 7.87
CA VAL C 1133 -44.14 -68.22 7.29
C VAL C 1133 -44.00 -69.69 6.92
N ASN C 1134 -45.15 -70.34 6.77
CA ASN C 1134 -45.23 -71.74 6.38
C ASN C 1134 -45.19 -71.93 4.87
N ASN C 1135 -44.38 -72.90 4.44
CA ASN C 1135 -44.34 -73.32 3.05
C ASN C 1135 -43.79 -74.74 3.00
N THR C 1136 -43.33 -75.15 1.83
CA THR C 1136 -42.67 -76.45 1.65
C THR C 1136 -41.32 -76.24 0.99
N VAL C 1137 -40.37 -77.09 1.34
CA VAL C 1137 -39.04 -77.09 0.76
C VAL C 1137 -38.85 -78.38 -0.02
N TYR C 1138 -38.58 -78.24 -1.33
CA TYR C 1138 -38.44 -79.39 -2.20
C TYR C 1138 -37.09 -80.04 -1.97
N ASP C 1139 -37.08 -81.37 -1.84
CA ASP C 1139 -35.83 -82.09 -1.67
C ASP C 1139 -35.48 -82.85 -2.94
N PRO C 1140 -34.49 -82.39 -3.70
CA PRO C 1140 -34.15 -83.07 -4.97
C PRO C 1140 -33.79 -84.53 -4.80
N LEU C 1141 -33.40 -84.96 -3.61
CA LEU C 1141 -33.02 -86.35 -3.39
C LEU C 1141 -34.22 -87.29 -3.33
N GLN C 1142 -35.34 -86.80 -2.77
CA GLN C 1142 -36.54 -87.60 -2.54
C GLN C 1142 -36.96 -88.36 -3.80
N PRO C 1143 -37.20 -87.68 -4.94
CA PRO C 1143 -37.65 -88.42 -6.13
C PRO C 1143 -36.64 -89.43 -6.65
N GLU C 1144 -35.36 -89.27 -6.32
CA GLU C 1144 -34.36 -90.20 -6.82
C GLU C 1144 -34.38 -91.52 -6.06
N LEU C 1145 -34.71 -91.47 -4.77
CA LEU C 1145 -34.81 -92.70 -3.97
C LEU C 1145 -36.22 -93.29 -4.02
N ASP C 1146 -37.23 -92.45 -4.26
CA ASP C 1146 -38.60 -92.95 -4.31
C ASP C 1146 -38.81 -93.82 -5.55
N SER C 1147 -38.29 -93.40 -6.70
CA SER C 1147 -38.41 -94.16 -7.94
C SER C 1147 -37.34 -95.24 -8.02
N GLU D 14 9.09 73.59 4.75
CA GLU D 14 7.74 74.05 5.07
C GLU D 14 6.70 73.28 4.28
N VAL D 15 5.76 72.66 5.00
CA VAL D 15 4.75 71.80 4.38
C VAL D 15 3.68 72.69 3.78
N GLN D 16 3.51 72.62 2.46
CA GLN D 16 2.63 73.54 1.77
C GLN D 16 2.29 72.99 0.39
N LEU D 17 1.24 73.56 -0.20
CA LEU D 17 0.83 73.28 -1.56
C LEU D 17 0.60 74.61 -2.27
N VAL D 18 1.29 74.82 -3.39
CA VAL D 18 1.20 76.06 -4.15
C VAL D 18 0.56 75.74 -5.49
N GLU D 19 -0.55 76.40 -5.79
CA GLU D 19 -1.29 76.16 -7.02
C GLU D 19 -0.91 77.18 -8.10
N SER D 20 -1.20 76.81 -9.34
CA SER D 20 -0.92 77.69 -10.46
C SER D 20 -1.69 77.21 -11.68
N GLY D 21 -1.87 78.11 -12.65
CA GLY D 21 -2.50 77.80 -13.91
C GLY D 21 -3.86 78.42 -14.13
N GLY D 22 -4.42 79.11 -13.13
CA GLY D 22 -5.72 79.72 -13.31
C GLY D 22 -5.67 80.89 -14.27
N GLY D 23 -6.78 81.10 -14.98
CA GLY D 23 -6.86 82.20 -15.91
C GLY D 23 -8.21 82.20 -16.60
N LEU D 24 -8.30 83.03 -17.64
CA LEU D 24 -9.53 83.20 -18.40
C LEU D 24 -9.48 82.33 -19.65
N VAL D 25 -10.55 81.56 -19.88
CA VAL D 25 -10.59 80.58 -20.95
C VAL D 25 -11.94 80.69 -21.65
N LYS D 26 -11.96 80.42 -22.99
CA LYS D 26 -13.25 80.39 -23.64
C LYS D 26 -13.86 79.00 -23.59
N PRO D 27 -15.19 78.90 -23.61
CA PRO D 27 -15.84 77.59 -23.54
C PRO D 27 -15.37 76.65 -24.63
N GLY D 28 -15.12 75.40 -24.25
CA GLY D 28 -14.62 74.40 -25.17
C GLY D 28 -13.12 74.24 -25.20
N GLU D 29 -12.37 75.24 -24.73
CA GLU D 29 -10.91 75.19 -24.77
C GLU D 29 -10.39 74.26 -23.67
N SER D 30 -9.09 74.32 -23.41
CA SER D 30 -8.45 73.46 -22.43
C SER D 30 -7.49 74.28 -21.57
N LEU D 31 -7.36 73.88 -20.31
CA LEU D 31 -6.49 74.56 -19.36
C LEU D 31 -5.94 73.54 -18.39
N ARG D 32 -4.70 73.71 -17.98
CA ARG D 32 -4.02 72.72 -17.16
C ARG D 32 -3.55 73.39 -15.87
N LEU D 33 -3.98 72.86 -14.74
CA LEU D 33 -3.60 73.39 -13.44
C LEU D 33 -2.49 72.56 -12.83
N SER D 34 -1.67 73.21 -12.00
CA SER D 34 -0.53 72.59 -11.33
C SER D 34 -0.62 72.85 -9.84
N CYS D 35 -0.12 71.88 -9.07
CA CYS D 35 -0.08 71.93 -7.61
C CYS D 35 1.27 71.39 -7.16
N ALA D 36 2.10 72.26 -6.60
CA ALA D 36 3.45 71.91 -6.17
C ALA D 36 3.45 71.66 -4.67
N ALA D 37 3.98 70.51 -4.27
CA ALA D 37 3.98 70.06 -2.89
C ALA D 37 5.36 70.25 -2.28
N SER D 38 5.40 70.68 -1.02
CA SER D 38 6.66 70.94 -0.34
C SER D 38 6.55 70.54 1.12
N GLY D 39 7.66 70.05 1.67
CA GLY D 39 7.73 69.76 3.08
C GLY D 39 7.21 68.40 3.49
N PHE D 40 6.87 67.53 2.55
CA PHE D 40 6.42 66.18 2.89
C PHE D 40 6.65 65.27 1.69
N THR D 41 6.70 63.98 1.98
CA THR D 41 6.83 62.93 0.95
C THR D 41 5.55 62.90 0.12
N PHE D 42 5.57 63.59 -1.02
CA PHE D 42 4.37 63.71 -1.84
C PHE D 42 3.91 62.36 -2.37
N SER D 43 4.84 61.43 -2.62
CA SER D 43 4.48 60.14 -3.19
C SER D 43 3.76 59.23 -2.21
N ASP D 44 3.75 59.57 -0.92
CA ASP D 44 3.08 58.74 0.09
C ASP D 44 1.61 59.07 0.24
N TYR D 45 1.14 60.19 -0.30
CA TYR D 45 -0.23 60.64 -0.12
C TYR D 45 -1.03 60.48 -1.41
N TYR D 46 -2.33 60.30 -1.27
CA TYR D 46 -3.25 60.45 -2.38
C TYR D 46 -3.75 61.88 -2.44
N MET D 47 -3.95 62.38 -3.66
CA MET D 47 -4.30 63.78 -3.86
C MET D 47 -5.73 63.92 -4.38
N THR D 48 -6.30 65.10 -4.17
CA THR D 48 -7.66 65.37 -4.63
C THR D 48 -7.74 66.79 -5.16
N TRP D 49 -8.68 67.00 -6.07
CA TRP D 49 -9.07 68.32 -6.53
C TRP D 49 -10.49 68.62 -6.05
N ILE D 50 -10.69 69.82 -5.53
CA ILE D 50 -11.96 70.28 -4.98
C ILE D 50 -12.22 71.69 -5.48
N ARG D 51 -13.41 71.96 -6.01
CA ARG D 51 -13.68 73.28 -6.54
C ARG D 51 -14.85 73.92 -5.80
N GLN D 52 -14.99 75.23 -6.00
CA GLN D 52 -16.05 76.00 -5.36
C GLN D 52 -16.44 77.14 -6.31
N ALA D 53 -17.62 77.02 -6.91
CA ALA D 53 -18.14 78.06 -7.78
C ALA D 53 -18.44 79.32 -6.98
N PRO D 54 -18.44 80.49 -7.63
CA PRO D 54 -18.69 81.74 -6.90
C PRO D 54 -20.05 81.70 -6.19
N GLY D 55 -20.03 82.05 -4.90
CA GLY D 55 -21.24 82.07 -4.10
C GLY D 55 -21.86 80.72 -3.83
N LYS D 56 -21.12 79.64 -4.08
CA LYS D 56 -21.61 78.28 -3.90
C LYS D 56 -20.74 77.55 -2.88
N GLY D 57 -21.11 76.31 -2.58
CA GLY D 57 -20.41 75.53 -1.60
C GLY D 57 -19.22 74.78 -2.18
N LEU D 58 -18.58 73.98 -1.35
CA LEU D 58 -17.44 73.19 -1.78
C LEU D 58 -17.90 71.96 -2.56
N GLU D 59 -17.21 71.67 -3.65
CA GLU D 59 -17.53 70.52 -4.50
C GLU D 59 -16.28 69.70 -4.72
N TRP D 60 -16.34 68.42 -4.36
CA TRP D 60 -15.24 67.51 -4.66
C TRP D 60 -15.21 67.21 -6.16
N VAL D 61 -14.02 67.30 -6.75
CA VAL D 61 -13.85 67.16 -8.19
C VAL D 61 -13.22 65.82 -8.55
N SER D 62 -12.02 65.55 -8.06
CA SER D 62 -11.30 64.37 -8.50
C SER D 62 -10.41 63.83 -7.39
N TYR D 63 -9.94 62.61 -7.61
CA TYR D 63 -9.08 61.89 -6.67
C TYR D 63 -8.09 61.04 -7.44
N ILE D 64 -6.83 61.06 -7.02
CA ILE D 64 -5.78 60.21 -7.56
C ILE D 64 -5.06 59.53 -6.42
N ARG D 65 -4.73 58.25 -6.61
CA ARG D 65 -4.14 57.43 -5.57
C ARG D 65 -2.70 57.87 -5.29
N SER D 66 -2.09 57.25 -4.27
CA SER D 66 -0.72 57.57 -3.89
C SER D 66 0.24 57.55 -5.07
N SER D 67 0.07 56.58 -5.98
CA SER D 67 0.90 56.50 -7.18
C SER D 67 0.06 56.43 -8.45
N GLY D 68 -1.23 56.72 -8.38
CA GLY D 68 -2.04 56.91 -9.56
C GLY D 68 -2.65 55.66 -10.15
N HIS D 69 -2.66 54.55 -9.40
CA HIS D 69 -3.24 53.32 -9.93
C HIS D 69 -4.76 53.29 -9.81
N THR D 70 -5.35 54.18 -9.00
CA THR D 70 -6.79 54.38 -8.97
C THR D 70 -7.06 55.87 -9.17
N ILE D 71 -8.10 56.17 -9.94
CA ILE D 71 -8.48 57.54 -10.25
C ILE D 71 -10.00 57.61 -10.24
N TYR D 72 -10.54 58.72 -9.73
CA TYR D 72 -11.97 58.91 -9.65
C TYR D 72 -12.32 60.36 -9.94
N TYR D 73 -13.46 60.57 -10.61
CA TYR D 73 -13.93 61.89 -10.98
C TYR D 73 -15.39 62.04 -10.59
N ALA D 74 -15.77 63.25 -10.19
CA ALA D 74 -17.18 63.56 -10.01
C ALA D 74 -17.90 63.47 -11.36
N ASP D 75 -19.19 63.10 -11.29
CA ASP D 75 -19.95 62.90 -12.52
C ASP D 75 -20.01 64.16 -13.37
N SER D 76 -19.95 65.33 -12.74
CA SER D 76 -20.02 66.59 -13.49
C SER D 76 -18.78 66.84 -14.35
N VAL D 77 -17.69 66.11 -14.12
CA VAL D 77 -16.43 66.33 -14.82
C VAL D 77 -15.90 65.06 -15.48
N LYS D 78 -16.60 63.94 -15.36
CA LYS D 78 -16.14 62.70 -15.97
C LYS D 78 -16.06 62.86 -17.48
N GLY D 79 -14.99 62.32 -18.07
CA GLY D 79 -14.77 62.38 -19.50
C GLY D 79 -14.13 63.65 -20.01
N ARG D 80 -14.17 64.73 -19.25
CA ARG D 80 -13.58 66.00 -19.66
C ARG D 80 -12.36 66.39 -18.84
N PHE D 81 -12.30 66.01 -17.58
CA PHE D 81 -11.17 66.34 -16.71
C PHE D 81 -10.28 65.13 -16.52
N THR D 82 -8.98 65.39 -16.36
CA THR D 82 -7.99 64.33 -16.15
C THR D 82 -7.04 64.75 -15.06
N ILE D 83 -6.94 63.94 -14.01
CA ILE D 83 -6.03 64.19 -12.91
C ILE D 83 -4.79 63.33 -13.10
N SER D 84 -3.64 63.86 -12.70
CA SER D 84 -2.39 63.11 -12.84
C SER D 84 -1.39 63.63 -11.84
N ARG D 85 -0.34 62.86 -11.60
CA ARG D 85 0.71 63.28 -10.69
C ARG D 85 2.07 62.85 -11.21
N ASP D 86 3.10 63.59 -10.81
CA ASP D 86 4.49 63.30 -11.11
C ASP D 86 5.21 63.27 -9.76
N ASN D 87 5.30 62.08 -9.17
CA ASN D 87 5.89 61.93 -7.85
C ASN D 87 7.35 62.36 -7.85
N ALA D 88 8.05 62.19 -8.97
CA ALA D 88 9.43 62.66 -9.04
C ALA D 88 9.50 64.17 -9.00
N LYS D 89 8.62 64.84 -9.75
CA LYS D 89 8.55 66.29 -9.73
C LYS D 89 7.78 66.81 -8.53
N ASN D 90 7.23 65.91 -7.70
CA ASN D 90 6.45 66.28 -6.53
C ASN D 90 5.30 67.20 -6.92
N SER D 91 4.62 66.86 -8.03
CA SER D 91 3.63 67.77 -8.60
C SER D 91 2.34 67.03 -8.93
N LEU D 92 1.24 67.76 -8.88
CA LEU D 92 -0.07 67.26 -9.27
C LEU D 92 -0.62 68.14 -10.39
N TYR D 93 -1.29 67.53 -11.36
CA TYR D 93 -1.80 68.25 -12.51
C TYR D 93 -3.27 67.93 -12.69
N LEU D 94 -4.01 68.89 -13.23
CA LEU D 94 -5.39 68.70 -13.67
C LEU D 94 -5.58 69.29 -15.08
N GLN D 95 -5.66 68.42 -16.07
CA GLN D 95 -5.93 68.82 -17.45
C GLN D 95 -7.44 68.89 -17.65
N MET D 96 -7.95 70.09 -17.94
CA MET D 96 -9.38 70.34 -18.08
C MET D 96 -9.66 70.62 -19.55
N ASN D 97 -10.33 69.68 -20.21
CA ASN D 97 -10.75 69.84 -21.60
C ASN D 97 -12.26 70.03 -21.67
N SER D 98 -12.71 70.57 -22.80
CA SER D 98 -14.13 70.80 -23.06
C SER D 98 -14.77 71.60 -21.93
N LEU D 99 -14.07 72.66 -21.52
CA LEU D 99 -14.53 73.48 -20.40
C LEU D 99 -15.89 74.10 -20.69
N ARG D 100 -16.67 74.29 -19.63
CA ARG D 100 -18.01 74.87 -19.71
C ARG D 100 -18.08 76.08 -18.78
N VAL D 101 -19.13 76.88 -18.98
CA VAL D 101 -19.29 78.10 -18.20
C VAL D 101 -19.41 77.79 -16.72
N GLU D 102 -20.17 76.75 -16.38
CA GLU D 102 -20.35 76.35 -14.98
C GLU D 102 -19.07 75.82 -14.34
N ASP D 103 -18.03 75.54 -15.12
CA ASP D 103 -16.73 75.18 -14.55
C ASP D 103 -16.02 76.36 -13.91
N THR D 104 -16.54 77.57 -14.02
CA THR D 104 -15.93 78.73 -13.38
C THR D 104 -15.99 78.55 -11.86
N ALA D 105 -14.82 78.54 -11.22
CA ALA D 105 -14.75 78.27 -9.79
C ALA D 105 -13.33 78.52 -9.30
N VAL D 106 -13.18 78.58 -7.98
CA VAL D 106 -11.86 78.50 -7.37
C VAL D 106 -11.54 77.03 -7.13
N TYR D 107 -10.38 76.59 -7.62
CA TYR D 107 -9.93 75.22 -7.55
C TYR D 107 -8.84 75.08 -6.49
N TYR D 108 -8.98 74.06 -5.64
CA TYR D 108 -8.01 73.73 -4.61
C TYR D 108 -7.49 72.32 -4.86
N CYS D 109 -6.21 72.11 -4.57
CA CYS D 109 -5.66 70.77 -4.41
C CYS D 109 -5.50 70.47 -2.93
N ALA D 110 -5.80 69.22 -2.56
CA ALA D 110 -5.69 68.82 -1.16
C ALA D 110 -5.03 67.45 -1.06
N ARG D 111 -4.05 67.34 -0.18
CA ARG D 111 -3.37 66.07 0.05
C ARG D 111 -4.20 65.22 1.01
N GLY D 112 -4.40 63.96 0.66
CA GLY D 112 -5.17 63.09 1.52
C GLY D 112 -4.35 62.54 2.67
N GLY D 113 -4.28 61.21 2.76
CA GLY D 113 -3.56 60.54 3.81
C GLY D 113 -2.60 59.51 3.25
N VAL D 114 -1.92 58.82 4.16
CA VAL D 114 -0.88 57.85 3.81
C VAL D 114 -1.53 56.48 3.80
N LEU D 115 -1.69 55.91 2.61
CA LEU D 115 -2.20 54.55 2.48
C LEU D 115 -1.22 53.57 3.11
N ARG D 116 -1.67 52.89 4.16
CA ARG D 116 -0.88 51.85 4.81
C ARG D 116 -1.62 50.52 4.71
N PHE D 117 -0.97 49.47 5.20
CA PHE D 117 -1.50 48.11 5.08
C PHE D 117 -2.73 47.94 5.96
N LEU D 118 -3.87 47.61 5.34
CA LEU D 118 -5.12 47.34 6.05
C LEU D 118 -5.56 48.52 6.90
N GLU D 119 -5.43 49.74 6.37
CA GLU D 119 -5.87 50.91 7.11
C GLU D 119 -6.14 52.06 6.15
N TRP D 120 -7.38 52.52 6.11
CA TRP D 120 -7.71 53.77 5.45
C TRP D 120 -7.37 54.94 6.37
N PRO D 121 -6.55 55.90 5.95
CA PRO D 121 -5.98 56.85 6.90
C PRO D 121 -7.04 57.80 7.46
N LEU D 122 -7.03 57.96 8.78
CA LEU D 122 -7.90 58.96 9.40
C LEU D 122 -7.31 60.37 9.32
N ASN D 123 -5.98 60.48 9.23
CA ASN D 123 -5.33 61.77 9.05
C ASN D 123 -5.27 62.08 7.56
N ALA D 124 -6.14 62.97 7.09
CA ALA D 124 -6.19 63.32 5.68
C ALA D 124 -6.73 64.74 5.54
N PHE D 125 -6.53 65.30 4.35
CA PHE D 125 -7.14 66.57 3.96
C PHE D 125 -6.79 67.70 4.92
N ASP D 126 -5.63 67.62 5.55
CA ASP D 126 -5.21 68.63 6.52
C ASP D 126 -4.38 69.75 5.92
N ILE D 127 -4.06 69.67 4.64
CA ILE D 127 -3.24 70.68 3.97
C ILE D 127 -3.83 70.94 2.59
N TRP D 128 -4.19 72.18 2.31
CA TRP D 128 -4.77 72.57 1.03
C TRP D 128 -3.89 73.62 0.37
N GLY D 129 -4.10 73.80 -0.93
CA GLY D 129 -3.50 74.91 -1.65
C GLY D 129 -4.18 76.23 -1.34
N GLN D 130 -3.61 77.29 -1.89
CA GLN D 130 -4.21 78.62 -1.75
C GLN D 130 -5.39 78.85 -2.68
N GLY D 131 -5.65 77.94 -3.60
CA GLY D 131 -6.72 78.17 -4.56
C GLY D 131 -6.25 78.90 -5.79
N THR D 132 -6.90 78.61 -6.92
CA THR D 132 -6.66 79.34 -8.15
C THR D 132 -7.98 79.50 -8.89
N MET D 133 -8.19 80.67 -9.49
CA MET D 133 -9.48 81.00 -10.08
C MET D 133 -9.50 80.61 -11.55
N VAL D 134 -10.54 79.90 -11.96
CA VAL D 134 -10.75 79.53 -13.36
C VAL D 134 -12.06 80.15 -13.79
N THR D 135 -12.02 80.95 -14.85
CA THR D 135 -13.20 81.60 -15.41
C THR D 135 -13.36 81.19 -16.86
N VAL D 136 -14.49 80.57 -17.17
CA VAL D 136 -14.80 80.13 -18.53
C VAL D 136 -15.86 81.06 -19.07
N SER D 137 -15.50 81.86 -20.07
CA SER D 137 -16.40 82.86 -20.63
C SER D 137 -15.93 83.22 -22.03
N SER D 138 -16.87 83.77 -22.81
CA SER D 138 -16.55 84.27 -24.14
C SER D 138 -16.00 85.69 -24.13
N ALA D 139 -16.12 86.40 -23.00
CA ALA D 139 -15.66 87.78 -22.92
C ALA D 139 -14.14 87.84 -22.83
N SER D 140 -13.59 88.99 -23.19
CA SER D 140 -12.15 89.19 -23.26
C SER D 140 -11.65 89.93 -22.03
N THR D 141 -10.35 89.77 -21.76
CA THR D 141 -9.74 90.40 -20.60
C THR D 141 -9.78 91.92 -20.73
N LYS D 142 -9.86 92.59 -19.58
CA LYS D 142 -9.74 94.05 -19.53
C LYS D 142 -9.21 94.45 -18.16
N GLY D 143 -8.17 95.28 -18.16
CA GLY D 143 -7.62 95.80 -16.93
C GLY D 143 -8.49 96.87 -16.33
N PRO D 144 -8.41 97.04 -15.01
CA PRO D 144 -9.25 98.02 -14.33
C PRO D 144 -8.66 99.43 -14.33
N SER D 145 -9.54 100.40 -14.13
CA SER D 145 -9.16 101.77 -13.82
C SER D 145 -9.29 101.99 -12.31
N VAL D 146 -8.31 102.65 -11.73
CA VAL D 146 -8.26 102.87 -10.29
C VAL D 146 -8.42 104.36 -10.03
N PHE D 147 -9.55 104.74 -9.43
CA PHE D 147 -9.78 106.14 -9.13
C PHE D 147 -9.85 106.36 -7.62
N PRO D 148 -9.31 107.46 -7.11
CA PRO D 148 -9.34 107.66 -5.66
C PRO D 148 -10.71 108.14 -5.19
N LEU D 149 -11.06 107.73 -3.97
CA LEU D 149 -12.19 108.23 -3.21
C LEU D 149 -11.59 109.09 -2.10
N ALA D 150 -11.42 110.37 -2.39
CA ALA D 150 -10.67 111.27 -1.53
C ALA D 150 -11.43 111.52 -0.23
N PRO D 151 -10.73 111.65 0.90
CA PRO D 151 -11.42 111.91 2.17
C PRO D 151 -12.17 113.23 2.15
N SER D 152 -13.15 113.34 3.04
CA SER D 152 -14.00 114.52 3.08
C SER D 152 -13.19 115.76 3.41
N SER D 153 -13.48 116.84 2.68
CA SER D 153 -12.87 118.13 2.99
C SER D 153 -13.43 118.73 4.28
N LYS D 154 -14.70 118.45 4.58
CA LYS D 154 -15.26 118.88 5.86
C LYS D 154 -14.68 118.05 7.00
N SER D 155 -14.79 116.72 6.91
CA SER D 155 -14.31 115.81 7.93
C SER D 155 -14.89 116.15 9.30
N THR D 156 -14.09 115.95 10.35
CA THR D 156 -14.52 116.24 11.71
C THR D 156 -13.31 116.69 12.51
N SER D 157 -13.57 117.45 13.57
CA SER D 157 -12.51 117.86 14.48
C SER D 157 -12.13 116.75 15.45
N GLY D 158 -13.04 115.81 15.72
CA GLY D 158 -12.74 114.68 16.58
C GLY D 158 -11.88 113.63 15.91
N GLY D 159 -12.21 113.28 14.67
CA GLY D 159 -11.45 112.32 13.92
C GLY D 159 -12.37 111.39 13.15
N THR D 160 -11.82 110.24 12.79
CA THR D 160 -12.52 109.19 12.05
C THR D 160 -13.09 109.69 10.72
N ALA D 161 -12.23 109.74 9.71
CA ALA D 161 -12.62 110.03 8.33
C ALA D 161 -12.47 108.76 7.50
N ALA D 162 -12.87 108.83 6.24
CA ALA D 162 -12.88 107.69 5.35
C ALA D 162 -12.29 108.04 3.99
N LEU D 163 -11.44 107.15 3.46
CA LEU D 163 -10.88 107.32 2.13
C LEU D 163 -10.83 105.94 1.46
N GLY D 164 -10.61 105.92 0.15
CA GLY D 164 -10.59 104.61 -0.50
C GLY D 164 -10.25 104.68 -1.96
N CYS D 165 -10.42 103.53 -2.62
CA CYS D 165 -10.14 103.37 -4.05
C CYS D 165 -11.30 102.65 -4.73
N LEU D 166 -11.62 103.11 -5.95
CA LEU D 166 -12.60 102.50 -6.83
C LEU D 166 -11.88 101.76 -7.95
N VAL D 167 -12.08 100.45 -8.03
CA VAL D 167 -11.49 99.59 -9.05
C VAL D 167 -12.61 99.26 -10.03
N LYS D 168 -12.67 100.00 -11.14
CA LYS D 168 -13.81 100.03 -12.04
C LYS D 168 -13.45 99.43 -13.39
N ASP D 169 -14.39 98.68 -13.96
CA ASP D 169 -14.33 98.23 -15.36
C ASP D 169 -13.18 97.26 -15.60
N TYR D 170 -13.24 96.07 -15.01
CA TYR D 170 -12.25 95.04 -15.23
C TYR D 170 -12.95 93.70 -15.49
N PHE D 171 -12.19 92.79 -16.09
CA PHE D 171 -12.68 91.43 -16.37
C PHE D 171 -11.48 90.55 -16.71
N PRO D 172 -11.44 89.30 -16.22
CA PRO D 172 -12.43 88.74 -15.30
C PRO D 172 -12.05 88.95 -13.84
N GLU D 173 -12.78 88.31 -12.93
CA GLU D 173 -12.38 88.28 -11.53
C GLU D 173 -11.11 87.45 -11.36
N PRO D 174 -10.34 87.69 -10.28
CA PRO D 174 -10.56 88.72 -9.28
C PRO D 174 -9.50 89.83 -9.31
N VAL D 175 -9.77 90.90 -8.58
CA VAL D 175 -8.76 91.91 -8.27
C VAL D 175 -8.43 91.83 -6.79
N THR D 176 -7.20 92.19 -6.45
CA THR D 176 -6.73 92.23 -5.07
C THR D 176 -6.34 93.65 -4.72
N VAL D 177 -6.77 94.13 -3.55
CA VAL D 177 -6.51 95.49 -3.10
C VAL D 177 -5.80 95.41 -1.76
N SER D 178 -4.66 96.11 -1.65
CA SER D 178 -3.98 96.25 -0.38
C SER D 178 -3.70 97.72 -0.11
N TRP D 179 -3.45 98.04 1.16
CA TRP D 179 -3.23 99.42 1.58
C TRP D 179 -1.85 99.56 2.18
N ASN D 180 -1.12 100.60 1.76
CA ASN D 180 0.21 100.92 2.27
C ASN D 180 1.12 99.70 2.22
N SER D 181 1.05 98.96 1.12
CA SER D 181 1.91 97.79 0.89
C SER D 181 1.74 96.76 2.02
N GLY D 182 0.51 96.63 2.50
CA GLY D 182 0.19 95.70 3.56
C GLY D 182 0.35 96.24 4.96
N ALA D 183 0.89 97.45 5.12
CA ALA D 183 1.10 98.04 6.44
C ALA D 183 -0.16 98.70 7.00
N LEU D 184 -1.23 98.79 6.22
CA LEU D 184 -2.52 99.31 6.69
C LEU D 184 -3.57 98.23 6.48
N THR D 185 -3.93 97.54 7.56
CA THR D 185 -4.97 96.51 7.54
C THR D 185 -6.11 96.78 8.49
N SER D 186 -5.86 97.45 9.61
CA SER D 186 -6.91 97.71 10.59
C SER D 186 -7.91 98.71 10.04
N GLY D 187 -9.19 98.33 10.05
CA GLY D 187 -10.24 99.22 9.60
C GLY D 187 -10.48 99.26 8.11
N VAL D 188 -9.96 98.28 7.37
CA VAL D 188 -10.15 98.22 5.94
C VAL D 188 -11.39 97.40 5.64
N HIS D 189 -12.13 97.81 4.61
CA HIS D 189 -13.28 97.06 4.09
C HIS D 189 -13.18 97.06 2.58
N THR D 190 -12.85 95.90 2.01
CA THR D 190 -12.85 95.68 0.56
C THR D 190 -14.15 94.99 0.18
N PHE D 191 -15.02 95.70 -0.53
CA PHE D 191 -16.37 95.21 -0.77
C PHE D 191 -16.37 94.13 -1.84
N PRO D 192 -17.33 93.21 -1.80
CA PRO D 192 -17.50 92.27 -2.91
C PRO D 192 -17.77 93.00 -4.23
N ALA D 193 -17.15 92.51 -5.29
CA ALA D 193 -17.32 93.11 -6.61
C ALA D 193 -18.77 93.00 -7.06
N VAL D 194 -19.19 93.97 -7.86
CA VAL D 194 -20.50 93.95 -8.51
C VAL D 194 -20.31 93.87 -10.01
N LEU D 195 -21.16 93.11 -10.68
CA LEU D 195 -21.12 92.97 -12.13
C LEU D 195 -21.99 94.06 -12.75
N GLN D 196 -21.38 94.99 -13.46
CA GLN D 196 -22.12 96.07 -14.08
C GLN D 196 -22.78 95.60 -15.36
N SER D 197 -23.79 96.37 -15.80
CA SER D 197 -24.54 96.00 -17.00
C SER D 197 -23.67 95.95 -18.24
N SER D 198 -22.49 96.58 -18.21
CA SER D 198 -21.55 96.54 -19.32
C SER D 198 -20.82 95.21 -19.45
N GLY D 199 -21.03 94.27 -18.52
CA GLY D 199 -20.24 93.07 -18.47
C GLY D 199 -18.95 93.18 -17.71
N LEU D 200 -18.63 94.36 -17.17
CA LEU D 200 -17.40 94.60 -16.42
C LEU D 200 -17.71 94.65 -14.93
N TYR D 201 -16.71 94.32 -14.13
CA TYR D 201 -16.86 94.32 -12.69
C TYR D 201 -16.44 95.67 -12.08
N SER D 202 -16.98 95.94 -10.90
CA SER D 202 -16.65 97.15 -10.15
C SER D 202 -16.55 96.79 -8.68
N LEU D 203 -15.54 97.35 -8.03
CA LEU D 203 -15.22 97.02 -6.64
C LEU D 203 -14.75 98.28 -5.93
N SER D 204 -15.10 98.40 -4.66
CA SER D 204 -14.66 99.54 -3.86
C SER D 204 -13.92 99.02 -2.63
N SER D 205 -12.94 99.80 -2.18
CA SER D 205 -12.19 99.45 -0.98
C SER D 205 -11.98 100.72 -0.18
N VAL D 206 -12.37 100.70 1.10
CA VAL D 206 -12.34 101.89 1.92
C VAL D 206 -11.62 101.59 3.22
N VAL D 207 -11.14 102.65 3.85
CA VAL D 207 -10.47 102.57 5.15
C VAL D 207 -10.77 103.85 5.93
N THR D 208 -11.00 103.67 7.23
CA THR D 208 -11.25 104.78 8.14
C THR D 208 -9.98 105.08 8.92
N VAL D 209 -9.58 106.35 8.91
CA VAL D 209 -8.34 106.77 9.55
C VAL D 209 -8.60 108.02 10.37
N PRO D 210 -7.73 108.33 11.33
CA PRO D 210 -7.90 109.57 12.08
C PRO D 210 -7.83 110.78 11.17
N SER D 211 -8.65 111.80 11.47
CA SER D 211 -8.65 113.01 10.67
C SER D 211 -7.37 113.81 10.86
N SER D 212 -6.75 113.71 12.04
CA SER D 212 -5.47 114.37 12.27
C SER D 212 -4.32 113.72 11.51
N SER D 213 -4.53 112.54 10.94
CA SER D 213 -3.51 111.89 10.14
C SER D 213 -3.53 112.30 8.67
N LEU D 214 -4.61 112.95 8.21
CA LEU D 214 -4.76 113.25 6.79
C LEU D 214 -3.69 114.19 6.27
N GLY D 215 -3.06 114.98 7.14
CA GLY D 215 -2.01 115.87 6.74
C GLY D 215 -0.62 115.33 6.98
N THR D 216 -0.52 114.26 7.76
CA THR D 216 0.78 113.72 8.16
C THR D 216 1.06 112.33 7.61
N GLN D 217 0.04 111.62 7.11
CA GLN D 217 0.19 110.23 6.70
C GLN D 217 -0.15 110.10 5.23
N THR D 218 0.68 109.37 4.49
CA THR D 218 0.43 109.08 3.09
C THR D 218 -0.39 107.80 2.97
N TYR D 219 -1.32 107.79 2.03
CA TYR D 219 -2.19 106.63 1.80
C TYR D 219 -2.17 106.27 0.33
N ILE D 220 -1.77 105.04 0.02
CA ILE D 220 -1.68 104.55 -1.34
C ILE D 220 -2.34 103.18 -1.38
N CYS D 221 -3.25 102.98 -2.33
CA CYS D 221 -3.86 101.68 -2.56
C CYS D 221 -3.17 100.94 -3.70
N ASN D 222 -2.96 99.64 -3.51
CA ASN D 222 -2.25 98.79 -4.45
C ASN D 222 -3.25 97.79 -5.03
N VAL D 223 -3.69 98.06 -6.26
CA VAL D 223 -4.65 97.24 -6.98
C VAL D 223 -3.89 96.32 -7.93
N ASN D 224 -4.19 95.03 -7.87
CA ASN D 224 -3.55 94.03 -8.72
C ASN D 224 -4.62 93.21 -9.42
N HIS D 225 -4.50 93.11 -10.75
CA HIS D 225 -5.40 92.33 -11.60
C HIS D 225 -4.49 91.45 -12.47
N LYS D 226 -4.16 90.28 -11.95
CA LYS D 226 -3.26 89.38 -12.68
C LYS D 226 -3.78 88.94 -14.04
N PRO D 227 -5.08 88.66 -14.25
CA PRO D 227 -5.51 88.24 -15.59
C PRO D 227 -5.12 89.19 -16.70
N SER D 228 -5.07 90.50 -16.42
CA SER D 228 -4.69 91.49 -17.41
C SER D 228 -3.29 92.04 -17.19
N ASN D 229 -2.56 91.49 -16.23
CA ASN D 229 -1.25 92.00 -15.83
C ASN D 229 -1.30 93.49 -15.56
N THR D 230 -2.14 93.88 -14.59
CA THR D 230 -2.33 95.28 -14.25
C THR D 230 -2.00 95.49 -12.77
N LYS D 231 -0.95 96.24 -12.49
CA LYS D 231 -0.62 96.66 -11.14
C LYS D 231 -0.62 98.18 -11.08
N VAL D 232 -1.42 98.74 -10.18
CA VAL D 232 -1.57 100.19 -10.05
C VAL D 232 -1.45 100.56 -8.58
N ASP D 233 -0.59 101.54 -8.28
CA ASP D 233 -0.52 102.13 -6.95
C ASP D 233 -1.03 103.56 -7.05
N LYS D 234 -2.18 103.81 -6.43
CA LYS D 234 -2.85 105.11 -6.51
C LYS D 234 -2.75 105.81 -5.16
N LYS D 235 -2.23 107.04 -5.18
CA LYS D 235 -2.14 107.85 -3.98
C LYS D 235 -3.50 108.46 -3.68
N VAL D 236 -3.93 108.33 -2.43
CA VAL D 236 -5.21 108.88 -1.99
C VAL D 236 -4.91 109.97 -0.97
N GLU D 237 -5.24 111.21 -1.31
CA GLU D 237 -4.95 112.38 -0.49
C GLU D 237 -6.16 113.31 -0.54
N PRO D 238 -6.29 114.20 0.45
CA PRO D 238 -7.35 115.21 0.38
C PRO D 238 -7.24 116.08 -0.86
N LYS D 239 -8.38 116.63 -1.28
CA LYS D 239 -8.43 117.39 -2.51
C LYS D 239 -7.96 118.82 -2.28
N SER D 240 -7.43 119.42 -3.34
CA SER D 240 -6.72 120.70 -3.26
C SER D 240 -7.66 121.83 -2.87
N CYS D 241 -8.13 121.82 -1.62
CA CYS D 241 -8.91 122.92 -1.06
C CYS D 241 -9.04 122.78 0.45
N ASP E 14 -24.06 56.90 -4.34
CA ASP E 14 -23.02 57.54 -3.54
C ASP E 14 -23.59 58.12 -2.26
N ILE E 15 -22.85 57.98 -1.17
CA ILE E 15 -23.30 58.49 0.13
C ILE E 15 -23.44 60.00 0.05
N GLN E 16 -24.58 60.50 0.49
CA GLN E 16 -24.87 61.93 0.50
C GLN E 16 -24.80 62.49 1.91
N LEU E 17 -24.34 63.73 2.02
CA LEU E 17 -24.26 64.43 3.29
C LEU E 17 -25.30 65.54 3.33
N THR E 18 -26.04 65.61 4.42
CA THR E 18 -27.06 66.64 4.64
C THR E 18 -26.68 67.46 5.88
N GLN E 19 -26.47 68.75 5.68
CA GLN E 19 -26.09 69.64 6.76
C GLN E 19 -27.31 70.42 7.25
N SER E 20 -27.35 70.68 8.56
CA SER E 20 -28.49 71.37 9.15
C SER E 20 -28.07 72.15 10.39
N PRO E 21 -28.51 73.40 10.54
CA PRO E 21 -29.39 74.15 9.64
C PRO E 21 -28.66 74.75 8.44
N SER E 22 -29.41 75.40 7.56
CA SER E 22 -28.79 76.11 6.44
C SER E 22 -28.12 77.39 6.92
N SER E 23 -28.82 78.17 7.74
CA SER E 23 -28.30 79.41 8.29
C SER E 23 -28.80 79.56 9.72
N LEU E 24 -27.99 80.22 10.54
CA LEU E 24 -28.36 80.44 11.94
C LEU E 24 -27.67 81.70 12.45
N SER E 25 -28.39 82.46 13.28
CA SER E 25 -27.83 83.62 13.96
C SER E 25 -27.90 83.39 15.46
N ALA E 26 -26.78 83.63 16.14
CA ALA E 26 -26.68 83.44 17.58
C ALA E 26 -25.92 84.62 18.18
N SER E 27 -25.66 84.54 19.48
CA SER E 27 -25.00 85.62 20.21
C SER E 27 -23.67 85.12 20.75
N VAL E 28 -22.76 86.08 21.02
CA VAL E 28 -21.45 85.74 21.53
C VAL E 28 -21.59 85.00 22.85
N GLY E 29 -20.97 83.83 22.94
CA GLY E 29 -21.04 82.99 24.12
C GLY E 29 -22.04 81.86 24.02
N ASP E 30 -22.98 81.93 23.08
CA ASP E 30 -23.96 80.86 22.92
C ASP E 30 -23.31 79.60 22.39
N ARG E 31 -23.94 78.46 22.69
CA ARG E 31 -23.52 77.18 22.15
C ARG E 31 -24.21 76.91 20.82
N VAL E 32 -23.43 76.64 19.79
CA VAL E 32 -23.93 76.40 18.44
C VAL E 32 -23.74 74.93 18.11
N THR E 33 -24.77 74.33 17.50
CA THR E 33 -24.73 72.91 17.15
C THR E 33 -25.12 72.76 15.69
N ILE E 34 -24.24 72.17 14.89
CA ILE E 34 -24.48 71.86 13.50
C ILE E 34 -24.51 70.35 13.32
N THR E 35 -25.47 69.86 12.55
CA THR E 35 -25.67 68.43 12.35
C THR E 35 -25.31 68.07 10.91
N CYS E 36 -24.61 66.94 10.77
CA CYS E 36 -24.29 66.36 9.48
C CYS E 36 -24.81 64.92 9.46
N ARG E 37 -25.61 64.60 8.44
CA ARG E 37 -26.28 63.32 8.33
C ARG E 37 -25.80 62.62 7.07
N ALA E 38 -25.31 61.39 7.23
CA ALA E 38 -24.81 60.60 6.12
C ALA E 38 -25.85 59.59 5.70
N SER E 39 -26.10 59.48 4.39
CA SER E 39 -27.13 58.57 3.90
C SER E 39 -26.80 57.12 4.23
N GLN E 40 -25.51 56.80 4.33
CA GLN E 40 -25.07 55.48 4.77
C GLN E 40 -23.89 55.65 5.71
N GLY E 41 -23.58 54.58 6.44
CA GLY E 41 -22.50 54.59 7.39
C GLY E 41 -21.16 54.99 6.78
N ILE E 42 -20.44 55.88 7.46
CA ILE E 42 -19.11 56.30 7.02
C ILE E 42 -18.13 56.15 8.17
N SER E 43 -18.47 55.28 9.13
CA SER E 43 -17.66 55.03 10.33
C SER E 43 -17.37 56.37 10.99
N ASN E 44 -16.11 56.72 11.25
CA ASN E 44 -15.74 58.02 11.80
C ASN E 44 -14.92 58.84 10.83
N TYR E 45 -15.08 58.57 9.52
CA TYR E 45 -14.32 59.27 8.49
C TYR E 45 -15.06 60.55 8.07
N LEU E 46 -15.13 61.48 9.02
CA LEU E 46 -15.78 62.77 8.79
C LEU E 46 -14.89 63.89 9.31
N ALA E 47 -14.91 65.01 8.60
CA ALA E 47 -14.12 66.18 8.97
C ALA E 47 -15.01 67.42 8.92
N TRP E 48 -14.65 68.41 9.74
CA TRP E 48 -15.36 69.68 9.83
C TRP E 48 -14.41 70.79 9.44
N TYR E 49 -14.88 71.68 8.57
CA TYR E 49 -14.14 72.83 8.05
C TYR E 49 -14.84 74.13 8.40
N GLN E 50 -14.03 75.15 8.66
CA GLN E 50 -14.47 76.55 8.74
C GLN E 50 -13.95 77.30 7.51
N GLN E 51 -14.81 78.07 6.87
CA GLN E 51 -14.46 78.84 5.67
C GLN E 51 -15.01 80.25 5.85
N LYS E 52 -14.11 81.19 6.16
CA LYS E 52 -14.45 82.59 6.13
C LYS E 52 -14.70 83.04 4.68
N PRO E 53 -15.51 84.09 4.49
CA PRO E 53 -15.90 84.47 3.13
C PRO E 53 -14.68 84.76 2.25
N GLY E 54 -14.65 84.12 1.09
CA GLY E 54 -13.56 84.29 0.15
C GLY E 54 -12.20 83.93 0.72
N LYS E 55 -12.10 82.75 1.33
CA LYS E 55 -10.87 82.29 1.96
C LYS E 55 -10.73 80.80 1.74
N VAL E 56 -9.52 80.30 1.96
CA VAL E 56 -9.27 78.86 1.84
C VAL E 56 -9.93 78.15 3.02
N PRO E 57 -10.67 77.06 2.80
CA PRO E 57 -11.23 76.32 3.92
C PRO E 57 -10.17 75.88 4.91
N LYS E 58 -10.48 76.04 6.19
CA LYS E 58 -9.59 75.68 7.29
C LYS E 58 -10.13 74.44 7.97
N LEU E 59 -9.28 73.43 8.14
CA LEU E 59 -9.70 72.20 8.78
C LEU E 59 -9.81 72.42 10.29
N LEU E 60 -10.96 72.10 10.85
CA LEU E 60 -11.20 72.20 12.28
C LEU E 60 -11.16 70.83 12.95
N ILE E 61 -11.99 69.90 12.48
CA ILE E 61 -12.07 68.56 13.05
C ILE E 61 -11.75 67.54 11.97
N TYR E 62 -11.09 66.45 12.36
CA TYR E 62 -10.96 65.29 11.50
C TYR E 62 -11.19 64.04 12.36
N ALA E 63 -11.38 62.91 11.68
CA ALA E 63 -11.73 61.65 12.32
C ALA E 63 -12.97 61.81 13.21
N ALA E 64 -13.90 62.64 12.75
CA ALA E 64 -15.20 62.89 13.36
C ALA E 64 -15.10 63.67 14.66
N SER E 65 -14.03 63.46 15.43
CA SER E 65 -13.95 64.03 16.77
C SER E 65 -12.57 64.56 17.16
N THR E 66 -11.56 64.43 16.31
CA THR E 66 -10.20 64.83 16.65
C THR E 66 -9.99 66.29 16.26
N LEU E 67 -9.57 67.11 17.22
CA LEU E 67 -9.37 68.53 16.99
C LEU E 67 -8.04 68.74 16.26
N GLN E 68 -8.08 69.55 15.21
CA GLN E 68 -6.86 69.90 14.49
C GLN E 68 -6.00 70.85 15.31
N SER E 69 -4.69 70.73 15.17
CA SER E 69 -3.77 71.56 15.90
C SER E 69 -4.01 73.04 15.59
N GLY E 70 -3.97 73.87 16.63
CA GLY E 70 -4.20 75.29 16.49
C GLY E 70 -5.65 75.72 16.59
N VAL E 71 -6.58 74.80 16.44
CA VAL E 71 -8.01 75.15 16.53
C VAL E 71 -8.38 75.41 17.99
N PRO E 72 -9.14 76.46 18.27
CA PRO E 72 -9.52 76.74 19.66
C PRO E 72 -10.32 75.58 20.27
N SER E 73 -10.12 75.37 21.57
CA SER E 73 -10.74 74.25 22.26
C SER E 73 -12.25 74.41 22.41
N ARG E 74 -12.82 75.57 22.07
CA ARG E 74 -14.26 75.72 22.11
C ARG E 74 -14.97 75.00 20.96
N PHE E 75 -14.21 74.55 19.96
CA PHE E 75 -14.74 73.69 18.91
C PHE E 75 -14.63 72.24 19.35
N SER E 76 -15.65 71.44 19.00
CA SER E 76 -15.65 70.03 19.34
C SER E 76 -16.52 69.27 18.35
N GLY E 77 -16.15 68.03 18.10
CA GLY E 77 -16.90 67.19 17.19
C GLY E 77 -17.30 65.90 17.85
N SER E 78 -18.42 65.35 17.41
CA SER E 78 -18.92 64.09 17.95
C SER E 78 -19.76 63.40 16.90
N GLY E 79 -19.96 62.10 17.08
CA GLY E 79 -20.80 61.35 16.16
C GLY E 79 -20.10 60.18 15.52
N SER E 80 -20.87 59.26 14.95
CA SER E 80 -20.28 58.09 14.32
C SER E 80 -21.32 57.37 13.48
N GLY E 81 -20.90 56.87 12.32
CA GLY E 81 -21.83 56.20 11.43
C GLY E 81 -22.47 57.14 10.44
N THR E 82 -23.59 57.73 10.85
CA THR E 82 -24.38 58.60 10.00
C THR E 82 -24.76 59.91 10.67
N ASP E 83 -24.72 59.99 11.99
CA ASP E 83 -25.05 61.20 12.72
C ASP E 83 -23.76 61.80 13.29
N PHE E 84 -23.49 63.06 12.94
CA PHE E 84 -22.33 63.79 13.43
C PHE E 84 -22.77 65.20 13.82
N THR E 85 -22.20 65.72 14.91
CA THR E 85 -22.54 67.04 15.39
C THR E 85 -21.27 67.82 15.71
N LEU E 86 -21.15 69.00 15.12
CA LEU E 86 -20.15 70.00 15.49
C LEU E 86 -20.71 70.95 16.53
N THR E 87 -19.93 71.24 17.55
CA THR E 87 -20.39 72.03 18.69
C THR E 87 -19.39 73.15 18.96
N ILE E 88 -19.88 74.38 18.98
CA ILE E 88 -19.11 75.54 19.41
C ILE E 88 -19.65 75.91 20.80
N SER E 89 -18.87 75.58 21.84
CA SER E 89 -19.35 75.74 23.20
C SER E 89 -19.69 77.19 23.52
N SER E 90 -18.81 78.12 23.13
CA SER E 90 -18.99 79.54 23.39
C SER E 90 -18.70 80.32 22.11
N LEU E 91 -19.75 80.74 21.42
CA LEU E 91 -19.58 81.42 20.14
C LEU E 91 -18.80 82.72 20.32
N GLN E 92 -17.89 82.99 19.40
CA GLN E 92 -17.03 84.15 19.47
C GLN E 92 -17.17 84.99 18.20
N PRO E 93 -16.88 86.31 18.28
CA PRO E 93 -17.08 87.17 17.10
C PRO E 93 -16.33 86.69 15.86
N GLU E 94 -15.14 86.15 16.04
CA GLU E 94 -14.31 85.68 14.93
C GLU E 94 -14.70 84.31 14.42
N ASP E 95 -15.83 83.76 14.86
CA ASP E 95 -16.32 82.48 14.35
C ASP E 95 -17.28 82.63 13.18
N VAL E 96 -17.63 83.85 12.78
CA VAL E 96 -18.54 84.09 11.67
C VAL E 96 -17.94 83.51 10.39
N ALA E 97 -18.52 82.43 9.89
CA ALA E 97 -18.03 81.75 8.68
C ALA E 97 -19.09 80.75 8.24
N THR E 98 -18.77 80.00 7.19
CA THR E 98 -19.59 78.85 6.80
C THR E 98 -18.83 77.57 7.15
N TYR E 99 -19.55 76.61 7.73
CA TYR E 99 -18.96 75.38 8.22
C TYR E 99 -19.45 74.23 7.36
N TYR E 100 -18.52 73.38 6.93
CA TYR E 100 -18.84 72.24 6.10
C TYR E 100 -18.41 70.93 6.75
N CYS E 101 -19.20 69.89 6.53
CA CYS E 101 -18.73 68.54 6.85
C CYS E 101 -18.33 67.83 5.56
N GLN E 102 -17.34 66.94 5.68
CA GLN E 102 -16.85 66.18 4.55
C GLN E 102 -16.66 64.73 4.97
N LYS E 103 -17.21 63.80 4.20
CA LYS E 103 -16.93 62.39 4.42
C LYS E 103 -15.68 62.00 3.64
N TYR E 104 -14.94 61.04 4.19
CA TYR E 104 -13.80 60.46 3.49
C TYR E 104 -13.64 58.99 3.86
N ASN E 105 -14.76 58.26 3.90
CA ASN E 105 -14.68 56.82 4.13
C ASN E 105 -14.08 56.11 2.92
N ASN E 106 -14.18 56.71 1.75
CA ASN E 106 -13.58 56.17 0.53
C ASN E 106 -13.02 57.34 -0.28
N ALA E 107 -12.77 57.09 -1.56
CA ALA E 107 -12.14 58.09 -2.41
C ALA E 107 -13.06 59.27 -2.71
N LEU E 108 -14.36 59.12 -2.51
CA LEU E 108 -15.34 60.17 -2.80
C LEU E 108 -15.44 61.09 -1.59
N GLY E 109 -14.60 62.11 -1.56
CA GLY E 109 -14.59 63.06 -0.45
C GLY E 109 -15.72 64.06 -0.53
N THR E 110 -16.96 63.56 -0.46
CA THR E 110 -18.12 64.41 -0.67
C THR E 110 -18.28 65.40 0.48
N PHE E 111 -18.78 66.59 0.16
CA PHE E 111 -19.04 67.65 1.13
C PHE E 111 -20.54 67.76 1.40
N GLY E 112 -20.86 68.44 2.50
CA GLY E 112 -22.21 68.89 2.75
C GLY E 112 -22.50 70.22 2.09
N GLN E 113 -23.74 70.69 2.28
CA GLN E 113 -24.17 71.93 1.67
C GLN E 113 -23.64 73.17 2.39
N GLY E 114 -23.24 73.01 3.65
CA GLY E 114 -22.66 74.11 4.40
C GLY E 114 -23.68 74.77 5.32
N THR E 115 -23.18 75.30 6.43
CA THR E 115 -24.00 76.00 7.42
C THR E 115 -23.39 77.37 7.68
N LYS E 116 -24.13 78.42 7.34
CA LYS E 116 -23.67 79.78 7.56
C LYS E 116 -23.98 80.19 8.99
N VAL E 117 -22.97 80.65 9.72
CA VAL E 117 -23.13 81.03 11.11
C VAL E 117 -23.07 82.55 11.20
N GLU E 118 -24.20 83.15 11.54
CA GLU E 118 -24.28 84.58 11.78
C GLU E 118 -24.21 84.85 13.28
N ILE E 119 -24.00 86.13 13.63
CA ILE E 119 -23.92 86.54 15.01
C ILE E 119 -24.87 87.70 15.24
N LYS E 120 -25.73 87.57 16.24
CA LYS E 120 -26.63 88.64 16.64
C LYS E 120 -25.95 89.51 17.69
N ARG E 121 -25.97 90.82 17.47
CA ARG E 121 -25.37 91.76 18.41
C ARG E 121 -26.30 92.93 18.67
N THR E 122 -25.83 93.93 19.42
CA THR E 122 -26.60 95.14 19.62
C THR E 122 -26.63 95.98 18.36
N VAL E 123 -27.66 96.83 18.27
CA VAL E 123 -27.83 97.69 17.11
C VAL E 123 -26.71 98.72 17.06
N ALA E 124 -26.23 99.00 15.85
CA ALA E 124 -25.17 99.97 15.63
C ALA E 124 -25.54 100.88 14.47
N ALA E 125 -25.48 102.19 14.70
CA ALA E 125 -25.79 103.13 13.64
C ALA E 125 -24.62 103.22 12.66
N PRO E 126 -24.88 103.35 11.37
CA PRO E 126 -23.79 103.43 10.39
C PRO E 126 -23.16 104.82 10.35
N SER E 127 -21.85 104.85 10.16
CA SER E 127 -21.16 106.08 9.81
C SER E 127 -21.28 106.29 8.30
N VAL E 128 -21.80 107.44 7.89
CA VAL E 128 -22.14 107.67 6.49
C VAL E 128 -21.13 108.65 5.91
N PHE E 129 -20.54 108.29 4.77
CA PHE E 129 -19.59 109.13 4.06
C PHE E 129 -19.98 109.18 2.58
N ILE E 130 -19.68 110.31 1.94
CA ILE E 130 -19.94 110.45 0.51
C ILE E 130 -18.66 110.88 -0.18
N PHE E 131 -18.44 110.35 -1.39
CA PHE E 131 -17.22 110.57 -2.14
C PHE E 131 -17.61 111.04 -3.54
N PRO E 132 -17.17 112.22 -3.95
CA PRO E 132 -17.41 112.68 -5.33
C PRO E 132 -16.58 111.89 -6.31
N PRO E 133 -16.95 111.89 -7.60
CA PRO E 133 -16.11 111.21 -8.59
C PRO E 133 -14.80 111.93 -8.80
N SER E 134 -13.73 111.15 -8.99
CA SER E 134 -12.41 111.71 -9.16
C SER E 134 -12.32 112.51 -10.46
N ASP E 135 -11.42 113.50 -10.47
CA ASP E 135 -11.21 114.30 -11.68
C ASP E 135 -10.68 113.43 -12.81
N GLU E 136 -9.82 112.46 -12.49
CA GLU E 136 -9.29 111.59 -13.54
C GLU E 136 -10.43 110.79 -14.18
N GLN E 137 -11.36 110.31 -13.37
CA GLN E 137 -12.49 109.57 -13.95
C GLN E 137 -13.38 110.51 -14.75
N LEU E 138 -13.52 111.76 -14.27
CA LEU E 138 -14.32 112.74 -15.00
C LEU E 138 -13.73 113.02 -16.37
N LYS E 139 -12.41 112.93 -16.50
CA LYS E 139 -11.78 113.06 -17.80
C LYS E 139 -12.20 111.96 -18.76
N SER E 140 -12.65 110.82 -18.23
CA SER E 140 -13.07 109.69 -19.06
C SER E 140 -14.52 109.82 -19.54
N GLY E 141 -15.30 110.72 -18.97
CA GLY E 141 -16.67 110.93 -19.39
C GLY E 141 -17.72 110.25 -18.53
N THR E 142 -17.33 109.65 -17.42
CA THR E 142 -18.27 108.98 -16.51
C THR E 142 -17.96 109.44 -15.08
N ALA E 143 -19.02 109.68 -14.31
CA ALA E 143 -18.91 110.08 -12.92
C ALA E 143 -19.49 109.00 -12.02
N SER E 144 -18.71 108.59 -11.02
CA SER E 144 -19.15 107.64 -10.01
C SER E 144 -19.13 108.32 -8.66
N VAL E 145 -20.29 108.41 -8.02
CA VAL E 145 -20.43 108.94 -6.67
C VAL E 145 -20.59 107.75 -5.72
N VAL E 146 -19.90 107.79 -4.59
CA VAL E 146 -19.89 106.63 -3.69
C VAL E 146 -20.43 107.04 -2.33
N CYS E 147 -21.30 106.19 -1.78
CA CYS E 147 -21.82 106.38 -0.44
C CYS E 147 -21.42 105.18 0.41
N LEU E 148 -20.70 105.44 1.49
CA LEU E 148 -20.16 104.42 2.37
C LEU E 148 -20.94 104.39 3.68
N LEU E 149 -21.39 103.20 4.06
CA LEU E 149 -22.05 102.94 5.35
C LEU E 149 -21.14 102.03 6.15
N ASN E 150 -20.53 102.58 7.20
CA ASN E 150 -19.43 101.94 7.91
C ASN E 150 -19.91 101.47 9.28
N ASN E 151 -19.74 100.17 9.54
CA ASN E 151 -19.93 99.57 10.85
C ASN E 151 -21.34 99.77 11.40
N PHE E 152 -22.31 99.02 10.87
CA PHE E 152 -23.68 99.07 11.36
C PHE E 152 -24.22 97.65 11.56
N TYR E 153 -25.31 97.57 12.31
CA TYR E 153 -26.02 96.31 12.52
C TYR E 153 -27.45 96.65 12.91
N PRO E 154 -28.46 95.94 12.39
CA PRO E 154 -28.36 94.78 11.49
C PRO E 154 -28.09 95.17 10.04
N ARG E 155 -28.14 94.18 9.15
CA ARG E 155 -27.76 94.40 7.75
C ARG E 155 -28.79 95.23 7.01
N GLU E 156 -30.04 95.26 7.46
CA GLU E 156 -31.09 96.00 6.77
C GLU E 156 -30.79 97.49 6.84
N ALA E 157 -30.61 98.10 5.67
CA ALA E 157 -30.34 99.53 5.55
C ALA E 157 -30.81 99.99 4.18
N LYS E 158 -31.26 101.24 4.09
CA LYS E 158 -31.75 101.79 2.84
C LYS E 158 -30.96 103.04 2.48
N VAL E 159 -30.45 103.09 1.26
CA VAL E 159 -29.74 104.25 0.73
C VAL E 159 -30.59 104.86 -0.37
N GLN E 160 -30.83 106.16 -0.28
CA GLN E 160 -31.65 106.90 -1.23
C GLN E 160 -30.79 108.00 -1.83
N TRP E 161 -30.47 107.89 -3.12
CA TRP E 161 -29.71 108.92 -3.80
C TRP E 161 -30.61 110.07 -4.22
N LYS E 162 -30.11 111.29 -4.04
CA LYS E 162 -30.80 112.50 -4.46
C LYS E 162 -29.82 113.37 -5.25
N VAL E 163 -30.26 113.81 -6.42
CA VAL E 163 -29.49 114.70 -7.28
C VAL E 163 -30.35 115.93 -7.52
N ASP E 164 -29.98 117.05 -6.89
CA ASP E 164 -30.82 118.25 -6.86
C ASP E 164 -32.19 117.93 -6.28
N ASN E 165 -32.19 117.21 -5.16
CA ASN E 165 -33.38 116.74 -4.45
C ASN E 165 -34.28 115.85 -5.30
N ALA E 166 -33.82 115.42 -6.47
CA ALA E 166 -34.55 114.46 -7.29
C ALA E 166 -34.10 113.05 -6.91
N LEU E 167 -35.00 112.28 -6.31
CA LEU E 167 -34.65 110.95 -5.84
C LEU E 167 -34.32 110.04 -7.02
N GLN E 168 -33.13 109.45 -7.01
CA GLN E 168 -32.64 108.66 -8.12
C GLN E 168 -32.99 107.18 -7.92
N SER E 169 -33.23 106.50 -9.04
CA SER E 169 -33.53 105.07 -9.01
C SER E 169 -33.11 104.45 -10.33
N GLY E 170 -32.46 103.29 -10.24
CA GLY E 170 -32.10 102.51 -11.41
C GLY E 170 -30.73 102.78 -11.97
N ASN E 171 -30.02 103.79 -11.45
CA ASN E 171 -28.71 104.18 -11.96
C ASN E 171 -27.62 103.99 -10.91
N SER E 172 -27.85 103.09 -9.96
CA SER E 172 -26.90 102.84 -8.88
C SER E 172 -26.84 101.35 -8.59
N GLN E 173 -25.69 100.91 -8.09
CA GLN E 173 -25.54 99.54 -7.60
C GLN E 173 -24.95 99.57 -6.20
N GLU E 174 -25.23 98.56 -5.40
CA GLU E 174 -24.66 98.50 -4.06
C GLU E 174 -24.05 97.13 -3.79
N SER E 175 -23.27 97.08 -2.71
CA SER E 175 -22.59 95.86 -2.29
C SER E 175 -22.39 95.91 -0.78
N VAL E 176 -22.54 94.76 -0.12
CA VAL E 176 -22.48 94.68 1.33
C VAL E 176 -21.43 93.66 1.71
N THR E 177 -20.54 94.04 2.64
CA THR E 177 -19.58 93.10 3.18
C THR E 177 -20.27 92.06 4.07
N GLU E 178 -19.51 91.07 4.48
CA GLU E 178 -19.96 90.11 5.48
C GLU E 178 -19.66 90.64 6.88
N GLN E 179 -20.15 89.92 7.89
CA GLN E 179 -19.93 90.33 9.27
C GLN E 179 -18.44 90.44 9.57
N ASP E 180 -18.04 91.57 10.15
CA ASP E 180 -16.66 91.77 10.53
C ASP E 180 -16.26 90.77 11.62
N SER E 181 -15.03 90.25 11.52
CA SER E 181 -14.58 89.23 12.46
C SER E 181 -14.34 89.77 13.86
N LYS E 182 -14.33 91.09 14.06
CA LYS E 182 -14.03 91.68 15.36
C LYS E 182 -15.26 92.30 16.02
N ASP E 183 -16.05 93.07 15.30
CA ASP E 183 -17.21 93.74 15.88
C ASP E 183 -18.54 93.25 15.33
N SER E 184 -18.54 92.30 14.40
CA SER E 184 -19.75 91.66 13.88
C SER E 184 -20.68 92.64 13.17
N THR E 185 -20.14 93.75 12.67
CA THR E 185 -20.93 94.74 11.97
C THR E 185 -20.84 94.53 10.46
N TYR E 186 -21.64 95.29 9.73
CA TYR E 186 -21.65 95.27 8.27
C TYR E 186 -21.18 96.62 7.72
N SER E 187 -20.84 96.61 6.43
CA SER E 187 -20.54 97.84 5.71
C SER E 187 -21.15 97.75 4.31
N LEU E 188 -21.51 98.90 3.76
CA LEU E 188 -22.24 98.97 2.51
C LEU E 188 -21.64 100.04 1.63
N SER E 189 -21.53 99.74 0.33
CA SER E 189 -20.97 100.67 -0.65
C SER E 189 -21.96 100.81 -1.78
N SER E 190 -22.48 102.02 -1.98
CA SER E 190 -23.41 102.30 -3.06
C SER E 190 -22.76 103.23 -4.06
N THR E 191 -22.73 102.82 -5.33
CA THR E 191 -22.08 103.56 -6.41
C THR E 191 -23.15 104.04 -7.39
N LEU E 192 -23.32 105.35 -7.46
CA LEU E 192 -24.22 106.00 -8.39
C LEU E 192 -23.43 106.39 -9.64
N THR E 193 -23.88 105.94 -10.81
CA THR E 193 -23.16 106.12 -12.06
C THR E 193 -23.94 107.07 -12.96
N LEU E 194 -23.26 108.12 -13.44
CA LEU E 194 -23.85 109.06 -14.38
C LEU E 194 -22.84 109.40 -15.46
N SER E 195 -23.33 109.96 -16.56
CA SER E 195 -22.44 110.48 -17.58
C SER E 195 -21.87 111.83 -17.14
N LYS E 196 -20.74 112.19 -17.75
CA LYS E 196 -20.11 113.47 -17.42
C LYS E 196 -21.05 114.64 -17.70
N ALA E 197 -21.81 114.57 -18.79
CA ALA E 197 -22.77 115.63 -19.09
C ALA E 197 -23.85 115.70 -18.02
N ASP E 198 -24.39 114.54 -17.63
CA ASP E 198 -25.42 114.55 -16.60
C ASP E 198 -24.81 114.94 -15.27
N TYR E 199 -23.55 114.58 -15.03
CA TYR E 199 -22.94 114.94 -13.76
C TYR E 199 -22.80 116.45 -13.66
N GLU E 200 -22.42 117.10 -14.76
CA GLU E 200 -22.25 118.54 -14.76
C GLU E 200 -23.57 119.28 -14.96
N LYS E 201 -24.68 118.57 -15.16
CA LYS E 201 -25.98 119.22 -15.25
C LYS E 201 -26.60 119.48 -13.88
N HIS E 202 -25.92 119.11 -12.79
CA HIS E 202 -26.50 119.22 -11.46
C HIS E 202 -25.42 119.65 -10.47
N LYS E 203 -25.87 120.12 -9.30
CA LYS E 203 -24.98 120.65 -8.29
C LYS E 203 -24.94 119.76 -7.04
N VAL E 204 -26.06 119.60 -6.34
CA VAL E 204 -26.09 118.92 -5.05
C VAL E 204 -26.29 117.42 -5.27
N TYR E 205 -25.33 116.63 -4.79
CA TYR E 205 -25.40 115.17 -4.80
C TYR E 205 -25.41 114.70 -3.36
N ALA E 206 -26.35 113.82 -3.01
CA ALA E 206 -26.47 113.40 -1.62
C ALA E 206 -27.06 112.00 -1.51
N CYS E 207 -26.63 111.30 -0.47
CA CYS E 207 -27.22 110.00 -0.15
C CYS E 207 -27.81 110.04 1.26
N GLU E 208 -29.07 109.59 1.35
CA GLU E 208 -29.83 109.56 2.59
C GLU E 208 -29.89 108.11 3.08
N VAL E 209 -29.33 107.86 4.26
CA VAL E 209 -29.22 106.53 4.83
C VAL E 209 -30.26 106.39 5.93
N THR E 210 -31.09 105.36 5.83
CA THR E 210 -32.06 105.00 6.86
C THR E 210 -31.66 103.64 7.42
N HIS E 211 -31.61 103.56 8.75
CA HIS E 211 -31.17 102.34 9.42
C HIS E 211 -31.78 102.30 10.81
N GLN E 212 -31.98 101.09 11.33
CA GLN E 212 -32.58 100.92 12.64
C GLN E 212 -31.83 101.69 13.72
N GLY E 213 -30.50 101.76 13.60
CA GLY E 213 -29.69 102.49 14.56
C GLY E 213 -29.79 104.00 14.46
N LEU E 214 -30.52 104.52 13.48
CA LEU E 214 -30.69 105.96 13.32
C LEU E 214 -32.11 106.34 13.71
N SER E 215 -32.23 107.30 14.63
CA SER E 215 -33.55 107.80 15.00
C SER E 215 -34.20 108.55 13.85
N SER E 216 -33.41 109.15 12.97
CA SER E 216 -33.88 109.85 11.80
C SER E 216 -32.90 109.62 10.66
N PRO E 217 -33.36 109.67 9.41
CA PRO E 217 -32.46 109.45 8.28
C PRO E 217 -31.33 110.45 8.26
N VAL E 218 -30.13 109.98 7.94
CA VAL E 218 -28.93 110.82 7.87
C VAL E 218 -28.64 111.10 6.41
N THR E 219 -28.34 112.35 6.08
CA THR E 219 -28.06 112.73 4.70
C THR E 219 -26.67 113.32 4.61
N LYS E 220 -25.87 112.78 3.70
CA LYS E 220 -24.56 113.35 3.38
C LYS E 220 -24.55 113.85 1.94
N SER E 221 -24.14 115.11 1.77
CA SER E 221 -24.25 115.80 0.50
C SER E 221 -22.95 116.53 0.17
N PHE E 222 -22.79 116.84 -1.11
CA PHE E 222 -21.71 117.69 -1.58
C PHE E 222 -22.19 118.48 -2.79
N ASN E 223 -21.60 119.65 -2.98
CA ASN E 223 -21.88 120.50 -4.13
C ASN E 223 -20.75 120.37 -5.15
N ARG E 224 -21.12 120.16 -6.41
CA ARG E 224 -20.14 120.01 -7.49
C ARG E 224 -19.30 121.27 -7.63
N GLY E 225 -18.01 121.17 -7.30
CA GLY E 225 -17.11 122.30 -7.38
C GLY E 225 -16.38 122.57 -6.07
N GLU E 226 -17.02 122.27 -4.95
CA GLU E 226 -16.38 122.40 -3.65
C GLU E 226 -15.37 121.28 -3.41
#